data_8BMX
#
_entry.id   8BMX
#
_cell.length_a   280.250
_cell.length_b   154.300
_cell.length_c   107.510
_cell.angle_alpha   90.000
_cell.angle_beta   106.960
_cell.angle_gamma   90.000
#
_symmetry.space_group_name_H-M   'C 1 2 1'
#
loop_
_entity.id
_entity.type
_entity.pdbx_description
1 polymer 'Putative TonB-linked outer membrane receptor'
2 polymer 'YncE family protein'
#
loop_
_entity_poly.entity_id
_entity_poly.type
_entity_poly.pdbx_seq_one_letter_code
_entity_poly.pdbx_strand_id
1 'polypeptide(L)'
;MKRHLILLFVGVSLPFLLAAQQKNSVSITKRVLRIPEVTVVGKRPMKDIGVQRTRFDSIAMKENIALSMADVLTFNSSVF
VKNYGRATLSTVAFRGTSPSHTQVTWNGMRINNPMLGMTDFSTIPSYFIDDASLLHGTSSVNETGGGLGGLVRLSTSPAN
HEGFGLQYVQGVGSFSTFDEFLRLTYGDKHWQSSTRVVYSSSPNDYKYRNRDKKENIYDEDKNIIGSYYPTERNRSGAYK
DLHVLQEIYYNTGEGDKFGLNAWYINSNRELAMLSTDYGNDMDFENRQREQTFRGVLSWDRVREKWKVGVKGGYIHTWMA
YDYKRDKGNGEMASMTRSRSKINTFYGSADGDYAPSEKWLFTAGVSVHQHLVESADKNIISQEGNKAVVGYDKGRVEFSG
SVSAKWRPVDRFAASLVLREDMFGTEWAPVIPAFFIDGVLSKKGNIVAKASISRNYRFPTLNDLYFLPGGNPDLKSEHGF
TYDVGLSFSVGKENVYALSGGINWFDSHIDDWIIWLPTTKGFFSPRNLKKVHAYGAETNAHLDIMLGKDWKLDMNGTFSW
TPSINESEPMSPADQSVGKQLPYVPEFSATVTGRLSWRTWSLLYKWCYYSQRYTMSSNDYTLTGYLPPYFMNNVTLEKQL
SFRWADLSLKGSINNLFDEEYLSVLSRPMPGINFEIFIGITPKFGKNKNSKRHHHHHH
;
C,A,B
2 'polypeptide(L)'
;MIRVLFFIRMTMSRTIQRICLFLFCLPVFGSCMKWDYGEMEDFSVSASGLFITNEGNFQYSNATLSYYDPATCEVENEVF
YRANGFKLGDVAQSMVIRDGIGWIVVNNSHVIFAIDINTFKEVGRITGFTSPRYIHFLSDEKAYVTQIWDYRIFIINPKT
YEITGYIECPDMDMESGSTEQMVQYGKYVYVNCWSYQNRILKIDTETDKVVDELTIGIQPTSLVMDKYNKMWTITDGGYE
GSPYGYEAPSLYRIDAETFTVEKQFKFKLGDWPSEVQLNGTRDTLYWINNDIWRMPVEADRVPVRPFLEFRDTKYYGLTV
NPNNGEVYVADAIDYQQQGIVYRYSPQGKLIDEFYVGIIPGAFCWK
;
D,E,F
#
# COMPACT_ATOMS: atom_id res chain seq x y z
N PRO A 45 10.27 -53.84 -36.77
CA PRO A 45 10.28 -54.36 -35.40
C PRO A 45 11.65 -54.90 -34.98
N MET A 46 12.70 -54.17 -35.32
CA MET A 46 14.06 -54.49 -34.89
C MET A 46 14.70 -53.26 -34.27
N LYS A 47 15.82 -53.51 -33.57
CA LYS A 47 16.60 -52.54 -32.80
C LYS A 47 15.83 -52.15 -31.55
N ASP A 48 14.56 -52.53 -31.50
CA ASP A 48 13.77 -52.52 -30.27
C ASP A 48 13.59 -53.95 -29.76
N ILE A 49 14.55 -54.81 -30.07
CA ILE A 49 14.54 -56.20 -29.65
C ILE A 49 14.71 -56.20 -28.13
N GLY A 50 13.66 -56.57 -27.41
CA GLY A 50 13.71 -56.57 -25.96
C GLY A 50 14.00 -55.23 -25.35
N VAL A 51 13.56 -54.15 -26.00
CA VAL A 51 13.88 -52.78 -25.60
C VAL A 51 12.61 -52.14 -25.05
N GLN A 52 12.72 -51.51 -23.90
CA GLN A 52 11.61 -50.83 -23.23
C GLN A 52 11.82 -49.32 -23.34
N ARG A 53 11.05 -48.66 -24.19
CA ARG A 53 11.16 -47.21 -24.36
C ARG A 53 9.77 -46.59 -24.44
N THR A 54 9.63 -45.43 -23.82
CA THR A 54 8.35 -44.71 -23.77
C THR A 54 8.38 -43.59 -24.82
N ARG A 55 7.51 -43.70 -25.81
CA ARG A 55 7.38 -42.71 -26.87
C ARG A 55 6.27 -41.74 -26.52
N PHE A 56 6.46 -40.46 -26.84
CA PHE A 56 5.55 -39.41 -26.42
C PHE A 56 4.75 -38.88 -27.61
N ASP A 57 3.46 -38.67 -27.38
CA ASP A 57 2.54 -38.29 -28.43
C ASP A 57 2.86 -36.88 -28.93
N SER A 58 2.43 -36.61 -30.17
CA SER A 58 2.75 -35.34 -30.80
C SER A 58 2.24 -34.16 -29.96
N ILE A 59 1.01 -34.26 -29.46
CA ILE A 59 0.45 -33.16 -28.66
C ILE A 59 0.73 -33.30 -27.17
N ALA A 60 1.30 -34.43 -26.73
CA ALA A 60 1.72 -34.53 -25.34
C ALA A 60 2.87 -33.58 -25.04
N MET A 61 3.71 -33.29 -26.03
CA MET A 61 4.85 -32.40 -25.85
C MET A 61 4.65 -31.01 -26.44
N LYS A 62 3.48 -30.73 -27.02
CA LYS A 62 3.18 -29.40 -27.53
C LYS A 62 1.81 -28.94 -27.03
N GLU A 63 1.50 -29.25 -25.76
CA GLU A 63 0.21 -28.91 -25.18
C GLU A 63 0.16 -27.44 -24.79
N ASN A 64 1.08 -27.01 -23.95
CA ASN A 64 1.16 -25.62 -23.51
C ASN A 64 2.56 -25.11 -23.79
N ILE A 65 2.66 -23.80 -24.01
CA ILE A 65 3.91 -23.21 -24.47
C ILE A 65 4.99 -23.36 -23.42
N ALA A 66 4.77 -22.84 -22.21
CA ALA A 66 5.83 -22.98 -21.23
C ALA A 66 6.01 -24.44 -20.84
N LEU A 67 5.11 -24.96 -20.00
CA LEU A 67 4.99 -26.39 -19.71
C LEU A 67 6.30 -27.05 -19.30
N SER A 68 7.36 -26.27 -19.08
CA SER A 68 8.71 -26.77 -18.93
C SER A 68 8.99 -27.97 -19.84
N MET A 69 9.84 -28.89 -19.38
CA MET A 69 9.94 -30.22 -19.94
C MET A 69 9.72 -31.31 -18.90
N ALA A 70 9.90 -31.01 -17.62
CA ALA A 70 9.53 -31.94 -16.57
C ALA A 70 8.03 -32.15 -16.52
N ASP A 71 7.25 -31.14 -16.91
CA ASP A 71 5.79 -31.24 -16.86
C ASP A 71 5.21 -32.09 -17.98
N VAL A 72 6.02 -32.43 -18.99
CA VAL A 72 5.61 -33.42 -19.99
C VAL A 72 5.93 -34.83 -19.51
N LEU A 73 7.14 -35.01 -18.96
CA LEU A 73 7.56 -36.31 -18.45
C LEU A 73 6.68 -36.74 -17.27
N THR A 74 6.35 -35.80 -16.38
CA THR A 74 5.65 -36.12 -15.15
C THR A 74 4.19 -36.43 -15.36
N PHE A 75 3.66 -36.22 -16.56
CA PHE A 75 2.26 -36.49 -16.83
C PHE A 75 2.02 -37.42 -18.02
N ASN A 76 3.04 -37.73 -18.82
CA ASN A 76 2.91 -38.81 -19.79
C ASN A 76 3.81 -40.00 -19.49
N SER A 77 4.64 -39.92 -18.45
CA SER A 77 5.44 -41.06 -17.98
C SER A 77 5.22 -41.24 -16.49
N SER A 78 5.94 -42.18 -15.86
CA SER A 78 5.75 -42.50 -14.45
C SER A 78 7.08 -42.60 -13.70
N VAL A 79 7.96 -41.61 -13.89
CA VAL A 79 9.19 -41.52 -13.12
C VAL A 79 9.04 -40.40 -12.08
N PHE A 80 9.95 -40.37 -11.12
CA PHE A 80 9.85 -39.38 -10.04
C PHE A 80 10.50 -38.07 -10.46
N VAL A 81 9.90 -36.95 -10.04
CA VAL A 81 10.40 -35.61 -10.39
C VAL A 81 10.44 -34.76 -9.13
N LYS A 82 11.62 -34.63 -8.53
CA LYS A 82 11.79 -33.68 -7.43
C LYS A 82 11.60 -32.26 -7.95
N ASN A 83 10.58 -31.57 -7.45
CA ASN A 83 10.07 -30.36 -8.08
C ASN A 83 9.24 -29.58 -7.06
N TYR A 84 9.48 -28.27 -6.94
CA TYR A 84 8.62 -27.43 -6.12
C TYR A 84 7.95 -26.29 -6.88
N GLY A 85 8.71 -25.48 -7.63
CA GLY A 85 8.16 -24.33 -8.32
C GLY A 85 7.90 -24.61 -9.79
N ARG A 86 7.54 -23.55 -10.51
CA ARG A 86 7.51 -23.63 -11.96
C ARG A 86 8.92 -23.56 -12.54
N ALA A 87 9.60 -22.44 -12.31
CA ALA A 87 11.03 -22.32 -12.63
C ALA A 87 11.81 -22.85 -11.42
N THR A 88 11.86 -24.17 -11.32
CA THR A 88 12.37 -24.88 -10.16
C THR A 88 13.53 -25.79 -10.54
N LEU A 89 14.03 -26.51 -9.53
CA LEU A 89 15.10 -27.49 -9.70
C LEU A 89 14.49 -28.87 -9.95
N SER A 90 13.79 -28.99 -11.08
CA SER A 90 13.07 -30.20 -11.42
C SER A 90 14.05 -31.29 -11.86
N THR A 91 14.13 -32.38 -11.09
CA THR A 91 15.04 -33.48 -11.40
C THR A 91 14.26 -34.78 -11.59
N VAL A 92 14.64 -35.54 -12.62
CA VAL A 92 14.00 -36.82 -12.94
C VAL A 92 14.83 -37.98 -12.39
N ALA A 93 14.13 -38.94 -11.79
CA ALA A 93 14.73 -40.14 -11.22
C ALA A 93 13.95 -41.35 -11.71
N PHE A 94 14.68 -42.34 -12.23
CA PHE A 94 14.07 -43.55 -12.78
C PHE A 94 13.75 -44.54 -11.66
N ARG A 95 13.49 -45.80 -12.03
CA ARG A 95 12.94 -46.77 -11.09
C ARG A 95 13.87 -47.04 -9.92
N GLY A 96 13.53 -46.48 -8.75
CA GLY A 96 14.35 -46.62 -7.56
C GLY A 96 15.76 -46.10 -7.71
N THR A 97 15.99 -45.18 -8.64
CA THR A 97 17.32 -44.81 -9.09
C THR A 97 17.57 -43.34 -8.80
N SER A 98 18.81 -43.01 -8.42
CA SER A 98 19.19 -41.62 -8.25
C SER A 98 19.17 -40.88 -9.59
N PRO A 99 18.87 -39.58 -9.58
CA PRO A 99 18.95 -38.80 -10.83
C PRO A 99 20.32 -38.81 -11.48
N SER A 100 21.38 -39.12 -10.72
CA SER A 100 22.73 -39.19 -11.28
C SER A 100 22.88 -40.33 -12.28
N HIS A 101 21.94 -41.28 -12.29
CA HIS A 101 21.95 -42.38 -13.23
C HIS A 101 20.93 -42.20 -14.35
N THR A 102 20.29 -41.04 -14.43
CA THR A 102 19.34 -40.69 -15.48
C THR A 102 20.00 -39.64 -16.37
N GLN A 103 20.71 -40.09 -17.41
CA GLN A 103 21.39 -39.18 -18.32
C GLN A 103 20.62 -39.04 -19.62
N VAL A 104 20.78 -37.88 -20.26
CA VAL A 104 19.93 -37.47 -21.37
C VAL A 104 20.78 -37.26 -22.62
N THR A 105 20.10 -37.27 -23.76
CA THR A 105 20.74 -37.14 -25.07
C THR A 105 19.93 -36.16 -25.91
N TRP A 106 20.58 -35.11 -26.42
CA TRP A 106 19.96 -34.17 -27.35
C TRP A 106 20.71 -34.27 -28.68
N ASN A 107 20.05 -34.83 -29.69
CA ASN A 107 20.63 -35.01 -31.02
C ASN A 107 21.95 -35.77 -30.96
N GLY A 108 22.03 -36.73 -30.03
CA GLY A 108 23.21 -37.52 -29.83
C GLY A 108 24.19 -36.99 -28.81
N MET A 109 23.94 -35.83 -28.23
CA MET A 109 24.87 -35.21 -27.30
C MET A 109 24.52 -35.54 -25.86
N ARG A 110 25.53 -35.52 -25.00
CA ARG A 110 25.33 -35.59 -23.57
C ARG A 110 25.18 -34.17 -23.03
N ILE A 111 24.04 -33.89 -22.42
CA ILE A 111 23.67 -32.54 -22.01
C ILE A 111 23.98 -32.39 -20.54
N ASN A 112 23.94 -33.50 -19.81
CA ASN A 112 24.34 -33.49 -18.41
C ASN A 112 25.77 -32.96 -18.30
N ASN A 113 25.93 -31.77 -17.76
CA ASN A 113 27.23 -31.13 -17.72
C ASN A 113 28.12 -31.89 -16.74
N PRO A 114 29.28 -32.39 -17.15
CA PRO A 114 30.02 -33.34 -16.30
C PRO A 114 30.50 -32.73 -15.00
N MET A 115 30.35 -31.42 -14.82
CA MET A 115 30.66 -30.83 -13.52
C MET A 115 29.71 -31.38 -12.47
N LEU A 116 28.49 -31.74 -12.88
CA LEU A 116 27.57 -32.48 -12.03
C LEU A 116 26.65 -33.26 -12.95
N GLY A 117 26.71 -34.59 -12.87
CA GLY A 117 26.19 -35.46 -13.91
C GLY A 117 24.69 -35.59 -13.96
N MET A 118 23.99 -34.53 -14.38
CA MET A 118 22.55 -34.57 -14.53
C MET A 118 22.12 -33.40 -15.41
N THR A 119 20.81 -33.30 -15.62
CA THR A 119 20.24 -32.27 -16.48
C THR A 119 19.07 -31.62 -15.74
N ASP A 120 19.05 -30.29 -15.75
CA ASP A 120 17.94 -29.55 -15.18
C ASP A 120 16.84 -29.45 -16.23
N PHE A 121 15.63 -29.85 -15.87
CA PHE A 121 14.54 -29.99 -16.83
C PHE A 121 13.65 -28.76 -16.92
N SER A 122 13.73 -27.85 -15.96
CA SER A 122 13.05 -26.57 -16.10
C SER A 122 13.74 -25.68 -17.13
N THR A 123 14.93 -26.08 -17.60
CA THR A 123 15.68 -25.34 -18.60
C THR A 123 15.41 -25.83 -20.02
N ILE A 124 14.28 -26.49 -20.26
CA ILE A 124 13.93 -26.97 -21.59
C ILE A 124 12.45 -26.72 -21.83
N PRO A 125 12.07 -25.91 -22.83
CA PRO A 125 10.65 -25.68 -23.08
C PRO A 125 10.04 -26.82 -23.89
N SER A 126 8.74 -27.02 -23.68
CA SER A 126 8.04 -28.13 -24.34
C SER A 126 8.04 -27.98 -25.85
N TYR A 127 7.99 -26.74 -26.35
CA TYR A 127 7.89 -26.49 -27.78
C TYR A 127 9.22 -26.61 -28.51
N PHE A 128 10.33 -26.78 -27.78
CA PHE A 128 11.65 -26.87 -28.40
C PHE A 128 12.10 -28.32 -28.65
N ILE A 129 11.17 -29.27 -28.67
CA ILE A 129 11.48 -30.67 -28.93
C ILE A 129 10.52 -31.21 -29.97
N ASP A 130 11.06 -31.97 -30.94
CA ASP A 130 10.26 -32.62 -31.97
C ASP A 130 10.19 -34.12 -31.81
N ASP A 131 11.29 -34.77 -31.40
CA ASP A 131 11.33 -36.21 -31.17
C ASP A 131 11.92 -36.47 -29.80
N ALA A 132 11.28 -37.36 -29.03
CA ALA A 132 11.72 -37.60 -27.66
C ALA A 132 11.29 -39.01 -27.24
N SER A 133 12.25 -39.94 -27.27
CA SER A 133 12.06 -41.26 -26.68
C SER A 133 12.68 -41.29 -25.29
N LEU A 134 12.46 -42.42 -24.60
CA LEU A 134 12.88 -42.55 -23.21
C LEU A 134 13.21 -44.01 -22.96
N LEU A 135 14.50 -44.35 -23.05
CA LEU A 135 14.93 -45.74 -22.95
C LEU A 135 15.12 -46.12 -21.48
N HIS A 136 14.50 -47.23 -21.09
CA HIS A 136 14.38 -47.60 -19.69
C HIS A 136 15.46 -48.61 -19.32
N GLY A 137 16.16 -48.34 -18.22
CA GLY A 137 17.01 -49.35 -17.62
C GLY A 137 18.03 -49.91 -18.59
N THR A 138 18.06 -51.23 -18.66
CA THR A 138 19.06 -51.94 -19.46
C THR A 138 18.93 -51.64 -20.95
N SER A 139 17.82 -51.06 -21.38
CA SER A 139 17.70 -50.73 -22.80
C SER A 139 18.35 -49.40 -23.15
N SER A 140 18.88 -48.67 -22.15
CA SER A 140 19.54 -47.40 -22.45
C SER A 140 20.91 -47.60 -23.10
N VAL A 141 21.49 -48.79 -22.98
CA VAL A 141 22.90 -48.97 -23.34
C VAL A 141 23.09 -48.94 -24.85
N ASN A 142 22.18 -49.55 -25.62
CA ASN A 142 22.44 -49.62 -27.06
C ASN A 142 22.36 -48.26 -27.76
N GLU A 143 22.17 -47.17 -27.02
CA GLU A 143 22.39 -45.83 -27.53
C GLU A 143 23.57 -45.13 -26.86
N THR A 144 23.71 -45.26 -25.54
CA THR A 144 24.93 -44.82 -24.86
C THR A 144 25.02 -45.49 -23.51
N GLY A 145 26.26 -45.63 -23.03
CA GLY A 145 26.52 -46.24 -21.74
C GLY A 145 26.62 -45.20 -20.64
N GLY A 146 26.78 -45.70 -19.41
CA GLY A 146 26.78 -44.86 -18.24
C GLY A 146 25.41 -44.64 -17.64
N GLY A 147 24.35 -45.06 -18.32
CA GLY A 147 23.00 -44.88 -17.81
C GLY A 147 22.54 -46.08 -17.02
N LEU A 148 22.65 -45.97 -15.70
CA LEU A 148 22.22 -47.06 -14.82
C LEU A 148 20.71 -47.05 -14.68
N GLY A 149 20.13 -45.89 -14.40
CA GLY A 149 18.69 -45.73 -14.43
C GLY A 149 18.15 -45.86 -15.83
N GLY A 150 18.66 -45.02 -16.73
CA GLY A 150 18.25 -45.06 -18.11
C GLY A 150 18.54 -43.73 -18.78
N LEU A 151 17.94 -43.56 -19.96
CA LEU A 151 18.25 -42.44 -20.84
C LEU A 151 16.99 -41.76 -21.33
N VAL A 152 17.09 -40.44 -21.52
CA VAL A 152 16.07 -39.66 -22.23
C VAL A 152 16.71 -39.24 -23.55
N ARG A 153 16.15 -39.75 -24.66
CA ARG A 153 16.73 -39.58 -25.98
C ARG A 153 15.95 -38.47 -26.68
N LEU A 154 16.61 -37.34 -26.90
CA LEU A 154 15.97 -36.17 -27.49
C LEU A 154 16.61 -35.86 -28.83
N SER A 155 15.81 -35.31 -29.73
CA SER A 155 16.34 -34.87 -31.01
C SER A 155 15.34 -33.91 -31.64
N THR A 156 15.86 -32.88 -32.29
CA THR A 156 15.04 -32.00 -33.10
C THR A 156 15.09 -32.49 -34.56
N SER A 157 13.95 -32.38 -35.23
CA SER A 157 13.88 -32.76 -36.63
C SER A 157 13.21 -31.65 -37.43
N PRO A 158 13.56 -31.50 -38.71
CA PRO A 158 12.87 -30.53 -39.56
C PRO A 158 11.39 -30.83 -39.68
N ALA A 159 10.56 -29.82 -39.46
CA ALA A 159 9.11 -30.00 -39.52
C ALA A 159 8.64 -30.39 -40.91
N ASN A 160 9.47 -30.21 -41.93
CA ASN A 160 9.13 -30.54 -43.32
C ASN A 160 7.85 -29.83 -43.77
N HIS A 161 7.76 -28.54 -43.45
CA HIS A 161 6.71 -27.67 -43.95
C HIS A 161 7.31 -26.74 -44.99
N GLU A 162 6.62 -26.60 -46.13
CA GLU A 162 7.14 -25.85 -47.28
C GLU A 162 6.62 -24.42 -47.27
N GLY A 163 7.53 -23.46 -47.45
CA GLY A 163 7.18 -22.05 -47.52
C GLY A 163 7.58 -21.24 -46.30
N PHE A 164 6.75 -20.26 -45.94
CA PHE A 164 7.00 -19.41 -44.76
C PHE A 164 5.81 -19.57 -43.84
N GLY A 165 6.06 -20.14 -42.67
CA GLY A 165 5.02 -20.49 -41.71
C GLY A 165 5.13 -19.86 -40.35
N LEU A 166 5.38 -18.55 -40.27
CA LEU A 166 5.55 -17.90 -38.98
C LEU A 166 4.38 -18.24 -38.07
N GLN A 167 4.69 -18.62 -36.83
CA GLN A 167 3.72 -19.04 -35.85
C GLN A 167 4.00 -18.30 -34.55
N TYR A 168 2.99 -17.63 -34.03
CA TYR A 168 3.15 -16.85 -32.80
C TYR A 168 2.17 -17.32 -31.75
N VAL A 169 2.65 -17.52 -30.53
CA VAL A 169 1.77 -17.82 -29.41
C VAL A 169 2.11 -16.88 -28.26
N GLN A 170 1.07 -16.36 -27.62
CA GLN A 170 1.19 -15.41 -26.53
C GLN A 170 0.29 -15.88 -25.39
N GLY A 171 0.84 -15.91 -24.18
CA GLY A 171 0.09 -16.45 -23.06
C GLY A 171 0.28 -15.65 -21.80
N VAL A 172 -0.81 -15.49 -21.06
CA VAL A 172 -0.81 -14.65 -19.87
C VAL A 172 -1.45 -15.42 -18.72
N GLY A 173 -1.32 -14.87 -17.52
CA GLY A 173 -2.17 -15.32 -16.44
C GLY A 173 -1.39 -15.69 -15.20
N SER A 174 -2.12 -16.27 -14.24
CA SER A 174 -1.60 -16.74 -12.96
C SER A 174 -1.04 -15.54 -12.20
N PHE A 175 0.19 -15.58 -11.71
CA PHE A 175 0.73 -14.53 -10.86
C PHE A 175 1.62 -13.61 -11.71
N SER A 176 0.94 -12.83 -12.56
CA SER A 176 1.61 -11.92 -13.49
C SER A 176 2.60 -12.67 -14.38
N THR A 177 2.23 -13.87 -14.78
CA THR A 177 3.08 -14.72 -15.61
C THR A 177 2.81 -14.44 -17.08
N PHE A 178 3.88 -14.18 -17.85
CA PHE A 178 3.81 -13.87 -19.27
C PHE A 178 4.74 -14.78 -20.04
N ASP A 179 4.23 -15.40 -21.11
CA ASP A 179 5.03 -16.28 -21.96
C ASP A 179 4.81 -15.93 -23.42
N GLU A 180 5.90 -15.92 -24.18
CA GLU A 180 5.86 -15.62 -25.61
C GLU A 180 6.68 -16.65 -26.36
N PHE A 181 6.17 -17.10 -27.51
CA PHE A 181 6.94 -18.00 -28.36
C PHE A 181 6.68 -17.67 -29.82
N LEU A 182 7.73 -17.75 -30.62
CA LEU A 182 7.63 -17.43 -32.04
C LEU A 182 8.50 -18.39 -32.85
N ARG A 183 7.99 -18.79 -34.01
CA ARG A 183 8.72 -19.70 -34.90
C ARG A 183 8.61 -19.21 -36.33
N LEU A 184 9.75 -18.94 -36.96
CA LEU A 184 9.85 -18.57 -38.36
C LEU A 184 10.48 -19.73 -39.12
N THR A 185 9.72 -20.33 -40.03
CA THR A 185 10.20 -21.48 -40.79
C THR A 185 10.30 -21.14 -42.28
N TYR A 186 11.29 -21.74 -42.94
CA TYR A 186 11.48 -21.66 -44.38
C TYR A 186 11.55 -23.07 -44.94
N GLY A 187 10.77 -23.34 -45.97
CA GLY A 187 10.71 -24.65 -46.59
C GLY A 187 11.16 -24.61 -48.04
N ASP A 188 11.77 -25.70 -48.48
CA ASP A 188 12.30 -25.81 -49.83
C ASP A 188 12.48 -27.31 -50.12
N LYS A 189 12.54 -27.63 -51.41
CA LYS A 189 12.66 -29.04 -51.80
C LYS A 189 13.99 -29.63 -51.31
N HIS A 190 15.04 -28.81 -51.25
CA HIS A 190 16.37 -29.27 -50.87
C HIS A 190 16.91 -28.63 -49.59
N TRP A 191 16.58 -27.37 -49.33
CA TRP A 191 17.00 -26.66 -48.13
C TRP A 191 15.83 -26.61 -47.13
N GLN A 192 16.17 -26.36 -45.87
CA GLN A 192 15.13 -26.19 -44.85
C GLN A 192 15.71 -25.38 -43.70
N SER A 193 14.88 -24.53 -43.09
CA SER A 193 15.35 -23.73 -41.97
C SER A 193 14.21 -23.46 -41.00
N SER A 194 14.56 -23.28 -39.72
CA SER A 194 13.57 -22.90 -38.72
C SER A 194 14.25 -22.21 -37.53
N THR A 195 13.64 -21.11 -37.09
CA THR A 195 14.10 -20.34 -35.94
C THR A 195 12.99 -20.29 -34.90
N ARG A 196 13.26 -20.78 -33.70
CA ARG A 196 12.29 -20.75 -32.61
C ARG A 196 12.83 -19.92 -31.46
N VAL A 197 11.93 -19.23 -30.76
CA VAL A 197 12.34 -18.37 -29.64
C VAL A 197 11.22 -18.35 -28.60
N VAL A 198 11.63 -18.46 -27.33
CA VAL A 198 10.73 -18.44 -26.19
C VAL A 198 11.23 -17.42 -25.18
N TYR A 199 10.34 -16.58 -24.67
CA TYR A 199 10.65 -15.72 -23.52
C TYR A 199 9.52 -15.82 -22.50
N SER A 200 9.87 -16.16 -21.26
CA SER A 200 8.89 -16.24 -20.19
C SER A 200 9.38 -15.49 -18.97
N SER A 201 8.48 -14.74 -18.35
CA SER A 201 8.83 -13.92 -17.19
C SER A 201 7.69 -13.92 -16.19
N SER A 202 8.04 -13.94 -14.90
CA SER A 202 7.02 -13.87 -13.85
C SER A 202 7.67 -13.49 -12.54
N PRO A 203 6.96 -12.78 -11.66
CA PRO A 203 7.52 -12.47 -10.33
C PRO A 203 7.32 -13.58 -9.31
N ASN A 204 6.33 -14.45 -9.51
CA ASN A 204 6.06 -15.59 -8.62
C ASN A 204 5.91 -15.17 -7.16
N ASP A 205 5.08 -14.17 -6.91
CA ASP A 205 4.69 -13.81 -5.55
C ASP A 205 3.35 -14.44 -5.15
N TYR A 206 3.22 -15.77 -5.32
CA TYR A 206 1.92 -16.39 -5.12
C TYR A 206 1.54 -16.45 -3.65
N LYS A 207 0.25 -16.24 -3.37
CA LYS A 207 -0.28 -16.17 -2.03
C LYS A 207 -0.34 -17.55 -1.40
N TYR A 208 0.32 -17.74 -0.26
CA TYR A 208 0.25 -19.00 0.46
C TYR A 208 -0.01 -18.75 1.95
N ARG A 209 -0.93 -19.52 2.51
CA ARG A 209 -1.21 -19.49 3.95
C ARG A 209 -0.12 -20.32 4.62
N ASN A 210 0.90 -19.65 5.14
CA ASN A 210 2.14 -20.33 5.51
C ASN A 210 1.96 -21.08 6.82
N ARG A 211 1.88 -22.41 6.73
CA ARG A 211 1.70 -23.29 7.88
C ARG A 211 3.01 -23.82 8.41
N ASP A 212 4.06 -23.01 8.29
CA ASP A 212 5.44 -23.44 8.47
C ASP A 212 6.24 -22.46 9.32
N LYS A 213 5.64 -21.32 9.68
CA LYS A 213 6.27 -20.16 10.31
C LYS A 213 5.16 -19.19 10.72
N LYS A 214 5.27 -18.64 11.93
CA LYS A 214 4.25 -17.74 12.43
C LYS A 214 4.79 -16.31 12.56
N GLU A 215 3.86 -15.36 12.66
CA GLU A 215 4.20 -13.96 12.86
C GLU A 215 3.44 -13.44 14.06
N ASN A 216 4.08 -12.54 14.81
CA ASN A 216 3.59 -12.10 16.10
C ASN A 216 3.03 -10.68 16.08
N ILE A 217 2.11 -10.44 17.02
CA ILE A 217 1.58 -9.12 17.35
C ILE A 217 2.12 -8.73 18.71
N TYR A 218 2.90 -7.65 18.76
CA TYR A 218 3.57 -7.23 19.99
C TYR A 218 2.81 -6.08 20.66
N ASP A 219 3.40 -5.53 21.72
CA ASP A 219 2.86 -4.39 22.45
C ASP A 219 4.01 -3.57 23.01
N GLU A 220 3.72 -2.79 24.04
CA GLU A 220 4.72 -2.05 24.79
C GLU A 220 5.80 -2.98 25.33
N ASP A 221 7.06 -2.57 25.15
CA ASP A 221 8.23 -3.29 25.65
C ASP A 221 8.35 -4.68 25.04
N LYS A 222 7.84 -4.84 23.82
CA LYS A 222 8.04 -6.07 23.04
C LYS A 222 7.61 -7.33 23.78
N ASN A 223 6.45 -7.25 24.44
CA ASN A 223 5.84 -8.42 25.07
C ASN A 223 4.91 -9.05 24.06
N ILE A 224 5.18 -10.30 23.69
CA ILE A 224 4.47 -10.94 22.59
C ILE A 224 3.01 -11.17 22.98
N ILE A 225 2.10 -10.67 22.14
CA ILE A 225 0.67 -10.84 22.33
C ILE A 225 0.13 -11.97 21.46
N GLY A 226 0.21 -11.79 20.14
CA GLY A 226 -0.45 -12.74 19.26
C GLY A 226 0.48 -13.49 18.33
N SER A 227 0.00 -14.56 17.73
CA SER A 227 0.77 -15.29 16.74
C SER A 227 -0.18 -15.92 15.74
N TYR A 228 0.07 -15.68 14.46
CA TYR A 228 -0.80 -16.18 13.40
C TYR A 228 0.04 -16.71 12.25
N TYR A 229 -0.51 -17.66 11.52
CA TYR A 229 0.13 -18.13 10.32
C TYR A 229 -0.09 -17.08 9.22
N PRO A 230 0.94 -16.43 8.73
CA PRO A 230 0.72 -15.34 7.77
C PRO A 230 0.32 -15.86 6.40
N THR A 231 -0.38 -15.00 5.67
CA THR A 231 -0.72 -15.27 4.27
C THR A 231 0.31 -14.50 3.48
N GLU A 232 1.44 -15.16 3.21
CA GLU A 232 2.60 -14.46 2.67
C GLU A 232 2.70 -14.70 1.17
N ARG A 233 3.70 -14.06 0.56
CA ARG A 233 3.99 -14.22 -0.84
C ARG A 233 5.36 -14.87 -0.98
N ASN A 234 5.55 -15.62 -2.06
CA ASN A 234 6.79 -16.36 -2.27
C ASN A 234 7.93 -15.37 -2.48
N ARG A 235 8.86 -15.34 -1.52
CA ARG A 235 9.91 -14.33 -1.52
C ARG A 235 11.06 -14.75 -2.42
N SER A 236 11.49 -13.83 -3.28
CA SER A 236 12.63 -14.03 -4.18
C SER A 236 12.44 -15.25 -5.07
N GLY A 237 11.27 -15.36 -5.67
CA GLY A 237 10.99 -16.48 -6.57
C GLY A 237 10.90 -16.15 -8.04
N ALA A 238 11.16 -14.90 -8.41
CA ALA A 238 10.93 -14.43 -9.77
C ALA A 238 11.82 -15.17 -10.78
N TYR A 239 11.45 -15.07 -12.06
CA TYR A 239 12.23 -15.69 -13.11
C TYR A 239 12.06 -14.95 -14.43
N LYS A 240 13.12 -14.98 -15.23
CA LYS A 240 13.17 -14.44 -16.59
C LYS A 240 13.99 -15.40 -17.44
N ASP A 241 13.36 -16.08 -18.38
CA ASP A 241 13.99 -17.14 -19.16
C ASP A 241 13.85 -16.84 -20.65
N LEU A 242 14.93 -17.07 -21.41
CA LEU A 242 14.91 -16.88 -22.85
C LEU A 242 15.64 -18.02 -23.55
N HIS A 243 14.98 -18.61 -24.55
CA HIS A 243 15.55 -19.66 -25.38
C HIS A 243 15.47 -19.24 -26.85
N VAL A 244 16.47 -19.66 -27.63
CA VAL A 244 16.44 -19.47 -29.08
C VAL A 244 17.20 -20.62 -29.75
N LEU A 245 16.55 -21.26 -30.71
CA LEU A 245 17.15 -22.38 -31.43
C LEU A 245 17.03 -22.13 -32.93
N GLN A 246 18.17 -22.15 -33.61
CA GLN A 246 18.26 -21.95 -35.06
C GLN A 246 18.73 -23.25 -35.69
N GLU A 247 17.95 -23.78 -36.64
CA GLU A 247 18.36 -25.01 -37.32
C GLU A 247 18.18 -24.87 -38.82
N ILE A 248 19.12 -25.47 -39.56
CA ILE A 248 19.05 -25.62 -41.00
C ILE A 248 19.29 -27.08 -41.36
N TYR A 249 18.77 -27.49 -42.51
CA TYR A 249 18.82 -28.87 -42.96
C TYR A 249 18.98 -28.90 -44.47
N TYR A 250 19.70 -29.92 -44.95
CA TYR A 250 20.02 -30.11 -46.36
C TYR A 250 19.67 -31.53 -46.78
N ASN A 251 19.08 -31.66 -47.96
CA ASN A 251 18.73 -32.97 -48.51
C ASN A 251 18.90 -32.95 -50.02
N THR A 252 19.50 -34.01 -50.54
CA THR A 252 19.64 -34.25 -51.97
C THR A 252 18.79 -35.46 -52.37
N GLY A 253 18.72 -35.72 -53.68
CA GLY A 253 17.87 -36.80 -54.16
C GLY A 253 18.29 -38.16 -53.62
N GLU A 254 19.58 -38.48 -53.73
CA GLU A 254 20.08 -39.66 -53.06
C GLU A 254 20.19 -39.40 -51.55
N GLY A 255 20.32 -40.48 -50.79
CA GLY A 255 20.19 -40.41 -49.34
C GLY A 255 21.34 -39.75 -48.59
N ASP A 256 21.50 -38.44 -48.75
CA ASP A 256 22.54 -37.67 -48.06
C ASP A 256 21.90 -36.49 -47.33
N LYS A 257 21.57 -36.66 -46.05
CA LYS A 257 21.01 -35.60 -45.23
C LYS A 257 22.10 -34.88 -44.44
N PHE A 258 21.94 -33.57 -44.30
CA PHE A 258 22.80 -32.73 -43.47
C PHE A 258 21.90 -31.93 -42.54
N GLY A 259 22.43 -31.58 -41.37
CA GLY A 259 21.63 -30.84 -40.41
C GLY A 259 22.51 -30.09 -39.43
N LEU A 260 22.00 -28.98 -38.93
CA LEU A 260 22.75 -28.15 -38.00
C LEU A 260 21.78 -27.36 -37.16
N ASN A 261 21.92 -27.44 -35.84
CA ASN A 261 21.09 -26.63 -34.97
C ASN A 261 21.91 -26.11 -33.79
N ALA A 262 21.73 -24.84 -33.51
CA ALA A 262 22.38 -24.14 -32.42
C ALA A 262 21.30 -23.66 -31.46
N TRP A 263 21.63 -23.62 -30.17
CA TRP A 263 20.61 -23.43 -29.15
C TRP A 263 21.22 -22.60 -28.02
N TYR A 264 20.75 -21.38 -27.87
CA TYR A 264 21.17 -20.47 -26.81
C TYR A 264 20.06 -20.32 -25.78
N ILE A 265 20.41 -20.37 -24.50
CA ILE A 265 19.47 -20.04 -23.43
C ILE A 265 20.15 -19.06 -22.48
N ASN A 266 19.35 -18.13 -21.98
CA ASN A 266 19.74 -17.14 -21.00
C ASN A 266 18.69 -17.19 -19.89
N SER A 267 19.08 -17.74 -18.74
CA SER A 267 18.19 -17.97 -17.61
C SER A 267 18.59 -17.09 -16.44
N ASN A 268 17.60 -16.43 -15.83
CA ASN A 268 17.84 -15.56 -14.67
C ASN A 268 16.72 -15.82 -13.68
N ARG A 269 16.98 -16.68 -12.68
CA ARG A 269 15.95 -17.13 -11.77
C ARG A 269 16.34 -16.82 -10.32
N GLU A 270 15.36 -16.35 -9.55
CA GLU A 270 15.57 -15.98 -8.16
C GLU A 270 15.30 -17.18 -7.26
N LEU A 271 16.28 -17.53 -6.42
CA LEU A 271 16.10 -18.64 -5.50
C LEU A 271 15.09 -18.28 -4.42
N ALA A 272 14.02 -19.06 -4.33
CA ALA A 272 12.96 -18.78 -3.36
C ALA A 272 13.49 -18.92 -1.94
N MET A 273 13.21 -17.93 -1.11
CA MET A 273 13.46 -18.07 0.32
C MET A 273 12.66 -19.27 0.83
N LEU A 274 13.34 -20.18 1.51
CA LEU A 274 12.63 -21.32 2.08
C LEU A 274 11.65 -20.82 3.14
N SER A 275 10.62 -21.64 3.39
CA SER A 275 9.45 -21.18 4.12
C SER A 275 9.77 -20.66 5.52
N THR A 276 10.90 -21.06 6.09
CA THR A 276 11.32 -20.58 7.40
C THR A 276 12.48 -19.60 7.29
N ASP A 277 12.45 -18.75 6.27
CA ASP A 277 13.46 -17.71 6.06
C ASP A 277 12.90 -16.41 6.59
N TYR A 278 13.35 -15.99 7.76
CA TYR A 278 12.88 -14.76 8.39
C TYR A 278 13.71 -13.55 7.94
N GLY A 279 13.85 -13.42 6.62
CA GLY A 279 14.66 -12.35 6.06
C GLY A 279 13.88 -11.53 5.06
N ASN A 280 14.21 -10.25 5.00
CA ASN A 280 13.58 -9.32 4.07
C ASN A 280 13.99 -9.61 2.63
N ASP A 281 13.01 -9.65 1.73
CA ASP A 281 13.29 -9.92 0.32
C ASP A 281 14.07 -8.77 -0.31
N MET A 282 13.76 -7.53 0.06
CA MET A 282 14.52 -6.39 -0.44
C MET A 282 15.85 -6.20 0.27
N ASP A 283 16.08 -6.89 1.39
CA ASP A 283 17.39 -6.85 2.04
C ASP A 283 18.34 -7.87 1.44
N PHE A 284 17.87 -9.10 1.24
CA PHE A 284 18.70 -10.17 0.73
C PHE A 284 18.50 -10.30 -0.78
N GLU A 285 19.42 -11.02 -1.41
CA GLU A 285 19.39 -11.15 -2.86
C GLU A 285 20.03 -12.47 -3.25
N ASN A 286 19.25 -13.34 -3.90
CA ASN A 286 19.65 -14.71 -4.22
C ASN A 286 19.34 -14.93 -5.70
N ARG A 287 20.37 -14.88 -6.54
CA ARG A 287 20.19 -14.84 -7.98
C ARG A 287 20.99 -15.96 -8.64
N GLN A 288 20.37 -16.63 -9.61
CA GLN A 288 21.06 -17.61 -10.46
C GLN A 288 20.95 -17.19 -11.91
N ARG A 289 22.09 -16.86 -12.51
CA ARG A 289 22.19 -16.68 -13.95
C ARG A 289 22.80 -17.94 -14.57
N GLU A 290 22.29 -18.35 -15.72
CA GLU A 290 22.88 -19.44 -16.49
C GLU A 290 22.79 -19.07 -17.95
N GLN A 291 23.91 -18.74 -18.57
CA GLN A 291 23.98 -18.51 -20.00
C GLN A 291 24.67 -19.70 -20.61
N THR A 292 23.96 -20.48 -21.42
CA THR A 292 24.59 -21.63 -22.02
C THR A 292 24.13 -21.83 -23.46
N PHE A 293 24.97 -22.56 -24.19
CA PHE A 293 24.76 -22.86 -25.59
C PHE A 293 25.02 -24.35 -25.84
N ARG A 294 24.22 -24.93 -26.73
CA ARG A 294 24.40 -26.29 -27.21
C ARG A 294 24.16 -26.31 -28.71
N GLY A 295 25.12 -26.82 -29.46
CA GLY A 295 24.99 -26.88 -30.91
C GLY A 295 25.47 -28.23 -31.43
N VAL A 296 24.82 -28.67 -32.51
CA VAL A 296 25.07 -29.99 -33.08
C VAL A 296 24.96 -29.94 -34.59
N LEU A 297 25.91 -30.58 -35.27
CA LEU A 297 25.91 -30.77 -36.71
C LEU A 297 25.88 -32.27 -36.98
N SER A 298 25.16 -32.66 -38.03
CA SER A 298 24.91 -34.06 -38.35
C SER A 298 25.00 -34.29 -39.85
N TRP A 299 25.56 -35.45 -40.22
CA TRP A 299 25.57 -35.91 -41.61
C TRP A 299 25.13 -37.37 -41.59
N ASP A 300 24.07 -37.68 -42.35
CA ASP A 300 23.53 -39.04 -42.38
C ASP A 300 23.43 -39.53 -43.82
N ARG A 301 24.11 -40.64 -44.11
CA ARG A 301 24.03 -41.32 -45.40
C ARG A 301 23.30 -42.64 -45.17
N VAL A 302 22.08 -42.75 -45.70
CA VAL A 302 21.23 -43.91 -45.47
C VAL A 302 20.87 -44.51 -46.83
N ARG A 303 21.09 -45.81 -46.99
CA ARG A 303 20.59 -46.50 -48.17
C ARG A 303 20.19 -47.90 -47.74
N GLU A 304 19.01 -48.32 -48.18
CA GLU A 304 18.45 -49.65 -47.95
C GLU A 304 18.87 -50.29 -46.64
N LYS A 305 19.78 -51.27 -46.74
CA LYS A 305 20.21 -52.02 -45.56
C LYS A 305 21.09 -51.20 -44.63
N TRP A 306 22.07 -50.48 -45.18
CA TRP A 306 23.07 -49.80 -44.36
C TRP A 306 22.70 -48.33 -44.13
N LYS A 307 22.57 -47.95 -42.86
CA LYS A 307 22.30 -46.57 -42.47
C LYS A 307 23.47 -46.09 -41.62
N VAL A 308 24.09 -44.97 -42.01
CA VAL A 308 25.26 -44.48 -41.30
C VAL A 308 25.07 -42.99 -41.02
N GLY A 309 25.71 -42.52 -39.95
CA GLY A 309 25.62 -41.12 -39.59
C GLY A 309 26.76 -40.71 -38.69
N VAL A 310 27.13 -39.43 -38.77
CA VAL A 310 28.15 -38.84 -37.93
C VAL A 310 27.59 -37.54 -37.37
N LYS A 311 28.11 -37.14 -36.21
CA LYS A 311 27.63 -35.97 -35.50
C LYS A 311 28.80 -35.31 -34.79
N GLY A 312 28.70 -34.00 -34.61
CA GLY A 312 29.71 -33.26 -33.89
C GLY A 312 29.07 -32.05 -33.25
N GLY A 313 29.40 -31.78 -31.99
CA GLY A 313 28.69 -30.75 -31.27
C GLY A 313 29.55 -30.07 -30.23
N TYR A 314 28.92 -29.15 -29.53
CA TYR A 314 29.63 -28.32 -28.57
C TYR A 314 28.62 -27.71 -27.60
N ILE A 315 28.94 -27.77 -26.31
CA ILE A 315 28.15 -27.08 -25.31
C ILE A 315 29.07 -26.16 -24.53
N HIS A 316 28.47 -25.13 -23.93
CA HIS A 316 29.23 -24.15 -23.17
C HIS A 316 28.26 -23.51 -22.19
N THR A 317 28.43 -23.82 -20.90
CA THR A 317 27.60 -23.28 -19.85
C THR A 317 28.41 -22.30 -19.02
N TRP A 318 27.75 -21.23 -18.57
CA TRP A 318 28.32 -20.27 -17.64
C TRP A 318 27.27 -20.03 -16.56
N MET A 319 27.53 -20.52 -15.35
CA MET A 319 26.62 -20.42 -14.23
C MET A 319 27.17 -19.43 -13.22
N ALA A 320 26.40 -18.37 -12.95
CA ALA A 320 26.73 -17.37 -11.95
C ALA A 320 25.74 -17.44 -10.80
N TYR A 321 26.26 -17.59 -9.58
CA TYR A 321 25.44 -17.61 -8.39
C TYR A 321 25.79 -16.40 -7.52
N ASP A 322 24.75 -15.74 -7.00
CA ASP A 322 24.95 -14.53 -6.22
C ASP A 322 24.07 -14.58 -4.97
N TYR A 323 24.68 -14.31 -3.82
CA TYR A 323 23.99 -14.21 -2.54
C TYR A 323 24.54 -12.99 -1.83
N LYS A 324 23.69 -11.96 -1.67
CA LYS A 324 24.10 -10.65 -1.18
C LYS A 324 23.11 -10.11 -0.17
N ARG A 325 23.54 -9.10 0.58
CA ARG A 325 22.74 -8.48 1.62
C ARG A 325 23.02 -6.98 1.62
N ASP A 326 22.14 -6.20 2.24
CA ASP A 326 22.36 -4.78 2.42
C ASP A 326 23.05 -4.48 3.74
N LYS A 327 23.87 -3.43 3.73
CA LYS A 327 24.49 -2.91 4.94
C LYS A 327 23.49 -2.09 5.75
N GLU A 331 24.66 0.16 -2.11
CA GLU A 331 24.90 -0.19 -0.72
C GLU A 331 24.73 -1.69 -0.46
N MET A 332 24.84 -2.46 -1.53
CA MET A 332 24.84 -3.92 -1.48
C MET A 332 26.26 -4.45 -1.22
N ALA A 333 26.34 -5.73 -0.87
CA ALA A 333 27.63 -6.38 -0.66
C ALA A 333 27.44 -7.88 -0.81
N SER A 334 28.43 -8.54 -1.42
CA SER A 334 28.31 -9.95 -1.77
C SER A 334 28.71 -10.84 -0.59
N MET A 335 27.82 -11.77 -0.24
CA MET A 335 28.15 -12.80 0.74
C MET A 335 28.83 -13.98 0.07
N THR A 336 28.18 -14.57 -0.94
CA THR A 336 28.80 -15.63 -1.74
C THR A 336 28.52 -15.35 -3.21
N ARG A 337 29.58 -15.10 -3.98
CA ARG A 337 29.49 -14.68 -5.37
C ARG A 337 30.42 -15.54 -6.18
N SER A 338 29.87 -16.32 -7.11
CA SER A 338 30.66 -17.28 -7.87
C SER A 338 30.27 -17.29 -9.34
N ARG A 339 31.25 -17.65 -10.17
CA ARG A 339 31.07 -17.85 -11.61
C ARG A 339 31.82 -19.12 -11.99
N SER A 340 31.14 -20.07 -12.63
CA SER A 340 31.76 -21.32 -13.06
C SER A 340 31.33 -21.63 -14.49
N LYS A 341 32.29 -21.83 -15.38
CA LYS A 341 32.00 -22.05 -16.80
C LYS A 341 32.67 -23.31 -17.30
N ILE A 342 31.92 -24.13 -18.03
CA ILE A 342 32.45 -25.35 -18.62
C ILE A 342 32.08 -25.40 -20.10
N ASN A 343 33.03 -25.76 -20.94
CA ASN A 343 32.74 -26.00 -22.34
C ASN A 343 33.19 -27.40 -22.74
N THR A 344 32.50 -27.96 -23.74
CA THR A 344 32.60 -29.37 -24.07
C THR A 344 32.52 -29.53 -25.58
N PHE A 345 33.46 -30.32 -26.11
CA PHE A 345 33.51 -30.68 -27.52
C PHE A 345 33.04 -32.12 -27.70
N TYR A 346 32.42 -32.38 -28.84
CA TYR A 346 31.74 -33.66 -29.09
C TYR A 346 32.25 -34.29 -30.37
N GLY A 347 32.18 -35.62 -30.41
CA GLY A 347 32.41 -36.35 -31.65
C GLY A 347 31.67 -37.67 -31.61
N SER A 348 30.90 -37.98 -32.66
CA SER A 348 30.06 -39.17 -32.61
C SER A 348 29.97 -39.76 -34.00
N ALA A 349 29.91 -41.09 -34.06
CA ALA A 349 29.72 -41.79 -35.32
C ALA A 349 28.98 -43.09 -35.05
N ASP A 350 27.85 -43.29 -35.73
CA ASP A 350 27.05 -44.49 -35.59
C ASP A 350 26.79 -45.08 -36.96
N GLY A 351 26.59 -46.39 -37.00
CA GLY A 351 26.35 -47.11 -38.23
C GLY A 351 25.67 -48.43 -38.00
N ASP A 352 24.67 -48.73 -38.83
CA ASP A 352 23.87 -49.94 -38.71
C ASP A 352 23.88 -50.64 -40.07
N TYR A 353 24.55 -51.78 -40.13
CA TYR A 353 24.54 -52.62 -41.33
C TYR A 353 23.64 -53.82 -41.04
N ALA A 354 22.60 -53.98 -41.85
CA ALA A 354 21.57 -55.00 -41.65
C ALA A 354 21.50 -55.85 -42.90
N PRO A 355 22.30 -56.91 -43.00
CA PRO A 355 22.21 -57.78 -44.18
C PRO A 355 20.88 -58.51 -44.20
N SER A 356 20.00 -58.09 -45.09
CA SER A 356 18.64 -58.62 -45.23
C SER A 356 17.93 -58.52 -43.88
N GLU A 357 17.01 -59.44 -43.64
CA GLU A 357 16.35 -59.62 -42.36
C GLU A 357 17.10 -60.70 -41.57
N LYS A 358 16.74 -60.87 -40.31
CA LYS A 358 17.21 -61.89 -39.37
C LYS A 358 18.60 -61.56 -38.83
N TRP A 359 19.30 -60.58 -39.39
CA TRP A 359 20.60 -60.18 -38.85
C TRP A 359 20.73 -58.67 -38.98
N LEU A 360 21.17 -58.02 -37.91
CA LEU A 360 21.36 -56.58 -37.87
C LEU A 360 22.54 -56.29 -36.96
N PHE A 361 23.40 -55.35 -37.34
CA PHE A 361 24.56 -55.05 -36.53
C PHE A 361 24.77 -53.54 -36.44
N THR A 362 24.86 -53.03 -35.21
CA THR A 362 25.06 -51.62 -34.98
C THR A 362 26.40 -51.39 -34.31
N ALA A 363 26.96 -50.22 -34.58
CA ALA A 363 28.20 -49.78 -33.95
C ALA A 363 28.13 -48.28 -33.76
N GLY A 364 28.73 -47.81 -32.68
CA GLY A 364 28.65 -46.38 -32.40
C GLY A 364 29.78 -45.95 -31.49
N VAL A 365 30.07 -44.66 -31.54
CA VAL A 365 31.11 -44.05 -30.73
C VAL A 365 30.69 -42.64 -30.37
N SER A 366 30.86 -42.28 -29.11
CA SER A 366 30.58 -40.94 -28.61
C SER A 366 31.73 -40.55 -27.70
N VAL A 367 32.42 -39.46 -28.05
CA VAL A 367 33.55 -38.95 -27.29
C VAL A 367 33.27 -37.49 -26.96
N HIS A 368 33.24 -37.17 -25.68
CA HIS A 368 33.10 -35.81 -25.20
C HIS A 368 34.39 -35.39 -24.50
N GLN A 369 34.98 -34.29 -24.93
CA GLN A 369 36.11 -33.72 -24.21
C GLN A 369 35.59 -32.50 -23.45
N HIS A 370 35.69 -32.56 -22.13
CA HIS A 370 35.14 -31.51 -21.28
C HIS A 370 36.27 -30.63 -20.77
N LEU A 371 35.91 -29.40 -20.42
CA LEU A 371 36.89 -28.40 -20.01
C LEU A 371 36.19 -27.49 -19.02
N VAL A 372 36.52 -27.65 -17.73
CA VAL A 372 35.81 -26.96 -16.67
C VAL A 372 36.65 -25.81 -16.14
N GLU A 373 35.96 -24.83 -15.55
CA GLU A 373 36.63 -23.72 -14.86
C GLU A 373 35.70 -23.33 -13.71
N SER A 374 35.96 -23.87 -12.52
CA SER A 374 35.19 -23.59 -11.33
C SER A 374 35.86 -22.47 -10.52
N ALA A 375 35.04 -21.65 -9.89
CA ALA A 375 35.53 -20.61 -8.97
C ALA A 375 34.39 -20.24 -8.04
N ASP A 376 34.52 -20.59 -6.76
CA ASP A 376 33.41 -20.47 -5.82
C ASP A 376 33.53 -19.29 -4.87
N LYS A 377 34.72 -19.03 -4.33
CA LYS A 377 34.90 -17.90 -3.43
C LYS A 377 36.26 -17.24 -3.65
N ASN A 378 36.32 -15.95 -3.36
CA ASN A 378 37.58 -15.22 -3.32
C ASN A 378 37.94 -14.97 -1.86
N ILE A 379 39.09 -15.50 -1.46
CA ILE A 379 39.53 -15.45 -0.07
C ILE A 379 40.80 -14.60 0.03
N ILE A 380 41.02 -14.06 1.22
CA ILE A 380 42.24 -13.32 1.52
C ILE A 380 43.26 -14.32 2.04
N SER A 381 44.27 -14.61 1.22
CA SER A 381 45.32 -15.52 1.64
C SER A 381 46.12 -14.91 2.77
N GLN A 382 46.92 -15.75 3.43
CA GLN A 382 47.64 -15.32 4.63
C GLN A 382 48.60 -14.16 4.34
N GLU A 383 49.11 -14.07 3.12
CA GLU A 383 50.08 -13.05 2.76
C GLU A 383 49.44 -11.70 2.42
N GLY A 384 48.15 -11.52 2.69
CA GLY A 384 47.46 -10.31 2.32
C GLY A 384 47.06 -10.23 0.86
N ASN A 385 47.36 -11.26 0.08
CA ASN A 385 47.02 -11.29 -1.33
C ASN A 385 45.56 -11.71 -1.49
N LYS A 386 45.12 -11.90 -2.72
CA LYS A 386 43.77 -12.35 -3.03
C LYS A 386 43.88 -13.64 -3.82
N ALA A 387 43.18 -14.69 -3.38
CA ALA A 387 43.26 -15.99 -4.03
C ALA A 387 41.86 -16.56 -4.19
N VAL A 388 41.78 -17.63 -4.98
CA VAL A 388 40.50 -18.26 -5.32
C VAL A 388 40.55 -19.72 -4.91
N VAL A 389 39.37 -20.29 -4.63
CA VAL A 389 39.25 -21.69 -4.24
C VAL A 389 38.84 -22.59 -5.38
N GLY A 390 38.47 -22.04 -6.53
CA GLY A 390 38.02 -22.88 -7.63
C GLY A 390 39.15 -23.67 -8.28
N TYR A 391 38.78 -24.85 -8.78
CA TYR A 391 39.67 -25.71 -9.56
C TYR A 391 39.42 -25.49 -11.06
N ASP A 392 40.19 -26.20 -11.88
CA ASP A 392 39.92 -26.23 -13.32
C ASP A 392 40.59 -27.45 -13.92
N LYS A 393 39.79 -28.36 -14.48
CA LYS A 393 40.26 -29.66 -14.98
C LYS A 393 39.52 -29.95 -16.29
N GLY A 394 39.58 -31.20 -16.71
CA GLY A 394 38.90 -31.65 -17.90
C GLY A 394 39.35 -33.03 -18.33
N ARG A 395 38.48 -33.81 -18.95
CA ARG A 395 38.81 -35.19 -19.28
C ARG A 395 37.96 -35.67 -20.45
N VAL A 396 38.52 -36.59 -21.22
CA VAL A 396 37.77 -37.18 -22.32
C VAL A 396 36.83 -38.27 -21.78
N GLU A 397 35.77 -38.51 -22.53
CA GLU A 397 34.69 -39.42 -22.14
C GLU A 397 34.27 -40.14 -23.42
N PHE A 398 34.86 -41.32 -23.65
CA PHE A 398 34.59 -42.11 -24.83
C PHE A 398 33.70 -43.29 -24.49
N SER A 399 32.78 -43.61 -25.39
CA SER A 399 31.91 -44.77 -25.26
C SER A 399 31.72 -45.37 -26.63
N GLY A 400 32.15 -46.62 -26.80
CA GLY A 400 32.02 -47.33 -28.06
C GLY A 400 31.19 -48.58 -27.88
N SER A 401 30.29 -48.83 -28.83
CA SER A 401 29.30 -49.88 -28.69
C SER A 401 29.19 -50.69 -29.97
N VAL A 402 28.97 -51.98 -29.81
CA VAL A 402 28.67 -52.88 -30.92
C VAL A 402 27.56 -53.81 -30.47
N SER A 403 26.56 -54.01 -31.35
CA SER A 403 25.41 -54.85 -31.04
C SER A 403 25.05 -55.71 -32.24
N ALA A 404 24.49 -56.87 -31.95
CA ALA A 404 23.99 -57.82 -32.94
C ALA A 404 22.56 -58.21 -32.58
N LYS A 405 21.63 -57.90 -33.47
CA LYS A 405 20.23 -58.26 -33.36
C LYS A 405 20.00 -59.47 -34.28
N TRP A 406 19.50 -60.57 -33.72
CA TRP A 406 19.24 -61.77 -34.51
C TRP A 406 17.84 -62.30 -34.18
N ARG A 407 16.98 -62.38 -35.20
CA ARG A 407 15.66 -62.96 -35.03
C ARG A 407 15.54 -64.20 -35.91
N PRO A 408 15.61 -65.40 -35.33
CA PRO A 408 15.50 -66.61 -36.17
C PRO A 408 14.17 -66.71 -36.89
N VAL A 409 13.06 -66.56 -36.15
CA VAL A 409 11.72 -66.53 -36.72
C VAL A 409 11.02 -65.28 -36.20
N ASP A 410 9.74 -65.14 -36.58
CA ASP A 410 8.95 -64.01 -36.08
C ASP A 410 8.73 -64.09 -34.58
N ARG A 411 8.61 -65.30 -34.03
CA ARG A 411 8.33 -65.44 -32.60
C ARG A 411 9.53 -65.01 -31.77
N PHE A 412 10.64 -65.71 -31.90
CA PHE A 412 11.80 -65.53 -31.03
C PHE A 412 12.81 -64.60 -31.66
N ALA A 413 13.43 -63.76 -30.83
CA ALA A 413 14.49 -62.86 -31.29
C ALA A 413 15.32 -62.46 -30.09
N ALA A 414 16.62 -62.28 -30.33
CA ALA A 414 17.54 -61.90 -29.28
C ALA A 414 18.49 -60.83 -29.81
N SER A 415 19.29 -60.30 -28.89
CA SER A 415 20.18 -59.21 -29.23
C SER A 415 21.24 -59.08 -28.14
N LEU A 416 22.46 -58.75 -28.56
CA LEU A 416 23.55 -58.51 -27.63
C LEU A 416 24.17 -57.15 -27.93
N VAL A 417 24.24 -56.28 -26.93
CA VAL A 417 24.95 -55.02 -27.07
C VAL A 417 26.10 -55.03 -26.08
N LEU A 418 27.20 -54.39 -26.48
CA LEU A 418 28.45 -54.46 -25.74
C LEU A 418 29.11 -53.09 -25.85
N ARG A 419 29.42 -52.48 -24.71
CA ARG A 419 30.00 -51.15 -24.71
C ARG A 419 31.32 -51.15 -23.94
N GLU A 420 32.23 -50.30 -24.41
CA GLU A 420 33.48 -49.99 -23.72
C GLU A 420 33.48 -48.49 -23.47
N ASP A 421 33.63 -48.11 -22.21
CA ASP A 421 33.65 -46.71 -21.83
C ASP A 421 34.98 -46.37 -21.18
N MET A 422 35.44 -45.14 -21.43
CA MET A 422 36.73 -44.68 -20.93
C MET A 422 36.59 -43.19 -20.65
N PHE A 423 36.50 -42.82 -19.37
CA PHE A 423 36.46 -41.43 -18.97
C PHE A 423 37.77 -41.05 -18.31
N GLY A 424 38.39 -39.98 -18.79
CA GLY A 424 39.66 -39.55 -18.24
C GLY A 424 40.83 -40.38 -18.74
N THR A 425 41.36 -41.25 -17.87
CA THR A 425 42.46 -42.14 -18.23
C THR A 425 42.16 -43.60 -17.88
N GLU A 426 40.95 -43.90 -17.44
CA GLU A 426 40.59 -45.21 -16.93
C GLU A 426 39.61 -45.90 -17.88
N TRP A 427 39.88 -47.15 -18.20
CA TRP A 427 39.00 -47.97 -19.03
C TRP A 427 37.96 -48.65 -18.14
N ALA A 428 36.69 -48.30 -18.33
CA ALA A 428 35.64 -48.99 -17.60
C ALA A 428 35.55 -50.44 -18.06
N PRO A 429 35.31 -51.37 -17.14
CA PRO A 429 35.10 -52.76 -17.55
C PRO A 429 33.90 -52.86 -18.47
N VAL A 430 33.93 -53.85 -19.37
CA VAL A 430 32.93 -53.89 -20.44
C VAL A 430 31.55 -53.82 -19.82
N ILE A 431 30.71 -52.96 -20.39
CA ILE A 431 29.34 -52.76 -19.92
C ILE A 431 28.45 -53.49 -20.92
N PRO A 432 28.03 -54.71 -20.58
CA PRO A 432 27.24 -55.52 -21.50
C PRO A 432 25.74 -55.45 -21.22
N ALA A 433 24.96 -55.82 -22.24
CA ALA A 433 23.52 -56.01 -22.07
C ALA A 433 23.04 -56.99 -23.12
N PHE A 434 21.96 -57.68 -22.78
CA PHE A 434 21.42 -58.73 -23.63
C PHE A 434 19.91 -58.70 -23.54
N PHE A 435 19.27 -58.66 -24.70
CA PHE A 435 17.83 -58.52 -24.84
C PHE A 435 17.26 -59.76 -25.53
N ILE A 436 16.04 -60.11 -25.15
CA ILE A 436 15.26 -61.16 -25.80
C ILE A 436 13.81 -60.69 -25.88
N ASP A 437 13.17 -60.94 -27.03
CA ASP A 437 11.74 -60.72 -27.16
C ASP A 437 11.12 -61.88 -27.93
N GLY A 438 9.85 -62.14 -27.63
CA GLY A 438 9.14 -63.25 -28.19
C GLY A 438 7.65 -62.99 -28.34
N VAL A 439 7.08 -63.47 -29.45
CA VAL A 439 5.66 -63.26 -29.75
C VAL A 439 4.92 -64.46 -29.15
N LEU A 440 4.42 -64.28 -27.92
CA LEU A 440 3.68 -65.35 -27.24
C LEU A 440 2.47 -65.78 -28.06
N SER A 441 1.65 -64.83 -28.51
CA SER A 441 0.49 -65.13 -29.33
C SER A 441 0.22 -63.95 -30.25
N LYS A 442 0.10 -64.25 -31.55
CA LYS A 442 -0.21 -63.22 -32.52
C LYS A 442 -1.56 -62.57 -32.25
N LYS A 443 -2.51 -63.31 -31.68
CA LYS A 443 -3.74 -62.69 -31.23
C LYS A 443 -3.40 -61.69 -30.14
N GLY A 444 -3.65 -60.41 -30.41
CA GLY A 444 -3.36 -59.39 -29.43
C GLY A 444 -1.89 -59.16 -29.19
N ASN A 445 -1.04 -59.57 -30.13
CA ASN A 445 0.38 -59.23 -30.23
C ASN A 445 1.14 -59.46 -28.94
N ILE A 446 0.55 -60.19 -27.98
CA ILE A 446 1.14 -60.34 -26.65
C ILE A 446 2.59 -60.81 -26.79
N VAL A 447 3.51 -59.91 -26.45
CA VAL A 447 4.93 -60.10 -26.68
C VAL A 447 5.69 -59.92 -25.37
N ALA A 448 6.53 -60.89 -25.04
CA ALA A 448 7.30 -60.83 -23.81
C ALA A 448 8.75 -60.49 -24.11
N LYS A 449 9.35 -59.64 -23.29
CA LYS A 449 10.74 -59.25 -23.45
C LYS A 449 11.42 -59.35 -22.10
N ALA A 450 12.74 -59.48 -22.14
CA ALA A 450 13.57 -59.53 -20.96
C ALA A 450 14.99 -59.15 -21.35
N SER A 451 15.76 -58.67 -20.37
CA SER A 451 17.09 -58.18 -20.69
C SER A 451 17.91 -58.04 -19.41
N ILE A 452 19.20 -58.34 -19.52
CA ILE A 452 20.10 -58.30 -18.39
C ILE A 452 21.35 -57.50 -18.76
N SER A 453 21.89 -56.76 -17.79
CA SER A 453 23.04 -55.93 -18.11
C SER A 453 23.82 -55.60 -16.84
N ARG A 454 24.99 -55.00 -17.07
CA ARG A 454 25.86 -54.59 -15.96
C ARG A 454 26.46 -53.23 -16.34
N ASN A 455 25.90 -52.18 -15.77
CA ASN A 455 26.27 -50.80 -16.08
C ASN A 455 27.30 -50.26 -15.10
N TYR A 456 28.02 -49.22 -15.55
CA TYR A 456 28.96 -48.48 -14.73
C TYR A 456 28.78 -46.99 -14.94
N ARG A 457 28.96 -46.22 -13.86
CA ARG A 457 28.85 -44.77 -13.89
C ARG A 457 30.11 -44.16 -13.31
N PHE A 458 30.77 -43.28 -14.06
CA PHE A 458 31.94 -42.67 -13.47
C PHE A 458 31.57 -41.47 -12.60
N PRO A 459 32.34 -41.20 -11.54
CA PRO A 459 32.05 -40.02 -10.73
C PRO A 459 32.34 -38.76 -11.53
N THR A 460 31.66 -37.68 -11.15
CA THR A 460 31.72 -36.44 -11.90
C THR A 460 32.90 -35.59 -11.44
N LEU A 461 33.09 -34.46 -12.10
CA LEU A 461 34.24 -33.62 -11.80
C LEU A 461 34.08 -32.90 -10.46
N ASN A 462 32.84 -32.59 -10.06
CA ASN A 462 32.63 -32.17 -8.67
C ASN A 462 32.78 -33.36 -7.72
N ASP A 463 32.40 -34.56 -8.16
CA ASP A 463 32.55 -35.74 -7.33
C ASP A 463 34.00 -35.97 -6.93
N LEU A 464 34.94 -35.48 -7.73
CA LEU A 464 36.35 -35.75 -7.50
C LEU A 464 37.15 -34.50 -7.14
N TYR A 465 37.16 -33.49 -8.01
CA TYR A 465 38.10 -32.40 -7.94
C TYR A 465 37.56 -31.16 -7.22
N PHE A 466 36.37 -31.24 -6.64
CA PHE A 466 35.82 -30.08 -5.94
C PHE A 466 36.77 -29.69 -4.81
N LEU A 467 37.34 -28.50 -4.92
CA LEU A 467 38.43 -28.08 -4.04
C LEU A 467 37.92 -27.77 -2.63
N PRO A 468 36.82 -27.02 -2.46
CA PRO A 468 36.23 -26.95 -1.10
C PRO A 468 35.84 -28.31 -0.56
N GLY A 469 35.39 -29.22 -1.42
CA GLY A 469 35.10 -30.58 -1.01
C GLY A 469 36.34 -31.45 -1.06
N GLY A 470 36.23 -32.65 -1.66
CA GLY A 470 37.41 -33.49 -1.79
C GLY A 470 37.10 -34.87 -2.31
N ASN A 471 37.97 -35.82 -1.95
CA ASN A 471 37.92 -37.24 -2.27
C ASN A 471 37.95 -37.47 -3.78
N PRO A 472 39.06 -37.20 -4.45
CA PRO A 472 39.16 -37.42 -5.90
C PRO A 472 39.49 -38.85 -6.29
N ASP A 473 39.39 -39.81 -5.37
CA ASP A 473 39.75 -41.20 -5.64
C ASP A 473 38.52 -42.08 -5.52
N LEU A 474 37.39 -41.59 -6.01
CA LEU A 474 36.12 -42.28 -5.85
C LEU A 474 36.00 -43.43 -6.83
N LYS A 475 35.38 -44.51 -6.39
CA LYS A 475 35.17 -45.68 -7.21
C LYS A 475 33.99 -45.46 -8.15
N SER A 476 34.07 -46.06 -9.33
CA SER A 476 32.94 -46.02 -10.26
C SER A 476 31.76 -46.78 -9.70
N GLU A 477 30.56 -46.25 -9.92
CA GLU A 477 29.35 -46.89 -9.45
C GLU A 477 29.03 -48.10 -10.33
N HIS A 478 28.77 -49.23 -9.69
CA HIS A 478 28.49 -50.49 -10.36
C HIS A 478 27.03 -50.84 -10.20
N GLY A 479 26.39 -51.27 -11.29
CA GLY A 479 25.02 -51.67 -11.21
C GLY A 479 24.75 -52.94 -11.99
N PHE A 480 24.24 -53.95 -11.30
CA PHE A 480 23.83 -55.20 -11.93
C PHE A 480 22.31 -55.21 -12.00
N THR A 481 21.77 -55.29 -13.22
CA THR A 481 20.33 -55.11 -13.38
C THR A 481 19.77 -56.10 -14.39
N TYR A 482 18.47 -56.37 -14.26
CA TYR A 482 17.78 -57.30 -15.15
C TYR A 482 16.27 -57.06 -15.06
N ASP A 483 15.63 -57.07 -16.22
CA ASP A 483 14.21 -56.74 -16.37
C ASP A 483 13.50 -57.82 -17.18
N VAL A 484 12.17 -57.82 -17.06
CA VAL A 484 11.29 -58.73 -17.78
C VAL A 484 9.89 -58.14 -17.78
N GLY A 485 9.20 -58.23 -18.92
CA GLY A 485 7.87 -57.66 -19.07
C GLY A 485 7.13 -58.18 -20.28
N LEU A 486 5.88 -57.74 -20.41
CA LEU A 486 4.98 -58.17 -21.48
C LEU A 486 4.21 -56.98 -22.04
N SER A 487 3.79 -57.11 -23.30
CA SER A 487 3.07 -56.06 -24.02
C SER A 487 1.89 -56.65 -24.78
N PHE A 488 0.94 -55.79 -25.13
CA PHE A 488 -0.42 -56.17 -25.51
C PHE A 488 -1.02 -55.07 -26.39
N SER A 489 -1.72 -55.46 -27.46
CA SER A 489 -2.36 -54.50 -28.34
C SER A 489 -3.53 -55.15 -29.07
N VAL A 490 -4.59 -54.37 -29.32
CA VAL A 490 -5.75 -54.81 -30.08
C VAL A 490 -6.26 -53.64 -30.91
N GLY A 491 -6.58 -53.92 -32.18
CA GLY A 491 -7.01 -52.89 -33.12
C GLY A 491 -8.52 -52.82 -33.31
N ASN A 494 -9.37 -50.44 -36.61
CA ASN A 494 -8.97 -49.07 -36.85
C ASN A 494 -10.07 -48.10 -36.42
N VAL A 495 -11.27 -48.63 -36.19
CA VAL A 495 -12.40 -47.84 -35.71
C VAL A 495 -12.41 -47.94 -34.18
N TYR A 496 -11.35 -48.53 -33.63
CA TYR A 496 -11.18 -48.73 -32.20
C TYR A 496 -9.78 -49.29 -31.99
N ALA A 497 -9.23 -49.07 -30.79
CA ALA A 497 -7.85 -49.45 -30.54
C ALA A 497 -7.53 -49.38 -29.06
N LEU A 498 -6.59 -50.22 -28.63
CA LEU A 498 -6.19 -50.31 -27.22
C LEU A 498 -4.85 -51.04 -27.15
N SER A 499 -4.08 -50.75 -26.11
CA SER A 499 -2.77 -51.35 -25.92
C SER A 499 -2.34 -51.17 -24.47
N GLY A 500 -1.33 -51.94 -24.07
CA GLY A 500 -0.80 -51.84 -22.72
C GLY A 500 0.35 -52.80 -22.51
N GLY A 501 0.82 -52.84 -21.26
CA GLY A 501 1.89 -53.76 -20.89
C GLY A 501 2.39 -53.48 -19.50
N ILE A 502 3.16 -54.44 -18.99
CA ILE A 502 3.80 -54.35 -17.68
C ILE A 502 5.24 -54.81 -17.82
N ASN A 503 6.01 -54.62 -16.75
CA ASN A 503 7.42 -55.01 -16.74
C ASN A 503 7.80 -55.39 -15.31
N TRP A 504 9.10 -55.55 -15.07
CA TRP A 504 9.63 -55.94 -13.76
C TRP A 504 11.07 -55.47 -13.67
N PHE A 505 11.37 -54.73 -12.61
CA PHE A 505 12.66 -54.08 -12.40
C PHE A 505 13.37 -54.74 -11.23
N ASP A 506 14.70 -54.82 -11.32
CA ASP A 506 15.51 -55.34 -10.23
C ASP A 506 16.95 -54.91 -10.46
N SER A 507 17.53 -54.20 -9.48
CA SER A 507 18.88 -53.70 -9.66
C SER A 507 19.63 -53.65 -8.32
N HIS A 508 20.84 -54.18 -8.31
CA HIS A 508 21.79 -54.01 -7.21
C HIS A 508 22.81 -52.96 -7.62
N ILE A 509 22.95 -51.92 -6.81
CA ILE A 509 23.98 -50.90 -7.01
C ILE A 509 25.04 -51.12 -5.94
N ASP A 510 26.29 -51.27 -6.39
CA ASP A 510 27.42 -51.43 -5.48
C ASP A 510 27.83 -50.08 -4.93
N ASP A 511 29.03 -49.99 -4.37
CA ASP A 511 29.44 -48.79 -3.63
C ASP A 511 29.15 -47.55 -4.46
N TRP A 512 28.17 -46.75 -4.05
CA TRP A 512 27.73 -45.61 -4.84
C TRP A 512 27.95 -44.32 -4.07
N ILE A 513 28.13 -43.24 -4.82
CA ILE A 513 28.54 -41.99 -4.21
C ILE A 513 27.39 -41.37 -3.43
N ILE A 514 27.74 -40.75 -2.31
CA ILE A 514 26.80 -40.01 -1.48
C ILE A 514 27.60 -39.02 -0.64
N TRP A 515 27.19 -37.76 -0.64
CA TRP A 515 27.95 -36.72 0.02
C TRP A 515 27.58 -36.63 1.50
N LEU A 516 28.59 -36.44 2.34
CA LEU A 516 28.40 -36.43 3.78
C LEU A 516 29.00 -35.19 4.41
N PRO A 517 28.34 -34.60 5.40
CA PRO A 517 28.95 -33.50 6.15
C PRO A 517 30.08 -34.00 7.03
N THR A 518 31.03 -33.10 7.28
CA THR A 518 32.13 -33.36 8.20
C THR A 518 31.96 -32.51 9.46
N THR A 519 32.91 -32.66 10.39
CA THR A 519 32.97 -31.80 11.56
C THR A 519 33.62 -30.46 11.24
N LYS A 520 33.85 -30.17 9.96
CA LYS A 520 34.47 -28.93 9.52
C LYS A 520 33.50 -27.99 8.80
N GLY A 521 32.27 -28.42 8.56
CA GLY A 521 31.28 -27.55 7.95
C GLY A 521 31.15 -27.64 6.45
N PHE A 522 31.64 -28.72 5.83
CA PHE A 522 31.51 -28.87 4.38
C PHE A 522 31.35 -30.34 4.04
N PHE A 523 30.85 -30.60 2.83
CA PHE A 523 30.51 -31.95 2.39
C PHE A 523 31.68 -32.59 1.65
N SER A 524 31.81 -33.90 1.80
CA SER A 524 32.74 -34.71 1.03
C SER A 524 32.08 -36.04 0.70
N PRO A 525 32.42 -36.64 -0.45
CA PRO A 525 31.77 -37.88 -0.85
C PRO A 525 32.50 -39.12 -0.37
N ARG A 526 31.77 -40.24 -0.42
CA ARG A 526 32.29 -41.52 0.06
C ARG A 526 31.40 -42.63 -0.50
N ASN A 527 32.03 -43.70 -0.98
CA ASN A 527 31.31 -44.79 -1.62
C ASN A 527 30.82 -45.79 -0.56
N LEU A 528 29.87 -45.33 0.25
CA LEU A 528 29.45 -46.14 1.39
C LEU A 528 28.26 -47.02 1.06
N LYS A 529 27.17 -46.44 0.55
CA LYS A 529 25.96 -47.22 0.44
C LYS A 529 25.99 -48.17 -0.76
N LYS A 530 25.19 -49.23 -0.64
CA LYS A 530 25.00 -50.25 -1.67
C LYS A 530 23.49 -50.50 -1.69
N VAL A 531 22.80 -49.94 -2.66
CA VAL A 531 21.35 -49.96 -2.65
C VAL A 531 20.84 -51.12 -3.50
N HIS A 532 19.57 -51.48 -3.28
CA HIS A 532 18.91 -52.60 -3.94
C HIS A 532 17.53 -52.11 -4.35
N ALA A 533 17.41 -51.67 -5.60
CA ALA A 533 16.20 -51.00 -6.08
C ALA A 533 15.54 -51.83 -7.18
N TYR A 534 14.54 -52.63 -6.80
CA TYR A 534 13.69 -53.31 -7.79
C TYR A 534 12.46 -52.45 -8.07
N GLY A 535 11.46 -53.03 -8.73
CA GLY A 535 10.23 -52.32 -9.02
C GLY A 535 9.55 -52.93 -10.23
N ALA A 536 8.51 -52.23 -10.69
CA ALA A 536 7.75 -52.66 -11.85
C ALA A 536 7.01 -51.45 -12.42
N GLU A 537 6.81 -51.47 -13.74
CA GLU A 537 6.12 -50.37 -14.42
C GLU A 537 5.07 -50.92 -15.36
N THR A 538 3.96 -50.19 -15.49
CA THR A 538 2.82 -50.57 -16.30
C THR A 538 2.35 -49.37 -17.09
N ASN A 539 1.93 -49.60 -18.33
CA ASN A 539 1.37 -48.55 -19.18
C ASN A 539 0.18 -49.12 -19.95
N ALA A 540 -0.70 -48.21 -20.38
CA ALA A 540 -1.88 -48.61 -21.16
C ALA A 540 -2.44 -47.39 -21.87
N HIS A 541 -2.63 -47.50 -23.19
CA HIS A 541 -3.23 -46.43 -23.99
C HIS A 541 -4.30 -46.99 -24.90
N LEU A 542 -5.46 -46.36 -24.92
CA LEU A 542 -6.55 -46.80 -25.78
C LEU A 542 -7.20 -45.61 -26.46
N ASP A 543 -7.88 -45.89 -27.56
CA ASP A 543 -8.66 -44.88 -28.27
C ASP A 543 -9.66 -45.60 -29.16
N ILE A 544 -10.95 -45.42 -28.85
CA ILE A 544 -12.04 -45.93 -29.67
C ILE A 544 -12.84 -44.73 -30.16
N MET A 545 -12.98 -44.61 -31.48
CA MET A 545 -13.74 -43.51 -32.07
C MET A 545 -15.23 -43.80 -31.91
N LEU A 546 -15.80 -43.38 -30.78
CA LEU A 546 -17.19 -43.68 -30.46
C LEU A 546 -18.13 -42.72 -31.19
N GLY A 547 -17.97 -42.60 -32.50
CA GLY A 547 -18.84 -41.75 -33.28
C GLY A 547 -18.16 -41.37 -34.59
N LYS A 548 -18.83 -40.49 -35.33
CA LYS A 548 -18.26 -39.96 -36.57
C LYS A 548 -16.97 -39.22 -36.30
N ASP A 549 -17.00 -38.25 -35.38
CA ASP A 549 -15.79 -37.60 -34.87
C ASP A 549 -15.99 -37.40 -33.38
N TRP A 550 -15.61 -38.41 -32.60
CA TRP A 550 -15.72 -38.39 -31.14
C TRP A 550 -14.49 -39.04 -30.54
N LYS A 551 -13.31 -38.70 -31.05
CA LYS A 551 -12.07 -39.37 -30.64
C LYS A 551 -11.85 -39.25 -29.14
N LEU A 552 -11.41 -40.35 -28.53
CA LEU A 552 -11.11 -40.40 -27.09
C LEU A 552 -9.74 -41.05 -26.91
N ASP A 553 -8.72 -40.24 -26.70
CA ASP A 553 -7.35 -40.71 -26.53
C ASP A 553 -7.02 -40.82 -25.05
N MET A 554 -6.45 -41.96 -24.64
CA MET A 554 -6.19 -42.15 -23.22
C MET A 554 -4.93 -42.95 -23.02
N ASN A 555 -4.18 -42.62 -21.96
CA ASN A 555 -3.08 -43.47 -21.54
C ASN A 555 -2.80 -43.23 -20.06
N GLY A 556 -2.15 -44.20 -19.45
CA GLY A 556 -1.88 -44.16 -18.03
C GLY A 556 -0.77 -45.12 -17.67
N THR A 557 -0.06 -44.80 -16.58
CA THR A 557 1.12 -45.52 -16.17
C THR A 557 1.10 -45.65 -14.65
N PHE A 558 1.75 -46.70 -14.16
CA PHE A 558 1.81 -46.95 -12.73
C PHE A 558 3.08 -47.73 -12.43
N SER A 559 3.78 -47.34 -11.36
CA SER A 559 5.08 -47.91 -11.05
C SER A 559 5.20 -48.14 -9.56
N TRP A 560 5.74 -49.31 -9.21
CA TRP A 560 6.09 -49.67 -7.84
C TRP A 560 7.62 -49.71 -7.77
N THR A 561 8.21 -48.72 -7.10
CA THR A 561 9.65 -48.47 -7.16
C THR A 561 10.26 -48.41 -5.76
N PRO A 562 10.59 -49.57 -5.19
CA PRO A 562 11.34 -49.58 -3.93
C PRO A 562 12.85 -49.54 -4.18
N SER A 563 13.56 -48.85 -3.29
CA SER A 563 15.00 -48.66 -3.40
C SER A 563 15.66 -48.90 -2.05
N ILE A 564 15.34 -50.04 -1.42
CA ILE A 564 15.80 -50.33 -0.07
C ILE A 564 17.32 -50.24 0.04
N ASN A 565 17.77 -49.61 1.12
CA ASN A 565 19.18 -49.60 1.45
C ASN A 565 19.64 -51.02 1.75
N GLU A 566 20.82 -51.38 1.23
CA GLU A 566 21.38 -52.71 1.47
C GLU A 566 22.88 -52.62 1.70
N SER A 567 23.30 -51.61 2.46
CA SER A 567 24.72 -51.32 2.67
C SER A 567 25.15 -51.75 4.06
N GLU A 568 26.41 -51.46 4.37
CA GLU A 568 26.91 -51.67 5.71
C GLU A 568 26.16 -50.76 6.66
N PRO A 569 25.51 -51.27 7.69
CA PRO A 569 24.92 -50.38 8.71
C PRO A 569 26.00 -49.47 9.29
N MET A 570 25.80 -48.16 9.15
CA MET A 570 26.87 -47.21 9.38
C MET A 570 27.28 -47.17 10.85
N SER A 571 26.30 -47.09 11.74
CA SER A 571 26.53 -46.93 13.16
C SER A 571 25.68 -47.91 13.94
N PRO A 572 26.04 -48.17 15.21
CA PRO A 572 25.20 -49.05 16.04
C PRO A 572 23.75 -48.62 16.16
N ALA A 573 23.39 -47.42 15.70
CA ALA A 573 22.02 -46.91 15.77
C ALA A 573 21.47 -46.64 14.37
N ASP A 574 21.94 -47.40 13.38
CA ASP A 574 21.50 -47.21 12.00
C ASP A 574 20.13 -47.83 11.84
N GLN A 575 19.10 -46.99 11.82
CA GLN A 575 17.75 -47.44 11.52
C GLN A 575 17.48 -47.52 10.02
N SER A 576 18.39 -47.03 9.20
CA SER A 576 18.21 -47.00 7.74
C SER A 576 18.87 -48.20 7.05
N VAL A 577 19.14 -49.27 7.79
CA VAL A 577 19.84 -50.41 7.21
C VAL A 577 19.03 -51.05 6.11
N GLY A 578 17.74 -51.28 6.35
CA GLY A 578 16.89 -51.94 5.38
C GLY A 578 15.64 -51.16 5.08
N LYS A 579 15.75 -49.84 5.14
CA LYS A 579 14.65 -48.95 4.79
C LYS A 579 14.87 -48.33 3.42
N GLN A 580 13.78 -47.86 2.84
CA GLN A 580 13.85 -47.24 1.52
C GLN A 580 14.63 -45.94 1.61
N LEU A 581 15.32 -45.60 0.52
CA LEU A 581 16.11 -44.37 0.51
C LEU A 581 15.18 -43.15 0.59
N PRO A 582 15.67 -42.04 1.14
CA PRO A 582 14.81 -40.88 1.30
C PRO A 582 14.44 -40.24 -0.03
N TYR A 583 13.29 -39.57 -0.05
CA TYR A 583 12.77 -38.88 -1.23
C TYR A 583 12.65 -39.84 -2.43
N VAL A 584 12.31 -41.10 -2.15
CA VAL A 584 12.01 -42.07 -3.20
C VAL A 584 10.60 -42.59 -2.98
N PRO A 585 9.63 -42.17 -3.80
CA PRO A 585 8.23 -42.57 -3.55
C PRO A 585 8.03 -44.05 -3.79
N GLU A 586 7.38 -44.72 -2.83
CA GLU A 586 7.13 -46.15 -2.96
C GLU A 586 6.27 -46.46 -4.18
N PHE A 587 5.13 -45.80 -4.28
CA PHE A 587 4.17 -46.00 -5.37
C PHE A 587 4.02 -44.71 -6.14
N SER A 588 4.00 -44.81 -7.47
CA SER A 588 3.73 -43.67 -8.34
C SER A 588 2.72 -44.08 -9.40
N ALA A 589 1.91 -43.12 -9.84
CA ALA A 589 0.91 -43.38 -10.86
C ALA A 589 0.58 -42.07 -11.56
N THR A 590 0.12 -42.18 -12.81
CA THR A 590 -0.12 -40.98 -13.63
C THR A 590 -1.03 -41.37 -14.79
N VAL A 591 -2.21 -40.77 -14.87
CA VAL A 591 -3.12 -41.01 -15.97
C VAL A 591 -3.42 -39.68 -16.68
N THR A 592 -3.36 -39.70 -18.02
CA THR A 592 -3.77 -38.57 -18.84
C THR A 592 -4.79 -39.04 -19.88
N GLY A 593 -5.93 -38.37 -19.92
CA GLY A 593 -6.99 -38.73 -20.85
C GLY A 593 -7.62 -37.51 -21.46
N ARG A 594 -8.08 -37.65 -22.71
CA ARG A 594 -8.59 -36.51 -23.45
C ARG A 594 -9.59 -36.95 -24.50
N LEU A 595 -10.39 -35.98 -24.96
CA LEU A 595 -11.34 -36.24 -26.03
C LEU A 595 -11.49 -35.03 -26.93
N SER A 596 -11.97 -35.31 -28.15
CA SER A 596 -12.12 -34.33 -29.22
C SER A 596 -13.53 -34.38 -29.78
N TRP A 597 -14.15 -33.20 -29.94
CA TRP A 597 -15.40 -33.04 -30.68
C TRP A 597 -15.14 -31.98 -31.74
N ARG A 598 -14.88 -32.42 -32.97
CA ARG A 598 -14.55 -31.57 -34.11
C ARG A 598 -13.45 -30.60 -33.68
N THR A 599 -13.60 -29.29 -33.87
CA THR A 599 -12.53 -28.34 -33.58
C THR A 599 -12.32 -28.10 -32.10
N TRP A 600 -13.02 -28.79 -31.19
CA TRP A 600 -12.89 -28.58 -29.76
C TRP A 600 -12.18 -29.76 -29.12
N SER A 601 -11.31 -29.51 -28.15
CA SER A 601 -10.51 -30.58 -27.55
C SER A 601 -10.27 -30.30 -26.07
N LEU A 602 -10.18 -31.37 -25.28
CA LEU A 602 -9.89 -31.21 -23.85
C LEU A 602 -9.13 -32.39 -23.30
N LEU A 603 -8.09 -32.11 -22.48
CA LEU A 603 -7.32 -33.16 -21.80
C LEU A 603 -7.20 -32.88 -20.30
N TYR A 604 -7.19 -33.97 -19.53
CA TYR A 604 -7.06 -33.96 -18.07
C TYR A 604 -5.91 -34.89 -17.68
N LYS A 605 -5.04 -34.39 -16.79
CA LYS A 605 -3.88 -35.13 -16.31
C LYS A 605 -3.89 -35.20 -14.80
N TRP A 606 -3.47 -36.34 -14.25
CA TRP A 606 -3.41 -36.55 -12.81
C TRP A 606 -2.22 -37.45 -12.49
N CYS A 607 -1.59 -37.20 -11.35
CA CYS A 607 -0.53 -38.08 -10.87
C CYS A 607 -0.51 -38.12 -9.36
N TYR A 608 -0.09 -39.28 -8.83
CA TYR A 608 -0.01 -39.56 -7.41
C TYR A 608 1.35 -40.15 -7.11
N TYR A 609 2.05 -39.57 -6.15
CA TYR A 609 3.26 -40.13 -5.59
C TYR A 609 3.01 -40.44 -4.13
N SER A 610 3.39 -41.65 -3.70
CA SER A 610 3.22 -42.06 -2.31
C SER A 610 4.07 -41.20 -1.39
N GLN A 611 3.95 -41.43 -0.09
CA GLN A 611 4.73 -40.66 0.89
C GLN A 611 6.20 -40.65 0.52
N ARG A 612 6.76 -39.45 0.40
CA ARG A 612 8.18 -39.28 0.16
C ARG A 612 8.89 -39.14 1.50
N TYR A 613 9.74 -40.12 1.82
CA TYR A 613 10.40 -40.15 3.11
C TYR A 613 11.52 -39.11 3.14
N THR A 614 11.42 -38.16 4.05
CA THR A 614 12.46 -37.14 4.19
C THR A 614 13.58 -37.59 5.12
N MET A 615 13.52 -38.81 5.62
CA MET A 615 14.52 -39.33 6.55
C MET A 615 14.93 -40.73 6.12
N SER A 616 16.22 -41.02 6.26
CA SER A 616 16.74 -42.33 5.85
C SER A 616 16.10 -43.47 6.64
N SER A 617 15.75 -43.24 7.90
CA SER A 617 15.13 -44.28 8.73
C SER A 617 13.67 -44.53 8.37
N ASN A 618 13.01 -43.59 7.70
CA ASN A 618 11.63 -43.66 7.23
C ASN A 618 10.59 -43.55 8.36
N ASP A 619 11.01 -43.21 9.58
CA ASP A 619 10.06 -43.06 10.68
C ASP A 619 9.22 -41.80 10.50
N TYR A 620 8.04 -41.80 11.13
CA TYR A 620 7.22 -40.60 11.14
C TYR A 620 7.86 -39.49 11.97
N THR A 621 7.73 -38.27 11.47
CA THR A 621 8.29 -37.09 12.13
C THR A 621 7.38 -35.91 11.83
N LEU A 622 6.97 -35.20 12.90
CA LEU A 622 6.10 -34.04 12.71
C LEU A 622 6.77 -32.97 11.87
N THR A 623 8.06 -32.70 12.13
CA THR A 623 8.76 -31.62 11.45
C THR A 623 9.08 -31.95 9.99
N GLY A 624 9.11 -33.22 9.62
CA GLY A 624 9.57 -33.59 8.29
C GLY A 624 8.70 -34.56 7.53
N TYR A 625 7.38 -34.43 7.62
CA TYR A 625 6.47 -35.38 7.01
C TYR A 625 6.00 -34.84 5.66
N LEU A 626 6.10 -35.68 4.63
CA LEU A 626 5.62 -35.33 3.30
C LEU A 626 4.44 -36.22 2.94
N PRO A 627 3.23 -35.68 2.81
CA PRO A 627 2.06 -36.51 2.52
C PRO A 627 2.08 -36.98 1.08
N PRO A 628 1.27 -37.96 0.72
CA PRO A 628 1.13 -38.33 -0.69
C PRO A 628 0.65 -37.16 -1.53
N TYR A 629 1.03 -37.18 -2.81
CA TYR A 629 0.97 -36.02 -3.70
C TYR A 629 0.05 -36.36 -4.86
N PHE A 630 -1.10 -35.68 -4.93
CA PHE A 630 -2.12 -35.90 -5.95
C PHE A 630 -2.30 -34.62 -6.75
N MET A 631 -1.51 -34.45 -7.81
CA MET A 631 -1.65 -33.25 -8.63
C MET A 631 -2.58 -33.51 -9.79
N ASN A 632 -3.57 -32.65 -9.95
CA ASN A 632 -4.58 -32.71 -10.99
C ASN A 632 -4.57 -31.40 -11.76
N ASN A 633 -4.52 -31.49 -13.08
CA ASN A 633 -4.58 -30.30 -13.90
C ASN A 633 -5.27 -30.65 -15.22
N VAL A 634 -5.77 -29.61 -15.90
CA VAL A 634 -6.63 -29.81 -17.06
C VAL A 634 -6.48 -28.62 -17.99
N THR A 635 -6.48 -28.90 -19.29
CA THR A 635 -6.42 -27.85 -20.29
C THR A 635 -7.42 -28.14 -21.39
N LEU A 636 -7.89 -27.07 -22.04
CA LEU A 636 -8.88 -27.18 -23.10
C LEU A 636 -8.58 -26.15 -24.19
N GLU A 637 -8.91 -26.52 -25.43
CA GLU A 637 -8.60 -25.69 -26.60
C GLU A 637 -9.74 -25.70 -27.60
N LYS A 638 -9.95 -24.56 -28.24
CA LYS A 638 -10.78 -24.48 -29.43
C LYS A 638 -9.97 -23.81 -30.53
N GLN A 639 -9.88 -24.47 -31.68
CA GLN A 639 -9.28 -23.89 -32.87
C GLN A 639 -10.31 -23.70 -33.96
N LEU A 640 -9.95 -22.91 -34.96
CA LEU A 640 -10.85 -22.63 -36.07
C LEU A 640 -10.01 -22.13 -37.25
N SER A 641 -10.05 -22.88 -38.35
CA SER A 641 -9.18 -22.65 -39.49
C SER A 641 -9.69 -21.52 -40.37
N PHE A 642 -8.76 -20.75 -40.89
CA PHE A 642 -8.98 -19.64 -41.81
C PHE A 642 -8.29 -19.93 -43.14
N ARG A 643 -8.17 -18.90 -43.97
CA ARG A 643 -7.55 -19.05 -45.28
C ARG A 643 -6.08 -18.75 -45.11
N TRP A 644 -5.26 -19.81 -45.16
CA TRP A 644 -3.79 -19.78 -45.08
C TRP A 644 -3.32 -19.61 -43.64
N ALA A 645 -4.22 -19.65 -42.65
CA ALA A 645 -3.85 -19.48 -41.25
C ALA A 645 -4.70 -20.42 -40.40
N ASP A 646 -4.26 -20.64 -39.16
CA ASP A 646 -4.96 -21.50 -38.22
C ASP A 646 -4.86 -20.91 -36.81
N LEU A 647 -5.97 -20.37 -36.32
CA LEU A 647 -6.04 -19.72 -35.02
C LEU A 647 -6.56 -20.71 -33.97
N SER A 648 -5.97 -20.64 -32.76
CA SER A 648 -6.35 -21.47 -31.63
C SER A 648 -6.34 -20.66 -30.35
N LEU A 649 -7.28 -20.95 -29.45
CA LEU A 649 -7.25 -20.38 -28.10
C LEU A 649 -7.38 -21.51 -27.09
N LYS A 650 -6.52 -21.51 -26.08
CA LYS A 650 -6.52 -22.58 -25.09
C LYS A 650 -6.34 -22.00 -23.69
N GLY A 651 -6.76 -22.78 -22.70
CA GLY A 651 -6.61 -22.44 -21.31
C GLY A 651 -6.24 -23.64 -20.47
N SER A 652 -5.24 -23.49 -19.60
CA SER A 652 -4.76 -24.57 -18.76
C SER A 652 -4.79 -24.13 -17.29
N ILE A 653 -5.07 -25.09 -16.42
CA ILE A 653 -5.06 -24.90 -14.98
C ILE A 653 -4.04 -25.85 -14.38
N ASN A 654 -3.40 -25.41 -13.30
CA ASN A 654 -2.57 -26.27 -12.47
C ASN A 654 -3.03 -26.15 -11.02
N ASN A 655 -2.83 -27.24 -10.27
CA ASN A 655 -3.31 -27.41 -8.91
C ASN A 655 -4.80 -27.09 -8.81
N LEU A 656 -5.60 -27.89 -9.50
CA LEU A 656 -7.04 -27.82 -9.32
C LEU A 656 -7.39 -28.12 -7.87
N PHE A 657 -8.64 -27.84 -7.50
CA PHE A 657 -9.22 -28.00 -6.17
C PHE A 657 -8.64 -27.04 -5.14
N ASP A 658 -7.64 -26.23 -5.50
CA ASP A 658 -6.96 -25.34 -4.56
C ASP A 658 -6.50 -26.12 -3.32
N GLU A 659 -5.68 -27.13 -3.56
CA GLU A 659 -5.09 -27.90 -2.47
C GLU A 659 -3.83 -27.20 -1.99
N GLU A 660 -3.76 -26.95 -0.69
CA GLU A 660 -2.59 -26.35 -0.08
C GLU A 660 -1.73 -27.49 0.44
N TYR A 661 -0.58 -27.70 -0.18
CA TYR A 661 0.15 -28.94 -0.01
C TYR A 661 1.64 -28.64 0.04
N LEU A 662 2.43 -29.72 0.01
CA LEU A 662 3.88 -29.68 0.00
C LEU A 662 4.37 -30.83 -0.86
N SER A 663 5.35 -30.56 -1.72
CA SER A 663 5.99 -31.62 -2.50
C SER A 663 7.45 -31.82 -2.14
N VAL A 664 8.15 -30.74 -1.82
CA VAL A 664 9.48 -30.79 -1.25
C VAL A 664 9.42 -30.10 0.11
N LEU A 665 10.10 -30.69 1.09
CA LEU A 665 10.04 -30.16 2.46
C LEU A 665 10.49 -28.70 2.49
N SER A 666 9.73 -27.89 3.23
CA SER A 666 9.98 -26.48 3.49
C SER A 666 9.79 -25.57 2.28
N ARG A 667 9.46 -26.10 1.12
CA ARG A 667 9.29 -25.25 -0.05
C ARG A 667 7.83 -25.10 -0.39
N PRO A 668 7.23 -23.92 -0.22
CA PRO A 668 5.81 -23.75 -0.47
C PRO A 668 5.44 -23.93 -1.93
N MET A 669 4.16 -24.23 -2.15
CA MET A 669 3.58 -24.41 -3.48
C MET A 669 2.41 -23.46 -3.67
N PRO A 670 2.17 -23.00 -4.89
CA PRO A 670 1.09 -22.05 -5.12
C PRO A 670 -0.28 -22.70 -5.00
N GLY A 671 -1.29 -21.85 -4.85
CA GLY A 671 -2.66 -22.30 -4.92
C GLY A 671 -3.05 -22.68 -6.33
N ILE A 672 -4.35 -22.61 -6.64
CA ILE A 672 -4.81 -22.93 -7.99
C ILE A 672 -4.40 -21.82 -8.93
N ASN A 673 -3.82 -22.19 -10.08
CA ASN A 673 -3.27 -21.21 -11.01
C ASN A 673 -3.71 -21.53 -12.43
N PHE A 674 -3.73 -20.50 -13.27
CA PHE A 674 -4.22 -20.64 -14.65
C PHE A 674 -3.34 -19.85 -15.60
N GLU A 675 -3.26 -20.34 -16.83
CA GLU A 675 -2.67 -19.57 -17.93
C GLU A 675 -3.52 -19.76 -19.19
N ILE A 676 -3.71 -18.66 -19.92
CA ILE A 676 -4.51 -18.65 -21.15
C ILE A 676 -3.63 -18.21 -22.30
N PHE A 677 -3.70 -18.95 -23.41
CA PHE A 677 -2.80 -18.83 -24.56
C PHE A 677 -3.60 -18.61 -25.85
N ILE A 678 -3.06 -17.76 -26.72
CA ILE A 678 -3.60 -17.49 -28.05
C ILE A 678 -2.51 -17.81 -29.07
N GLY A 679 -2.84 -18.63 -30.05
CA GLY A 679 -1.86 -19.11 -31.02
C GLY A 679 -2.27 -18.96 -32.47
N ILE A 680 -1.32 -18.51 -33.29
CA ILE A 680 -1.46 -18.47 -34.74
C ILE A 680 -0.43 -19.46 -35.28
N THR A 681 -0.87 -20.35 -36.16
CA THR A 681 -0.05 -21.40 -36.75
C THR A 681 -0.37 -21.50 -38.23
N PRO A 682 0.59 -21.99 -39.04
CA PRO A 682 0.30 -22.18 -40.47
C PRO A 682 -0.40 -23.51 -40.74
N PRO B 45 8.18 14.48 -57.69
CA PRO B 45 8.81 15.70 -57.18
C PRO B 45 7.88 16.57 -56.34
N MET B 46 7.09 15.96 -55.47
CA MET B 46 6.24 16.68 -54.54
C MET B 46 6.47 16.16 -53.11
N LYS B 47 5.97 16.96 -52.15
CA LYS B 47 6.10 16.75 -50.71
C LYS B 47 7.53 17.05 -50.28
N ASP B 48 8.43 17.23 -51.24
CA ASP B 48 9.75 17.80 -51.01
C ASP B 48 9.83 19.22 -51.55
N ILE B 49 8.69 19.91 -51.52
CA ILE B 49 8.57 21.28 -52.02
C ILE B 49 9.40 22.19 -51.13
N GLY B 50 10.50 22.73 -51.67
CA GLY B 50 11.36 23.61 -50.90
C GLY B 50 11.97 22.96 -49.68
N VAL B 51 12.28 21.67 -49.76
CA VAL B 51 12.76 20.90 -48.62
C VAL B 51 14.24 20.59 -48.84
N GLN B 52 15.04 20.81 -47.81
CA GLN B 52 16.48 20.55 -47.83
C GLN B 52 16.73 19.33 -46.96
N ARG B 53 17.00 18.18 -47.58
CA ARG B 53 17.26 16.97 -46.82
C ARG B 53 18.43 16.21 -47.42
N THR B 54 19.25 15.63 -46.55
CA THR B 54 20.44 14.89 -46.94
C THR B 54 20.10 13.40 -46.88
N ARG B 55 20.11 12.74 -48.03
CA ARG B 55 19.86 11.31 -48.12
C ARG B 55 21.20 10.57 -48.14
N PHE B 56 21.25 9.44 -47.46
CA PHE B 56 22.50 8.71 -47.26
C PHE B 56 22.49 7.40 -48.06
N ASP B 57 23.62 7.10 -48.68
CA ASP B 57 23.75 5.99 -49.60
C ASP B 57 23.63 4.65 -48.89
N SER B 58 23.25 3.62 -49.66
CA SER B 58 23.01 2.30 -49.09
C SER B 58 24.24 1.75 -48.38
N ILE B 59 25.42 1.88 -49.00
CA ILE B 59 26.63 1.36 -48.37
C ILE B 59 27.33 2.41 -47.51
N ALA B 60 26.88 3.66 -47.53
CA ALA B 60 27.44 4.66 -46.63
C ALA B 60 27.13 4.31 -45.17
N MET B 61 26.00 3.66 -44.92
CA MET B 61 25.63 3.21 -43.58
C MET B 61 25.81 1.71 -43.41
N LYS B 62 26.34 1.02 -44.40
CA LYS B 62 26.63 -0.40 -44.28
C LYS B 62 28.07 -0.65 -44.67
N GLU B 63 28.94 0.28 -44.29
CA GLU B 63 30.36 0.23 -44.58
C GLU B 63 31.09 -0.68 -43.59
N ASN B 64 30.98 -0.35 -42.30
CA ASN B 64 31.61 -1.09 -41.23
C ASN B 64 30.55 -1.44 -40.20
N ILE B 65 30.76 -2.56 -39.50
CA ILE B 65 29.71 -3.13 -38.66
C ILE B 65 29.35 -2.20 -37.51
N ALA B 66 30.33 -1.86 -36.67
CA ALA B 66 29.99 -0.99 -35.54
C ALA B 66 29.62 0.40 -36.02
N LEU B 67 30.62 1.18 -36.43
CA LEU B 67 30.45 2.46 -37.13
C LEU B 67 29.54 3.44 -36.41
N SER B 68 29.11 3.10 -35.18
CA SER B 68 28.04 3.81 -34.48
C SER B 68 26.94 4.29 -35.43
N MET B 69 26.32 5.42 -35.09
CA MET B 69 25.51 6.18 -36.03
C MET B 69 25.97 7.62 -36.17
N ALA B 70 26.66 8.16 -35.16
CA ALA B 70 27.27 9.48 -35.28
C ALA B 70 28.40 9.48 -36.30
N ASP B 71 29.08 8.34 -36.47
CA ASP B 71 30.21 8.28 -37.40
C ASP B 71 29.78 8.21 -38.85
N VAL B 72 28.50 7.97 -39.13
CA VAL B 72 27.95 8.15 -40.47
C VAL B 72 27.56 9.59 -40.71
N LEU B 73 26.93 10.21 -39.71
CA LEU B 73 26.53 11.60 -39.81
C LEU B 73 27.74 12.51 -39.96
N THR B 74 28.81 12.22 -39.21
CA THR B 74 30.01 13.03 -39.20
C THR B 74 30.87 12.85 -40.44
N PHE B 75 30.55 11.89 -41.31
CA PHE B 75 31.36 11.65 -42.49
C PHE B 75 30.60 11.68 -43.81
N ASN B 76 29.28 11.67 -43.81
CA ASN B 76 28.51 11.91 -45.03
C ASN B 76 27.70 13.20 -44.97
N SER B 77 27.70 13.91 -43.85
CA SER B 77 27.07 15.21 -43.72
C SER B 77 28.10 16.18 -43.13
N SER B 78 27.65 17.40 -42.84
CA SER B 78 28.51 18.46 -42.32
C SER B 78 27.84 19.12 -41.12
N VAL B 79 27.35 18.29 -40.21
CA VAL B 79 26.79 18.75 -38.96
C VAL B 79 27.81 18.49 -37.86
N PHE B 80 27.61 19.12 -36.71
CA PHE B 80 28.54 18.97 -35.60
C PHE B 80 28.16 17.74 -34.78
N VAL B 81 29.16 16.99 -34.32
CA VAL B 81 28.92 15.81 -33.50
C VAL B 81 29.89 15.88 -32.33
N LYS B 82 29.42 16.34 -31.18
CA LYS B 82 30.24 16.28 -29.98
C LYS B 82 30.52 14.83 -29.63
N ASN B 83 31.80 14.47 -29.64
CA ASN B 83 32.25 13.09 -29.69
C ASN B 83 33.69 13.03 -29.19
N TYR B 84 33.97 12.11 -28.26
CA TYR B 84 35.37 11.87 -27.92
C TYR B 84 35.80 10.43 -28.15
N GLY B 85 35.06 9.45 -27.64
CA GLY B 85 35.41 8.06 -27.77
C GLY B 85 34.61 7.36 -28.85
N ARG B 86 34.78 6.04 -28.91
CA ARG B 86 33.87 5.24 -29.72
C ARG B 86 32.54 5.07 -28.99
N ALA B 87 32.57 4.46 -27.81
CA ALA B 87 31.41 4.39 -26.94
C ALA B 87 31.38 5.68 -26.12
N THR B 88 30.94 6.75 -26.77
CA THR B 88 30.99 8.11 -26.24
C THR B 88 29.59 8.70 -26.20
N LEU B 89 29.51 9.94 -25.74
CA LEU B 89 28.25 10.68 -25.72
C LEU B 89 28.14 11.57 -26.96
N SER B 90 28.12 10.91 -28.13
CA SER B 90 28.13 11.63 -29.39
C SER B 90 26.75 12.21 -29.65
N THR B 91 26.66 13.54 -29.69
CA THR B 91 25.41 14.24 -29.95
C THR B 91 25.56 15.13 -31.17
N VAL B 92 24.53 15.18 -32.01
CA VAL B 92 24.57 15.97 -33.22
C VAL B 92 23.94 17.33 -32.96
N ALA B 93 24.58 18.36 -33.47
CA ALA B 93 24.15 19.75 -33.35
C ALA B 93 24.15 20.34 -34.75
N PHE B 94 23.03 20.95 -35.11
CA PHE B 94 22.84 21.50 -36.45
C PHE B 94 23.45 22.90 -36.53
N ARG B 95 23.08 23.65 -37.57
CA ARG B 95 23.78 24.88 -37.92
C ARG B 95 23.66 25.93 -36.82
N GLY B 96 24.76 26.16 -36.10
CA GLY B 96 24.77 27.10 -34.99
C GLY B 96 23.79 26.73 -33.89
N THR B 97 23.48 25.46 -33.75
CA THR B 97 22.36 25.00 -32.94
C THR B 97 22.87 24.10 -31.83
N SER B 98 22.26 24.23 -30.65
CA SER B 98 22.54 23.29 -29.58
C SER B 98 22.00 21.91 -29.96
N PRO B 99 22.63 20.84 -29.47
CA PRO B 99 22.07 19.50 -29.72
C PRO B 99 20.65 19.36 -29.19
N SER B 100 20.24 20.24 -28.27
CA SER B 100 18.90 20.19 -27.70
C SER B 100 17.80 20.49 -28.72
N HIS B 101 18.13 21.07 -29.88
CA HIS B 101 17.14 21.33 -30.91
C HIS B 101 17.23 20.35 -32.08
N THR B 102 18.06 19.33 -31.99
CA THR B 102 18.16 18.31 -33.02
C THR B 102 17.52 17.05 -32.47
N GLN B 103 16.21 16.92 -32.67
CA GLN B 103 15.48 15.76 -32.19
C GLN B 103 15.24 14.82 -33.36
N VAL B 104 15.15 13.53 -33.05
CA VAL B 104 15.27 12.49 -34.06
C VAL B 104 13.99 11.66 -34.12
N THR B 105 13.83 10.95 -35.24
CA THR B 105 12.64 10.15 -35.53
C THR B 105 13.08 8.79 -36.02
N TRP B 106 12.61 7.74 -35.35
CA TRP B 106 12.83 6.35 -35.74
C TRP B 106 11.48 5.75 -36.07
N ASN B 107 11.23 5.52 -37.36
CA ASN B 107 9.97 4.95 -37.84
C ASN B 107 8.77 5.76 -37.37
N GLY B 108 8.93 7.09 -37.27
CA GLY B 108 7.86 7.96 -36.83
C GLY B 108 7.81 8.26 -35.34
N MET B 109 8.70 7.67 -34.55
CA MET B 109 8.70 7.87 -33.10
C MET B 109 9.69 8.94 -32.69
N ARG B 110 9.42 9.57 -31.55
CA ARG B 110 10.37 10.50 -30.94
C ARG B 110 11.28 9.72 -29.99
N ILE B 111 12.58 9.76 -30.25
CA ILE B 111 13.53 8.91 -29.53
C ILE B 111 14.26 9.69 -28.45
N ASN B 112 14.46 11.00 -28.66
CA ASN B 112 15.07 11.81 -27.62
C ASN B 112 14.23 11.72 -26.36
N ASN B 113 14.77 11.05 -25.35
CA ASN B 113 14.00 10.76 -24.14
C ASN B 113 13.72 12.04 -23.36
N PRO B 114 12.46 12.38 -23.10
CA PRO B 114 12.13 13.73 -22.60
C PRO B 114 12.66 14.03 -21.20
N MET B 115 13.24 13.06 -20.50
CA MET B 115 13.91 13.39 -19.25
C MET B 115 15.11 14.30 -19.50
N LEU B 116 15.72 14.20 -20.68
CA LEU B 116 16.71 15.17 -21.14
C LEU B 116 16.67 15.18 -22.66
N GLY B 117 16.33 16.33 -23.23
CA GLY B 117 15.88 16.39 -24.62
C GLY B 117 16.94 16.29 -25.70
N MET B 118 17.50 15.08 -25.88
CA MET B 118 18.45 14.82 -26.95
C MET B 118 18.56 13.30 -27.13
N THR B 119 19.41 12.89 -28.07
CA THR B 119 19.58 11.49 -28.40
C THR B 119 21.07 11.17 -28.46
N ASP B 120 21.47 10.08 -27.83
CA ASP B 120 22.84 9.60 -27.91
C ASP B 120 22.99 8.76 -29.17
N PHE B 121 23.98 9.11 -29.99
CA PHE B 121 24.13 8.49 -31.30
C PHE B 121 25.11 7.33 -31.32
N SER B 122 25.93 7.18 -30.28
CA SER B 122 26.76 5.99 -30.14
C SER B 122 25.96 4.76 -29.76
N THR B 123 24.69 4.92 -29.38
CA THR B 123 23.85 3.79 -29.01
C THR B 123 22.98 3.28 -30.17
N ILE B 124 23.40 3.55 -31.41
CA ILE B 124 22.65 3.11 -32.59
C ILE B 124 23.66 2.57 -33.59
N PRO B 125 23.60 1.30 -33.97
CA PRO B 125 24.57 0.77 -34.91
C PRO B 125 24.21 1.11 -36.33
N SER B 126 25.24 1.24 -37.16
CA SER B 126 25.05 1.62 -38.55
C SER B 126 24.25 0.56 -39.31
N TYR B 127 24.42 -0.72 -38.95
CA TYR B 127 23.77 -1.81 -39.66
C TYR B 127 22.32 -2.02 -39.24
N PHE B 128 21.85 -1.33 -38.20
CA PHE B 128 20.47 -1.45 -37.74
C PHE B 128 19.57 -0.37 -38.34
N ILE B 129 20.02 0.29 -39.39
CA ILE B 129 19.25 1.32 -40.08
C ILE B 129 19.30 1.03 -41.57
N ASP B 130 18.15 1.11 -42.23
CA ASP B 130 18.07 0.92 -43.68
C ASP B 130 17.80 2.20 -44.43
N ASP B 131 16.96 3.09 -43.89
CA ASP B 131 16.68 4.38 -44.52
C ASP B 131 16.91 5.48 -43.50
N ALA B 132 17.60 6.55 -43.92
CA ALA B 132 17.97 7.63 -43.02
C ALA B 132 18.13 8.91 -43.82
N SER B 133 17.11 9.76 -43.78
CA SER B 133 17.19 11.12 -44.30
C SER B 133 17.50 12.10 -43.17
N LEU B 134 17.73 13.34 -43.55
CA LEU B 134 18.18 14.35 -42.60
C LEU B 134 17.59 15.69 -43.01
N LEU B 135 16.48 16.05 -42.38
CA LEU B 135 15.73 17.25 -42.75
C LEU B 135 16.31 18.46 -42.03
N HIS B 136 16.63 19.49 -42.80
CA HIS B 136 17.44 20.62 -42.33
C HIS B 136 16.57 21.81 -41.96
N GLY B 137 16.82 22.36 -40.77
CA GLY B 137 16.32 23.68 -40.40
C GLY B 137 14.81 23.82 -40.49
N THR B 138 14.38 24.90 -41.14
CA THR B 138 12.97 25.26 -41.18
C THR B 138 12.12 24.22 -41.89
N SER B 139 12.75 23.32 -42.66
CA SER B 139 12.01 22.28 -43.36
C SER B 139 11.74 21.05 -42.49
N SER B 140 12.19 21.06 -41.23
CA SER B 140 11.92 19.93 -40.34
C SER B 140 10.45 19.86 -39.93
N VAL B 141 9.71 20.95 -40.09
CA VAL B 141 8.38 21.07 -39.50
C VAL B 141 7.37 20.16 -40.19
N ASN B 142 7.44 20.05 -41.53
CA ASN B 142 6.37 19.27 -42.20
C ASN B 142 6.43 17.76 -41.89
N GLU B 143 7.32 17.30 -41.02
CA GLU B 143 7.25 15.95 -40.48
C GLU B 143 6.91 15.92 -38.99
N THR B 144 7.52 16.80 -38.20
CA THR B 144 7.12 17.02 -36.82
C THR B 144 7.69 18.36 -36.36
N GLY B 145 7.01 18.97 -35.39
CA GLY B 145 7.43 20.26 -34.86
C GLY B 145 8.31 20.15 -33.63
N GLY B 146 8.76 21.32 -33.17
CA GLY B 146 9.68 21.41 -32.06
C GLY B 146 11.14 21.38 -32.44
N GLY B 147 11.47 21.08 -33.70
CA GLY B 147 12.86 21.01 -34.11
C GLY B 147 13.37 22.31 -34.67
N LEU B 148 14.08 23.08 -33.83
CA LEU B 148 14.63 24.35 -34.27
C LEU B 148 15.85 24.14 -35.17
N GLY B 149 16.77 23.28 -34.75
CA GLY B 149 17.86 22.89 -35.61
C GLY B 149 17.37 22.10 -36.81
N GLY B 150 16.65 21.01 -36.54
CA GLY B 150 16.12 20.19 -37.60
C GLY B 150 15.87 18.78 -37.10
N LEU B 151 15.67 17.87 -38.04
CA LEU B 151 15.22 16.52 -37.73
C LEU B 151 16.10 15.49 -38.43
N VAL B 152 16.30 14.35 -37.77
CA VAL B 152 16.94 13.18 -38.36
C VAL B 152 15.88 12.10 -38.50
N ARG B 153 15.57 11.72 -39.74
CA ARG B 153 14.46 10.83 -40.04
C ARG B 153 15.00 9.44 -40.33
N LEU B 154 14.70 8.50 -39.43
CA LEU B 154 15.20 7.12 -39.51
C LEU B 154 14.03 6.17 -39.73
N SER B 155 14.30 5.08 -40.44
CA SER B 155 13.27 4.07 -40.62
C SER B 155 13.92 2.76 -41.05
N THR B 156 13.38 1.65 -40.54
CA THR B 156 13.70 0.32 -41.01
C THR B 156 12.68 -0.10 -42.05
N SER B 157 13.14 -0.83 -43.06
CA SER B 157 12.25 -1.34 -44.09
C SER B 157 12.50 -2.83 -44.27
N PRO B 158 11.49 -3.58 -44.69
CA PRO B 158 11.72 -5.00 -44.99
C PRO B 158 12.76 -5.12 -46.09
N ALA B 159 13.75 -5.98 -45.87
CA ALA B 159 14.84 -6.11 -46.82
C ALA B 159 14.39 -6.61 -48.17
N ASN B 160 13.16 -7.14 -48.27
CA ASN B 160 12.61 -7.66 -49.51
C ASN B 160 13.55 -8.70 -50.12
N HIS B 161 14.08 -9.56 -49.26
CA HIS B 161 14.85 -10.72 -49.66
C HIS B 161 13.99 -11.95 -49.44
N GLU B 162 13.92 -12.81 -50.44
CA GLU B 162 13.02 -13.96 -50.43
C GLU B 162 13.79 -15.20 -50.01
N GLY B 163 13.26 -15.93 -49.04
CA GLY B 163 13.90 -17.16 -48.57
C GLY B 163 14.56 -16.99 -47.22
N PHE B 164 15.70 -17.64 -47.03
CA PHE B 164 16.47 -17.52 -45.79
C PHE B 164 17.86 -17.00 -46.15
N GLY B 165 18.19 -15.80 -45.68
CA GLY B 165 19.42 -15.15 -46.07
C GLY B 165 20.32 -14.79 -44.90
N LEU B 166 20.52 -15.71 -43.97
CA LEU B 166 21.35 -15.44 -42.80
C LEU B 166 22.71 -14.92 -43.25
N GLN B 167 23.14 -13.83 -42.62
CA GLN B 167 24.40 -13.19 -42.93
C GLN B 167 25.09 -12.87 -41.62
N TYR B 168 26.33 -13.34 -41.49
CA TYR B 168 27.12 -13.19 -40.28
C TYR B 168 28.39 -12.42 -40.59
N VAL B 169 28.70 -11.43 -39.78
CA VAL B 169 29.96 -10.71 -39.90
C VAL B 169 30.62 -10.67 -38.54
N GLN B 170 31.94 -10.88 -38.55
CA GLN B 170 32.75 -10.90 -37.35
C GLN B 170 33.96 -10.00 -37.58
N GLY B 171 34.23 -9.12 -36.63
CA GLY B 171 35.30 -8.17 -36.79
C GLY B 171 36.08 -7.97 -35.51
N VAL B 172 37.40 -7.86 -35.64
CA VAL B 172 38.27 -7.76 -34.48
C VAL B 172 39.29 -6.64 -34.71
N GLY B 173 40.03 -6.33 -33.65
CA GLY B 173 41.24 -5.55 -33.80
C GLY B 173 41.31 -4.38 -32.85
N SER B 174 42.32 -3.54 -33.07
CA SER B 174 42.61 -2.33 -32.29
C SER B 174 42.91 -2.75 -30.87
N PHE B 175 42.25 -2.18 -29.86
CA PHE B 175 42.60 -2.44 -28.46
C PHE B 175 41.65 -3.49 -27.89
N SER B 176 41.86 -4.73 -28.35
CA SER B 176 41.06 -5.88 -27.96
C SER B 176 39.57 -5.64 -28.24
N THR B 177 39.28 -5.00 -29.37
CA THR B 177 37.92 -4.68 -29.76
C THR B 177 37.32 -5.83 -30.53
N PHE B 178 36.14 -6.30 -30.09
CA PHE B 178 35.45 -7.41 -30.73
C PHE B 178 34.02 -7.00 -31.07
N ASP B 179 33.62 -7.19 -32.33
CA ASP B 179 32.27 -6.88 -32.79
C ASP B 179 31.71 -8.05 -33.59
N GLU B 180 30.45 -8.38 -33.33
CA GLU B 180 29.77 -9.45 -34.04
C GLU B 180 28.38 -8.98 -34.45
N PHE B 181 27.96 -9.35 -35.66
CA PHE B 181 26.63 -9.00 -36.13
C PHE B 181 26.06 -10.19 -36.91
N LEU B 182 24.77 -10.42 -36.73
CA LEU B 182 24.10 -11.51 -37.42
C LEU B 182 22.69 -11.09 -37.81
N ARG B 183 22.27 -11.50 -39.00
CA ARG B 183 20.94 -11.18 -39.50
C ARG B 183 20.33 -12.41 -40.15
N LEU B 184 19.17 -12.83 -39.66
CA LEU B 184 18.41 -13.94 -40.22
C LEU B 184 17.19 -13.33 -40.90
N THR B 185 17.12 -13.44 -42.22
CA THR B 185 16.02 -12.85 -42.98
C THR B 185 15.19 -13.95 -43.63
N TYR B 186 13.87 -13.72 -43.64
CA TYR B 186 12.88 -14.69 -44.06
C TYR B 186 11.96 -14.06 -45.10
N ASP B 188 9.49 -13.47 -48.47
CA ASP B 188 8.24 -13.99 -49.00
C ASP B 188 7.45 -12.89 -49.70
N LYS B 189 6.53 -13.31 -50.58
CA LYS B 189 5.77 -12.36 -51.40
C LYS B 189 4.88 -11.46 -50.57
N HIS B 190 4.29 -11.98 -49.50
CA HIS B 190 3.34 -11.23 -48.69
C HIS B 190 3.80 -11.03 -47.26
N TRP B 191 4.48 -12.01 -46.66
CA TRP B 191 5.03 -11.90 -45.33
C TRP B 191 6.54 -11.72 -45.45
N GLN B 192 7.15 -11.16 -44.41
CA GLN B 192 8.59 -11.00 -44.39
C GLN B 192 9.07 -10.82 -42.95
N SER B 193 10.29 -11.29 -42.68
CA SER B 193 10.83 -11.17 -41.33
C SER B 193 12.33 -10.96 -41.42
N SER B 194 12.89 -10.31 -40.41
CA SER B 194 14.33 -10.20 -40.30
C SER B 194 14.70 -9.97 -38.84
N THR B 195 15.70 -10.70 -38.36
CA THR B 195 16.20 -10.59 -37.01
C THR B 195 17.67 -10.21 -37.09
N ARG B 196 18.02 -9.06 -36.54
CA ARG B 196 19.41 -8.62 -36.52
C ARG B 196 19.86 -8.46 -35.07
N VAL B 197 21.13 -8.73 -34.84
CA VAL B 197 21.71 -8.65 -33.50
C VAL B 197 23.16 -8.19 -33.63
N VAL B 198 23.54 -7.25 -32.77
CA VAL B 198 24.88 -6.71 -32.72
C VAL B 198 25.39 -6.83 -31.29
N TYR B 199 26.61 -7.34 -31.13
CA TYR B 199 27.27 -7.36 -29.83
C TYR B 199 28.68 -6.84 -29.98
N SER B 200 29.03 -5.82 -29.19
CA SER B 200 30.36 -5.25 -29.23
C SER B 200 30.91 -5.15 -27.82
N SER B 201 32.19 -5.47 -27.67
CA SER B 201 32.84 -5.42 -26.37
C SER B 201 34.27 -4.93 -26.53
N SER B 202 34.71 -4.08 -25.58
CA SER B 202 36.10 -3.62 -25.58
C SER B 202 36.47 -2.98 -24.24
N PRO B 203 37.74 -3.11 -23.81
CA PRO B 203 38.15 -2.42 -22.58
C PRO B 203 38.55 -0.97 -22.76
N ASN B 204 38.91 -0.55 -23.97
CA ASN B 204 39.35 0.83 -24.25
C ASN B 204 40.49 1.26 -23.35
N ASP B 205 41.53 0.47 -23.32
CA ASP B 205 42.76 0.89 -22.66
C ASP B 205 43.73 1.51 -23.66
N TYR B 206 43.26 2.46 -24.46
CA TYR B 206 44.11 2.94 -25.54
C TYR B 206 45.25 3.76 -24.97
N LYS B 207 46.43 3.56 -25.52
CA LYS B 207 47.63 4.21 -25.01
C LYS B 207 47.66 5.65 -25.47
N TYR B 208 47.73 6.58 -24.52
CA TYR B 208 47.84 8.00 -24.84
C TYR B 208 48.99 8.58 -24.04
N ARG B 209 49.83 9.35 -24.72
CA ARG B 209 50.93 10.06 -24.07
C ARG B 209 50.30 11.28 -23.41
N ASN B 210 50.04 11.18 -22.11
CA ASN B 210 49.16 12.13 -21.43
C ASN B 210 49.92 13.43 -21.21
N ARG B 211 49.59 14.45 -22.01
CA ARG B 211 50.22 15.76 -21.97
C ARG B 211 49.46 16.73 -21.10
N ASP B 212 48.83 16.21 -20.05
CA ASP B 212 47.79 16.90 -19.32
C ASP B 212 47.99 16.76 -17.82
N LYS B 213 48.99 15.97 -17.40
CA LYS B 213 49.19 15.52 -16.03
C LYS B 213 50.55 14.84 -15.95
N LYS B 214 51.35 15.16 -14.94
CA LYS B 214 52.68 14.60 -14.81
C LYS B 214 52.77 13.68 -13.59
N GLU B 215 53.82 12.87 -13.59
CA GLU B 215 54.14 12.01 -12.47
C GLU B 215 55.60 12.27 -12.10
N ASN B 216 55.88 12.20 -10.81
CA ASN B 216 57.18 12.63 -10.31
C ASN B 216 58.04 11.44 -9.91
N ILE B 217 59.34 11.66 -9.98
CA ILE B 217 60.35 10.74 -9.46
C ILE B 217 60.92 11.39 -8.21
N TYR B 218 60.68 10.73 -7.07
CA TYR B 218 61.01 11.22 -5.75
C TYR B 218 62.33 10.61 -5.28
N ASP B 219 62.65 10.83 -4.01
CA ASP B 219 63.82 10.25 -3.38
C ASP B 219 63.49 10.00 -1.91
N GLU B 220 64.52 9.86 -1.09
CA GLU B 220 64.33 9.76 0.35
C GLU B 220 63.55 10.96 0.87
N ASP B 221 62.58 10.68 1.74
CA ASP B 221 61.73 11.69 2.36
C ASP B 221 60.87 12.43 1.35
N LYS B 222 60.52 11.73 0.26
CA LYS B 222 59.53 12.22 -0.72
C LYS B 222 59.86 13.62 -1.26
N ASN B 223 61.13 13.86 -1.55
CA ASN B 223 61.53 15.10 -2.20
C ASN B 223 61.59 14.89 -3.71
N ILE B 224 60.77 15.64 -4.45
CA ILE B 224 60.62 15.44 -5.88
C ILE B 224 61.91 15.82 -6.62
N ILE B 225 62.44 14.90 -7.41
CA ILE B 225 63.60 15.16 -8.25
C ILE B 225 63.15 15.43 -9.68
N GLY B 226 62.46 14.46 -10.28
CA GLY B 226 62.09 14.52 -11.67
C GLY B 226 60.59 14.58 -11.87
N SER B 227 60.18 14.94 -13.08
CA SER B 227 58.77 15.00 -13.46
C SER B 227 58.63 14.68 -14.94
N TYR B 228 57.74 13.73 -15.27
CA TYR B 228 57.58 13.30 -16.65
C TYR B 228 56.10 13.10 -16.98
N TYR B 229 55.77 13.29 -18.26
CA TYR B 229 54.43 13.00 -18.75
C TYR B 229 54.26 11.49 -18.95
N PRO B 230 53.35 10.84 -18.24
CA PRO B 230 53.19 9.39 -18.38
C PRO B 230 52.47 9.02 -19.66
N THR B 231 52.76 7.81 -20.15
CA THR B 231 52.07 7.23 -21.29
C THR B 231 51.05 6.24 -20.73
N GLU B 232 49.84 6.73 -20.49
CA GLU B 232 48.86 5.96 -19.74
C GLU B 232 47.87 5.28 -20.68
N ARG B 233 46.96 4.51 -20.08
CA ARG B 233 45.86 3.88 -20.79
C ARG B 233 44.57 4.49 -20.29
N ASN B 234 43.54 4.49 -21.15
CA ASN B 234 42.27 5.11 -20.78
C ASN B 234 41.67 4.32 -19.64
N ARG B 235 41.59 4.95 -18.47
CA ARG B 235 41.20 4.27 -17.25
C ARG B 235 39.68 4.20 -17.14
N SER B 236 39.16 3.01 -16.84
CA SER B 236 37.72 2.81 -16.64
C SER B 236 36.92 3.27 -17.85
N GLY B 237 37.37 2.85 -19.04
CA GLY B 237 36.69 3.18 -20.28
C GLY B 237 35.97 2.03 -20.94
N ALA B 238 35.92 0.86 -20.31
CA ALA B 238 35.40 -0.34 -20.96
C ALA B 238 33.92 -0.17 -21.33
N TYR B 239 33.47 -1.04 -22.24
CA TYR B 239 32.07 -1.02 -22.67
C TYR B 239 31.66 -2.39 -23.19
N LYS B 240 30.36 -2.67 -22.98
CA LYS B 240 29.68 -3.89 -23.42
C LYS B 240 28.31 -3.46 -23.93
N ASP B 241 28.07 -3.61 -25.24
CA ASP B 241 26.84 -3.16 -25.84
C ASP B 241 26.17 -4.30 -26.59
N LEU B 242 24.84 -4.40 -26.44
CA LEU B 242 24.06 -5.43 -27.10
C LEU B 242 22.79 -4.82 -27.69
N HIS B 243 22.57 -5.09 -28.97
CA HIS B 243 21.40 -4.64 -29.72
C HIS B 243 20.70 -5.85 -30.32
N VAL B 244 19.37 -5.80 -30.35
CA VAL B 244 18.60 -6.82 -31.07
C VAL B 244 17.35 -6.18 -31.64
N LEU B 245 17.13 -6.40 -32.93
CA LEU B 245 15.97 -5.86 -33.65
C LEU B 245 15.27 -7.01 -34.36
N GLN B 246 14.00 -7.21 -34.02
CA GLN B 246 13.16 -8.25 -34.60
C GLN B 246 12.04 -7.56 -35.37
N GLU B 247 11.92 -7.85 -36.66
CA GLU B 247 10.85 -7.22 -37.43
C GLU B 247 10.13 -8.23 -38.31
N ILE B 248 8.82 -8.04 -38.44
CA ILE B 248 7.96 -8.75 -39.37
C ILE B 248 7.15 -7.73 -40.16
N TYR B 249 6.75 -8.11 -41.36
CA TYR B 249 6.06 -7.22 -42.29
C TYR B 249 5.04 -8.03 -43.09
N TYR B 250 3.92 -7.40 -43.40
CA TYR B 250 2.83 -8.04 -44.13
C TYR B 250 2.43 -7.12 -45.26
N ASN B 251 2.19 -7.67 -46.45
CA ASN B 251 1.79 -6.81 -47.55
C ASN B 251 0.88 -7.57 -48.51
N THR B 252 -0.16 -6.90 -48.98
CA THR B 252 -1.05 -7.44 -50.00
C THR B 252 -0.89 -6.65 -51.29
N GLY B 253 -1.50 -7.18 -52.35
CA GLY B 253 -1.39 -6.54 -53.66
C GLY B 253 -2.03 -5.17 -53.67
N GLU B 254 -3.23 -5.05 -53.13
CA GLU B 254 -3.80 -3.74 -52.92
C GLU B 254 -3.01 -3.02 -51.81
N GLY B 255 -3.17 -1.72 -51.75
CA GLY B 255 -2.32 -0.93 -50.88
C GLY B 255 -2.63 -1.08 -49.41
N ASP B 256 -2.39 -2.26 -48.85
CA ASP B 256 -2.56 -2.51 -47.42
C ASP B 256 -1.26 -3.11 -46.89
N LYS B 257 -0.36 -2.24 -46.43
CA LYS B 257 0.90 -2.65 -45.83
C LYS B 257 0.78 -2.67 -44.30
N PHE B 258 1.43 -3.66 -43.68
CA PHE B 258 1.53 -3.79 -42.24
C PHE B 258 3.00 -3.98 -41.87
N GLY B 259 3.35 -3.56 -40.66
CA GLY B 259 4.73 -3.68 -40.22
C GLY B 259 4.82 -3.69 -38.71
N LEU B 260 5.85 -4.37 -38.20
CA LEU B 260 6.04 -4.48 -36.76
C LEU B 260 7.51 -4.72 -36.49
N ASN B 261 8.12 -3.89 -35.65
CA ASN B 261 9.51 -4.11 -35.28
C ASN B 261 9.75 -3.73 -33.82
N ALA B 262 10.49 -4.60 -33.13
CA ALA B 262 10.86 -4.41 -31.73
C ALA B 262 12.39 -4.35 -31.63
N TRP B 263 12.87 -3.60 -30.63
CA TRP B 263 14.29 -3.30 -30.51
C TRP B 263 14.64 -3.26 -29.03
N TYR B 264 15.42 -4.23 -28.57
CA TYR B 264 15.90 -4.30 -27.19
C TYR B 264 17.37 -3.90 -27.17
N ILE B 265 17.74 -3.06 -26.20
CA ILE B 265 19.11 -2.56 -26.07
C ILE B 265 19.56 -2.80 -24.64
N ASN B 266 20.83 -3.18 -24.50
CA ASN B 266 21.49 -3.32 -23.21
C ASN B 266 22.86 -2.66 -23.32
N SER B 267 23.03 -1.51 -22.66
CA SER B 267 24.25 -0.73 -22.71
C SER B 267 24.92 -0.73 -21.35
N ASN B 268 26.21 -1.03 -21.32
CA ASN B 268 26.97 -1.00 -20.06
C ASN B 268 28.35 -0.41 -20.37
N ARG B 269 28.50 0.89 -20.10
CA ARG B 269 29.72 1.59 -20.46
C ARG B 269 30.35 2.24 -19.24
N GLU B 270 31.67 2.12 -19.14
CA GLU B 270 32.42 2.66 -18.02
C GLU B 270 32.82 4.10 -18.34
N LEU B 271 32.49 5.03 -17.44
CA LEU B 271 32.84 6.42 -17.66
C LEU B 271 34.35 6.56 -17.62
N ALA B 272 34.93 7.03 -18.73
CA ALA B 272 36.38 7.16 -18.81
C ALA B 272 36.87 8.17 -17.77
N MET B 273 37.89 7.78 -17.02
CA MET B 273 38.55 8.75 -16.16
C MET B 273 39.10 9.88 -17.01
N LEU B 274 38.73 11.10 -16.65
CA LEU B 274 39.25 12.26 -17.36
C LEU B 274 40.76 12.34 -17.15
N SER B 275 41.43 13.01 -18.09
CA SER B 275 42.88 12.90 -18.20
C SER B 275 43.61 13.35 -16.93
N THR B 276 42.99 14.18 -16.09
CA THR B 276 43.59 14.63 -14.84
C THR B 276 42.90 14.00 -13.64
N ASP B 277 42.55 12.72 -13.75
CA ASP B 277 41.94 11.98 -12.64
C ASP B 277 43.06 11.18 -11.98
N TYR B 278 43.52 11.66 -10.84
CA TYR B 278 44.63 11.05 -10.11
C TYR B 278 44.14 9.95 -9.17
N GLY B 279 43.37 9.01 -9.69
CA GLY B 279 42.80 7.96 -8.88
C GLY B 279 43.11 6.58 -9.41
N ASN B 280 43.22 5.63 -8.48
CA ASN B 280 43.42 4.24 -8.87
C ASN B 280 42.15 3.70 -9.53
N ASP B 281 42.32 3.07 -10.70
CA ASP B 281 41.16 2.54 -11.40
C ASP B 281 40.53 1.39 -10.64
N MET B 282 41.34 0.59 -9.95
CA MET B 282 40.84 -0.50 -9.12
C MET B 282 40.21 -0.01 -7.82
N ASP B 283 40.43 1.25 -7.45
CA ASP B 283 39.76 1.84 -6.30
C ASP B 283 38.38 2.40 -6.65
N PHE B 284 38.29 3.14 -7.76
CA PHE B 284 37.05 3.80 -8.16
C PHE B 284 36.30 2.97 -9.19
N GLU B 285 35.03 3.33 -9.39
CA GLU B 285 34.17 2.57 -10.31
C GLU B 285 33.09 3.50 -10.83
N ASN B 286 33.05 3.69 -12.16
CA ASN B 286 32.17 4.66 -12.82
C ASN B 286 31.43 3.97 -13.96
N ARG B 287 30.17 3.63 -13.73
CA ARG B 287 29.40 2.77 -14.64
C ARG B 287 28.08 3.43 -15.03
N GLN B 288 27.74 3.32 -16.31
CA GLN B 288 26.43 3.71 -16.85
C GLN B 288 25.79 2.48 -17.46
N ARG B 289 24.70 2.03 -16.86
CA ARG B 289 23.82 1.04 -17.46
C ARG B 289 22.63 1.74 -18.09
N GLU B 290 22.23 1.29 -19.27
CA GLU B 290 21.01 1.77 -19.93
C GLU B 290 20.38 0.58 -20.61
N GLN B 291 19.27 0.09 -20.05
CA GLN B 291 18.50 -0.98 -20.67
C GLN B 291 17.23 -0.36 -21.24
N THR B 292 17.09 -0.35 -22.56
CA THR B 292 15.86 0.26 -23.08
C THR B 292 15.32 -0.51 -24.28
N PHE B 293 14.03 -0.33 -24.50
CA PHE B 293 13.31 -1.01 -25.55
C PHE B 293 12.46 -0.01 -26.32
N ARG B 294 12.39 -0.20 -27.63
CA ARG B 294 11.54 0.61 -28.52
C ARG B 294 10.87 -0.30 -29.53
N GLY B 295 9.55 -0.19 -29.64
CA GLY B 295 8.80 -1.01 -30.58
C GLY B 295 7.75 -0.18 -31.29
N VAL B 296 7.48 -0.56 -32.54
CA VAL B 296 6.57 0.19 -33.41
C VAL B 296 5.77 -0.77 -34.30
N LEU B 297 4.47 -0.54 -34.40
CA LEU B 297 3.55 -1.23 -35.31
C LEU B 297 2.95 -0.20 -36.26
N SER B 298 2.74 -0.61 -37.52
CA SER B 298 2.30 0.30 -38.57
C SER B 298 1.27 -0.35 -39.49
N TRP B 299 0.30 0.46 -39.93
CA TRP B 299 -0.67 0.09 -40.95
C TRP B 299 -0.73 1.23 -41.95
N ASP B 300 -0.49 0.95 -43.23
CA ASP B 300 -0.50 1.97 -44.27
C ASP B 300 -1.42 1.53 -45.39
N ARG B 301 -2.43 2.35 -45.69
CA ARG B 301 -3.38 2.10 -46.76
C ARG B 301 -3.12 3.09 -47.91
N VAL B 302 -2.67 2.58 -49.04
CA VAL B 302 -2.33 3.42 -50.18
C VAL B 302 -3.18 3.02 -51.37
N ARG B 303 -3.90 3.99 -51.92
CA ARG B 303 -4.64 3.84 -53.16
C ARG B 303 -4.71 5.21 -53.81
N GLU B 304 -5.40 5.31 -54.94
CA GLU B 304 -5.68 6.65 -55.47
C GLU B 304 -6.58 7.40 -54.50
N LYS B 305 -7.37 6.65 -53.72
CA LYS B 305 -8.21 7.21 -52.67
C LYS B 305 -7.36 7.62 -51.47
N TRP B 306 -6.41 8.54 -51.69
CA TRP B 306 -5.47 9.05 -50.69
C TRP B 306 -4.80 7.98 -49.82
N LYS B 307 -3.98 8.43 -48.87
CA LYS B 307 -3.29 7.58 -47.90
C LYS B 307 -3.73 7.94 -46.49
N VAL B 308 -4.03 6.93 -45.67
CA VAL B 308 -4.51 7.14 -44.31
C VAL B 308 -3.73 6.33 -43.28
N GLY B 309 -2.42 6.14 -43.53
CA GLY B 309 -1.61 5.36 -42.61
C GLY B 309 -1.69 5.76 -41.15
N VAL B 310 -1.54 4.77 -40.26
CA VAL B 310 -1.53 4.92 -38.82
C VAL B 310 -0.34 4.15 -38.25
N LYS B 311 0.12 4.58 -37.08
CA LYS B 311 1.30 4.02 -36.44
C LYS B 311 1.14 4.08 -34.94
N GLY B 312 1.79 3.14 -34.23
CA GLY B 312 1.75 3.11 -32.78
C GLY B 312 2.95 2.45 -32.14
N GLY B 313 3.48 2.99 -31.05
CA GLY B 313 4.72 2.47 -30.51
C GLY B 313 4.83 2.61 -29.01
N TYR B 314 5.97 2.17 -28.48
CA TYR B 314 6.22 2.17 -27.04
C TYR B 314 7.71 2.06 -26.79
N ILE B 315 8.23 2.89 -25.87
CA ILE B 315 9.62 2.82 -25.43
C ILE B 315 9.68 2.76 -23.91
N HIS B 316 10.81 2.25 -23.40
CA HIS B 316 11.03 2.09 -21.96
C HIS B 316 12.53 2.05 -21.71
N THR B 317 13.07 3.10 -21.08
CA THR B 317 14.49 3.17 -20.73
C THR B 317 14.67 3.03 -19.22
N TRP B 318 15.75 2.37 -18.81
CA TRP B 318 16.14 2.29 -17.41
C TRP B 318 17.64 2.62 -17.35
N MET B 319 17.95 3.79 -16.80
CA MET B 319 19.32 4.29 -16.68
C MET B 319 19.78 4.21 -15.24
N ALA B 320 20.83 3.44 -14.99
CA ALA B 320 21.45 3.34 -13.68
C ALA B 320 22.87 3.89 -13.76
N TYR B 321 23.19 4.85 -12.90
CA TYR B 321 24.54 5.39 -12.82
C TYR B 321 25.14 5.04 -11.48
N ASP B 322 26.39 4.59 -11.49
CA ASP B 322 27.05 4.16 -10.28
C ASP B 322 28.45 4.73 -10.24
N TYR B 323 28.79 5.33 -9.10
CA TYR B 323 30.12 5.88 -8.85
C TYR B 323 30.47 5.43 -7.45
N LYS B 324 31.47 4.56 -7.32
CA LYS B 324 31.76 3.91 -6.05
C LYS B 324 33.25 3.89 -5.78
N ARG B 325 33.59 3.65 -4.51
CA ARG B 325 34.99 3.67 -4.07
C ARG B 325 35.20 2.58 -3.02
N ASP B 326 36.48 2.29 -2.79
CA ASP B 326 37.04 1.45 -1.72
C ASP B 326 37.12 -0.01 -2.15
N GLU B 331 33.99 -5.03 -0.39
CA GLU B 331 34.43 -3.90 0.42
C GLU B 331 34.24 -2.58 -0.33
N MET B 332 33.32 -2.60 -1.30
CA MET B 332 32.94 -1.41 -2.06
C MET B 332 31.89 -0.59 -1.31
N ALA B 333 31.70 0.64 -1.78
CA ALA B 333 30.66 1.49 -1.21
C ALA B 333 30.29 2.57 -2.23
N SER B 334 29.00 2.89 -2.28
CA SER B 334 28.44 3.78 -3.30
C SER B 334 28.55 5.23 -2.85
N MET B 335 29.14 6.07 -3.70
CA MET B 335 29.17 7.51 -3.50
C MET B 335 27.89 8.14 -4.06
N THR B 336 27.62 7.88 -5.34
CA THR B 336 26.38 8.31 -5.99
C THR B 336 25.82 7.15 -6.77
N ARG B 337 24.64 6.68 -6.38
CA ARG B 337 24.00 5.51 -6.96
C ARG B 337 22.57 5.90 -7.30
N SER B 338 22.21 5.85 -8.59
CA SER B 338 20.90 6.31 -9.03
C SER B 338 20.32 5.33 -10.04
N ARG B 339 18.98 5.26 -10.04
CA ARG B 339 18.23 4.50 -11.03
C ARG B 339 17.04 5.35 -11.43
N SER B 340 16.89 5.62 -12.73
CA SER B 340 15.77 6.40 -13.23
C SER B 340 15.20 5.71 -14.46
N LYS B 341 13.90 5.43 -14.43
CA LYS B 341 13.24 4.70 -15.51
C LYS B 341 12.07 5.51 -16.04
N ILE B 342 11.98 5.62 -17.36
CA ILE B 342 10.91 6.34 -18.04
C ILE B 342 10.32 5.44 -19.12
N ASN B 343 9.00 5.39 -19.20
CA ASN B 343 8.32 4.71 -20.29
C ASN B 343 7.33 5.64 -20.97
N THR B 344 7.05 5.35 -22.25
CA THR B 344 6.33 6.26 -23.13
C THR B 344 5.41 5.49 -24.07
N PHE B 345 4.18 5.96 -24.22
CA PHE B 345 3.21 5.41 -25.15
C PHE B 345 3.07 6.34 -26.35
N TYR B 346 2.80 5.75 -27.52
CA TYR B 346 2.80 6.45 -28.80
C TYR B 346 1.47 6.27 -29.53
N GLY B 347 1.12 7.28 -30.33
CA GLY B 347 -0.01 7.20 -31.23
C GLY B 347 0.14 8.13 -32.42
N SER B 348 -0.09 7.64 -33.64
CA SER B 348 0.17 8.45 -34.83
C SER B 348 -0.85 8.15 -35.91
N ALA B 349 -1.20 9.18 -36.67
CA ALA B 349 -2.05 9.04 -37.85
C ALA B 349 -1.67 10.11 -38.86
N ASP B 350 -1.33 9.69 -40.07
CA ASP B 350 -0.90 10.60 -41.13
C ASP B 350 -1.70 10.33 -42.40
N GLY B 351 -1.80 11.36 -43.24
CA GLY B 351 -2.53 11.20 -44.48
C GLY B 351 -2.20 12.20 -45.58
N ASP B 352 -2.08 11.70 -46.81
CA ASP B 352 -1.73 12.50 -47.98
C ASP B 352 -2.78 12.25 -49.06
N TYR B 353 -3.62 13.25 -49.33
CA TYR B 353 -4.61 13.22 -50.40
C TYR B 353 -4.14 14.10 -51.55
N ALA B 354 -4.01 13.52 -52.74
CA ALA B 354 -3.46 14.22 -53.91
C ALA B 354 -4.45 14.18 -55.05
N PRO B 355 -5.38 15.14 -55.12
CA PRO B 355 -6.28 15.20 -56.28
C PRO B 355 -5.53 15.60 -57.53
N SER B 356 -5.32 14.63 -58.43
CA SER B 356 -4.54 14.79 -59.65
C SER B 356 -3.14 15.31 -59.27
N GLU B 357 -2.50 16.03 -60.18
CA GLU B 357 -1.26 16.74 -59.92
C GLU B 357 -1.64 18.19 -59.60
N LYS B 358 -0.65 18.98 -59.20
CA LYS B 358 -0.75 20.41 -58.94
C LYS B 358 -1.39 20.67 -57.57
N TRP B 359 -1.92 19.64 -56.90
CA TRP B 359 -2.47 19.81 -55.56
C TRP B 359 -2.18 18.59 -54.70
N LEU B 360 -1.75 18.85 -53.47
CA LEU B 360 -1.47 17.80 -52.50
C LEU B 360 -1.83 18.35 -51.13
N PHE B 361 -2.46 17.53 -50.29
CA PHE B 361 -2.85 17.99 -48.96
C PHE B 361 -2.55 16.90 -47.93
N THR B 362 -1.82 17.26 -46.89
CA THR B 362 -1.50 16.31 -45.83
C THR B 362 -2.08 16.78 -44.51
N ALA B 363 -2.42 15.80 -43.66
CA ALA B 363 -2.90 16.07 -42.31
C ALA B 363 -2.41 14.96 -41.38
N GLY B 364 -2.07 15.33 -40.15
CA GLY B 364 -1.51 14.35 -39.23
C GLY B 364 -1.62 14.73 -37.78
N VAL B 365 -1.48 13.71 -36.93
CA VAL B 365 -1.55 13.84 -35.47
C VAL B 365 -0.57 12.85 -34.84
N SER B 366 0.18 13.32 -33.83
CA SER B 366 1.15 12.51 -33.11
C SER B 366 1.04 12.81 -31.61
N VAL B 367 0.80 11.77 -30.81
CA VAL B 367 0.64 11.93 -29.36
C VAL B 367 1.59 10.98 -28.63
N HIS B 368 2.45 11.54 -27.78
CA HIS B 368 3.32 10.77 -26.89
C HIS B 368 2.94 11.04 -25.43
N GLN B 369 2.67 9.99 -24.66
CA GLN B 369 2.48 10.16 -23.23
C GLN B 369 3.69 9.59 -22.51
N HIS B 370 4.39 10.43 -21.74
CA HIS B 370 5.61 10.05 -21.05
C HIS B 370 5.32 9.83 -19.57
N LEU B 371 6.15 9.01 -18.93
CA LEU B 371 5.98 8.69 -17.52
C LEU B 371 7.36 8.40 -16.95
N VAL B 372 7.87 9.33 -16.15
CA VAL B 372 9.21 9.23 -15.62
C VAL B 372 9.16 8.80 -14.17
N GLU B 373 10.26 8.22 -13.71
CA GLU B 373 10.46 7.89 -12.30
C GLU B 373 11.95 8.06 -12.05
N SER B 374 12.31 9.23 -11.52
CA SER B 374 13.69 9.55 -11.24
C SER B 374 14.01 9.21 -9.79
N ALA B 375 15.26 8.81 -9.57
CA ALA B 375 15.78 8.57 -8.22
C ALA B 375 17.28 8.76 -8.32
N ASP B 376 17.77 9.85 -7.76
CA ASP B 376 19.16 10.26 -7.97
C ASP B 376 20.04 9.98 -6.76
N LYS B 377 19.55 10.25 -5.56
CA LYS B 377 20.29 9.98 -4.34
C LYS B 377 19.33 9.52 -3.26
N ASN B 378 19.82 8.69 -2.35
CA ASN B 378 19.08 8.28 -1.18
C ASN B 378 19.64 9.02 0.03
N ILE B 379 18.81 9.81 0.69
CA ILE B 379 19.25 10.66 1.78
C ILE B 379 18.66 10.17 3.09
N ILE B 380 19.35 10.51 4.18
CA ILE B 380 18.87 10.24 5.52
C ILE B 380 18.10 11.47 5.98
N SER B 381 16.78 11.36 6.07
CA SER B 381 15.96 12.47 6.50
C SER B 381 16.27 12.83 7.96
N GLN B 382 15.77 14.01 8.36
CA GLN B 382 16.10 14.54 9.68
C GLN B 382 15.65 13.61 10.80
N GLU B 383 14.60 12.84 10.58
CA GLU B 383 14.08 11.92 11.60
C GLU B 383 14.82 10.59 11.59
N GLY B 384 15.96 10.49 10.92
CA GLY B 384 16.67 9.24 10.80
C GLY B 384 16.10 8.29 9.77
N ASN B 385 15.05 8.70 9.05
CA ASN B 385 14.41 7.86 8.06
C ASN B 385 15.23 7.87 6.76
N LYS B 386 14.68 7.20 5.73
CA LYS B 386 15.30 7.14 4.42
C LYS B 386 14.36 7.76 3.40
N ALA B 387 14.87 8.68 2.59
CA ALA B 387 14.07 9.36 1.58
C ALA B 387 14.85 9.41 0.28
N VAL B 388 14.15 9.80 -0.79
CA VAL B 388 14.73 9.84 -2.12
C VAL B 388 14.60 11.27 -2.64
N VAL B 389 15.54 11.67 -3.50
CA VAL B 389 15.51 13.01 -4.08
C VAL B 389 14.92 13.02 -5.48
N GLY B 390 14.70 11.85 -6.07
CA GLY B 390 14.13 11.81 -7.41
C GLY B 390 12.67 12.19 -7.42
N TYR B 391 12.26 12.78 -8.53
CA TYR B 391 10.85 13.07 -8.77
C TYR B 391 10.24 11.94 -9.59
N ASP B 392 8.95 12.07 -9.88
CA ASP B 392 8.30 11.16 -10.82
C ASP B 392 7.07 11.87 -11.36
N LYS B 393 7.03 12.08 -12.67
CA LYS B 393 6.06 12.93 -13.33
C LYS B 393 5.62 12.22 -14.61
N GLY B 394 4.96 12.98 -15.49
CA GLY B 394 4.55 12.48 -16.78
C GLY B 394 3.60 13.45 -17.46
N ARG B 395 3.64 13.54 -18.78
CA ARG B 395 2.83 14.52 -19.49
C ARG B 395 2.64 14.09 -20.93
N VAL B 396 1.50 14.51 -21.50
CA VAL B 396 1.21 14.25 -22.90
C VAL B 396 1.92 15.29 -23.78
N GLU B 397 2.15 14.90 -25.03
CA GLU B 397 2.86 15.70 -26.02
C GLU B 397 2.17 15.45 -27.35
N PHE B 398 1.25 16.34 -27.72
CA PHE B 398 0.47 16.22 -28.96
C PHE B 398 0.95 17.24 -29.98
N SER B 399 0.98 16.83 -31.25
CA SER B 399 1.35 17.70 -32.35
C SER B 399 0.49 17.38 -33.56
N GLY B 400 -0.24 18.38 -34.05
CA GLY B 400 -1.10 18.22 -35.22
C GLY B 400 -0.73 19.17 -36.34
N SER B 401 -0.75 18.65 -37.57
CA SER B 401 -0.22 19.38 -38.72
C SER B 401 -1.18 19.29 -39.91
N VAL B 402 -1.24 20.37 -40.67
CA VAL B 402 -1.97 20.41 -41.94
C VAL B 402 -1.14 21.17 -42.97
N SER B 403 -1.04 20.63 -44.19
CA SER B 403 -0.23 21.23 -45.23
C SER B 403 -0.91 21.17 -46.59
N ALA B 404 -0.61 22.18 -47.42
CA ALA B 404 -1.07 22.26 -48.79
C ALA B 404 0.11 22.52 -49.72
N LYS B 405 0.38 21.58 -50.62
CA LYS B 405 1.41 21.67 -51.65
C LYS B 405 0.75 22.01 -52.98
N TRP B 406 1.19 23.09 -53.63
CA TRP B 406 0.63 23.52 -54.91
C TRP B 406 1.74 23.83 -55.90
N ARG B 407 1.77 23.15 -57.04
CA ARG B 407 2.70 23.48 -58.12
C ARG B 407 1.88 23.92 -59.32
N PRO B 408 1.83 25.24 -59.62
CA PRO B 408 1.04 25.70 -60.76
C PRO B 408 1.52 25.12 -62.08
N VAL B 409 2.82 25.28 -62.37
CA VAL B 409 3.47 24.69 -63.52
C VAL B 409 4.71 23.96 -63.02
N ASP B 410 5.50 23.43 -63.95
CA ASP B 410 6.74 22.79 -63.56
C ASP B 410 7.72 23.78 -62.94
N ARG B 411 7.72 25.03 -63.39
CA ARG B 411 8.69 26.00 -62.90
C ARG B 411 8.44 26.32 -61.43
N PHE B 412 7.29 26.89 -61.11
CA PHE B 412 7.00 27.40 -59.79
C PHE B 412 6.22 26.38 -58.96
N ALA B 413 6.52 26.32 -57.67
CA ALA B 413 5.77 25.47 -56.75
C ALA B 413 5.94 26.04 -55.35
N ALA B 414 4.88 25.97 -54.55
CA ALA B 414 4.90 26.47 -53.20
C ALA B 414 4.14 25.51 -52.28
N SER B 415 4.18 25.81 -50.99
CA SER B 415 3.53 24.95 -50.01
C SER B 415 3.41 25.71 -48.70
N LEU B 416 2.32 25.48 -47.97
CA LEU B 416 2.14 26.06 -46.65
C LEU B 416 1.84 24.95 -45.65
N VAL B 417 2.62 24.88 -44.57
CA VAL B 417 2.37 23.93 -43.50
C VAL B 417 2.10 24.70 -42.21
N LEU B 418 1.27 24.08 -41.35
CA LEU B 418 0.72 24.73 -40.17
C LEU B 418 0.68 23.69 -39.06
N ARG B 419 1.33 23.97 -37.92
CA ARG B 419 1.35 23.02 -36.80
C ARG B 419 0.88 23.66 -35.52
N GLU B 420 0.18 22.85 -34.71
CA GLU B 420 -0.20 23.18 -33.34
C GLU B 420 0.37 22.09 -32.43
N ASP B 421 1.16 22.50 -31.43
CA ASP B 421 1.75 21.57 -30.48
C ASP B 421 1.31 21.91 -29.07
N MET B 422 1.18 20.87 -28.25
CA MET B 422 0.72 21.01 -26.87
C MET B 422 1.44 19.96 -26.02
N PHE B 423 2.39 20.41 -25.21
CA PHE B 423 3.10 19.54 -24.27
C PHE B 423 2.66 19.87 -22.86
N GLY B 424 2.25 18.86 -22.11
CA GLY B 424 1.79 19.07 -20.74
C GLY B 424 0.39 19.60 -20.64
N THR B 425 0.25 20.89 -20.29
CA THR B 425 -1.04 21.55 -20.21
C THR B 425 -1.07 22.86 -20.99
N GLU B 426 -0.02 23.18 -21.73
CA GLU B 426 0.14 24.49 -22.35
C GLU B 426 0.01 24.38 -23.86
N TRP B 427 -0.78 25.29 -24.45
CA TRP B 427 -0.87 25.40 -25.90
C TRP B 427 0.22 26.35 -26.38
N ALA B 428 1.18 25.82 -27.12
CA ALA B 428 2.18 26.67 -27.73
C ALA B 428 1.54 27.49 -28.83
N PRO B 429 1.92 28.77 -28.98
CA PRO B 429 1.41 29.54 -30.11
C PRO B 429 1.84 28.92 -31.43
N VAL B 430 0.99 29.11 -32.44
CA VAL B 430 1.06 28.34 -33.68
C VAL B 430 2.45 28.39 -34.29
N ILE B 431 2.91 27.23 -34.77
CA ILE B 431 4.20 27.12 -35.44
C ILE B 431 3.98 26.98 -36.94
N PRO B 432 4.19 28.09 -37.69
CA PRO B 432 3.94 28.07 -39.14
C PRO B 432 5.22 27.88 -39.96
N ALA B 433 5.05 27.43 -41.22
CA ALA B 433 6.15 27.40 -42.17
C ALA B 433 5.61 27.45 -43.59
N PHE B 434 6.45 27.97 -44.49
CA PHE B 434 6.06 28.22 -45.87
C PHE B 434 7.25 27.96 -46.78
N PHE B 435 7.04 27.15 -47.82
CA PHE B 435 8.07 26.71 -48.74
C PHE B 435 7.78 27.20 -50.15
N ILE B 436 8.85 27.52 -50.89
CA ILE B 436 8.78 27.85 -52.31
C ILE B 436 9.97 27.22 -53.01
N ASP B 437 9.75 26.64 -54.18
CA ASP B 437 10.84 26.20 -55.03
C ASP B 437 10.51 26.52 -56.49
N GLY B 438 11.55 26.71 -57.27
CA GLY B 438 11.43 27.03 -58.67
C GLY B 438 12.57 26.49 -59.50
N VAL B 439 12.28 25.96 -60.68
CA VAL B 439 13.31 25.40 -61.56
C VAL B 439 13.76 26.55 -62.45
N LEU B 440 14.81 27.25 -62.00
CA LEU B 440 15.32 28.40 -62.73
C LEU B 440 15.70 28.02 -64.16
N SER B 441 16.48 26.96 -64.31
CA SER B 441 16.89 26.52 -65.64
C SER B 441 17.12 25.03 -65.64
N LYS B 442 16.46 24.34 -66.57
CA LYS B 442 16.61 22.91 -66.77
C LYS B 442 18.00 22.53 -67.26
N LYS B 443 18.82 23.51 -67.67
CA LYS B 443 20.17 23.24 -68.14
C LYS B 443 20.93 22.39 -67.15
N GLY B 444 20.86 22.75 -65.88
CA GLY B 444 21.58 22.01 -64.86
C GLY B 444 20.69 21.67 -63.69
N ASN B 445 19.38 21.54 -63.97
CA ASN B 445 18.35 21.40 -62.94
C ASN B 445 18.21 22.66 -62.09
N ILE B 446 18.85 23.78 -62.49
CA ILE B 446 19.17 24.83 -61.53
C ILE B 446 17.87 25.17 -60.83
N VAL B 447 17.75 24.76 -59.58
CA VAL B 447 16.50 24.88 -58.84
C VAL B 447 16.74 25.58 -57.51
N ALA B 448 15.98 26.64 -57.26
CA ALA B 448 16.13 27.42 -56.04
C ALA B 448 14.96 27.14 -55.11
N LYS B 449 15.25 27.05 -53.82
CA LYS B 449 14.24 26.82 -52.81
C LYS B 449 14.43 27.83 -51.69
N ALA B 450 13.36 28.07 -50.95
CA ALA B 450 13.37 29.00 -49.82
C ALA B 450 12.20 28.67 -48.93
N SER B 451 12.31 29.06 -47.67
CA SER B 451 11.29 28.70 -46.68
C SER B 451 11.44 29.58 -45.45
N ILE B 452 10.32 29.88 -44.81
CA ILE B 452 10.28 30.70 -43.61
C ILE B 452 9.39 30.02 -42.58
N SER B 453 9.77 30.13 -41.30
CA SER B 453 8.99 29.48 -40.25
C SER B 453 9.26 30.13 -38.90
N ARG B 454 8.45 29.72 -37.93
CA ARG B 454 8.58 30.22 -36.55
C ARG B 454 8.32 29.05 -35.60
N ASN B 455 9.40 28.50 -35.04
CA ASN B 455 9.40 27.31 -34.22
C ASN B 455 9.27 27.63 -32.73
N TYR B 456 8.79 26.63 -31.98
CA TYR B 456 8.71 26.66 -30.53
C TYR B 456 9.19 25.32 -29.97
N ARG B 457 9.88 25.37 -28.83
CA ARG B 457 10.39 24.17 -28.15
C ARG B 457 9.99 24.21 -26.68
N PHE B 458 9.30 23.14 -26.20
CA PHE B 458 8.96 23.15 -24.78
C PHE B 458 10.10 22.58 -23.93
N PRO B 459 10.22 23.06 -22.69
CA PRO B 459 11.27 22.55 -21.80
C PRO B 459 11.04 21.09 -21.40
N THR B 460 12.14 20.44 -21.00
CA THR B 460 12.12 19.02 -20.70
C THR B 460 11.72 18.79 -19.24
N LEU B 461 11.60 17.51 -18.89
CA LEU B 461 11.16 17.17 -17.54
C LEU B 461 12.23 17.39 -16.49
N ASN B 462 13.51 17.21 -16.85
CA ASN B 462 14.57 17.67 -15.96
C ASN B 462 14.64 19.19 -15.92
N ASP B 463 14.34 19.84 -17.04
CA ASP B 463 14.36 21.29 -17.09
C ASP B 463 13.41 21.91 -16.07
N LEU B 464 12.35 21.19 -15.69
CA LEU B 464 11.34 21.75 -14.80
C LEU B 464 11.29 21.03 -13.45
N TYR B 465 11.05 19.72 -13.46
CA TYR B 465 10.74 18.98 -12.24
C TYR B 465 11.94 18.29 -11.62
N PHE B 466 13.15 18.49 -12.15
CA PHE B 466 14.31 17.90 -11.51
C PHE B 466 14.43 18.44 -10.09
N LEU B 467 14.29 17.55 -9.13
CA LEU B 467 14.21 17.95 -7.73
C LEU B 467 15.56 18.42 -7.20
N PRO B 468 16.68 17.74 -7.48
CA PRO B 468 17.97 18.35 -7.12
C PRO B 468 18.19 19.70 -7.75
N GLY B 469 17.67 19.92 -8.96
CA GLY B 469 17.67 21.22 -9.60
C GLY B 469 16.48 22.07 -9.18
N GLY B 470 15.78 22.64 -10.15
CA GLY B 470 14.57 23.40 -9.84
C GLY B 470 14.01 24.11 -11.05
N ASN B 471 13.30 25.21 -10.78
CA ASN B 471 12.69 26.10 -11.78
C ASN B 471 11.67 25.39 -12.67
N PRO B 472 10.51 25.02 -12.15
CA PRO B 472 9.49 24.37 -12.97
C PRO B 472 8.62 25.33 -13.79
N ASP B 473 9.00 26.59 -13.91
CA ASP B 473 8.21 27.60 -14.61
C ASP B 473 8.96 28.14 -15.82
N LEU B 474 9.63 27.28 -16.56
CA LEU B 474 10.49 27.70 -17.66
C LEU B 474 9.68 28.06 -18.90
N LYS B 475 10.15 29.08 -19.62
CA LYS B 475 9.52 29.49 -20.87
C LYS B 475 9.95 28.60 -22.03
N SER B 476 9.05 28.39 -22.96
CA SER B 476 9.38 27.69 -24.20
C SER B 476 10.32 28.53 -25.06
N GLU B 477 11.26 27.86 -25.71
CA GLU B 477 12.21 28.53 -26.58
C GLU B 477 11.54 28.93 -27.89
N HIS B 478 11.72 30.18 -28.30
CA HIS B 478 11.11 30.75 -29.49
C HIS B 478 12.18 30.97 -30.55
N GLY B 479 11.89 30.57 -31.79
CA GLY B 479 12.82 30.76 -32.88
C GLY B 479 12.20 31.18 -34.20
N PHE B 480 12.67 32.31 -34.75
CA PHE B 480 12.25 32.76 -36.08
C PHE B 480 13.36 32.45 -37.08
N THR B 481 13.05 31.63 -38.09
CA THR B 481 14.09 31.13 -38.99
C THR B 481 13.61 31.16 -40.43
N TYR B 482 14.57 31.25 -41.36
CA TYR B 482 14.26 31.27 -42.79
C TYR B 482 15.52 31.00 -43.61
N ASP B 483 15.37 30.18 -44.65
CA ASP B 483 16.47 29.70 -45.48
C ASP B 483 16.18 29.89 -46.97
N VAL B 484 17.25 29.84 -47.77
CA VAL B 484 17.17 29.96 -49.23
C VAL B 484 18.45 29.38 -49.83
N GLY B 485 18.31 28.66 -50.95
CA GLY B 485 19.45 28.02 -51.60
C GLY B 485 19.14 27.59 -53.02
N LEU B 486 20.16 27.03 -53.67
CA LEU B 486 20.10 26.60 -55.07
C LEU B 486 20.75 25.24 -55.26
N SER B 487 20.34 24.54 -56.33
CA SER B 487 20.81 23.19 -56.65
C SER B 487 21.08 23.05 -58.14
N PHE B 488 21.85 22.00 -58.49
CA PHE B 488 22.50 21.85 -59.79
C PHE B 488 22.75 20.37 -60.07
N SER B 489 22.53 19.95 -61.32
CA SER B 489 22.79 18.57 -61.73
C SER B 489 23.04 18.52 -63.24
N VAL B 490 23.97 17.65 -63.65
CA VAL B 490 24.27 17.42 -65.07
C VAL B 490 24.57 15.94 -65.27
N GLY B 491 24.02 15.36 -66.34
CA GLY B 491 24.17 13.95 -66.61
C GLY B 491 25.24 13.60 -67.63
N ALA B 497 28.07 12.08 -64.84
CA ALA B 497 27.00 12.60 -63.99
C ALA B 497 27.59 13.31 -62.76
N LEU B 498 26.90 14.35 -62.29
CA LEU B 498 27.39 15.18 -61.19
C LEU B 498 26.23 16.01 -60.66
N SER B 499 26.32 16.41 -59.38
CA SER B 499 25.25 17.20 -58.77
C SER B 499 25.79 17.92 -57.54
N GLY B 500 25.05 18.93 -57.10
CA GLY B 500 25.41 19.67 -55.90
C GLY B 500 24.43 20.78 -55.60
N GLY B 501 24.77 21.58 -54.59
CA GLY B 501 23.93 22.71 -54.21
C GLY B 501 24.42 23.37 -52.93
N ILE B 502 23.88 24.58 -52.69
CA ILE B 502 24.18 25.38 -51.51
C ILE B 502 22.87 25.94 -50.94
N ASN B 503 22.97 26.53 -49.74
CA ASN B 503 21.81 27.06 -49.02
C ASN B 503 22.23 28.27 -48.18
N TRP B 504 21.35 28.68 -47.26
CA TRP B 504 21.58 29.84 -46.41
C TRP B 504 20.72 29.76 -45.15
N PHE B 505 21.34 29.93 -43.99
CA PHE B 505 20.70 29.80 -42.71
C PHE B 505 20.63 31.15 -42.01
N ASP B 506 19.54 31.37 -41.26
CA ASP B 506 19.39 32.57 -40.43
C ASP B 506 18.27 32.31 -39.43
N SER B 507 18.58 32.42 -38.14
CA SER B 507 17.59 32.16 -37.10
C SER B 507 17.87 33.03 -35.89
N HIS B 508 16.83 33.72 -35.42
CA HIS B 508 16.87 34.43 -34.14
C HIS B 508 16.12 33.60 -33.11
N ILE B 509 16.80 33.26 -32.02
CA ILE B 509 16.20 32.51 -30.92
C ILE B 509 15.98 33.46 -29.75
N ASP B 510 14.73 33.50 -29.26
CA ASP B 510 14.42 34.29 -28.07
C ASP B 510 14.83 33.52 -26.83
N ASP B 511 14.32 33.92 -25.66
CA ASP B 511 14.78 33.40 -24.37
C ASP B 511 14.87 31.88 -24.37
N TRP B 512 16.09 31.35 -24.31
CA TRP B 512 16.29 29.92 -24.43
C TRP B 512 16.95 29.37 -23.17
N ILE B 513 16.68 28.08 -22.88
CA ILE B 513 17.11 27.49 -21.62
C ILE B 513 18.61 27.23 -21.64
N ILE B 514 19.26 27.46 -20.50
CA ILE B 514 20.66 27.13 -20.32
C ILE B 514 20.92 27.06 -18.81
N TRP B 515 21.58 26.00 -18.35
CA TRP B 515 21.73 25.75 -16.92
C TRP B 515 22.91 26.52 -16.34
N LEU B 516 22.70 27.08 -15.14
CA LEU B 516 23.68 27.92 -14.47
C LEU B 516 23.88 27.46 -13.04
N PRO B 517 25.12 27.52 -12.54
CA PRO B 517 25.36 27.21 -11.12
C PRO B 517 24.81 28.29 -10.20
N THR B 518 24.49 27.87 -8.98
CA THR B 518 24.13 28.79 -7.90
C THR B 518 25.24 28.80 -6.85
N THR B 519 25.04 29.61 -5.81
CA THR B 519 25.95 29.62 -4.67
C THR B 519 25.66 28.48 -3.70
N LYS B 520 24.82 27.53 -4.10
CA LYS B 520 24.42 26.40 -3.26
C LYS B 520 25.00 25.07 -3.72
N GLY B 521 25.71 25.04 -4.84
CA GLY B 521 26.35 23.82 -5.27
C GLY B 521 25.57 22.96 -6.23
N PHE B 522 24.53 23.51 -6.87
CA PHE B 522 23.76 22.76 -7.86
C PHE B 522 23.27 23.71 -8.93
N PHE B 523 22.90 23.14 -10.07
CA PHE B 523 22.52 23.90 -11.26
C PHE B 523 21.02 24.13 -11.30
N SER B 524 20.64 25.25 -11.91
CA SER B 524 19.24 25.57 -12.20
C SER B 524 19.16 26.18 -13.58
N PRO B 525 18.05 25.96 -14.29
CA PRO B 525 17.92 26.48 -15.65
C PRO B 525 17.26 27.85 -15.67
N ARG B 526 17.41 28.54 -16.81
CA ARG B 526 16.91 29.89 -16.93
C ARG B 526 16.88 30.31 -18.40
N ASN B 527 15.79 30.94 -18.83
CA ASN B 527 15.61 31.36 -20.21
C ASN B 527 16.25 32.75 -20.41
N LEU B 528 17.58 32.76 -20.34
CA LEU B 528 18.29 34.05 -20.36
C LEU B 528 18.74 34.46 -21.76
N LYS B 529 19.48 33.59 -22.46
CA LYS B 529 20.15 34.01 -23.68
C LYS B 529 19.20 34.08 -24.87
N LYS B 530 19.60 34.90 -25.85
CA LYS B 530 18.93 35.07 -27.13
C LYS B 530 20.04 35.04 -28.19
N VAL B 531 20.22 33.90 -28.85
CA VAL B 531 21.33 33.75 -29.78
C VAL B 531 20.83 34.00 -31.20
N HIS B 532 21.78 34.26 -32.10
CA HIS B 532 21.50 34.57 -33.50
C HIS B 532 22.46 33.76 -34.36
N ALA B 533 21.99 32.62 -34.85
CA ALA B 533 22.84 31.67 -35.55
C ALA B 533 22.41 31.59 -37.02
N TYR B 534 23.08 32.36 -37.87
CA TYR B 534 22.91 32.21 -39.30
C TYR B 534 23.95 31.22 -39.80
N GLY B 535 24.12 31.12 -41.12
CA GLY B 535 25.12 30.23 -41.68
C GLY B 535 24.72 29.79 -43.07
N ALA B 536 25.48 28.83 -43.59
CA ALA B 536 25.22 28.28 -44.92
C ALA B 536 25.87 26.92 -45.04
N GLU B 537 25.26 26.06 -45.86
CA GLU B 537 25.74 24.70 -46.08
C GLU B 537 25.77 24.39 -47.57
N THR B 538 26.74 23.56 -47.97
CA THR B 538 26.98 23.16 -49.34
C THR B 538 27.21 21.66 -49.41
N ASN B 539 26.74 21.04 -50.48
CA ASN B 539 27.03 19.63 -50.74
C ASN B 539 27.30 19.45 -52.23
N ALA B 540 28.04 18.40 -52.56
CA ALA B 540 28.37 18.10 -53.95
C ALA B 540 28.79 16.65 -54.07
N HIS B 541 28.16 15.91 -54.98
CA HIS B 541 28.47 14.52 -55.23
C HIS B 541 28.60 14.26 -56.73
N LEU B 542 29.66 13.57 -57.12
CA LEU B 542 29.87 13.24 -58.53
C LEU B 542 30.32 11.80 -58.68
N ASP B 543 30.08 11.27 -59.87
CA ASP B 543 30.57 9.95 -60.26
C ASP B 543 30.53 9.87 -61.78
N ILE B 544 31.70 9.78 -62.40
CA ILE B 544 31.82 9.53 -63.83
C ILE B 544 32.55 8.20 -64.00
N MET B 545 31.96 7.30 -64.79
CA MET B 545 32.51 5.98 -65.03
C MET B 545 33.74 6.05 -65.92
N LEU B 546 34.91 6.21 -65.32
CA LEU B 546 36.14 6.40 -66.09
C LEU B 546 36.71 5.07 -66.57
N GLY B 547 35.87 4.26 -67.20
CA GLY B 547 36.31 3.00 -67.75
C GLY B 547 35.15 2.03 -67.88
N LYS B 548 35.49 0.80 -68.26
CA LYS B 548 34.50 -0.27 -68.29
C LYS B 548 33.93 -0.52 -66.90
N ASP B 549 34.80 -0.73 -65.91
CA ASP B 549 34.40 -0.81 -64.51
C ASP B 549 35.46 -0.10 -63.67
N TRP B 550 35.29 1.22 -63.51
CA TRP B 550 36.18 2.03 -62.69
C TRP B 550 35.37 3.05 -61.91
N LYS B 551 34.26 2.61 -61.32
CA LYS B 551 33.33 3.53 -60.67
C LYS B 551 34.04 4.32 -59.57
N LEU B 552 33.75 5.62 -59.53
CA LEU B 552 34.31 6.54 -58.54
C LEU B 552 33.17 7.35 -57.96
N ASP B 553 32.70 6.97 -56.77
CA ASP B 553 31.60 7.66 -56.12
C ASP B 553 32.17 8.67 -55.13
N MET B 554 31.71 9.91 -55.19
CA MET B 554 32.31 10.92 -54.33
C MET B 554 31.26 11.90 -53.87
N ASN B 555 31.37 12.38 -52.64
CA ASN B 555 30.53 13.48 -52.17
C ASN B 555 31.24 14.21 -51.04
N GLY B 556 30.78 15.43 -50.80
CA GLY B 556 31.40 16.29 -49.81
C GLY B 556 30.44 17.39 -49.41
N THR B 557 30.61 17.88 -48.19
CA THR B 557 29.73 18.85 -47.58
C THR B 557 30.58 19.86 -46.82
N PHE B 558 30.06 21.07 -46.69
CA PHE B 558 30.79 22.12 -45.99
C PHE B 558 29.81 23.16 -45.46
N SER B 559 30.02 23.62 -44.24
CA SER B 559 29.09 24.52 -43.59
C SER B 559 29.85 25.60 -42.82
N TRP B 560 29.36 26.83 -42.95
CA TRP B 560 29.82 27.96 -42.16
C TRP B 560 28.68 28.31 -41.20
N THR B 561 28.90 28.03 -39.92
CA THR B 561 27.83 28.04 -38.91
C THR B 561 28.21 28.96 -37.75
N PRO B 562 27.92 30.25 -37.87
CA PRO B 562 28.11 31.18 -36.75
C PRO B 562 26.88 31.23 -35.86
N SER B 563 27.14 31.40 -34.56
CA SER B 563 26.09 31.45 -33.55
C SER B 563 26.35 32.59 -32.56
N ILE B 564 26.58 33.79 -33.10
CA ILE B 564 26.94 34.94 -32.26
C ILE B 564 25.88 35.17 -31.19
N ASN B 565 26.34 35.38 -29.96
CA ASN B 565 25.43 35.75 -28.89
C ASN B 565 24.79 37.11 -29.17
N GLU B 566 23.50 37.22 -28.86
CA GLU B 566 22.75 38.45 -29.04
C GLU B 566 21.84 38.69 -27.85
N SER B 567 22.34 38.41 -26.65
CA SER B 567 21.55 38.48 -25.43
C SER B 567 21.97 39.70 -24.62
N GLU B 568 21.33 39.85 -23.46
CA GLU B 568 21.69 40.89 -22.50
C GLU B 568 23.09 40.66 -21.98
N PRO B 569 24.00 41.62 -22.09
CA PRO B 569 25.30 41.48 -21.42
C PRO B 569 25.08 41.28 -19.92
N MET B 570 25.57 40.14 -19.42
CA MET B 570 25.15 39.69 -18.10
C MET B 570 25.69 40.58 -16.99
N SER B 571 26.97 40.90 -17.04
CA SER B 571 27.66 41.66 -16.01
C SER B 571 28.49 42.75 -16.66
N PRO B 572 28.89 43.77 -15.89
CA PRO B 572 29.75 44.83 -16.44
C PRO B 572 31.04 44.31 -17.08
N ALA B 573 31.35 43.03 -16.91
CA ALA B 573 32.57 42.42 -17.47
C ALA B 573 32.27 41.31 -18.46
N ASP B 574 31.12 41.36 -19.14
CA ASP B 574 30.74 40.34 -20.12
C ASP B 574 31.48 40.59 -21.43
N GLN B 575 32.52 39.79 -21.69
CA GLN B 575 33.20 39.84 -22.97
C GLN B 575 32.52 39.03 -24.07
N SER B 576 31.49 38.25 -23.72
CA SER B 576 30.81 37.36 -24.64
C SER B 576 29.55 37.97 -25.26
N VAL B 577 29.45 39.31 -25.26
CA VAL B 577 28.23 39.96 -25.75
C VAL B 577 28.03 39.65 -27.23
N GLY B 578 29.08 39.74 -28.03
CA GLY B 578 28.99 39.53 -29.46
C GLY B 578 29.96 38.50 -29.97
N LYS B 579 30.26 37.51 -29.14
CA LYS B 579 31.14 36.41 -29.51
C LYS B 579 30.33 35.15 -29.80
N GLN B 580 30.96 34.24 -30.54
CA GLN B 580 30.32 32.98 -30.91
C GLN B 580 30.14 32.08 -29.70
N LEU B 581 29.12 31.22 -29.78
CA LEU B 581 28.84 30.29 -28.71
C LEU B 581 29.96 29.26 -28.57
N PRO B 582 30.18 28.75 -27.36
CA PRO B 582 31.23 27.74 -27.16
C PRO B 582 30.83 26.39 -27.72
N TYR B 583 31.85 25.62 -28.09
CA TYR B 583 31.70 24.26 -28.62
C TYR B 583 30.74 24.20 -29.81
N VAL B 584 30.71 25.28 -30.59
CA VAL B 584 30.07 25.30 -31.89
C VAL B 584 31.10 25.78 -32.90
N PRO B 585 31.70 24.88 -33.67
CA PRO B 585 32.79 25.28 -34.57
C PRO B 585 32.29 26.14 -35.73
N GLU B 586 33.04 27.22 -35.98
CA GLU B 586 32.66 28.15 -37.04
C GLU B 586 32.57 27.46 -38.39
N PHE B 587 33.60 26.70 -38.76
CA PHE B 587 33.65 26.02 -40.04
C PHE B 587 33.64 24.52 -39.84
N SER B 588 32.84 23.82 -40.63
CA SER B 588 32.83 22.37 -40.67
C SER B 588 32.85 21.92 -42.12
N ALA B 589 33.47 20.78 -42.37
CA ALA B 589 33.58 20.25 -43.72
C ALA B 589 33.82 18.76 -43.63
N THR B 590 33.43 18.04 -44.68
CA THR B 590 33.49 16.58 -44.66
C THR B 590 33.42 16.06 -46.10
N VAL B 591 34.46 15.38 -46.55
CA VAL B 591 34.46 14.76 -47.87
C VAL B 591 34.69 13.26 -47.72
N THR B 592 33.87 12.48 -48.44
CA THR B 592 34.04 11.04 -48.54
C THR B 592 34.09 10.66 -50.01
N GLY B 593 35.14 9.95 -50.39
CA GLY B 593 35.31 9.54 -51.78
C GLY B 593 35.80 8.12 -51.86
N ARG B 594 35.38 7.44 -52.94
CA ARG B 594 35.71 6.03 -53.05
C ARG B 594 35.79 5.64 -54.51
N LEU B 595 36.42 4.49 -54.73
CA LEU B 595 36.47 3.91 -56.06
C LEU B 595 36.37 2.40 -55.96
N SER B 596 35.89 1.81 -57.06
CA SER B 596 35.65 0.38 -57.15
C SER B 596 36.33 -0.13 -58.40
N TRP B 597 37.09 -1.21 -58.24
CA TRP B 597 37.70 -1.94 -59.36
C TRP B 597 37.26 -3.38 -59.21
N ARG B 598 36.23 -3.76 -59.96
CA ARG B 598 35.62 -5.11 -59.91
C ARG B 598 35.30 -5.43 -58.45
N THR B 599 35.74 -6.58 -57.92
CA THR B 599 35.40 -7.00 -56.58
C THR B 599 36.13 -6.24 -55.50
N TRP B 600 36.95 -5.25 -55.85
CA TRP B 600 37.72 -4.48 -54.87
C TRP B 600 37.14 -3.09 -54.75
N SER B 601 37.10 -2.56 -53.53
CA SER B 601 36.49 -1.27 -53.26
C SER B 601 37.27 -0.58 -52.16
N LEU B 602 37.37 0.74 -52.24
CA LEU B 602 38.03 1.48 -51.16
C LEU B 602 37.41 2.86 -51.05
N LEU B 603 37.12 3.28 -49.82
CA LEU B 603 36.62 4.62 -49.55
C LEU B 603 37.49 5.29 -48.48
N TYR B 604 37.62 6.60 -48.63
CA TYR B 604 38.39 7.45 -47.74
C TYR B 604 37.47 8.55 -47.25
N LYS B 605 37.48 8.79 -45.95
CA LYS B 605 36.63 9.78 -45.30
C LYS B 605 37.52 10.78 -44.56
N TRP B 606 37.16 12.05 -44.64
CA TRP B 606 37.90 13.09 -43.96
C TRP B 606 36.92 14.16 -43.52
N CYS B 607 37.17 14.75 -42.36
CA CYS B 607 36.33 15.86 -41.91
C CYS B 607 37.16 16.83 -41.08
N TYR B 608 36.76 18.10 -41.15
CA TYR B 608 37.44 19.20 -40.47
C TYR B 608 36.42 20.04 -39.72
N TYR B 609 36.70 20.30 -38.46
CA TYR B 609 35.94 21.25 -37.65
C TYR B 609 36.87 22.39 -37.26
N SER B 610 36.40 23.63 -37.43
CA SER B 610 37.21 24.78 -37.05
C SER B 610 37.42 24.80 -35.54
N GLN B 611 38.22 25.74 -35.05
CA GLN B 611 38.49 25.85 -33.62
C GLN B 611 37.18 25.92 -32.85
N ARG B 612 37.02 25.02 -31.89
CA ARG B 612 35.88 25.06 -30.98
C ARG B 612 36.27 25.85 -29.74
N TYR B 613 35.61 26.99 -29.55
CA TYR B 613 35.96 27.90 -28.48
C TYR B 613 35.47 27.33 -27.15
N THR B 614 36.41 27.10 -26.23
CA THR B 614 36.08 26.56 -24.91
C THR B 614 35.67 27.62 -23.92
N MET B 615 35.56 28.88 -24.35
CA MET B 615 35.17 29.97 -23.47
C MET B 615 34.11 30.81 -24.15
N SER B 616 33.14 31.28 -23.37
CA SER B 616 32.09 32.12 -23.93
C SER B 616 32.69 33.39 -24.53
N SER B 617 33.77 33.89 -23.94
CA SER B 617 34.46 35.07 -24.43
C SER B 617 35.26 34.78 -25.69
N ASN B 618 35.52 33.51 -25.99
CA ASN B 618 36.27 33.05 -27.15
C ASN B 618 37.75 33.38 -27.07
N ASP B 619 38.24 33.79 -25.90
CA ASP B 619 39.63 34.20 -25.76
C ASP B 619 40.57 33.00 -25.88
N TYR B 620 41.81 33.28 -26.28
CA TYR B 620 42.85 32.27 -26.22
C TYR B 620 43.21 32.00 -24.77
N THR B 621 43.43 30.73 -24.45
CA THR B 621 43.75 30.34 -23.08
C THR B 621 44.64 29.11 -23.13
N LEU B 622 45.76 29.18 -22.41
CA LEU B 622 46.67 28.02 -22.35
C LEU B 622 45.94 26.81 -21.80
N THR B 623 45.14 27.00 -20.76
CA THR B 623 44.44 25.89 -20.11
C THR B 623 43.28 25.37 -20.95
N GLY B 624 42.75 26.15 -21.88
CA GLY B 624 41.54 25.76 -22.57
C GLY B 624 41.48 25.90 -24.08
N TYR B 625 42.56 25.58 -24.80
CA TYR B 625 42.56 25.74 -26.25
C TYR B 625 42.28 24.41 -26.93
N LEU B 626 41.32 24.40 -27.83
CA LEU B 626 40.99 23.22 -28.62
C LEU B 626 41.34 23.50 -30.08
N PRO B 627 42.32 22.81 -30.65
CA PRO B 627 42.74 23.11 -32.02
C PRO B 627 41.69 22.64 -33.03
N PRO B 628 41.78 23.11 -34.27
CA PRO B 628 40.90 22.56 -35.31
C PRO B 628 41.13 21.06 -35.48
N TYR B 629 40.08 20.38 -35.93
CA TYR B 629 39.97 18.93 -35.84
C TYR B 629 39.91 18.34 -37.24
N PHE B 630 40.95 17.62 -37.63
CA PHE B 630 41.11 17.03 -38.97
C PHE B 630 41.17 15.51 -38.82
N MET B 631 40.01 14.84 -38.86
CA MET B 631 40.01 13.39 -38.76
C MET B 631 40.00 12.75 -40.14
N ASN B 632 40.90 11.79 -40.32
CA ASN B 632 41.07 11.02 -41.55
C ASN B 632 40.92 9.55 -41.23
N ASN B 633 40.08 8.85 -41.99
CA ASN B 633 39.94 7.42 -41.83
C ASN B 633 39.61 6.81 -43.19
N VAL B 634 39.89 5.52 -43.34
CA VAL B 634 39.81 4.89 -44.66
C VAL B 634 39.54 3.40 -44.50
N THR B 635 38.70 2.85 -45.39
CA THR B 635 38.42 1.42 -45.36
C THR B 635 38.46 0.87 -46.77
N LEU B 636 38.76 -0.43 -46.88
CA LEU B 636 38.80 -1.11 -48.16
C LEU B 636 38.25 -2.51 -48.00
N GLU B 637 37.60 -3.01 -49.05
CA GLU B 637 36.92 -4.29 -49.01
C GLU B 637 37.17 -5.04 -50.30
N LYS B 638 37.35 -6.35 -50.20
CA LYS B 638 37.34 -7.24 -51.34
C LYS B 638 36.32 -8.33 -51.06
N GLN B 639 35.40 -8.52 -51.99
CA GLN B 639 34.44 -9.61 -51.90
C GLN B 639 34.71 -10.61 -53.01
N LEU B 640 34.09 -11.78 -52.86
CA LEU B 640 34.31 -12.89 -53.79
C LEU B 640 33.14 -13.85 -53.68
N SER B 641 32.42 -14.02 -54.78
CA SER B 641 31.31 -14.95 -54.79
C SER B 641 31.88 -16.33 -55.11
N PHE B 642 31.49 -17.32 -54.31
CA PHE B 642 31.93 -18.69 -54.51
C PHE B 642 30.73 -19.61 -54.67
N ARG B 643 31.02 -20.86 -55.03
CA ARG B 643 29.97 -21.86 -55.14
C ARG B 643 29.33 -22.13 -53.80
N TRP B 644 30.14 -22.07 -52.73
CA TRP B 644 29.61 -22.19 -51.38
C TRP B 644 28.63 -21.07 -51.09
N ALA B 645 29.15 -19.84 -51.03
CA ALA B 645 28.35 -18.66 -50.70
C ALA B 645 29.01 -17.42 -51.29
N ASP B 646 28.58 -16.26 -50.81
CA ASP B 646 29.21 -14.98 -51.10
C ASP B 646 30.01 -14.56 -49.86
N LEU B 647 31.26 -14.13 -50.06
CA LEU B 647 32.12 -13.81 -48.92
C LEU B 647 32.75 -12.44 -49.13
N SER B 648 32.94 -11.71 -48.03
CA SER B 648 33.57 -10.40 -48.09
C SER B 648 34.59 -10.25 -46.97
N LEU B 649 35.71 -9.60 -47.27
CA LEU B 649 36.69 -9.25 -46.25
C LEU B 649 37.02 -7.77 -46.38
N LYS B 650 36.97 -7.04 -45.28
CA LYS B 650 37.23 -5.60 -45.32
C LYS B 650 38.07 -5.20 -44.12
N GLY B 651 38.74 -4.06 -44.26
CA GLY B 651 39.52 -3.49 -43.19
C GLY B 651 39.38 -1.98 -43.14
N SER B 652 39.16 -1.43 -41.96
CA SER B 652 38.97 0.00 -41.79
C SER B 652 39.97 0.52 -40.77
N ILE B 653 40.46 1.74 -41.02
CA ILE B 653 41.37 2.45 -40.15
C ILE B 653 40.72 3.76 -39.76
N ASN B 654 40.93 4.18 -38.51
CA ASN B 654 40.54 5.49 -38.02
C ASN B 654 41.75 6.16 -37.39
N ASN B 655 41.73 7.49 -37.42
CA ASN B 655 42.84 8.33 -37.00
C ASN B 655 44.13 7.89 -37.68
N LEU B 656 44.12 7.98 -39.01
CA LEU B 656 45.33 7.76 -39.78
C LEU B 656 46.38 8.79 -39.38
N PHE B 657 47.62 8.55 -39.82
CA PHE B 657 48.81 9.34 -39.52
C PHE B 657 49.24 9.25 -38.06
N ASP B 658 48.49 8.55 -37.21
CA ASP B 658 48.76 8.50 -35.78
C ASP B 658 48.86 9.90 -35.19
N GLU B 659 47.77 10.65 -35.33
CA GLU B 659 47.70 11.99 -34.77
C GLU B 659 47.28 11.95 -33.31
N GLU B 660 48.06 12.60 -32.45
CA GLU B 660 47.75 12.73 -31.04
C GLU B 660 47.12 14.10 -30.82
N TYR B 661 45.83 14.11 -30.49
CA TYR B 661 45.05 15.35 -30.54
C TYR B 661 44.05 15.37 -29.38
N LEU B 662 43.16 16.35 -29.43
CA LEU B 662 42.06 16.51 -28.49
C LEU B 662 40.85 17.03 -29.26
N SER B 663 39.69 16.45 -29.00
CA SER B 663 38.44 16.93 -29.59
C SER B 663 37.48 17.46 -28.55
N VAL B 664 37.43 16.83 -27.38
CA VAL B 664 36.72 17.35 -26.23
C VAL B 664 37.75 17.57 -25.13
N LEU B 665 37.65 18.71 -24.44
CA LEU B 665 38.65 19.07 -23.44
C LEU B 665 38.77 17.99 -22.37
N SER B 666 40.00 17.68 -22.00
CA SER B 666 40.37 16.73 -20.93
C SER B 666 40.06 15.28 -21.25
N ARG B 667 39.52 14.97 -22.42
CA ARG B 667 39.16 13.60 -22.71
C ARG B 667 40.17 13.01 -23.67
N PRO B 668 40.97 12.03 -23.25
CA PRO B 668 42.00 11.48 -24.14
C PRO B 668 41.39 10.80 -25.35
N MET B 669 42.19 10.73 -26.41
CA MET B 669 41.79 10.11 -27.66
C MET B 669 42.81 9.06 -28.06
N PRO B 670 42.35 8.00 -28.73
CA PRO B 670 43.27 6.93 -29.11
C PRO B 670 44.23 7.36 -30.20
N GLY B 671 45.31 6.59 -30.34
CA GLY B 671 46.20 6.73 -31.46
C GLY B 671 45.57 6.20 -32.73
N ILE B 672 46.39 5.77 -33.69
CA ILE B 672 45.86 5.20 -34.92
C ILE B 672 45.27 3.83 -34.61
N ASN B 673 44.06 3.57 -35.10
CA ASN B 673 43.35 2.34 -34.76
C ASN B 673 42.78 1.68 -36.00
N PHE B 674 42.63 0.36 -35.94
CA PHE B 674 42.17 -0.43 -37.08
C PHE B 674 41.24 -1.55 -36.62
N GLU B 675 40.32 -1.95 -37.50
CA GLU B 675 39.53 -3.16 -37.32
C GLU B 675 39.35 -3.87 -38.65
N ILE B 676 39.40 -5.20 -38.62
CA ILE B 676 39.23 -6.02 -39.83
C ILE B 676 38.03 -6.94 -39.65
N PHE B 677 37.17 -7.01 -40.68
CA PHE B 677 35.87 -7.64 -40.67
C PHE B 677 35.75 -8.70 -41.76
N ILE B 678 35.08 -9.81 -41.44
CA ILE B 678 34.80 -10.89 -42.38
C ILE B 678 33.30 -11.16 -42.41
N GLY B 679 32.72 -11.27 -43.62
CA GLY B 679 31.29 -11.47 -43.81
C GLY B 679 30.93 -12.68 -44.66
N ILE B 680 30.00 -13.48 -44.12
CA ILE B 680 29.50 -14.71 -44.71
C ILE B 680 28.00 -14.62 -44.97
N THR B 681 27.55 -15.22 -46.08
CA THR B 681 26.16 -15.28 -46.54
C THR B 681 25.87 -16.70 -47.02
N PRO B 682 24.65 -17.05 -47.48
CA PRO B 682 24.53 -18.41 -48.03
C PRO B 682 24.86 -18.49 -49.52
N PRO C 45 -7.08 21.68 22.68
CA PRO C 45 -8.11 22.68 22.36
C PRO C 45 -8.47 22.72 20.88
N MET C 46 -8.64 21.55 20.26
CA MET C 46 -9.13 21.46 18.89
C MET C 46 -10.31 20.51 18.84
N LYS C 47 -11.06 20.61 17.73
CA LYS C 47 -12.28 19.87 17.45
C LYS C 47 -13.41 20.41 18.33
N ASP C 48 -13.07 21.24 19.31
CA ASP C 48 -14.02 22.03 20.06
C ASP C 48 -13.95 23.51 19.69
N ILE C 49 -13.62 23.80 18.44
CA ILE C 49 -13.49 25.17 17.96
C ILE C 49 -14.87 25.84 18.03
N GLY C 50 -15.03 26.80 18.94
CA GLY C 50 -16.31 27.49 19.07
C GLY C 50 -17.46 26.59 19.43
N VAL C 51 -17.22 25.54 20.21
CA VAL C 51 -18.21 24.51 20.51
C VAL C 51 -18.65 24.65 21.96
N GLN C 52 -19.97 24.61 22.18
CA GLN C 52 -20.56 24.70 23.51
C GLN C 52 -21.07 23.32 23.90
N ARG C 53 -20.38 22.68 24.85
CA ARG C 53 -20.78 21.36 25.32
C ARG C 53 -20.67 21.30 26.84
N THR C 54 -21.63 20.62 27.46
CA THR C 54 -21.73 20.56 28.92
C THR C 54 -21.17 19.24 29.43
N ARG C 55 -20.08 19.33 30.19
CA ARG C 55 -19.46 18.18 30.83
C ARG C 55 -19.92 18.10 32.29
N PHE C 56 -20.17 16.87 32.75
CA PHE C 56 -20.74 16.62 34.07
C PHE C 56 -19.71 15.98 34.99
N ASP C 57 -19.72 16.41 36.25
CA ASP C 57 -18.71 15.99 37.21
C ASP C 57 -18.84 14.50 37.53
N SER C 58 -17.72 13.90 37.93
CA SER C 58 -17.68 12.46 38.17
C SER C 58 -18.68 12.05 39.24
N ILE C 59 -18.77 12.82 40.34
CA ILE C 59 -19.69 12.48 41.42
C ILE C 59 -21.05 13.14 41.23
N ALA C 60 -21.19 14.03 40.26
CA ALA C 60 -22.52 14.57 39.94
C ALA C 60 -23.42 13.50 39.38
N MET C 61 -22.84 12.50 38.70
CA MET C 61 -23.60 11.40 38.12
C MET C 61 -23.47 10.11 38.92
N LYS C 62 -22.76 10.13 40.05
CA LYS C 62 -22.67 8.97 40.92
C LYS C 62 -22.99 9.39 42.35
N GLU C 63 -23.99 10.26 42.46
CA GLU C 63 -24.44 10.79 43.74
C GLU C 63 -25.35 9.79 44.45
N ASN C 64 -26.43 9.39 43.79
CA ASN C 64 -27.39 8.43 44.33
C ASN C 64 -27.59 7.32 43.30
N ILE C 65 -27.93 6.14 43.80
CA ILE C 65 -27.97 4.94 42.97
C ILE C 65 -29.02 5.07 41.88
N ALA C 66 -30.28 5.26 42.26
CA ALA C 66 -31.29 5.36 41.21
C ALA C 66 -31.22 6.68 40.44
N LEU C 67 -31.69 7.77 41.06
CA LEU C 67 -31.53 9.14 40.56
C LEU C 67 -31.94 9.33 39.11
N SER C 68 -32.57 8.33 38.49
CA SER C 68 -32.78 8.30 37.05
C SER C 68 -31.58 8.85 36.28
N MET C 69 -31.84 9.42 35.11
CA MET C 69 -30.89 10.29 34.42
C MET C 69 -31.45 11.68 34.14
N ALA C 70 -32.78 11.83 34.14
CA ALA C 70 -33.38 13.16 34.05
C ALA C 70 -33.08 13.99 35.29
N ASP C 71 -32.91 13.36 36.45
CA ASP C 71 -32.65 14.09 37.68
C ASP C 71 -31.21 14.59 37.77
N VAL C 72 -30.32 14.11 36.90
CA VAL C 72 -29.00 14.71 36.78
C VAL C 72 -29.05 15.90 35.83
N LEU C 73 -29.75 15.75 34.71
CA LEU C 73 -29.88 16.82 33.74
C LEU C 73 -30.59 18.03 34.34
N THR C 74 -31.65 17.79 35.11
CA THR C 74 -32.46 18.86 35.67
C THR C 74 -31.80 19.57 36.85
N PHE C 75 -30.68 19.06 37.35
CA PHE C 75 -30.03 19.69 38.50
C PHE C 75 -28.57 20.06 38.30
N ASN C 76 -27.92 19.61 37.23
CA ASN C 76 -26.61 20.14 36.86
C ASN C 76 -26.66 20.91 35.55
N SER C 77 -27.82 20.95 34.88
CA SER C 77 -28.05 21.76 33.71
C SER C 77 -29.32 22.57 33.91
N SER C 78 -29.70 23.32 32.89
CA SER C 78 -30.88 24.19 32.94
C SER C 78 -31.72 24.04 31.68
N VAL C 79 -31.97 22.80 31.30
CA VAL C 79 -32.86 22.49 30.20
C VAL C 79 -34.18 22.02 30.79
N PHE C 80 -35.22 21.94 29.96
CA PHE C 80 -36.51 21.57 30.49
C PHE C 80 -36.66 20.06 30.56
N VAL C 81 -37.30 19.58 31.62
CA VAL C 81 -37.54 18.15 31.84
C VAL C 81 -39.01 18.01 32.20
N LYS C 82 -39.83 17.70 31.21
CA LYS C 82 -41.22 17.36 31.49
C LYS C 82 -41.23 16.06 32.29
N ASN C 83 -41.71 16.16 33.53
CA ASN C 83 -41.45 15.13 34.53
C ASN C 83 -42.47 15.29 35.66
N TYR C 84 -43.09 14.17 36.07
CA TYR C 84 -43.94 14.17 37.24
C TYR C 84 -43.50 13.19 38.31
N GLY C 85 -43.25 11.93 37.95
CA GLY C 85 -42.87 10.92 38.91
C GLY C 85 -41.37 10.65 38.90
N ARG C 86 -40.98 9.63 39.66
CA ARG C 86 -39.61 9.13 39.55
C ARG C 86 -39.47 8.28 38.30
N ALA C 87 -40.21 7.17 38.23
CA ALA C 87 -40.32 6.35 37.03
C ALA C 87 -41.44 6.94 36.18
N THR C 88 -41.11 8.02 35.47
CA THR C 88 -42.06 8.82 34.74
C THR C 88 -41.71 8.83 33.25
N LEU C 89 -42.50 9.56 32.47
CA LEU C 89 -42.23 9.76 31.05
C LEU C 89 -41.47 11.07 30.87
N SER C 90 -40.27 11.08 31.45
CA SER C 90 -39.45 12.27 31.53
C SER C 90 -38.86 12.60 30.17
N THR C 91 -39.18 13.77 29.64
CA THR C 91 -38.66 14.18 28.34
C THR C 91 -37.85 15.46 28.50
N VAL C 92 -36.71 15.51 27.82
CA VAL C 92 -35.83 16.68 27.85
C VAL C 92 -36.09 17.54 26.64
N ALA C 93 -36.16 18.85 26.86
CA ALA C 93 -36.40 19.83 25.82
C ALA C 93 -35.37 20.93 25.94
N PHE C 94 -34.72 21.25 24.83
CA PHE C 94 -33.66 22.24 24.78
C PHE C 94 -34.26 23.64 24.65
N ARG C 95 -33.42 24.61 24.30
CA ARG C 95 -33.79 26.02 24.38
C ARG C 95 -34.96 26.35 23.45
N GLY C 96 -36.14 26.53 24.02
CA GLY C 96 -37.34 26.79 23.24
C GLY C 96 -37.65 25.72 22.22
N THR C 97 -37.20 24.49 22.46
CA THR C 97 -37.17 23.44 21.45
C THR C 97 -38.01 22.26 21.91
N SER C 98 -38.70 21.64 20.95
CA SER C 98 -39.40 20.39 21.23
C SER C 98 -38.41 19.27 21.54
N PRO C 99 -38.80 18.31 22.38
CA PRO C 99 -37.92 17.14 22.60
C PRO C 99 -37.64 16.36 21.33
N SER C 100 -38.47 16.52 20.29
CA SER C 100 -38.27 15.80 19.03
C SER C 100 -37.00 16.23 18.31
N HIS C 101 -36.43 17.39 18.65
CA HIS C 101 -35.19 17.85 18.05
C HIS C 101 -33.99 17.71 18.99
N THR C 102 -34.18 17.10 20.15
CA THR C 102 -33.12 16.84 21.12
C THR C 102 -32.86 15.33 21.10
N GLN C 103 -31.99 14.89 20.19
CA GLN C 103 -31.68 13.48 20.04
C GLN C 103 -30.34 13.14 20.67
N VAL C 104 -30.21 11.89 21.11
CA VAL C 104 -29.15 11.46 22.02
C VAL C 104 -28.30 10.38 21.37
N THR C 105 -27.10 10.17 21.93
CA THR C 105 -26.11 9.24 21.41
C THR C 105 -25.52 8.41 22.54
N TRP C 106 -25.59 7.08 22.41
CA TRP C 106 -24.95 6.14 23.32
C TRP C 106 -23.89 5.36 22.54
N ASN C 107 -22.62 5.61 22.85
CA ASN C 107 -21.49 4.95 22.19
C ASN C 107 -21.52 5.15 20.68
N GLY C 108 -21.99 6.31 20.22
CA GLY C 108 -22.06 6.62 18.81
C GLY C 108 -23.36 6.26 18.12
N MET C 109 -24.30 5.64 18.83
CA MET C 109 -25.57 5.19 18.24
C MET C 109 -26.69 6.19 18.49
N ARG C 110 -27.69 6.14 17.61
CA ARG C 110 -28.93 6.90 17.81
C ARG C 110 -29.89 6.03 18.62
N ILE C 111 -30.29 6.53 19.78
CA ILE C 111 -31.04 5.74 20.75
C ILE C 111 -32.53 6.03 20.70
N ASN C 112 -32.89 7.25 20.31
CA ASN C 112 -34.30 7.58 20.14
C ASN C 112 -34.93 6.61 19.17
N ASN C 113 -35.81 5.74 19.64
CA ASN C 113 -36.32 4.71 18.74
C ASN C 113 -37.16 5.39 17.67
N PRO C 114 -36.80 5.25 16.40
CA PRO C 114 -37.41 6.10 15.36
C PRO C 114 -38.89 5.86 15.16
N MET C 115 -39.48 4.87 15.84
CA MET C 115 -40.93 4.76 15.80
C MET C 115 -41.56 5.99 16.43
N LEU C 116 -40.86 6.64 17.36
CA LEU C 116 -41.25 7.96 17.85
C LEU C 116 -39.99 8.68 18.31
N GLY C 117 -39.69 9.80 17.66
CA GLY C 117 -38.36 10.40 17.75
C GLY C 117 -38.02 11.14 19.02
N MET C 118 -37.85 10.42 20.12
CA MET C 118 -37.41 10.99 21.39
C MET C 118 -36.95 9.85 22.29
N THR C 119 -36.52 10.20 23.50
CA THR C 119 -35.97 9.23 24.43
C THR C 119 -36.58 9.43 25.81
N ASP C 120 -37.01 8.34 26.44
CA ASP C 120 -37.46 8.38 27.82
C ASP C 120 -36.23 8.26 28.73
N PHE C 121 -36.06 9.23 29.63
CA PHE C 121 -34.86 9.33 30.45
C PHE C 121 -35.00 8.72 31.84
N SER C 122 -36.23 8.44 32.30
CA SER C 122 -36.40 7.73 33.55
C SER C 122 -35.99 6.26 33.46
N THR C 123 -35.74 5.76 32.24
CA THR C 123 -35.33 4.38 32.02
C THR C 123 -33.81 4.24 31.97
N ILE C 124 -33.07 5.18 32.55
CA ILE C 124 -31.61 5.16 32.54
C ILE C 124 -31.10 5.58 33.91
N PRO C 125 -30.36 4.74 34.61
CA PRO C 125 -29.88 5.09 35.96
C PRO C 125 -28.63 5.95 35.90
N SER C 126 -28.46 6.76 36.95
CA SER C 126 -27.31 7.66 37.02
C SER C 126 -26.00 6.89 37.09
N TYR C 127 -25.99 5.71 37.72
CA TYR C 127 -24.77 4.95 37.91
C TYR C 127 -24.36 4.16 36.68
N PHE C 128 -25.18 4.12 35.62
CA PHE C 128 -24.86 3.37 34.41
C PHE C 128 -24.21 4.23 33.34
N ILE C 129 -23.65 5.39 33.71
CA ILE C 129 -22.98 6.27 32.76
C ILE C 129 -21.62 6.66 33.31
N ASP C 130 -20.60 6.62 32.45
CA ASP C 130 -19.25 7.01 32.81
C ASP C 130 -18.81 8.31 32.16
N ASP C 131 -19.17 8.55 30.91
CA ASP C 131 -18.84 9.78 30.21
C ASP C 131 -20.10 10.36 29.58
N ALA C 132 -20.30 11.67 29.74
CA ALA C 132 -21.53 12.32 29.28
C ALA C 132 -21.27 13.79 28.99
N SER C 133 -21.09 14.13 27.72
CA SER C 133 -21.09 15.51 27.27
C SER C 133 -22.47 15.88 26.71
N LEU C 134 -22.64 17.16 26.38
CA LEU C 134 -23.96 17.65 25.99
C LEU C 134 -23.77 18.80 24.99
N LEU C 135 -23.88 18.49 23.70
CA LEU C 135 -23.60 19.47 22.65
C LEU C 135 -24.84 20.30 22.35
N HIS C 136 -24.67 21.62 22.39
CA HIS C 136 -25.78 22.56 22.35
C HIS C 136 -25.95 23.14 20.96
N GLY C 137 -27.19 23.14 20.47
CA GLY C 137 -27.54 23.92 19.29
C GLY C 137 -26.70 23.59 18.07
N THR C 138 -26.17 24.65 17.45
CA THR C 138 -25.45 24.51 16.19
C THR C 138 -24.20 23.65 16.31
N SER C 139 -23.73 23.38 17.52
CA SER C 139 -22.57 22.52 17.71
C SER C 139 -22.90 21.04 17.70
N SER C 140 -24.19 20.69 17.57
CA SER C 140 -24.56 19.28 17.51
C SER C 140 -24.13 18.61 16.21
N VAL C 141 -23.88 19.40 15.16
CA VAL C 141 -23.74 18.84 13.82
C VAL C 141 -22.42 18.07 13.68
N ASN C 142 -21.32 18.60 14.22
CA ASN C 142 -20.05 17.93 13.97
C ASN C 142 -19.95 16.57 14.66
N GLU C 143 -21.02 16.11 15.32
CA GLU C 143 -21.15 14.73 15.75
C GLU C 143 -22.27 13.99 15.05
N THR C 144 -23.44 14.63 14.90
CA THR C 144 -24.49 14.06 14.06
C THR C 144 -25.48 15.13 13.66
N GLY C 145 -26.13 14.93 12.52
CA GLY C 145 -27.15 15.83 12.03
C GLY C 145 -28.54 15.38 12.43
N GLY C 146 -29.51 16.21 12.08
CA GLY C 146 -30.88 15.97 12.47
C GLY C 146 -31.26 16.55 13.81
N GLY C 147 -30.30 17.03 14.59
CA GLY C 147 -30.58 17.59 15.89
C GLY C 147 -30.73 19.10 15.83
N LEU C 148 -31.97 19.58 15.78
CA LEU C 148 -32.22 21.01 15.74
C LEU C 148 -32.02 21.63 17.11
N GLY C 149 -32.60 21.01 18.15
CA GLY C 149 -32.35 21.42 19.51
C GLY C 149 -30.91 21.20 19.93
N GLY C 150 -30.45 19.95 19.84
CA GLY C 150 -29.09 19.62 20.18
C GLY C 150 -28.96 18.15 20.50
N LEU C 151 -27.82 17.79 21.10
CA LEU C 151 -27.45 16.40 21.30
C LEU C 151 -26.99 16.16 22.73
N VAL C 152 -27.31 14.98 23.25
CA VAL C 152 -26.77 14.48 24.51
C VAL C 152 -25.85 13.33 24.15
N ARG C 153 -24.55 13.49 24.40
CA ARG C 153 -23.54 12.55 23.96
C ARG C 153 -23.13 11.68 25.17
N LEU C 154 -23.48 10.40 25.12
CA LEU C 154 -23.25 9.47 26.21
C LEU C 154 -22.28 8.38 25.78
N SER C 155 -21.51 7.87 26.73
CA SER C 155 -20.61 6.75 26.44
C SER C 155 -20.19 6.10 27.75
N THR C 156 -20.07 4.78 27.72
CA THR C 156 -19.48 4.04 28.82
C THR C 156 -18.00 3.81 28.55
N SER C 157 -17.18 3.93 29.59
CA SER C 157 -15.77 3.66 29.47
C SER C 157 -15.31 2.75 30.61
N PRO C 158 -14.31 1.91 30.38
CA PRO C 158 -13.75 1.12 31.47
C PRO C 158 -13.12 2.01 32.53
N ALA C 159 -13.49 1.79 33.79
CA ALA C 159 -12.94 2.55 34.89
C ALA C 159 -11.44 2.32 35.05
N ASN C 160 -10.90 1.29 34.40
CA ASN C 160 -9.47 0.96 34.47
C ASN C 160 -9.02 0.67 35.90
N HIS C 161 -9.79 -0.16 36.59
CA HIS C 161 -9.40 -0.67 37.89
C HIS C 161 -8.88 -2.09 37.74
N GLU C 162 -7.72 -2.36 38.32
CA GLU C 162 -7.05 -3.64 38.19
C GLU C 162 -7.39 -4.51 39.39
N GLY C 163 -7.79 -5.76 39.13
CA GLY C 163 -8.14 -6.67 40.18
C GLY C 163 -9.64 -6.89 40.22
N PHE C 164 -10.19 -7.04 41.41
CA PHE C 164 -11.63 -7.25 41.58
C PHE C 164 -12.18 -6.15 42.48
N GLY C 165 -13.08 -5.34 41.93
CA GLY C 165 -13.58 -4.17 42.62
C GLY C 165 -15.08 -4.25 42.84
N LEU C 166 -15.55 -5.42 43.28
CA LEU C 166 -16.97 -5.63 43.51
C LEU C 166 -17.49 -4.55 44.44
N GLN C 167 -18.62 -3.94 44.05
CA GLN C 167 -19.23 -2.89 44.84
C GLN C 167 -20.73 -3.12 44.86
N TYR C 168 -21.31 -3.16 46.06
CA TYR C 168 -22.73 -3.39 46.26
C TYR C 168 -23.34 -2.21 46.98
N VAL C 169 -24.48 -1.74 46.50
CA VAL C 169 -25.22 -0.69 47.19
C VAL C 169 -26.67 -1.13 47.35
N GLN C 170 -27.22 -0.86 48.52
CA GLN C 170 -28.58 -1.21 48.89
C GLN C 170 -29.23 0.02 49.49
N GLY C 171 -30.42 0.35 49.01
CA GLY C 171 -31.07 1.57 49.44
C GLY C 171 -32.54 1.40 49.66
N VAL C 172 -33.04 2.03 50.73
CA VAL C 172 -34.43 1.91 51.13
C VAL C 172 -34.97 3.31 51.40
N GLY C 173 -36.27 3.39 51.67
CA GLY C 173 -36.88 4.57 52.24
C GLY C 173 -38.06 5.05 51.44
N SER C 174 -38.58 6.21 51.85
CA SER C 174 -39.71 6.87 51.21
C SER C 174 -40.91 5.93 51.33
N PHE C 175 -41.61 5.63 50.25
CA PHE C 175 -42.84 4.84 50.28
C PHE C 175 -42.54 3.40 49.87
N SER C 176 -41.82 2.70 50.76
CA SER C 176 -41.39 1.33 50.51
C SER C 176 -40.59 1.22 49.22
N THR C 177 -39.74 2.22 48.97
CA THR C 177 -38.93 2.27 47.76
C THR C 177 -37.63 1.50 48.01
N PHE C 178 -37.32 0.56 47.12
CA PHE C 178 -36.15 -0.30 47.28
C PHE C 178 -35.31 -0.22 46.01
N ASP C 179 -34.01 0.02 46.17
CA ASP C 179 -33.08 0.06 45.06
C ASP C 179 -31.85 -0.77 45.40
N GLU C 180 -31.40 -1.57 44.44
CA GLU C 180 -30.21 -2.38 44.61
C GLU C 180 -29.33 -2.25 43.37
N PHE C 181 -28.02 -2.13 43.58
CA PHE C 181 -27.08 -2.07 42.46
C PHE C 181 -25.79 -2.80 42.82
N LEU C 182 -25.21 -3.46 41.83
CA LEU C 182 -23.95 -4.15 42.05
C LEU C 182 -23.07 -4.07 40.80
N ARG C 183 -21.76 -3.92 41.02
CA ARG C 183 -20.78 -3.83 39.94
C ARG C 183 -19.59 -4.71 40.25
N LEU C 184 -19.30 -5.65 39.36
CA LEU C 184 -18.11 -6.49 39.43
C LEU C 184 -17.16 -6.13 38.30
N THR C 185 -15.98 -5.62 38.64
CA THR C 185 -14.99 -5.22 37.64
C THR C 185 -13.72 -6.08 37.71
N ASP C 188 -6.92 -5.32 34.24
CA ASP C 188 -5.79 -6.02 33.63
C ASP C 188 -5.12 -5.11 32.59
N LYS C 189 -3.86 -5.43 32.27
CA LYS C 189 -3.09 -4.57 31.37
C LYS C 189 -3.67 -4.55 29.97
N HIS C 190 -4.18 -5.67 29.49
CA HIS C 190 -4.67 -5.81 28.13
C HIS C 190 -6.15 -6.14 28.05
N TRP C 191 -6.68 -6.89 29.01
CA TRP C 191 -8.08 -7.22 29.07
C TRP C 191 -8.75 -6.36 30.14
N GLN C 192 -10.05 -6.18 30.00
CA GLN C 192 -10.80 -5.46 31.03
C GLN C 192 -12.27 -5.83 30.93
N SER C 193 -12.93 -5.88 32.08
CA SER C 193 -14.33 -6.26 32.11
C SER C 193 -15.04 -5.50 33.22
N SER C 194 -16.35 -5.28 33.01
CA SER C 194 -17.17 -4.70 34.06
C SER C 194 -18.62 -5.10 33.84
N THR C 195 -19.26 -5.56 34.91
CA THR C 195 -20.66 -5.98 34.90
C THR C 195 -21.42 -5.14 35.92
N ARG C 196 -22.43 -4.40 35.46
CA ARG C 196 -23.25 -3.58 36.33
C ARG C 196 -24.70 -4.03 36.26
N VAL C 197 -25.40 -3.96 37.39
CA VAL C 197 -26.79 -4.39 37.45
C VAL C 197 -27.55 -3.54 38.46
N VAL C 198 -28.74 -3.09 38.07
CA VAL C 198 -29.62 -2.29 38.92
C VAL C 198 -31.01 -2.94 38.92
N TYR C 199 -31.59 -3.08 40.11
CA TYR C 199 -32.99 -3.48 40.24
C TYR C 199 -33.66 -2.53 41.22
N SER C 200 -34.73 -1.87 40.79
CA SER C 200 -35.46 -0.96 41.66
C SER C 200 -36.95 -1.25 41.59
N SER C 201 -37.60 -1.24 42.75
CA SER C 201 -39.02 -1.52 42.84
C SER C 201 -39.63 -0.62 43.89
N SER C 202 -40.85 -0.15 43.62
CA SER C 202 -41.55 0.65 44.62
C SER C 202 -43.04 0.72 44.26
N PRO C 203 -43.92 0.78 45.26
CA PRO C 203 -45.36 0.94 44.96
C PRO C 203 -45.77 2.37 44.69
N ASN C 204 -45.01 3.35 45.19
CA ASN C 204 -45.29 4.78 44.98
C ASN C 204 -46.73 5.13 45.36
N ASP C 205 -47.10 4.76 46.59
CA ASP C 205 -48.38 5.17 47.18
C ASP C 205 -48.23 6.42 48.04
N TYR C 206 -47.63 7.48 47.49
CA TYR C 206 -47.31 8.64 48.30
C TYR C 206 -48.56 9.42 48.69
N LYS C 207 -48.55 9.93 49.92
CA LYS C 207 -49.70 10.65 50.47
C LYS C 207 -49.77 12.04 49.85
N TYR C 208 -50.89 12.35 49.20
CA TYR C 208 -51.11 13.69 48.67
C TYR C 208 -52.50 14.17 49.02
N ARG C 209 -52.58 15.41 49.52
CA ARG C 209 -53.85 16.07 49.81
C ARG C 209 -54.40 16.58 48.49
N ASN C 210 -55.34 15.83 47.91
CA ASN C 210 -55.76 16.06 46.53
C ASN C 210 -56.68 17.28 46.47
N ARG C 211 -56.15 18.39 45.94
CA ARG C 211 -56.86 19.65 45.85
C ARG C 211 -57.53 19.82 44.49
N ASP C 212 -57.99 18.71 43.92
CA ASP C 212 -58.40 18.63 42.52
C ASP C 212 -59.72 17.91 42.34
N LYS C 213 -60.30 17.37 43.41
CA LYS C 213 -61.42 16.44 43.32
C LYS C 213 -61.98 16.23 44.72
N LYS C 214 -63.29 16.25 44.86
CA LYS C 214 -63.93 16.14 46.17
C LYS C 214 -64.66 14.81 46.32
N GLU C 215 -64.92 14.46 47.57
CA GLU C 215 -65.70 13.30 47.93
C GLU C 215 -66.81 13.76 48.86
N ASN C 216 -67.95 13.09 48.77
CA ASN C 216 -69.16 13.56 49.41
C ASN C 216 -69.50 12.73 50.65
N ILE C 217 -70.15 13.39 51.59
CA ILE C 217 -70.73 12.75 52.77
C ILE C 217 -72.24 12.80 52.58
N TYR C 218 -72.85 11.63 52.45
CA TYR C 218 -74.25 11.45 52.13
C TYR C 218 -75.05 11.12 53.40
N ASP C 219 -76.31 10.73 53.20
CA ASP C 219 -77.24 10.32 54.23
C ASP C 219 -78.15 9.27 53.61
N GLU C 220 -79.31 9.03 54.23
CA GLU C 220 -80.30 8.17 53.60
C GLU C 220 -80.66 8.73 52.22
N ASP C 221 -80.82 7.83 51.25
CA ASP C 221 -81.22 8.17 49.88
C ASP C 221 -80.15 8.97 49.14
N LYS C 222 -78.88 8.78 49.49
CA LYS C 222 -77.75 9.31 48.73
C LYS C 222 -77.89 10.82 48.49
N ASN C 223 -78.32 11.54 49.53
CA ASN C 223 -78.39 12.99 49.46
C ASN C 223 -77.09 13.59 49.98
N ILE C 224 -76.39 14.30 49.11
CA ILE C 224 -75.07 14.82 49.46
C ILE C 224 -75.21 15.89 50.53
N ILE C 225 -74.52 15.70 51.65
CA ILE C 225 -74.51 16.69 52.72
C ILE C 225 -73.22 17.49 52.64
N GLY C 226 -72.08 16.80 52.76
CA GLY C 226 -70.79 17.44 52.84
C GLY C 226 -69.92 17.07 51.65
N SER C 227 -68.84 17.84 51.48
CA SER C 227 -67.88 17.58 50.43
C SER C 227 -66.50 18.02 50.90
N TYR C 228 -65.52 17.13 50.80
CA TYR C 228 -64.18 17.41 51.28
C TYR C 228 -63.16 16.90 50.27
N TYR C 229 -62.00 17.54 50.25
CA TYR C 229 -60.89 17.07 49.44
C TYR C 229 -60.21 15.90 50.13
N PRO C 230 -60.21 14.70 49.54
CA PRO C 230 -59.62 13.54 50.21
C PRO C 230 -58.10 13.59 50.21
N THR C 231 -57.52 12.91 51.20
CA THR C 231 -56.07 12.74 51.33
C THR C 231 -55.75 11.36 50.77
N GLU C 232 -55.43 11.30 49.47
CA GLU C 232 -55.35 10.03 48.79
C GLU C 232 -53.89 9.60 48.58
N ARG C 233 -53.74 8.41 48.00
CA ARG C 233 -52.44 7.86 47.60
C ARG C 233 -52.40 7.71 46.08
N ASN C 234 -51.19 7.74 45.52
CA ASN C 234 -51.01 7.66 44.09
C ASN C 234 -51.46 6.32 43.53
N ARG C 235 -52.52 6.32 42.75
CA ARG C 235 -53.14 5.09 42.27
C ARG C 235 -52.44 4.57 41.01
N SER C 236 -52.10 3.28 41.03
CA SER C 236 -51.49 2.58 39.90
C SER C 236 -50.23 3.30 39.41
N GLY C 237 -49.37 3.65 40.36
CA GLY C 237 -48.12 4.30 40.05
C GLY C 237 -46.90 3.44 40.27
N ALA C 238 -47.09 2.18 40.63
CA ALA C 238 -45.99 1.31 41.02
C ALA C 238 -45.02 1.11 39.87
N TYR C 239 -43.82 0.63 40.19
CA TYR C 239 -42.82 0.40 39.16
C TYR C 239 -41.85 -0.70 39.57
N LYS C 240 -41.37 -1.42 38.55
CA LYS C 240 -40.33 -2.44 38.68
C LYS C 240 -39.42 -2.29 37.47
N ASP C 241 -38.19 -1.86 37.70
CA ASP C 241 -37.23 -1.59 36.64
C ASP C 241 -35.97 -2.40 36.87
N LEU C 242 -35.44 -2.99 35.80
CA LEU C 242 -34.21 -3.77 35.90
C LEU C 242 -33.30 -3.43 34.73
N HIS C 243 -32.05 -3.10 35.05
CA HIS C 243 -31.02 -2.75 34.08
C HIS C 243 -29.83 -3.68 34.25
N VAL C 244 -29.18 -4.05 33.15
CA VAL C 244 -27.92 -4.79 33.26
C VAL C 244 -27.04 -4.46 32.06
N LEU C 245 -25.78 -4.10 32.35
CA LEU C 245 -24.81 -3.78 31.30
C LEU C 245 -23.54 -4.59 31.51
N GLN C 246 -23.16 -5.35 30.49
CA GLN C 246 -21.95 -6.17 30.50
C GLN C 246 -21.00 -5.62 29.43
N GLU C 247 -19.77 -5.28 29.81
CA GLU C 247 -18.81 -4.78 28.83
C GLU C 247 -17.45 -5.44 29.01
N ILE C 248 -16.79 -5.69 27.88
CA ILE C 248 -15.42 -6.16 27.82
C ILE C 248 -14.61 -5.24 26.91
N TYR C 249 -13.31 -5.17 27.17
CA TYR C 249 -12.43 -4.26 26.45
C TYR C 249 -11.07 -4.91 26.28
N TYR C 250 -10.45 -4.64 25.13
CA TYR C 250 -9.17 -5.19 24.75
C TYR C 250 -8.26 -4.05 24.32
N ASN C 251 -7.01 -4.10 24.73
CA ASN C 251 -6.08 -3.05 24.35
C ASN C 251 -4.69 -3.62 24.14
N THR C 252 -4.02 -3.18 23.09
CA THR C 252 -2.65 -3.55 22.82
C THR C 252 -1.76 -2.32 23.00
N GLY C 253 -0.45 -2.57 22.98
CA GLY C 253 0.51 -1.49 23.17
C GLY C 253 0.43 -0.45 22.07
N GLU C 254 0.42 -0.92 20.82
CA GLU C 254 0.16 -0.04 19.70
C GLU C 254 -1.30 0.40 19.71
N GLY C 255 -1.59 1.45 18.97
CA GLY C 255 -2.90 2.07 19.07
C GLY C 255 -3.99 1.22 18.42
N ASP C 256 -4.27 0.04 19.01
CA ASP C 256 -5.32 -0.86 18.54
C ASP C 256 -6.22 -1.17 19.74
N LYS C 257 -7.27 -0.38 19.91
CA LYS C 257 -8.26 -0.57 20.96
C LYS C 257 -9.46 -1.35 20.42
N PHE C 258 -9.98 -2.25 21.24
CA PHE C 258 -11.19 -3.00 20.94
C PHE C 258 -12.14 -2.85 22.12
N GLY C 259 -13.43 -2.89 21.85
CA GLY C 259 -14.40 -2.75 22.92
C GLY C 259 -15.76 -3.30 22.52
N LEU C 260 -16.51 -3.77 23.50
CA LEU C 260 -17.83 -4.34 23.24
C LEU C 260 -18.67 -4.19 24.50
N ASN C 261 -19.86 -3.62 24.37
CA ASN C 261 -20.74 -3.46 25.51
C ASN C 261 -22.20 -3.74 25.12
N ALA C 262 -22.88 -4.52 25.95
CA ALA C 262 -24.27 -4.89 25.77
C ALA C 262 -25.09 -4.42 26.97
N TRP C 263 -26.36 -4.12 26.70
CA TRP C 263 -27.23 -3.48 27.69
C TRP C 263 -28.65 -4.02 27.52
N TYR C 264 -29.12 -4.77 28.52
CA TYR C 264 -30.47 -5.32 28.54
C TYR C 264 -31.31 -4.55 29.55
N ILE C 265 -32.56 -4.26 29.17
CA ILE C 265 -33.50 -3.54 30.03
C ILE C 265 -34.80 -4.33 30.09
N ASN C 266 -35.40 -4.33 31.28
CA ASN C 266 -36.74 -4.86 31.51
C ASN C 266 -37.49 -3.81 32.34
N SER C 267 -38.44 -3.14 31.72
CA SER C 267 -39.19 -2.07 32.36
C SER C 267 -40.64 -2.51 32.51
N ASN C 268 -41.19 -2.38 33.71
CA ASN C 268 -42.59 -2.73 33.95
C ASN C 268 -43.15 -1.65 34.88
N ARG C 269 -43.82 -0.67 34.28
CA ARG C 269 -44.28 0.51 35.02
C ARG C 269 -45.78 0.70 34.85
N GLU C 270 -46.44 1.02 35.96
CA GLU C 270 -47.87 1.21 36.01
C GLU C 270 -48.20 2.67 35.72
N LEU C 271 -49.08 2.90 34.73
CA LEU C 271 -49.46 4.26 34.40
C LEU C 271 -50.27 4.86 35.54
N ALA C 272 -49.76 5.96 36.10
CA ALA C 272 -50.42 6.59 37.23
C ALA C 272 -51.79 7.13 36.80
N MET C 273 -52.82 6.77 37.56
CA MET C 273 -54.12 7.38 37.36
C MET C 273 -54.04 8.88 37.61
N LEU C 274 -54.52 9.67 36.64
CA LEU C 274 -54.56 11.11 36.81
C LEU C 274 -55.52 11.47 37.94
N SER C 275 -55.29 12.64 38.53
CA SER C 275 -55.90 12.98 39.82
C SER C 275 -57.42 12.96 39.79
N THR C 276 -58.04 13.08 38.62
CA THR C 276 -59.49 13.04 38.48
C THR C 276 -59.97 11.74 37.84
N ASP C 277 -59.33 10.63 38.20
CA ASP C 277 -59.72 9.31 37.72
C ASP C 277 -60.57 8.66 38.81
N TYR C 278 -61.89 8.66 38.60
CA TYR C 278 -62.82 8.11 39.57
C TYR C 278 -63.07 6.62 39.35
N GLY C 279 -61.99 5.85 39.26
CA GLY C 279 -62.09 4.43 39.02
C GLY C 279 -61.35 3.63 40.06
N ASN C 280 -61.88 2.44 40.36
CA ASN C 280 -61.23 1.55 41.31
C ASN C 280 -59.93 1.01 40.70
N ASP C 281 -58.84 1.09 41.47
CA ASP C 281 -57.56 0.61 40.98
C ASP C 281 -57.56 -0.91 40.82
N MET C 282 -58.27 -1.63 41.68
CA MET C 282 -58.35 -3.08 41.50
C MET C 282 -59.28 -3.46 40.36
N ASP C 283 -60.08 -2.52 39.85
CA ASP C 283 -60.87 -2.75 38.66
C ASP C 283 -60.09 -2.48 37.38
N PHE C 284 -59.37 -1.35 37.33
CA PHE C 284 -58.64 -0.97 36.14
C PHE C 284 -57.19 -1.41 36.24
N GLU C 285 -56.50 -1.43 35.11
CA GLU C 285 -55.12 -1.90 35.10
C GLU C 285 -54.42 -1.28 33.89
N ASN C 286 -53.35 -0.52 34.15
CA ASN C 286 -52.68 0.31 33.15
C ASN C 286 -51.19 0.01 33.21
N ARG C 287 -50.68 -0.79 32.26
CA ARG C 287 -49.34 -1.32 32.33
C ARG C 287 -48.54 -1.01 31.07
N GLN C 288 -47.29 -0.59 31.26
CA GLN C 288 -46.32 -0.43 30.17
C GLN C 288 -45.14 -1.34 30.45
N ARG C 289 -44.96 -2.35 29.61
CA ARG C 289 -43.77 -3.17 29.58
C ARG C 289 -42.88 -2.70 28.44
N GLU C 290 -41.58 -2.68 28.67
CA GLU C 290 -40.61 -2.42 27.61
C GLU C 290 -39.41 -3.31 27.87
N GLN C 291 -39.24 -4.34 27.05
CA GLN C 291 -38.07 -5.20 27.10
C GLN C 291 -37.19 -4.82 25.91
N THR C 292 -36.01 -4.26 26.17
CA THR C 292 -35.19 -3.88 25.03
C THR C 292 -33.72 -4.16 25.28
N PHE C 293 -32.98 -4.25 24.20
CA PHE C 293 -31.55 -4.50 24.22
C PHE C 293 -30.86 -3.55 23.27
N ARG C 294 -29.68 -3.07 23.67
CA ARG C 294 -28.82 -2.24 22.83
C ARG C 294 -27.37 -2.68 23.02
N GLY C 295 -26.69 -2.93 21.92
CA GLY C 295 -25.30 -3.36 21.98
C GLY C 295 -24.46 -2.62 20.95
N VAL C 296 -23.19 -2.40 21.31
CA VAL C 296 -22.26 -1.61 20.51
C VAL C 296 -20.87 -2.23 20.58
N LEU C 297 -20.22 -2.35 19.43
CA LEU C 297 -18.85 -2.81 19.29
C LEU C 297 -18.01 -1.70 18.66
N SER C 298 -16.76 -1.57 19.11
CA SER C 298 -15.90 -0.48 18.67
C SER C 298 -14.49 -0.98 18.44
N TRP C 299 -13.85 -0.46 17.38
CA TRP C 299 -12.45 -0.70 17.08
C TRP C 299 -11.80 0.64 16.75
N ASP C 300 -10.73 1.00 17.47
CA ASP C 300 -10.06 2.27 17.23
C ASP C 300 -8.59 2.03 16.97
N ARG C 301 -8.11 2.48 15.82
CA ARG C 301 -6.69 2.49 15.51
C ARG C 301 -6.26 3.95 15.55
N VAL C 302 -5.55 4.32 16.60
CA VAL C 302 -5.18 5.71 16.86
C VAL C 302 -3.66 5.79 16.92
N ARG C 303 -3.07 6.68 16.12
CA ARG C 303 -1.64 6.92 16.20
C ARG C 303 -1.39 8.39 15.88
N GLU C 304 -0.84 9.09 16.86
CA GLU C 304 -0.39 10.47 16.77
C GLU C 304 -1.37 11.40 16.05
N LYS C 305 -1.02 11.77 14.82
CA LYS C 305 -1.84 12.73 14.07
C LYS C 305 -3.16 12.10 13.64
N TRP C 306 -3.13 10.87 13.12
CA TRP C 306 -4.33 10.26 12.57
C TRP C 306 -4.97 9.33 13.60
N LYS C 307 -6.23 9.60 13.90
CA LYS C 307 -7.02 8.80 14.83
C LYS C 307 -8.16 8.20 14.01
N VAL C 308 -8.35 6.89 14.05
CA VAL C 308 -9.36 6.24 13.23
C VAL C 308 -10.18 5.30 14.11
N GLY C 309 -11.42 5.06 13.71
CA GLY C 309 -12.29 4.17 14.45
C GLY C 309 -13.53 3.73 13.68
N VAL C 310 -14.02 2.54 13.99
CA VAL C 310 -15.24 1.99 13.42
C VAL C 310 -16.10 1.49 14.56
N LYS C 311 -17.41 1.46 14.34
CA LYS C 311 -18.37 1.10 15.36
C LYS C 311 -19.55 0.39 14.70
N GLY C 312 -20.17 -0.52 15.44
CA GLY C 312 -21.32 -1.24 14.93
C GLY C 312 -22.23 -1.73 16.03
N GLY C 313 -23.55 -1.60 15.86
CA GLY C 313 -24.45 -1.90 16.96
C GLY C 313 -25.80 -2.41 16.50
N TYR C 314 -26.66 -2.68 17.49
CA TYR C 314 -27.97 -3.26 17.23
C TYR C 314 -28.85 -2.98 18.44
N ILE C 315 -30.08 -2.53 18.17
CA ILE C 315 -31.07 -2.32 19.23
C ILE C 315 -32.33 -3.09 18.87
N HIS C 316 -33.12 -3.39 19.91
CA HIS C 316 -34.36 -4.14 19.74
C HIS C 316 -35.24 -3.84 20.95
N THR C 317 -36.31 -3.08 20.74
CA THR C 317 -37.26 -2.75 21.80
C THR C 317 -38.56 -3.48 21.53
N TRP C 318 -39.22 -3.90 22.61
CA TRP C 318 -40.55 -4.49 22.55
C TRP C 318 -41.39 -3.82 23.63
N MET C 319 -42.33 -2.98 23.21
CA MET C 319 -43.20 -2.21 24.10
C MET C 319 -44.59 -2.83 24.07
N ALA C 320 -45.06 -3.28 25.23
CA ALA C 320 -46.40 -3.82 25.39
C ALA C 320 -47.19 -2.85 26.27
N TYR C 321 -48.32 -2.38 25.75
CA TYR C 321 -49.21 -1.50 26.49
C TYR C 321 -50.51 -2.24 26.75
N ASP C 322 -50.98 -2.17 27.99
CA ASP C 322 -52.18 -2.90 28.38
C ASP C 322 -53.08 -2.01 29.23
N TYR C 323 -54.36 -1.96 28.86
CA TYR C 323 -55.39 -1.22 29.58
C TYR C 323 -56.58 -2.16 29.70
N LYS C 324 -56.90 -2.56 30.93
CA LYS C 324 -57.88 -3.60 31.19
C LYS C 324 -58.78 -3.21 32.36
N ARG C 325 -59.93 -3.89 32.45
CA ARG C 325 -60.96 -3.60 33.43
C ARG C 325 -61.59 -4.91 33.90
N ASP C 326 -62.36 -4.81 34.99
CA ASP C 326 -63.24 -5.87 35.50
C ASP C 326 -62.52 -6.85 36.43
N GLU C 331 -61.76 -12.86 35.65
CA GLU C 331 -62.85 -11.95 35.34
C GLU C 331 -62.33 -10.63 34.81
N MET C 332 -61.10 -10.64 34.30
CA MET C 332 -60.48 -9.50 33.66
C MET C 332 -60.84 -9.49 32.17
N ALA C 333 -60.60 -8.35 31.52
CA ALA C 333 -60.83 -8.23 30.09
C ALA C 333 -60.05 -7.05 29.54
N SER C 334 -59.53 -7.20 28.33
CA SER C 334 -58.63 -6.21 27.74
C SER C 334 -59.44 -5.13 27.01
N MET C 335 -59.19 -3.88 27.37
CA MET C 335 -59.76 -2.74 26.65
C MET C 335 -58.86 -2.33 25.49
N THR C 336 -57.59 -2.04 25.76
CA THR C 336 -56.62 -1.76 24.71
C THR C 336 -55.33 -2.50 25.00
N ARG C 337 -54.95 -3.42 24.11
CA ARG C 337 -53.80 -4.29 24.29
C ARG C 337 -52.96 -4.23 23.02
N SER C 338 -51.72 -3.76 23.16
CA SER C 338 -50.85 -3.57 22.01
C SER C 338 -49.45 -4.07 22.31
N ARG C 339 -48.77 -4.53 21.26
CA ARG C 339 -47.37 -4.92 21.30
C ARG C 339 -46.71 -4.36 20.06
N SER C 340 -45.64 -3.59 20.23
CA SER C 340 -44.91 -3.01 19.10
C SER C 340 -43.43 -3.22 19.34
N LYS C 341 -42.75 -3.85 18.38
CA LYS C 341 -41.33 -4.14 18.52
C LYS C 341 -40.58 -3.58 17.33
N ILE C 342 -39.48 -2.90 17.61
CA ILE C 342 -38.62 -2.33 16.58
C ILE C 342 -37.19 -2.76 16.83
N ASN C 343 -36.52 -3.23 15.79
CA ASN C 343 -35.10 -3.49 15.87
C ASN C 343 -34.36 -2.73 14.78
N THR C 344 -33.11 -2.43 15.07
CA THR C 344 -32.31 -1.49 14.29
C THR C 344 -30.89 -1.99 14.22
N PHE C 345 -30.32 -1.98 13.02
CA PHE C 345 -28.94 -2.34 12.76
C PHE C 345 -28.11 -1.08 12.51
N TYR C 346 -26.83 -1.15 12.88
CA TYR C 346 -25.97 0.03 12.92
C TYR C 346 -24.70 -0.16 12.09
N GLY C 347 -24.16 0.95 11.60
CA GLY C 347 -22.86 0.99 10.98
C GLY C 347 -22.24 2.37 11.12
N SER C 348 -20.99 2.46 11.58
CA SER C 348 -20.39 3.76 11.86
C SER C 348 -18.89 3.71 11.58
N ALA C 349 -18.37 4.82 11.07
CA ALA C 349 -16.94 4.96 10.87
C ALA C 349 -16.53 6.42 10.98
N ASP C 350 -15.57 6.72 11.86
CA ASP C 350 -15.07 8.07 12.04
C ASP C 350 -13.55 8.10 11.94
N GLY C 351 -13.03 9.26 11.53
CA GLY C 351 -11.60 9.43 11.39
C GLY C 351 -11.17 10.88 11.41
N ASP C 352 -10.08 11.17 12.11
CA ASP C 352 -9.55 12.52 12.27
C ASP C 352 -8.08 12.49 11.87
N TYR C 353 -7.76 13.10 10.74
CA TYR C 353 -6.38 13.27 10.32
C TYR C 353 -5.98 14.72 10.59
N ALA C 354 -4.93 14.91 11.39
CA ALA C 354 -4.51 16.23 11.84
C ALA C 354 -3.08 16.44 11.38
N PRO C 355 -2.87 16.95 10.17
CA PRO C 355 -1.50 17.23 9.72
C PRO C 355 -0.90 18.36 10.53
N SER C 356 0.02 18.01 11.42
CA SER C 356 0.64 18.94 12.38
C SER C 356 -0.48 19.62 13.18
N GLU C 357 -0.22 20.83 13.66
CA GLU C 357 -1.23 21.68 14.28
C GLU C 357 -1.72 22.67 13.22
N LYS C 358 -2.74 23.45 13.57
CA LYS C 358 -3.31 24.52 12.77
C LYS C 358 -4.20 23.94 11.67
N TRP C 359 -4.20 22.63 11.46
CA TRP C 359 -5.07 21.97 10.51
C TRP C 359 -5.55 20.66 11.11
N LEU C 360 -6.84 20.41 11.01
CA LEU C 360 -7.44 19.18 11.49
C LEU C 360 -8.60 18.87 10.56
N PHE C 361 -8.77 17.61 10.17
CA PHE C 361 -9.85 17.25 9.27
C PHE C 361 -10.48 15.95 9.72
N THR C 362 -11.79 15.97 9.91
CA THR C 362 -12.53 14.80 10.35
C THR C 362 -13.52 14.39 9.27
N ALA C 363 -13.80 13.09 9.21
CA ALA C 363 -14.79 12.54 8.29
C ALA C 363 -15.47 11.36 8.96
N GLY C 364 -16.77 11.22 8.71
CA GLY C 364 -17.52 10.17 9.38
C GLY C 364 -18.79 9.81 8.64
N VAL C 365 -19.29 8.61 8.95
CA VAL C 365 -20.50 8.08 8.34
C VAL C 365 -21.24 7.25 9.40
N SER C 366 -22.56 7.44 9.45
CA SER C 366 -23.42 6.71 10.38
C SER C 366 -24.69 6.27 9.64
N VAL C 367 -24.94 4.97 9.62
CA VAL C 367 -26.13 4.40 8.97
C VAL C 367 -26.88 3.54 9.98
N HIS C 368 -28.13 3.87 10.24
CA HIS C 368 -29.04 3.06 11.04
C HIS C 368 -30.14 2.54 10.13
N GLN C 369 -30.29 1.23 10.04
CA GLN C 369 -31.39 0.65 9.29
C GLN C 369 -32.43 0.13 10.28
N HIS C 370 -33.63 0.68 10.22
CA HIS C 370 -34.67 0.41 11.20
C HIS C 370 -35.71 -0.55 10.63
N LEU C 371 -36.39 -1.25 11.56
CA LEU C 371 -37.35 -2.27 11.19
C LEU C 371 -38.40 -2.30 12.30
N VAL C 372 -39.58 -1.77 12.02
CA VAL C 372 -40.62 -1.64 13.02
C VAL C 372 -41.67 -2.71 12.79
N GLU C 373 -42.42 -3.02 13.85
CA GLU C 373 -43.58 -3.90 13.76
C GLU C 373 -44.58 -3.35 14.77
N SER C 374 -45.52 -2.55 14.29
CA SER C 374 -46.55 -1.95 15.12
C SER C 374 -47.80 -2.81 15.08
N ALA C 375 -48.50 -2.87 16.22
CA ALA C 375 -49.77 -3.57 16.32
C ALA C 375 -50.50 -2.96 17.50
N ASP C 376 -51.55 -2.18 17.22
CA ASP C 376 -52.18 -1.37 18.25
C ASP C 376 -53.52 -1.93 18.72
N LYS C 377 -54.35 -2.41 17.81
CA LYS C 377 -55.64 -2.98 18.17
C LYS C 377 -55.96 -4.14 17.26
N ASN C 378 -56.71 -5.10 17.80
CA ASN C 378 -57.28 -6.18 17.01
C ASN C 378 -58.77 -5.92 16.83
N ILE C 379 -59.19 -5.78 15.58
CA ILE C 379 -60.54 -5.40 15.24
C ILE C 379 -61.22 -6.56 14.54
N ILE C 380 -62.55 -6.54 14.60
CA ILE C 380 -63.37 -7.52 13.88
C ILE C 380 -63.65 -6.93 12.50
N SER C 381 -63.02 -7.49 11.48
CA SER C 381 -63.25 -7.02 10.12
C SER C 381 -64.69 -7.32 9.72
N GLN C 382 -65.12 -6.72 8.61
CA GLN C 382 -66.51 -6.82 8.20
C GLN C 382 -66.93 -8.26 7.94
N GLU C 383 -66.00 -9.12 7.57
CA GLU C 383 -66.30 -10.52 7.28
C GLU C 383 -66.38 -11.39 8.53
N GLY C 384 -66.43 -10.81 9.73
CA GLY C 384 -66.40 -11.60 10.94
C GLY C 384 -65.02 -12.11 11.32
N ASN C 385 -64.00 -11.74 10.55
CA ASN C 385 -62.62 -12.18 10.74
C ASN C 385 -61.96 -11.36 11.85
N LYS C 386 -60.67 -11.61 12.07
CA LYS C 386 -59.87 -10.86 13.02
C LYS C 386 -58.70 -10.22 12.28
N ALA C 387 -58.54 -8.91 12.45
CA ALA C 387 -57.48 -8.17 11.77
C ALA C 387 -56.84 -7.21 12.75
N VAL C 388 -55.73 -6.62 12.34
CA VAL C 388 -54.96 -5.70 13.18
C VAL C 388 -54.84 -4.36 12.46
N VAL C 389 -54.72 -3.29 13.25
CA VAL C 389 -54.57 -1.93 12.70
C VAL C 389 -53.13 -1.47 12.66
N GLY C 390 -52.20 -2.20 13.26
CA GLY C 390 -50.81 -1.77 13.26
C GLY C 390 -50.17 -1.90 11.89
N TYR C 391 -49.23 -1.00 11.63
CA TYR C 391 -48.40 -1.05 10.43
C TYR C 391 -47.08 -1.74 10.75
N ASP C 392 -46.23 -1.87 9.73
CA ASP C 392 -44.85 -2.30 9.95
C ASP C 392 -44.04 -1.86 8.74
N LYS C 393 -43.05 -1.01 8.97
CA LYS C 393 -42.28 -0.36 7.92
C LYS C 393 -40.82 -0.36 8.35
N GLY C 394 -40.01 0.45 7.69
CA GLY C 394 -38.60 0.56 8.04
C GLY C 394 -37.80 1.31 6.99
N ARG C 395 -36.72 1.97 7.41
CA ARG C 395 -35.96 2.79 6.49
C ARG C 395 -34.53 2.93 6.99
N VAL C 396 -33.61 3.10 6.04
CA VAL C 396 -32.23 3.42 6.39
C VAL C 396 -32.12 4.90 6.72
N GLU C 397 -31.11 5.23 7.51
CA GLU C 397 -30.90 6.58 8.06
C GLU C 397 -29.40 6.82 7.98
N PHE C 398 -28.96 7.47 6.91
CA PHE C 398 -27.54 7.74 6.71
C PHE C 398 -27.25 9.22 6.99
N SER C 399 -26.09 9.45 7.60
CA SER C 399 -25.59 10.79 7.88
C SER C 399 -24.09 10.78 7.66
N GLY C 400 -23.63 11.61 6.74
CA GLY C 400 -22.20 11.70 6.43
C GLY C 400 -21.70 13.11 6.70
N SER C 401 -20.52 13.20 7.30
CA SER C 401 -20.00 14.47 7.79
C SER C 401 -18.53 14.64 7.44
N VAL C 402 -18.15 15.88 7.12
CA VAL C 402 -16.75 16.26 6.93
C VAL C 402 -16.52 17.62 7.57
N SER C 403 -15.40 17.76 8.29
CA SER C 403 -15.08 19.00 8.97
C SER C 403 -13.62 19.35 8.79
N ALA C 404 -13.34 20.66 8.78
CA ALA C 404 -11.99 21.21 8.72
C ALA C 404 -11.86 22.25 9.84
N LYS C 405 -10.95 21.99 10.78
CA LYS C 405 -10.61 22.89 11.87
C LYS C 405 -9.31 23.59 11.50
N TRP C 406 -9.33 24.92 11.46
CA TRP C 406 -8.13 25.70 11.13
C TRP C 406 -7.98 26.81 12.15
N ARG C 407 -6.85 26.83 12.85
CA ARG C 407 -6.53 27.91 13.78
C ARG C 407 -5.27 28.63 13.30
N PRO C 408 -5.40 29.82 12.71
CA PRO C 408 -4.21 30.52 12.20
C PRO C 408 -3.21 30.87 13.30
N VAL C 409 -3.68 31.53 14.34
CA VAL C 409 -2.89 31.84 15.53
C VAL C 409 -3.66 31.37 16.75
N ASP C 410 -3.11 31.64 17.93
CA ASP C 410 -3.82 31.31 19.16
C ASP C 410 -5.09 32.14 19.32
N ARG C 411 -5.07 33.38 18.83
CA ARG C 411 -6.22 34.27 19.02
C ARG C 411 -7.45 33.78 18.27
N PHE C 412 -7.38 33.76 16.94
CA PHE C 412 -8.52 33.48 16.09
C PHE C 412 -8.49 32.03 15.64
N ALA C 413 -9.66 31.39 15.55
CA ALA C 413 -9.72 30.03 15.04
C ALA C 413 -11.11 29.78 14.48
N ALA C 414 -11.19 29.00 13.40
CA ALA C 414 -12.45 28.72 12.74
C ALA C 414 -12.52 27.25 12.34
N SER C 415 -13.69 26.88 11.84
CA SER C 415 -13.96 25.49 11.47
C SER C 415 -15.20 25.44 10.59
N LEU C 416 -15.19 24.53 9.62
CA LEU C 416 -16.37 24.30 8.78
C LEU C 416 -16.73 22.82 8.82
N VAL C 417 -17.99 22.52 9.16
CA VAL C 417 -18.50 21.17 9.10
C VAL C 417 -19.65 21.13 8.11
N LEU C 418 -19.81 19.99 7.45
CA LEU C 418 -20.76 19.85 6.35
C LEU C 418 -21.34 18.44 6.41
N ARG C 419 -22.67 18.35 6.45
CA ARG C 419 -23.34 17.06 6.55
C ARG C 419 -24.36 16.87 5.45
N GLU C 420 -24.48 15.61 5.02
CA GLU C 420 -25.53 15.15 4.12
C GLU C 420 -26.27 14.00 4.78
N ASP C 421 -27.59 14.11 4.88
CA ASP C 421 -28.42 13.09 5.48
C ASP C 421 -29.43 12.55 4.47
N MET C 422 -29.73 11.27 4.59
CA MET C 422 -30.66 10.59 3.69
C MET C 422 -31.40 9.54 4.52
N PHE C 423 -32.66 9.81 4.82
CA PHE C 423 -33.52 8.87 5.54
C PHE C 423 -34.56 8.33 4.58
N GLY C 424 -34.68 7.01 4.50
CA GLY C 424 -35.62 6.40 3.58
C GLY C 424 -35.10 6.42 2.16
N THR C 425 -35.67 7.29 1.33
CA THR C 425 -35.21 7.45 -0.05
C THR C 425 -34.93 8.90 -0.41
N GLU C 426 -35.01 9.83 0.54
CA GLU C 426 -34.91 11.26 0.24
C GLU C 426 -33.60 11.81 0.76
N TRP C 427 -32.92 12.56 -0.10
CA TRP C 427 -31.69 13.26 0.26
C TRP C 427 -32.06 14.61 0.86
N ALA C 428 -31.75 14.80 2.13
CA ALA C 428 -31.99 16.08 2.75
C ALA C 428 -31.06 17.12 2.12
N PRO C 429 -31.54 18.34 1.90
CA PRO C 429 -30.65 19.40 1.41
C PRO C 429 -29.54 19.66 2.41
N VAL C 430 -28.39 20.09 1.88
CA VAL C 430 -27.14 20.11 2.63
C VAL C 430 -27.32 20.82 3.96
N ILE C 431 -26.82 20.20 5.03
CA ILE C 431 -26.89 20.80 6.35
C ILE C 431 -25.50 21.30 6.74
N PRO C 432 -25.25 22.62 6.64
CA PRO C 432 -23.92 23.17 6.92
C PRO C 432 -23.78 23.74 8.32
N ALA C 433 -22.54 23.90 8.80
CA ALA C 433 -22.31 24.67 10.02
C ALA C 433 -20.88 25.20 10.01
N PHE C 434 -20.69 26.31 10.71
CA PHE C 434 -19.40 27.00 10.69
C PHE C 434 -19.16 27.61 12.06
N PHE C 435 -17.98 27.36 12.62
CA PHE C 435 -17.63 27.81 13.96
C PHE C 435 -16.48 28.80 13.91
N ILE C 436 -16.53 29.78 14.81
CA ILE C 436 -15.44 30.71 15.04
C ILE C 436 -15.30 30.92 16.55
N ASP C 437 -14.06 30.92 17.03
CA ASP C 437 -13.78 31.30 18.41
C ASP C 437 -12.54 32.17 18.45
N GLY C 438 -12.47 33.01 19.48
CA GLY C 438 -11.36 33.92 19.65
C GLY C 438 -11.03 34.18 21.10
N VAL C 439 -9.74 34.24 21.43
CA VAL C 439 -9.29 34.45 22.81
C VAL C 439 -9.12 35.95 22.98
N LEU C 440 -10.17 36.59 23.49
CA LEU C 440 -10.09 38.04 23.71
C LEU C 440 -8.94 38.39 24.63
N SER C 441 -8.84 37.71 25.79
CA SER C 441 -7.72 38.00 26.68
C SER C 441 -7.38 36.80 27.55
N LYS C 442 -6.12 36.37 27.51
CA LYS C 442 -5.65 35.33 28.42
C LYS C 442 -5.69 35.80 29.87
N LYS C 443 -5.85 37.11 30.10
CA LYS C 443 -5.90 37.63 31.46
C LYS C 443 -6.96 36.96 32.29
N GLY C 444 -7.97 36.41 31.64
CA GLY C 444 -8.99 35.64 32.33
C GLY C 444 -9.44 34.49 31.44
N ASN C 445 -8.65 34.17 30.41
CA ASN C 445 -9.09 33.26 29.36
C ASN C 445 -10.40 33.69 28.72
N ILE C 446 -10.78 34.96 28.86
CA ILE C 446 -12.03 35.42 28.28
C ILE C 446 -11.94 35.15 26.78
N VAL C 447 -12.70 34.13 26.34
CA VAL C 447 -12.68 33.59 24.99
C VAL C 447 -14.08 33.60 24.43
N ALA C 448 -14.25 34.17 23.23
CA ALA C 448 -15.56 34.29 22.59
C ALA C 448 -15.70 33.30 21.45
N LYS C 449 -16.90 32.75 21.29
CA LYS C 449 -17.21 31.79 20.24
C LYS C 449 -18.51 32.21 19.55
N ALA C 450 -18.68 31.76 18.31
CA ALA C 450 -19.89 32.02 17.54
C ALA C 450 -19.99 31.02 16.40
N SER C 451 -21.22 30.78 15.95
CA SER C 451 -21.43 29.74 14.93
C SER C 451 -22.84 29.86 14.32
N ILE C 452 -22.95 29.51 13.04
CA ILE C 452 -24.20 29.58 12.29
C ILE C 452 -24.41 28.26 11.55
N SER C 453 -25.67 27.82 11.44
CA SER C 453 -25.99 26.56 10.80
C SER C 453 -27.43 26.54 10.33
N ARG C 454 -27.77 25.47 9.60
CA ARG C 454 -29.12 25.23 9.08
C ARG C 454 -29.37 23.73 9.16
N ASN C 455 -30.14 23.33 10.17
CA ASN C 455 -30.42 21.93 10.47
C ASN C 455 -31.73 21.47 9.83
N TYR C 456 -31.84 20.15 9.65
CA TYR C 456 -33.05 19.51 9.15
C TYR C 456 -33.38 18.29 9.99
N ARG C 457 -34.67 18.04 10.19
CA ARG C 457 -35.13 16.87 10.94
C ARG C 457 -36.17 16.13 10.10
N PHE C 458 -35.92 14.82 9.84
CA PHE C 458 -36.93 14.09 9.09
C PHE C 458 -38.00 13.54 10.04
N PRO C 459 -39.25 13.42 9.58
CA PRO C 459 -40.30 12.87 10.43
C PRO C 459 -40.09 11.39 10.73
N THR C 460 -40.67 10.96 11.85
CA THR C 460 -40.46 9.62 12.37
C THR C 460 -41.47 8.63 11.80
N LEU C 461 -41.33 7.36 12.19
CA LEU C 461 -42.18 6.31 11.62
C LEU C 461 -43.60 6.36 12.16
N ASN C 462 -43.82 6.80 13.39
CA ASN C 462 -45.19 7.15 13.79
C ASN C 462 -45.65 8.42 13.11
N ASP C 463 -44.73 9.37 12.90
CA ASP C 463 -45.08 10.62 12.23
C ASP C 463 -45.63 10.37 10.83
N LEU C 464 -45.26 9.24 10.20
CA LEU C 464 -45.65 8.98 8.82
C LEU C 464 -46.55 7.76 8.67
N TYR C 465 -46.11 6.58 9.12
CA TYR C 465 -46.77 5.32 8.78
C TYR C 465 -47.80 4.87 9.81
N PHE C 466 -48.10 5.66 10.84
CA PHE C 466 -49.09 5.24 11.82
C PHE C 466 -50.44 4.99 11.15
N LEU C 467 -50.88 3.72 11.18
CA LEU C 467 -52.07 3.37 10.42
C LEU C 467 -53.34 3.93 11.05
N PRO C 468 -53.54 3.86 12.38
CA PRO C 468 -54.67 4.61 12.96
C PRO C 468 -54.59 6.10 12.67
N GLY C 469 -53.38 6.64 12.57
CA GLY C 469 -53.18 8.02 12.17
C GLY C 469 -53.12 8.19 10.66
N GLY C 470 -52.12 8.91 10.18
CA GLY C 470 -51.98 9.08 8.73
C GLY C 470 -50.89 10.06 8.36
N ASN C 471 -51.05 10.68 7.18
CA ASN C 471 -50.18 11.70 6.61
C ASN C 471 -48.75 11.22 6.38
N PRO C 472 -48.50 10.33 5.42
CA PRO C 472 -47.13 9.87 5.15
C PRO C 472 -46.31 10.79 4.26
N ASP C 473 -46.76 12.01 3.97
CA ASP C 473 -46.06 12.93 3.08
C ASP C 473 -45.64 14.21 3.80
N LEU C 474 -45.15 14.08 5.02
CA LEU C 474 -44.83 15.24 5.83
C LEU C 474 -43.52 15.88 5.39
N LYS C 475 -43.44 17.20 5.51
CA LYS C 475 -42.25 17.94 5.12
C LYS C 475 -41.18 17.83 6.20
N SER C 476 -39.93 17.84 5.76
CA SER C 476 -38.81 17.86 6.69
C SER C 476 -38.77 19.18 7.44
N GLU C 477 -38.45 19.11 8.73
CA GLU C 477 -38.38 20.30 9.57
C GLU C 477 -37.08 21.05 9.29
N HIS C 478 -37.20 22.36 9.05
CA HIS C 478 -36.08 23.21 8.71
C HIS C 478 -35.79 24.19 9.83
N GLY C 479 -34.50 24.37 10.14
CA GLY C 479 -34.11 25.35 11.14
C GLY C 479 -32.89 26.16 10.75
N PHE C 480 -33.03 27.48 10.72
CA PHE C 480 -31.93 28.41 10.49
C PHE C 480 -31.53 29.01 11.84
N THR C 481 -30.29 28.76 12.26
CA THR C 481 -29.89 29.10 13.63
C THR C 481 -28.49 29.69 13.66
N TYR C 482 -28.22 30.46 14.71
CA TYR C 482 -26.91 31.08 14.91
C TYR C 482 -26.77 31.54 16.36
N ASP C 483 -25.60 31.28 16.93
CA ASP C 483 -25.30 31.54 18.33
C ASP C 483 -23.98 32.28 18.48
N VAL C 484 -23.79 32.88 19.66
CA VAL C 484 -22.58 33.61 20.01
C VAL C 484 -22.52 33.71 21.53
N GLY C 485 -21.32 33.54 22.09
CA GLY C 485 -21.16 33.55 23.54
C GLY C 485 -19.72 33.73 23.96
N LEU C 486 -19.51 33.78 25.28
CA LEU C 486 -18.20 34.03 25.87
C LEU C 486 -17.97 33.11 27.06
N SER C 487 -16.69 32.88 27.36
CA SER C 487 -16.23 32.03 28.44
C SER C 487 -15.11 32.71 29.21
N PHE C 488 -14.88 32.26 30.43
CA PHE C 488 -14.13 33.00 31.44
C PHE C 488 -13.57 32.02 32.47
N SER C 489 -12.32 32.25 32.90
CA SER C 489 -11.69 31.38 33.89
C SER C 489 -10.63 32.14 34.68
N VAL C 490 -10.50 31.78 35.95
CA VAL C 490 -9.52 32.35 36.87
C VAL C 490 -9.02 31.22 37.77
N GLY C 491 -7.71 31.21 38.03
CA GLY C 491 -7.11 30.15 38.84
C GLY C 491 -6.87 30.54 40.28
N ALA C 497 -9.88 29.07 42.50
CA ALA C 497 -10.27 28.79 41.11
C ALA C 497 -11.76 29.06 40.90
N LEU C 498 -12.10 29.49 39.69
CA LEU C 498 -13.45 29.89 39.33
C LEU C 498 -13.53 29.97 37.81
N SER C 499 -14.74 29.82 37.27
CA SER C 499 -14.94 29.88 35.83
C SER C 499 -16.43 30.12 35.54
N GLY C 500 -16.71 30.54 34.32
CA GLY C 500 -18.09 30.79 33.92
C GLY C 500 -18.20 31.22 32.47
N GLY C 501 -19.42 31.61 32.09
CA GLY C 501 -19.65 32.09 30.74
C GLY C 501 -21.11 32.36 30.47
N ILE C 502 -21.34 33.05 29.34
CA ILE C 502 -22.68 33.41 28.86
C ILE C 502 -22.77 33.09 27.38
N ASN C 503 -23.98 33.18 26.83
CA ASN C 503 -24.20 32.84 25.43
C ASN C 503 -25.37 33.66 24.87
N TRP C 504 -25.84 33.26 23.68
CA TRP C 504 -26.94 33.96 23.01
C TRP C 504 -27.55 33.01 21.97
N PHE C 505 -28.86 32.80 22.06
CA PHE C 505 -29.57 31.84 21.22
C PHE C 505 -30.55 32.54 20.28
N ASP C 506 -30.71 32.00 19.07
CA ASP C 506 -31.70 32.48 18.11
C ASP C 506 -31.91 31.48 16.97
N SER C 507 -33.14 31.03 16.75
CA SER C 507 -33.41 30.04 15.70
C SER C 507 -34.79 30.25 15.10
N HIS C 508 -34.86 30.24 13.77
CA HIS C 508 -36.11 30.21 13.03
C HIS C 508 -36.36 28.77 12.57
N ILE C 509 -37.52 28.22 12.92
CA ILE C 509 -37.89 26.88 12.49
C ILE C 509 -38.98 27.00 11.43
N ASP C 510 -38.78 26.33 10.29
CA ASP C 510 -39.80 26.30 9.24
C ASP C 510 -40.87 25.30 9.62
N ASP C 511 -41.69 24.91 8.64
CA ASP C 511 -42.88 24.09 8.88
C ASP C 511 -42.51 22.86 9.69
N TRP C 512 -42.97 22.79 10.94
CA TRP C 512 -42.56 21.71 11.83
C TRP C 512 -43.77 20.89 12.25
N ILE C 513 -43.52 19.61 12.55
CA ILE C 513 -44.62 18.69 12.78
C ILE C 513 -45.28 18.97 14.12
N ILE C 514 -46.60 18.84 14.17
CA ILE C 514 -47.36 18.94 15.39
C ILE C 514 -48.70 18.23 15.15
N TRP C 515 -49.07 17.36 16.09
CA TRP C 515 -50.26 16.53 15.91
C TRP C 515 -51.49 17.30 16.36
N LEU C 516 -52.55 17.22 15.56
CA LEU C 516 -53.78 17.95 15.83
C LEU C 516 -54.96 17.00 15.76
N PRO C 517 -55.97 17.20 16.60
CA PRO C 517 -57.17 16.37 16.51
C PRO C 517 -57.94 16.65 15.23
N THR C 518 -58.65 15.64 14.76
CA THR C 518 -59.58 15.75 13.65
C THR C 518 -61.01 15.60 14.18
N THR C 519 -61.96 15.72 13.27
CA THR C 519 -63.36 15.50 13.62
C THR C 519 -63.75 14.02 13.66
N LYS C 520 -62.77 13.11 13.59
CA LYS C 520 -63.02 11.68 13.58
C LYS C 520 -62.58 10.97 14.85
N GLY C 521 -61.94 11.67 15.78
CA GLY C 521 -61.57 11.06 17.05
C GLY C 521 -60.18 10.48 17.13
N PHE C 522 -59.27 10.87 16.23
CA PHE C 522 -57.89 10.43 16.29
C PHE C 522 -57.00 11.56 15.76
N PHE C 523 -55.72 11.48 16.11
CA PHE C 523 -54.79 12.56 15.83
C PHE C 523 -54.07 12.34 14.50
N SER C 524 -53.75 13.44 13.83
CA SER C 524 -52.93 13.44 12.63
C SER C 524 -52.00 14.65 12.65
N PRO C 525 -50.81 14.52 12.09
CA PRO C 525 -49.84 15.63 12.10
C PRO C 525 -49.95 16.50 10.86
N ARG C 526 -49.32 17.67 10.95
CA ARG C 526 -49.36 18.68 9.90
C ARG C 526 -48.22 19.66 10.14
N ASN C 527 -47.51 20.02 9.08
CA ASN C 527 -46.35 20.90 9.19
C ASN C 527 -46.84 22.35 9.15
N LEU C 528 -47.54 22.73 10.22
CA LEU C 528 -48.23 24.01 10.26
C LEU C 528 -47.38 25.11 10.90
N LYS C 529 -46.92 24.91 12.13
CA LYS C 529 -46.33 26.01 12.86
C LYS C 529 -44.89 26.27 12.40
N LYS C 530 -44.47 27.52 12.61
CA LYS C 530 -43.12 28.02 12.33
C LYS C 530 -42.73 28.85 13.55
N VAL C 531 -41.90 28.30 14.42
CA VAL C 531 -41.60 28.94 15.68
C VAL C 531 -40.30 29.73 15.55
N HIS C 532 -40.11 30.66 16.48
CA HIS C 532 -38.95 31.56 16.52
C HIS C 532 -38.50 31.60 17.98
N ALA C 533 -37.52 30.77 18.32
CA ALA C 533 -37.12 30.56 19.70
C ALA C 533 -35.69 31.07 19.91
N TYR C 534 -35.57 32.30 20.39
CA TYR C 534 -34.28 32.83 20.81
C TYR C 534 -34.09 32.53 22.30
N GLY C 535 -33.09 33.14 22.91
CA GLY C 535 -32.85 32.94 24.33
C GLY C 535 -31.39 33.17 24.66
N ALA C 536 -31.03 32.83 25.90
CA ALA C 536 -29.66 32.96 26.37
C ALA C 536 -29.44 32.04 27.57
N GLU C 537 -28.20 31.59 27.72
CA GLU C 537 -27.82 30.67 28.79
C GLU C 537 -26.55 31.15 29.46
N THR C 538 -26.46 30.91 30.77
CA THR C 538 -25.35 31.33 31.61
C THR C 538 -24.93 30.19 32.52
N ASN C 539 -23.63 30.07 32.76
CA ASN C 539 -23.10 29.10 33.72
C ASN C 539 -21.99 29.73 34.52
N ALA C 540 -21.77 29.18 35.72
CA ALA C 540 -20.70 29.66 36.60
C ALA C 540 -20.41 28.59 37.63
N HIS C 541 -19.14 28.16 37.72
CA HIS C 541 -18.71 27.17 38.70
C HIS C 541 -17.44 27.63 39.37
N LEU C 542 -17.40 27.57 40.70
CA LEU C 542 -16.22 27.97 41.44
C LEU C 542 -15.91 26.96 42.54
N ASP C 543 -14.65 26.94 42.94
CA ASP C 543 -14.23 26.11 44.07
C ASP C 543 -12.90 26.64 44.58
N ILE C 544 -12.91 27.17 45.81
CA ILE C 544 -11.69 27.59 46.49
C ILE C 544 -11.53 26.77 47.76
N MET C 545 -10.37 26.16 47.92
CA MET C 545 -10.06 25.37 49.10
C MET C 545 -9.80 26.28 50.29
N LEU C 546 -10.87 26.65 51.01
CA LEU C 546 -10.75 27.61 52.10
C LEU C 546 -10.25 26.98 53.38
N GLY C 547 -9.11 26.30 53.30
CA GLY C 547 -8.51 25.68 54.47
C GLY C 547 -7.58 24.56 54.03
N LYS C 548 -7.09 23.82 55.04
CA LYS C 548 -6.26 22.66 54.76
C LYS C 548 -7.03 21.64 53.93
N ASP C 549 -8.23 21.27 54.39
CA ASP C 549 -9.17 20.45 53.62
C ASP C 549 -10.57 21.00 53.89
N TRP C 550 -10.99 21.98 53.11
CA TRP C 550 -12.30 22.61 53.24
C TRP C 550 -12.90 22.88 51.86
N LYS C 551 -12.81 21.89 50.97
CA LYS C 551 -13.23 22.07 49.58
C LYS C 551 -14.69 22.50 49.49
N LEU C 552 -14.95 23.46 48.60
CA LEU C 552 -16.30 23.95 48.32
C LEU C 552 -16.50 23.97 46.82
N ASP C 553 -17.15 22.95 46.27
CA ASP C 553 -17.38 22.84 44.83
C ASP C 553 -18.77 23.37 44.51
N MET C 554 -18.87 24.27 43.54
CA MET C 554 -20.16 24.88 43.29
C MET C 554 -20.31 25.15 41.79
N ASN C 555 -21.55 25.02 41.30
CA ASN C 555 -21.86 25.46 39.94
C ASN C 555 -23.34 25.83 39.86
N GLY C 556 -23.66 26.62 38.85
CA GLY C 556 -25.01 27.13 38.69
C GLY C 556 -25.23 27.57 37.26
N THR C 557 -26.49 27.52 36.85
CA THR C 557 -26.90 27.77 35.48
C THR C 557 -28.19 28.57 35.48
N PHE C 558 -28.40 29.35 34.42
CA PHE C 558 -29.62 30.13 34.30
C PHE C 558 -29.89 30.41 32.83
N SER C 559 -31.15 30.28 32.42
CA SER C 559 -31.53 30.37 31.02
C SER C 559 -32.82 31.15 30.86
N TRP C 560 -32.83 32.02 29.85
CA TRP C 560 -34.03 32.73 29.40
C TRP C 560 -34.40 32.15 28.04
N THR C 561 -35.49 31.40 27.99
CA THR C 561 -35.83 30.55 26.84
C THR C 561 -37.24 30.85 26.32
N PRO C 562 -37.37 31.84 25.44
CA PRO C 562 -38.65 32.08 24.77
C PRO C 562 -38.77 31.30 23.46
N SER C 563 -39.99 30.85 23.16
CA SER C 563 -40.29 30.07 21.97
C SER C 563 -41.59 30.59 21.32
N ILE C 564 -41.65 31.91 21.11
CA ILE C 564 -42.87 32.56 20.63
C ILE C 564 -43.35 31.94 19.31
N ASN C 565 -44.65 31.70 19.23
CA ASN C 565 -45.27 31.27 17.99
C ASN C 565 -45.14 32.36 16.94
N GLU C 566 -44.78 31.96 15.72
CA GLU C 566 -44.63 32.92 14.62
C GLU C 566 -45.17 32.33 13.32
N SER C 567 -46.28 31.63 13.38
CA SER C 567 -46.83 30.93 12.23
C SER C 567 -48.06 31.67 11.71
N GLU C 568 -48.70 31.08 10.70
CA GLU C 568 -49.95 31.60 10.19
C GLU C 568 -51.01 31.51 11.28
N PRO C 569 -51.65 32.62 11.66
CA PRO C 569 -52.78 32.54 12.59
C PRO C 569 -53.87 31.61 12.07
N MET C 570 -54.19 30.59 12.86
CA MET C 570 -55.00 29.49 12.36
C MET C 570 -56.44 29.92 12.09
N SER C 571 -57.05 30.64 13.03
CA SER C 571 -58.43 31.04 12.94
C SER C 571 -58.57 32.52 13.25
N PRO C 572 -59.66 33.15 12.85
CA PRO C 572 -59.88 34.58 13.18
C PRO C 572 -59.84 34.89 14.67
N ALA C 573 -59.86 33.88 15.54
CA ALA C 573 -59.83 34.11 16.98
C ALA C 573 -58.59 33.49 17.61
N ASP C 574 -57.50 33.40 16.85
CA ASP C 574 -56.27 32.81 17.36
C ASP C 574 -55.58 33.83 18.27
N GLN C 575 -55.69 33.62 19.58
CA GLN C 575 -54.96 34.46 20.53
C GLN C 575 -53.52 34.02 20.69
N SER C 576 -53.15 32.90 20.09
CA SER C 576 -51.81 32.32 20.21
C SER C 576 -50.88 32.76 19.09
N VAL C 577 -51.20 33.87 18.42
CA VAL C 577 -50.40 34.32 17.28
C VAL C 577 -48.99 34.70 17.73
N GLY C 578 -48.89 35.46 18.81
CA GLY C 578 -47.59 35.92 19.29
C GLY C 578 -47.36 35.60 20.74
N LYS C 579 -47.95 34.50 21.20
CA LYS C 579 -47.75 34.03 22.56
C LYS C 579 -46.79 32.84 22.57
N GLN C 580 -46.17 32.62 23.73
CA GLN C 580 -45.19 31.54 23.85
C GLN C 580 -45.88 30.18 23.77
N LEU C 581 -45.13 29.19 23.28
CA LEU C 581 -45.63 27.84 23.12
C LEU C 581 -45.95 27.21 24.48
N PRO C 582 -46.88 26.27 24.53
CA PRO C 582 -47.26 25.67 25.81
C PRO C 582 -46.18 24.78 26.39
N TYR C 583 -46.21 24.66 27.72
CA TYR C 583 -45.28 23.83 28.48
C TYR C 583 -43.82 24.18 28.19
N VAL C 584 -43.55 25.46 27.92
CA VAL C 584 -42.20 25.95 27.79
C VAL C 584 -42.00 27.07 28.80
N PRO C 585 -41.29 26.81 29.92
CA PRO C 585 -41.13 27.84 30.94
C PRO C 585 -40.22 28.95 30.43
N GLU C 586 -40.65 30.20 30.64
CA GLU C 586 -39.88 31.34 30.17
C GLU C 586 -38.49 31.36 30.78
N PHE C 587 -38.40 31.23 32.10
CA PHE C 587 -37.13 31.27 32.82
C PHE C 587 -36.86 29.93 33.49
N SER C 588 -35.62 29.48 33.38
CA SER C 588 -35.18 28.29 34.09
C SER C 588 -33.85 28.59 34.77
N ALA C 589 -33.62 27.96 35.91
CA ALA C 589 -32.38 28.18 36.64
C ALA C 589 -32.12 26.97 37.52
N THR C 590 -30.85 26.74 37.84
CA THR C 590 -30.47 25.54 38.60
C THR C 590 -29.10 25.75 39.20
N VAL C 591 -28.99 25.73 40.52
CA VAL C 591 -27.70 25.82 41.19
C VAL C 591 -27.51 24.57 42.04
N THR C 592 -26.33 23.98 41.95
CA THR C 592 -25.92 22.87 42.79
C THR C 592 -24.59 23.21 43.45
N GLY C 593 -24.56 23.12 44.77
CA GLY C 593 -23.36 23.46 45.51
C GLY C 593 -23.10 22.43 46.59
N ARG C 594 -21.82 22.22 46.88
CA ARG C 594 -21.45 21.17 47.80
C ARG C 594 -20.14 21.51 48.48
N LEU C 595 -19.89 20.85 49.60
CA LEU C 595 -18.62 21.02 50.30
C LEU C 595 -18.24 19.72 51.00
N SER C 596 -16.95 19.59 51.28
CA SER C 596 -16.36 18.41 51.89
C SER C 596 -15.50 18.81 53.08
N TRP C 597 -15.70 18.11 54.20
CA TRP C 597 -14.85 18.21 55.38
C TRP C 597 -14.39 16.78 55.71
N ARG C 598 -13.15 16.47 55.32
CA ARG C 598 -12.54 15.14 55.49
C ARG C 598 -13.49 14.10 54.93
N THR C 599 -13.83 13.05 55.67
CA THR C 599 -14.65 11.95 55.16
C THR C 599 -16.12 12.32 55.00
N TRP C 600 -16.51 13.57 55.26
CA TRP C 600 -17.90 13.97 55.15
C TRP C 600 -18.07 14.89 53.94
N SER C 601 -19.16 14.71 53.21
CA SER C 601 -19.40 15.48 51.99
C SER C 601 -20.89 15.72 51.87
N LEU C 602 -21.26 16.87 51.32
CA LEU C 602 -22.68 17.17 51.18
C LEU C 602 -22.92 18.06 49.96
N LEU C 603 -23.95 17.72 49.18
CA LEU C 603 -24.36 18.54 48.05
C LEU C 603 -25.84 18.87 48.15
N TYR C 604 -26.17 20.08 47.68
CA TYR C 604 -27.52 20.64 47.67
C TYR C 604 -27.82 21.06 46.24
N LYS C 605 -29.01 20.71 45.77
CA LYS C 605 -29.46 21.02 44.41
C LYS C 605 -30.76 21.80 44.49
N TRP C 606 -30.89 22.81 43.65
CA TRP C 606 -32.10 23.63 43.60
C TRP C 606 -32.34 24.02 42.15
N CYS C 607 -33.61 24.05 41.75
CA CYS C 607 -33.92 24.50 40.41
C CYS C 607 -35.28 25.17 40.40
N TYR C 608 -35.42 26.15 39.50
CA TYR C 608 -36.63 26.96 39.36
C TYR C 608 -37.02 27.04 37.89
N TYR C 609 -38.27 26.73 37.60
CA TYR C 609 -38.87 26.94 36.28
C TYR C 609 -40.00 27.95 36.39
N SER C 610 -40.00 28.93 35.48
CA SER C 610 -41.08 29.91 35.43
C SER C 610 -42.40 29.22 35.05
N GLN C 611 -43.49 29.98 35.05
CA GLN C 611 -44.78 29.43 34.69
C GLN C 611 -44.73 28.71 33.35
N ARG C 612 -45.17 27.46 33.34
CA ARG C 612 -45.35 26.69 32.12
C ARG C 612 -46.79 26.85 31.65
N TYR C 613 -46.98 27.47 30.49
CA TYR C 613 -48.31 27.80 30.01
C TYR C 613 -49.01 26.55 29.50
N THR C 614 -50.16 26.23 30.08
CA THR C 614 -50.95 25.09 29.64
C THR C 614 -51.87 25.43 28.48
N MET C 615 -51.81 26.66 27.99
CA MET C 615 -52.67 27.11 26.89
C MET C 615 -51.81 27.83 25.87
N SER C 616 -52.12 27.60 24.59
CA SER C 616 -51.38 28.26 23.52
C SER C 616 -51.55 29.78 23.58
N SER C 617 -52.70 30.24 24.07
CA SER C 617 -52.99 31.67 24.15
C SER C 617 -52.26 32.38 25.28
N ASN C 618 -51.70 31.65 26.25
CA ASN C 618 -50.97 32.18 27.41
C ASN C 618 -51.88 32.90 28.40
N ASP C 619 -53.19 32.82 28.22
CA ASP C 619 -54.12 33.48 29.13
C ASP C 619 -54.21 32.74 30.46
N TYR C 620 -54.61 33.46 31.49
CA TYR C 620 -54.88 32.84 32.79
C TYR C 620 -56.14 31.98 32.73
N THR C 621 -56.08 30.84 33.43
CA THR C 621 -57.19 29.90 33.48
C THR C 621 -57.16 29.21 34.83
N LEU C 622 -58.29 29.21 35.54
CA LEU C 622 -58.33 28.54 36.84
C LEU C 622 -58.04 27.05 36.69
N THR C 623 -58.64 26.41 35.68
CA THR C 623 -58.48 24.98 35.50
C THR C 623 -57.11 24.58 34.97
N GLY C 624 -56.37 25.52 34.38
CA GLY C 624 -55.14 25.14 33.71
C GLY C 624 -53.91 25.97 34.04
N TYR C 625 -53.73 26.34 35.31
CA TYR C 625 -52.61 27.17 35.72
C TYR C 625 -51.51 26.31 36.33
N LEU C 626 -50.27 26.51 35.86
CA LEU C 626 -49.10 25.81 36.37
C LEU C 626 -48.19 26.79 37.08
N PRO C 627 -47.99 26.66 38.39
CA PRO C 627 -47.21 27.66 39.14
C PRO C 627 -45.73 27.54 38.83
N PRO C 628 -44.93 28.55 39.19
CA PRO C 628 -43.49 28.41 39.12
C PRO C 628 -43.02 27.29 40.04
N TYR C 629 -41.90 26.67 39.66
CA TYR C 629 -41.46 25.39 40.18
C TYR C 629 -40.11 25.57 40.87
N PHE C 630 -40.10 25.44 42.19
CA PHE C 630 -38.88 25.62 43.00
C PHE C 630 -38.61 24.29 43.69
N MET C 631 -37.89 23.39 43.02
CA MET C 631 -37.59 22.10 43.62
C MET C 631 -36.24 22.18 44.33
N ASN C 632 -36.24 21.71 45.58
CA ASN C 632 -35.06 21.68 46.43
C ASN C 632 -34.83 20.25 46.88
N ASN C 633 -33.61 19.76 46.71
CA ASN C 633 -33.28 18.43 47.21
C ASN C 633 -31.82 18.43 47.62
N VAL C 634 -31.46 17.49 48.50
CA VAL C 634 -30.15 17.54 49.12
C VAL C 634 -29.72 16.14 49.51
N THR C 635 -28.42 15.83 49.33
CA THR C 635 -27.88 14.55 49.73
C THR C 635 -26.56 14.76 50.45
N LEU C 636 -26.23 13.81 51.33
CA LEU C 636 -24.99 13.88 52.10
C LEU C 636 -24.43 12.48 52.26
N GLU C 637 -23.10 12.39 52.33
CA GLU C 637 -22.41 11.11 52.38
C GLU C 637 -21.27 11.17 53.39
N LYS C 638 -21.09 10.07 54.11
CA LYS C 638 -19.86 9.85 54.89
C LYS C 638 -19.32 8.47 54.57
N GLN C 639 -18.05 8.39 54.19
CA GLN C 639 -17.40 7.11 54.02
C GLN C 639 -16.28 6.96 55.04
N LEU C 640 -15.85 5.72 55.24
CA LEU C 640 -14.78 5.41 56.19
C LEU C 640 -14.21 4.04 55.84
N SER C 641 -12.97 4.01 55.35
CA SER C 641 -12.34 2.78 54.92
C SER C 641 -11.58 2.10 56.05
N PHE C 642 -11.74 0.78 56.14
CA PHE C 642 -10.98 -0.06 57.07
C PHE C 642 -10.20 -1.16 56.39
N ARG C 643 -10.81 -1.86 55.42
CA ARG C 643 -10.13 -2.95 54.73
C ARG C 643 -10.81 -3.19 53.38
N TRP C 644 -10.13 -2.82 52.29
CA TRP C 644 -10.59 -3.08 50.92
C TRP C 644 -12.11 -3.17 50.86
N ALA C 645 -12.80 -2.23 51.49
CA ALA C 645 -14.26 -2.20 51.47
C ALA C 645 -14.70 -0.74 51.34
N ASP C 646 -13.90 0.15 51.91
CA ASP C 646 -14.09 1.60 51.83
C ASP C 646 -15.56 1.96 51.89
N LEU C 647 -16.20 1.49 52.95
CA LEU C 647 -17.64 1.60 53.11
C LEU C 647 -18.09 3.06 53.09
N SER C 648 -19.26 3.30 52.49
CA SER C 648 -19.85 4.63 52.41
C SER C 648 -21.33 4.52 52.76
N LEU C 649 -21.84 5.53 53.45
CA LEU C 649 -23.27 5.61 53.72
C LEU C 649 -23.75 7.00 53.33
N LYS C 650 -24.87 7.06 52.60
CA LYS C 650 -25.37 8.34 52.14
C LYS C 650 -26.88 8.40 52.32
N GLY C 651 -27.39 9.62 52.38
CA GLY C 651 -28.82 9.86 52.49
C GLY C 651 -29.25 11.04 51.65
N SER C 652 -30.35 10.88 50.92
CA SER C 652 -30.86 11.93 50.06
C SER C 652 -32.32 12.21 50.38
N ILE C 653 -32.68 13.50 50.31
CA ILE C 653 -34.06 13.96 50.46
C ILE C 653 -34.43 14.71 49.19
N ASN C 654 -35.68 14.55 48.76
CA ASN C 654 -36.24 15.32 47.66
C ASN C 654 -37.54 15.96 48.12
N ASN C 655 -37.86 17.08 47.48
CA ASN C 655 -38.97 17.96 47.85
C ASN C 655 -38.87 18.34 49.32
N LEU C 656 -37.79 19.04 49.65
CA LEU C 656 -37.65 19.62 50.98
C LEU C 656 -38.79 20.61 51.24
N PHE C 657 -38.95 20.98 52.50
CA PHE C 657 -40.00 21.87 53.01
C PHE C 657 -41.39 21.24 52.95
N ASP C 658 -41.54 20.05 52.39
CA ASP C 658 -42.83 19.39 52.22
C ASP C 658 -43.84 20.31 51.50
N GLU C 659 -43.47 20.70 50.29
CA GLU C 659 -44.34 21.52 49.44
C GLU C 659 -45.26 20.63 48.63
N GLU C 660 -46.56 20.94 48.67
CA GLU C 660 -47.57 20.25 47.88
C GLU C 660 -47.81 21.08 46.63
N TYR C 661 -47.43 20.55 45.47
CA TYR C 661 -47.32 21.34 44.25
C TYR C 661 -47.79 20.53 43.06
N LEU C 662 -47.58 21.10 41.87
CA LEU C 662 -47.88 20.47 40.60
C LEU C 662 -46.82 20.88 39.59
N SER C 663 -46.31 19.91 38.83
CA SER C 663 -45.34 20.21 37.77
C SER C 663 -45.86 19.87 36.39
N VAL C 664 -46.63 18.80 36.26
CA VAL C 664 -47.35 18.47 35.04
C VAL C 664 -48.83 18.50 35.37
N LEU C 665 -49.64 19.09 34.48
CA LEU C 665 -51.05 19.27 34.78
C LEU C 665 -51.71 17.94 35.10
N SER C 666 -52.51 17.93 36.16
CA SER C 666 -53.31 16.80 36.63
C SER C 666 -52.50 15.64 37.20
N ARG C 667 -51.17 15.73 37.23
CA ARG C 667 -50.38 14.61 37.70
C ARG C 667 -49.86 14.90 39.10
N PRO C 668 -50.31 14.17 40.12
CA PRO C 668 -49.90 14.47 41.50
C PRO C 668 -48.40 14.25 41.71
N MET C 669 -47.88 14.92 42.73
CA MET C 669 -46.49 14.83 43.13
C MET C 669 -46.38 14.44 44.60
N PRO C 670 -45.34 13.69 44.97
CA PRO C 670 -45.21 13.26 46.36
C PRO C 670 -44.84 14.41 47.28
N GLY C 671 -45.07 14.18 48.58
CA GLY C 671 -44.58 15.11 49.57
C GLY C 671 -43.09 15.02 49.72
N ILE C 672 -42.56 15.38 50.88
CA ILE C 672 -41.12 15.26 51.09
C ILE C 672 -40.77 13.78 51.22
N ASN C 673 -39.74 13.35 50.50
CA ASN C 673 -39.40 11.93 50.44
C ASN C 673 -37.90 11.75 50.66
N PHE C 674 -37.54 10.57 51.16
CA PHE C 674 -36.16 10.30 51.55
C PHE C 674 -35.76 8.91 51.09
N GLU C 675 -34.48 8.74 50.82
CA GLU C 675 -33.90 7.43 50.64
C GLU C 675 -32.55 7.38 51.33
N ILE C 676 -32.27 6.27 51.99
CA ILE C 676 -31.03 6.05 52.73
C ILE C 676 -30.34 4.86 52.08
N PHE C 677 -29.06 5.04 51.76
CA PHE C 677 -28.29 4.10 50.97
C PHE C 677 -27.05 3.68 51.75
N ILE C 678 -26.72 2.39 51.65
CA ILE C 678 -25.52 1.82 52.23
C ILE C 678 -24.72 1.23 51.07
N GLY C 679 -23.46 1.60 50.98
CA GLY C 679 -22.61 1.14 49.91
C GLY C 679 -21.37 0.49 50.44
N ILE C 680 -21.09 -0.69 49.92
CA ILE C 680 -19.92 -1.48 50.23
C ILE C 680 -19.11 -1.48 48.95
N THR C 681 -17.80 -1.30 49.05
CA THR C 681 -16.95 -1.23 47.86
C THR C 681 -15.71 -2.08 48.09
N PRO C 682 -15.85 -3.41 48.08
CA PRO C 682 -14.65 -4.25 48.18
C PRO C 682 -13.94 -4.46 46.85
N CYS D 32 -7.40 -34.13 -3.09
CA CYS D 32 -7.39 -35.11 -2.02
C CYS D 32 -6.02 -35.20 -1.34
N MET D 33 -5.45 -34.05 -0.99
CA MET D 33 -4.29 -34.00 -0.11
C MET D 33 -4.29 -32.64 0.57
N LYS D 34 -3.56 -32.55 1.69
CA LYS D 34 -3.66 -31.36 2.53
C LYS D 34 -2.32 -31.07 3.20
N TRP D 35 -2.23 -29.85 3.73
CA TRP D 35 -1.17 -29.43 4.63
C TRP D 35 -1.75 -29.38 6.04
N ASP D 36 -0.87 -29.52 7.03
CA ASP D 36 -1.25 -29.62 8.43
C ASP D 36 -0.64 -28.46 9.19
N TYR D 37 -1.45 -27.78 10.00
CA TYR D 37 -0.93 -26.82 10.96
C TYR D 37 -1.60 -27.04 12.30
N GLY D 38 -0.90 -26.67 13.36
CA GLY D 38 -1.45 -26.78 14.70
C GLY D 38 -0.63 -27.67 15.61
N GLU D 39 -1.30 -28.58 16.31
CA GLU D 39 -0.69 -29.44 17.32
C GLU D 39 0.05 -28.59 18.37
N MET D 40 -0.70 -27.63 18.93
CA MET D 40 -0.17 -26.67 19.90
C MET D 40 -0.18 -27.28 21.30
N GLU D 41 0.88 -28.03 21.60
CA GLU D 41 1.03 -28.68 22.89
C GLU D 41 1.55 -27.70 23.94
N ASP D 42 1.34 -28.06 25.22
CA ASP D 42 1.77 -27.23 26.33
C ASP D 42 2.16 -28.14 27.49
N PHE D 43 3.32 -27.87 28.10
CA PHE D 43 3.81 -28.69 29.19
C PHE D 43 4.86 -27.93 29.98
N SER D 44 4.88 -28.16 31.29
CA SER D 44 5.87 -27.58 32.19
C SER D 44 6.89 -28.65 32.56
N VAL D 45 8.17 -28.34 32.37
CA VAL D 45 9.21 -29.38 32.40
C VAL D 45 10.13 -29.19 33.60
N SER D 46 11.08 -30.11 33.78
CA SER D 46 11.89 -30.19 34.97
C SER D 46 12.84 -29.01 35.09
N ALA D 47 13.58 -28.97 36.21
CA ALA D 47 14.49 -27.86 36.48
C ALA D 47 15.86 -28.09 35.85
N SER D 48 16.46 -29.27 36.07
CA SER D 48 17.74 -29.52 35.44
C SER D 48 17.39 -30.35 34.22
N GLY D 49 17.96 -29.99 33.08
CA GLY D 49 17.71 -30.67 31.84
C GLY D 49 18.82 -30.39 30.85
N LEU D 50 18.71 -31.01 29.68
CA LEU D 50 19.72 -30.82 28.66
C LEU D 50 19.02 -30.60 27.33
N PHE D 51 19.33 -29.47 26.68
CA PHE D 51 18.78 -29.17 25.37
C PHE D 51 19.77 -29.65 24.34
N ILE D 52 19.24 -30.10 23.21
CA ILE D 52 20.04 -30.60 22.11
C ILE D 52 19.51 -29.96 20.85
N THR D 53 20.34 -29.15 20.19
CA THR D 53 19.86 -28.55 18.96
C THR D 53 20.13 -29.52 17.84
N ASN D 54 19.25 -29.55 16.84
CA ASN D 54 19.40 -30.44 15.72
C ASN D 54 19.40 -29.59 14.46
N GLU D 55 20.55 -29.60 13.80
CA GLU D 55 20.78 -28.81 12.60
C GLU D 55 19.80 -29.16 11.48
N GLY D 56 19.47 -30.44 11.34
CA GLY D 56 18.60 -30.80 10.23
C GLY D 56 19.38 -30.76 8.91
N ASN D 57 18.62 -30.67 7.82
CA ASN D 57 19.20 -30.62 6.49
C ASN D 57 19.04 -29.22 5.91
N PHE D 58 20.08 -28.74 5.22
CA PHE D 58 20.06 -27.42 4.61
C PHE D 58 18.88 -27.27 3.66
N GLN D 59 18.08 -26.21 3.85
CA GLN D 59 16.92 -25.91 3.01
C GLN D 59 15.80 -26.92 3.16
N TYR D 60 15.83 -27.70 4.24
CA TYR D 60 14.82 -28.70 4.52
C TYR D 60 13.93 -28.28 5.67
N SER D 61 14.30 -27.21 6.37
CA SER D 61 13.59 -26.68 7.54
C SER D 61 13.10 -27.80 8.43
N ASN D 62 14.02 -28.70 8.76
CA ASN D 62 13.69 -29.82 9.63
C ASN D 62 14.57 -29.78 10.86
N ALA D 63 15.05 -28.60 11.21
CA ALA D 63 15.85 -28.43 12.41
C ALA D 63 14.90 -28.63 13.58
N THR D 64 15.40 -29.18 14.68
CA THR D 64 14.50 -29.38 15.81
C THR D 64 15.24 -29.18 17.11
N LEU D 65 14.47 -29.12 18.18
CA LEU D 65 15.01 -28.95 19.52
C LEU D 65 14.59 -30.16 20.32
N SER D 66 15.53 -30.74 21.06
CA SER D 66 15.23 -31.90 21.88
C SER D 66 15.52 -31.54 23.33
N TYR D 67 14.85 -32.23 24.24
CA TYR D 67 15.05 -31.99 25.66
C TYR D 67 15.15 -33.34 26.35
N TYR D 68 16.26 -33.55 27.04
CA TYR D 68 16.52 -34.80 27.74
C TYR D 68 16.55 -34.52 29.24
N ASP D 69 15.96 -35.43 30.01
CA ASP D 69 15.94 -35.29 31.46
C ASP D 69 16.87 -36.35 32.05
N PRO D 70 18.05 -35.96 32.54
CA PRO D 70 18.96 -36.97 33.11
C PRO D 70 18.38 -37.75 34.28
N ALA D 71 17.42 -37.18 35.03
CA ALA D 71 16.87 -37.89 36.16
C ALA D 71 15.91 -39.00 35.74
N THR D 72 15.17 -38.84 34.64
CA THR D 72 14.23 -39.84 34.19
C THR D 72 14.71 -40.62 32.97
N CYS D 73 15.74 -40.13 32.28
CA CYS D 73 16.29 -40.73 31.07
C CYS D 73 15.27 -40.74 29.95
N GLU D 74 14.38 -39.75 29.94
CA GLU D 74 13.37 -39.62 28.91
C GLU D 74 13.68 -38.37 28.09
N VAL D 75 13.58 -38.49 26.77
CA VAL D 75 13.84 -37.38 25.86
C VAL D 75 12.59 -37.09 25.06
N GLU D 76 12.37 -35.81 24.77
CA GLU D 76 11.25 -35.36 23.95
C GLU D 76 11.86 -34.66 22.75
N ASN D 77 11.39 -34.99 21.55
CA ASN D 77 11.91 -34.43 20.32
C ASN D 77 10.91 -33.48 19.66
N GLU D 78 11.45 -32.57 18.84
CA GLU D 78 10.66 -31.56 18.14
C GLU D 78 9.79 -30.77 19.10
N VAL D 79 10.37 -30.40 20.25
CA VAL D 79 9.61 -29.69 21.27
C VAL D 79 9.24 -28.28 20.81
N PHE D 80 10.06 -27.67 19.95
CA PHE D 80 9.73 -26.32 19.50
C PHE D 80 8.48 -26.34 18.62
N TYR D 81 8.44 -27.22 17.62
CA TYR D 81 7.26 -27.28 16.76
C TYR D 81 6.02 -27.68 17.56
N ARG D 82 6.17 -28.66 18.45
CA ARG D 82 5.04 -29.11 19.26
C ARG D 82 4.52 -28.03 20.18
N ALA D 83 5.39 -27.11 20.63
CA ALA D 83 4.94 -26.07 21.54
C ALA D 83 4.45 -24.82 20.82
N ASN D 84 4.95 -24.56 19.61
CA ASN D 84 4.59 -23.36 18.86
C ASN D 84 3.70 -23.62 17.66
N GLY D 85 3.73 -24.81 17.08
CA GLY D 85 2.89 -25.09 15.93
C GLY D 85 3.52 -24.78 14.60
N PHE D 86 4.74 -24.24 14.59
CA PHE D 86 5.46 -23.95 13.36
C PHE D 86 6.90 -24.40 13.54
N LYS D 87 7.53 -24.68 12.40
CA LYS D 87 8.91 -25.18 12.38
C LYS D 87 9.91 -24.18 12.93
N LEU D 88 10.95 -24.75 13.55
CA LEU D 88 12.06 -24.02 14.16
C LEU D 88 12.83 -23.20 13.14
N GLY D 89 12.96 -23.71 11.93
CA GLY D 89 13.70 -22.96 10.94
C GLY D 89 14.61 -23.91 10.20
N ASP D 90 15.83 -23.53 9.81
CA ASP D 90 16.59 -24.50 9.04
C ASP D 90 17.89 -24.97 9.65
N VAL D 91 18.75 -24.08 10.16
CA VAL D 91 20.00 -24.57 10.71
C VAL D 91 20.25 -24.06 12.13
N ALA D 92 19.62 -24.67 13.13
CA ALA D 92 19.93 -24.24 14.48
C ALA D 92 21.38 -24.62 14.76
N GLN D 93 22.15 -23.65 15.26
CA GLN D 93 23.58 -23.83 15.48
C GLN D 93 23.97 -23.99 16.94
N SER D 94 23.44 -23.18 17.84
CA SER D 94 23.82 -23.24 19.24
C SER D 94 22.75 -22.58 20.09
N MET D 95 22.98 -22.56 21.40
CA MET D 95 22.01 -22.02 22.33
C MET D 95 22.72 -21.62 23.63
N VAL D 96 22.33 -20.47 24.17
CA VAL D 96 22.80 -19.99 25.46
C VAL D 96 21.57 -19.56 26.26
N ILE D 97 21.64 -19.71 27.58
CA ILE D 97 20.55 -19.35 28.49
C ILE D 97 21.05 -18.28 29.45
N ARG D 98 20.29 -17.19 29.58
CA ARG D 98 20.66 -16.09 30.47
C ARG D 98 19.89 -15.99 31.79
N ASP D 99 18.59 -15.68 31.72
CA ASP D 99 17.73 -15.55 32.90
C ASP D 99 16.42 -16.29 32.63
N GLY D 100 16.49 -17.62 32.65
CA GLY D 100 15.27 -18.37 32.41
C GLY D 100 14.76 -18.30 30.99
N ILE D 101 15.53 -17.70 30.08
CA ILE D 101 15.17 -17.57 28.68
C ILE D 101 16.31 -18.16 27.86
N GLY D 102 15.96 -19.04 26.92
CA GLY D 102 16.93 -19.69 26.06
C GLY D 102 16.90 -19.06 24.69
N TRP D 103 18.09 -18.74 24.18
CA TRP D 103 18.26 -18.13 22.88
C TRP D 103 18.87 -19.16 21.93
N ILE D 104 18.10 -19.51 20.90
CA ILE D 104 18.45 -20.50 19.89
C ILE D 104 18.78 -19.75 18.61
N VAL D 105 19.99 -19.95 18.13
CA VAL D 105 20.46 -19.31 16.92
C VAL D 105 20.11 -20.20 15.74
N VAL D 106 19.36 -19.68 14.76
CA VAL D 106 18.99 -20.49 13.60
C VAL D 106 19.72 -19.87 12.41
N ASN D 107 20.89 -20.43 12.12
CA ASN D 107 21.80 -19.95 11.06
C ASN D 107 21.14 -19.60 9.73
N ASN D 108 20.39 -20.54 9.13
CA ASN D 108 19.80 -20.30 7.81
C ASN D 108 18.37 -19.79 7.88
N SER D 109 17.96 -19.22 9.00
CA SER D 109 16.63 -18.64 9.10
C SER D 109 16.74 -17.17 9.43
N HIS D 110 17.97 -16.66 9.52
CA HIS D 110 18.25 -15.26 9.76
C HIS D 110 17.51 -14.77 10.99
N VAL D 111 17.46 -15.61 12.03
CA VAL D 111 16.74 -15.28 13.24
C VAL D 111 17.32 -16.04 14.43
N ILE D 112 17.03 -15.50 15.61
CA ILE D 112 17.38 -16.08 16.89
C ILE D 112 16.08 -16.06 17.68
N PHE D 113 15.69 -17.23 18.20
CA PHE D 113 14.46 -17.35 18.95
C PHE D 113 14.74 -17.32 20.45
N ALA D 114 13.93 -16.58 21.19
CA ALA D 114 14.02 -16.50 22.63
C ALA D 114 12.78 -17.23 23.13
N ILE D 115 13.00 -18.30 23.90
CA ILE D 115 11.92 -19.13 24.42
C ILE D 115 12.05 -19.32 25.93
N ASP D 116 10.91 -19.65 26.54
CA ASP D 116 10.83 -19.92 27.97
C ASP D 116 11.42 -21.31 28.21
N ILE D 117 12.45 -21.39 29.06
CA ILE D 117 13.13 -22.67 29.32
C ILE D 117 12.23 -23.72 29.96
N ASN D 118 11.02 -23.36 30.38
CA ASN D 118 10.13 -24.33 31.00
C ASN D 118 9.00 -24.80 30.08
N THR D 119 8.35 -23.87 29.39
CA THR D 119 7.24 -24.21 28.49
C THR D 119 7.65 -24.38 27.03
N PHE D 120 8.85 -23.94 26.65
CA PHE D 120 9.39 -23.97 25.29
C PHE D 120 8.64 -23.04 24.35
N LYS D 121 7.67 -22.28 24.85
CA LYS D 121 6.91 -21.36 24.02
C LYS D 121 7.77 -20.14 23.68
N GLU D 122 7.66 -19.67 22.45
CA GLU D 122 8.44 -18.52 22.02
C GLU D 122 8.03 -17.27 22.78
N VAL D 123 9.02 -16.53 23.27
CA VAL D 123 8.78 -15.27 23.97
C VAL D 123 9.28 -14.10 23.16
N GLY D 124 10.08 -14.34 22.14
CA GLY D 124 10.58 -13.26 21.31
C GLY D 124 11.49 -13.78 20.23
N ARG D 125 11.90 -12.88 19.35
CA ARG D 125 12.79 -13.26 18.27
C ARG D 125 13.47 -12.02 17.72
N ILE D 126 14.64 -12.24 17.12
CA ILE D 126 15.40 -11.19 16.48
C ILE D 126 15.77 -11.68 15.09
N THR D 127 15.36 -10.94 14.06
CA THR D 127 15.63 -11.30 12.69
C THR D 127 16.62 -10.29 12.09
N GLY D 128 17.04 -10.53 10.86
CA GLY D 128 17.96 -9.63 10.21
C GLY D 128 19.39 -10.09 10.19
N PHE D 129 19.71 -11.22 10.83
CA PHE D 129 21.07 -11.72 10.87
C PHE D 129 21.51 -12.33 9.55
N THR D 130 22.75 -12.03 9.15
CA THR D 130 23.31 -12.55 7.91
C THR D 130 23.34 -14.07 7.93
N SER D 131 23.90 -14.64 8.99
CA SER D 131 24.03 -16.08 9.24
C SER D 131 24.57 -16.22 10.65
N PRO D 132 23.71 -16.02 11.64
CA PRO D 132 24.11 -16.09 13.05
C PRO D 132 24.76 -17.42 13.43
N ARG D 133 25.76 -17.34 14.30
CA ARG D 133 26.52 -18.51 14.76
C ARG D 133 26.33 -18.72 16.26
N TYR D 134 26.83 -17.82 17.10
CA TYR D 134 26.71 -17.96 18.54
C TYR D 134 26.30 -16.61 19.11
N ILE D 135 25.77 -16.63 20.32
CA ILE D 135 25.36 -15.40 20.99
C ILE D 135 26.02 -15.34 22.36
N HIS D 136 26.54 -14.17 22.70
CA HIS D 136 27.21 -13.92 23.98
C HIS D 136 26.62 -12.67 24.61
N PHE D 137 26.11 -12.82 25.82
CA PHE D 137 25.49 -11.72 26.56
C PHE D 137 26.51 -10.94 27.36
N LEU D 138 26.43 -9.61 27.29
CA LEU D 138 27.30 -8.71 28.04
C LEU D 138 26.57 -8.10 29.23
N SER D 139 25.25 -7.97 29.11
CA SER D 139 24.37 -7.44 30.15
C SER D 139 22.94 -7.76 29.73
N ASP D 140 21.99 -7.36 30.57
CA ASP D 140 20.58 -7.59 30.24
C ASP D 140 20.12 -6.77 29.05
N GLU D 141 20.87 -5.74 28.67
CA GLU D 141 20.52 -4.86 27.56
C GLU D 141 21.53 -4.86 26.40
N LYS D 142 22.56 -5.71 26.44
CA LYS D 142 23.56 -5.73 25.37
C LYS D 142 24.12 -7.11 25.13
N ALA D 143 24.11 -7.55 23.87
CA ALA D 143 24.67 -8.87 23.56
C ALA D 143 25.23 -8.87 22.14
N TYR D 144 26.22 -9.73 21.92
CA TYR D 144 26.87 -9.92 20.64
C TYR D 144 26.40 -11.22 19.99
N VAL D 145 26.33 -11.20 18.67
CA VAL D 145 25.95 -12.35 17.87
C VAL D 145 26.98 -12.44 16.76
N THR D 146 27.82 -13.47 16.81
CA THR D 146 28.83 -13.62 15.78
C THR D 146 28.16 -14.12 14.50
N GLN D 147 28.89 -14.00 13.40
CA GLN D 147 28.33 -14.38 12.11
C GLN D 147 29.42 -14.95 11.22
N ILE D 148 28.97 -15.71 10.23
CA ILE D 148 29.81 -16.24 9.17
C ILE D 148 29.30 -15.55 7.91
N TRP D 149 30.19 -15.33 6.94
CA TRP D 149 29.82 -14.63 5.71
C TRP D 149 29.54 -13.16 6.01
N ASP D 150 30.26 -12.62 6.99
CA ASP D 150 30.11 -11.23 7.39
C ASP D 150 31.37 -10.82 8.14
N TYR D 151 31.74 -9.56 7.97
CA TYR D 151 32.91 -9.01 8.64
C TYR D 151 32.49 -8.23 9.87
N ARG D 152 31.20 -8.24 10.17
CA ARG D 152 30.62 -7.54 11.30
C ARG D 152 30.04 -8.55 12.29
N ILE D 153 30.09 -8.20 13.57
CA ILE D 153 29.48 -8.98 14.63
C ILE D 153 28.26 -8.18 15.03
N PHE D 154 27.07 -8.77 14.89
CA PHE D 154 25.86 -8.03 15.20
C PHE D 154 25.69 -7.80 16.70
N ILE D 155 25.40 -6.57 17.08
CA ILE D 155 25.14 -6.21 18.46
C ILE D 155 23.63 -6.04 18.56
N ILE D 156 23.05 -6.62 19.59
CA ILE D 156 21.61 -6.57 19.81
C ILE D 156 21.34 -6.17 21.24
N ASN D 157 20.08 -5.90 21.52
CA ASN D 157 19.59 -5.55 22.85
C ASN D 157 18.55 -6.60 23.19
N PRO D 158 18.93 -7.62 23.95
CA PRO D 158 17.98 -8.70 24.32
C PRO D 158 16.68 -8.17 24.91
N LYS D 159 16.73 -7.05 25.63
CA LYS D 159 15.53 -6.52 26.26
C LYS D 159 14.56 -5.94 25.23
N THR D 160 15.06 -5.37 24.13
CA THR D 160 14.15 -4.80 23.13
C THR D 160 13.93 -5.69 21.90
N TYR D 161 14.65 -6.81 21.79
CA TYR D 161 14.50 -7.75 20.67
C TYR D 161 14.70 -7.10 19.30
N GLU D 162 15.77 -6.32 19.16
CA GLU D 162 16.08 -5.66 17.90
C GLU D 162 17.60 -5.57 17.73
N ILE D 163 18.05 -5.40 16.49
CA ILE D 163 19.48 -5.28 16.22
C ILE D 163 19.91 -3.84 16.48
N THR D 164 20.93 -3.65 17.31
CA THR D 164 21.40 -2.33 17.69
C THR D 164 22.72 -1.86 17.08
N GLY D 165 23.55 -2.75 16.54
CA GLY D 165 24.80 -2.25 16.00
C GLY D 165 25.63 -3.35 15.34
N TYR D 166 26.86 -2.98 15.01
CA TYR D 166 27.79 -3.87 14.33
C TYR D 166 29.19 -3.68 14.90
N ILE D 167 29.99 -4.74 14.83
CA ILE D 167 31.38 -4.75 15.26
C ILE D 167 32.16 -5.04 13.99
N GLU D 168 32.88 -4.05 13.47
CA GLU D 168 33.64 -4.27 12.24
C GLU D 168 34.95 -4.99 12.56
N CYS D 169 35.16 -6.16 11.93
CA CYS D 169 36.39 -6.92 12.16
C CYS D 169 37.49 -6.49 11.17
N PRO D 170 38.71 -6.24 11.64
CA PRO D 170 39.77 -5.85 10.72
C PRO D 170 40.25 -7.01 9.85
N ASP D 171 40.69 -6.67 8.64
CA ASP D 171 41.22 -7.65 7.68
C ASP D 171 40.21 -8.76 7.41
N MET D 172 38.96 -8.37 7.14
CA MET D 172 37.91 -9.34 6.91
C MET D 172 36.88 -8.76 5.97
N ASP D 173 36.47 -9.54 4.98
CA ASP D 173 35.45 -9.16 4.01
C ASP D 173 34.27 -10.11 4.12
N MET D 174 33.17 -9.75 3.47
CA MET D 174 31.96 -10.56 3.56
C MET D 174 32.14 -11.91 2.89
N GLU D 175 32.88 -11.94 1.78
CA GLU D 175 33.12 -13.18 1.04
C GLU D 175 33.71 -14.28 1.91
N SER D 176 34.63 -13.94 2.82
CA SER D 176 35.23 -14.98 3.65
C SER D 176 35.30 -14.59 5.12
N GLY D 177 34.51 -13.60 5.55
CA GLY D 177 34.54 -13.21 6.95
C GLY D 177 34.04 -14.35 7.83
N SER D 178 34.48 -14.33 9.09
CA SER D 178 34.05 -15.39 10.00
C SER D 178 34.43 -15.16 11.45
N THR D 179 33.41 -15.15 12.32
CA THR D 179 33.57 -15.05 13.76
C THR D 179 32.76 -16.21 14.31
N GLU D 180 33.27 -16.88 15.35
CA GLU D 180 32.59 -18.06 15.84
C GLU D 180 32.25 -17.91 17.32
N GLN D 181 33.04 -18.48 18.22
CA GLN D 181 32.77 -18.43 19.64
C GLN D 181 33.34 -17.16 20.28
N MET D 182 32.86 -16.89 21.50
CA MET D 182 33.27 -15.73 22.26
C MET D 182 33.45 -16.10 23.74
N VAL D 183 34.44 -15.50 24.38
CA VAL D 183 34.65 -15.62 25.81
C VAL D 183 35.00 -14.24 26.35
N GLN D 184 34.54 -13.93 27.56
CA GLN D 184 34.82 -12.61 28.15
C GLN D 184 35.92 -12.70 29.19
N TYR D 185 36.77 -11.66 29.21
CA TYR D 185 37.90 -11.49 30.12
C TYR D 185 37.89 -10.04 30.59
N GLY D 186 37.24 -9.80 31.73
CA GLY D 186 37.14 -8.44 32.25
C GLY D 186 36.34 -7.59 31.30
N LYS D 187 36.89 -6.43 30.94
CA LYS D 187 36.18 -5.55 30.02
C LYS D 187 36.40 -5.95 28.57
N TYR D 188 37.19 -6.98 28.32
CA TYR D 188 37.47 -7.44 26.97
C TYR D 188 36.67 -8.69 26.63
N VAL D 189 36.50 -8.92 25.34
CA VAL D 189 35.85 -10.11 24.81
C VAL D 189 36.73 -10.64 23.70
N TYR D 190 37.07 -11.92 23.78
CA TYR D 190 37.89 -12.56 22.77
C TYR D 190 36.96 -13.39 21.90
N VAL D 191 37.25 -13.43 20.60
CA VAL D 191 36.43 -14.16 19.64
C VAL D 191 37.35 -14.81 18.63
N ASN D 192 37.07 -16.06 18.28
CA ASN D 192 37.89 -16.76 17.31
C ASN D 192 37.31 -16.55 15.91
N CYS D 193 38.19 -16.40 14.93
CA CYS D 193 37.78 -16.22 13.54
C CYS D 193 38.11 -17.54 12.86
N TRP D 194 37.07 -18.31 12.53
CA TRP D 194 37.23 -19.66 11.98
C TRP D 194 37.40 -19.81 10.47
N SER D 195 36.30 -19.66 9.71
CA SER D 195 36.31 -19.87 8.26
C SER D 195 37.27 -18.99 7.47
N TYR D 196 38.33 -19.60 6.92
CA TYR D 196 39.32 -18.86 6.11
C TYR D 196 39.95 -17.72 6.89
N GLN D 197 40.17 -17.94 8.17
CA GLN D 197 40.80 -16.96 9.02
C GLN D 197 41.81 -17.69 9.88
N ASN D 198 42.64 -16.94 10.57
CA ASN D 198 43.69 -17.49 11.41
C ASN D 198 43.95 -16.57 12.59
N ARG D 199 42.91 -16.01 13.17
CA ARG D 199 43.18 -15.10 14.26
C ARG D 199 42.09 -15.08 15.31
N ILE D 200 42.47 -14.48 16.44
CA ILE D 200 41.61 -14.25 17.58
C ILE D 200 41.48 -12.74 17.66
N LEU D 201 40.28 -12.23 17.87
CA LEU D 201 40.15 -10.79 18.00
C LEU D 201 39.88 -10.46 19.45
N LYS D 202 40.35 -9.28 19.85
CA LYS D 202 40.18 -8.73 21.18
C LYS D 202 39.32 -7.49 20.97
N ILE D 203 38.16 -7.49 21.62
CA ILE D 203 37.16 -6.44 21.52
C ILE D 203 37.02 -5.77 22.87
N ASP D 204 36.96 -4.44 22.85
CA ASP D 204 36.78 -3.67 24.07
C ASP D 204 35.28 -3.44 24.20
N THR D 205 34.66 -4.10 25.18
CA THR D 205 33.22 -4.01 25.39
C THR D 205 32.79 -2.62 25.82
N GLU D 206 33.73 -1.79 26.29
CA GLU D 206 33.38 -0.45 26.70
C GLU D 206 33.19 0.47 25.50
N THR D 207 33.75 0.10 24.34
CA THR D 207 33.64 0.87 23.12
C THR D 207 33.03 0.12 21.95
N ASP D 208 32.83 -1.20 22.06
CA ASP D 208 32.27 -2.04 21.01
C ASP D 208 33.08 -1.99 19.71
N LYS D 209 34.40 -1.96 19.83
CA LYS D 209 35.29 -1.95 18.68
C LYS D 209 36.41 -2.95 18.88
N VAL D 210 36.93 -3.48 17.77
CA VAL D 210 38.04 -4.42 17.87
C VAL D 210 39.28 -3.60 18.16
N VAL D 211 40.01 -3.98 19.21
CA VAL D 211 41.21 -3.27 19.62
C VAL D 211 42.48 -4.08 19.48
N ASP D 212 42.38 -5.38 19.19
CA ASP D 212 43.62 -6.14 19.05
C ASP D 212 43.33 -7.46 18.36
N GLU D 213 44.40 -8.10 17.88
CA GLU D 213 44.25 -9.39 17.22
C GLU D 213 45.48 -10.23 17.47
N LEU D 214 45.33 -11.54 17.25
CA LEU D 214 46.40 -12.51 17.44
C LEU D 214 46.33 -13.57 16.36
N THR D 215 47.43 -13.77 15.63
CA THR D 215 47.47 -14.76 14.57
C THR D 215 48.02 -16.07 15.13
N ILE D 216 47.29 -17.15 14.89
CA ILE D 216 47.65 -18.49 15.36
C ILE D 216 47.50 -19.46 14.20
N GLY D 217 47.32 -20.74 14.50
CA GLY D 217 47.14 -21.72 13.45
C GLY D 217 45.96 -21.35 12.56
N ILE D 218 45.91 -21.95 11.37
CA ILE D 218 44.84 -21.62 10.46
C ILE D 218 43.52 -22.20 10.96
N GLN D 219 42.48 -21.38 10.88
CA GLN D 219 41.09 -21.67 11.22
C GLN D 219 40.82 -22.17 12.63
N PRO D 220 40.96 -21.33 13.66
CA PRO D 220 40.64 -21.81 15.01
C PRO D 220 39.13 -22.01 15.03
N THR D 221 38.71 -23.13 15.61
CA THR D 221 37.30 -23.52 15.59
C THR D 221 36.51 -23.07 16.81
N SER D 222 37.14 -22.96 17.97
CA SER D 222 36.42 -22.63 19.17
C SER D 222 37.33 -21.85 20.11
N LEU D 223 36.74 -21.39 21.22
CA LEU D 223 37.48 -20.59 22.19
C LEU D 223 36.76 -20.80 23.51
N VAL D 224 37.54 -21.13 24.54
CA VAL D 224 37.05 -21.34 25.89
C VAL D 224 38.04 -20.75 26.88
N MET D 225 37.56 -20.53 28.11
CA MET D 225 38.38 -19.99 29.18
C MET D 225 38.35 -20.94 30.37
N ASP D 226 39.53 -21.23 30.92
CA ASP D 226 39.67 -22.11 32.07
C ASP D 226 39.81 -21.31 33.35
N LYS D 227 39.90 -22.03 34.48
CA LYS D 227 39.99 -21.42 35.80
C LYS D 227 41.30 -20.67 36.06
N TYR D 228 42.28 -20.77 35.16
CA TYR D 228 43.54 -20.08 35.32
C TYR D 228 43.65 -18.83 34.44
N ASN D 229 42.55 -18.37 33.86
CA ASN D 229 42.54 -17.21 32.98
C ASN D 229 43.40 -17.49 31.75
N LYS D 230 43.28 -18.73 31.26
CA LYS D 230 43.96 -19.19 30.07
C LYS D 230 42.89 -19.46 29.03
N MET D 231 43.24 -19.34 27.76
CA MET D 231 42.29 -19.55 26.67
C MET D 231 42.76 -20.73 25.86
N TRP D 232 41.90 -21.74 25.75
CA TRP D 232 42.18 -22.86 24.88
C TRP D 232 41.35 -22.75 23.61
N THR D 233 42.01 -23.05 22.50
CA THR D 233 41.38 -23.01 21.19
C THR D 233 41.98 -24.13 20.35
N ILE D 234 41.19 -24.70 19.46
CA ILE D 234 41.77 -25.75 18.63
C ILE D 234 41.48 -25.41 17.19
N THR D 235 42.52 -25.46 16.36
CA THR D 235 42.40 -25.20 14.95
C THR D 235 42.19 -26.52 14.25
N ASP D 236 41.65 -26.44 13.04
CA ASP D 236 41.36 -27.59 12.19
C ASP D 236 42.37 -27.78 11.07
N GLY D 237 43.37 -26.90 10.98
CA GLY D 237 44.36 -27.05 9.93
C GLY D 237 43.88 -26.84 8.51
N GLY D 238 42.75 -26.18 8.30
CA GLY D 238 42.31 -25.99 6.92
C GLY D 238 41.94 -27.29 6.22
N TYR D 239 42.25 -27.36 4.94
CA TYR D 239 41.93 -28.54 4.16
C TYR D 239 42.91 -28.66 3.01
N GLU D 240 43.01 -29.89 2.49
CA GLU D 240 43.94 -30.20 1.41
C GLU D 240 43.58 -29.46 0.13
N GLY D 241 44.58 -28.82 -0.47
CA GLY D 241 44.40 -28.08 -1.68
C GLY D 241 43.90 -26.67 -1.48
N SER D 242 43.86 -26.20 -0.24
CA SER D 242 43.37 -24.87 0.04
C SER D 242 44.32 -23.74 -0.35
N PRO D 243 43.80 -22.69 -1.01
CA PRO D 243 44.64 -21.55 -1.38
C PRO D 243 45.10 -20.76 -0.17
N TYR D 244 44.46 -20.98 0.98
CA TYR D 244 44.72 -20.32 2.25
C TYR D 244 45.74 -21.13 3.04
N GLY D 245 45.54 -22.43 3.15
CA GLY D 245 46.48 -23.27 3.87
C GLY D 245 46.01 -24.66 4.22
N TYR D 246 46.96 -25.53 4.55
CA TYR D 246 46.69 -26.90 4.93
C TYR D 246 47.75 -27.31 5.94
N GLU D 247 47.33 -27.61 7.17
CA GLU D 247 48.30 -27.98 8.19
C GLU D 247 47.66 -28.91 9.21
N ALA D 248 48.51 -29.46 10.05
CA ALA D 248 48.10 -30.33 11.13
C ALA D 248 47.33 -29.48 12.12
N PRO D 249 46.10 -29.87 12.51
CA PRO D 249 45.36 -29.02 13.43
C PRO D 249 46.05 -28.99 14.78
N SER D 250 45.70 -27.99 15.59
CA SER D 250 46.41 -27.92 16.87
C SER D 250 45.60 -27.36 18.01
N LEU D 251 46.00 -27.69 19.23
CA LEU D 251 45.38 -27.14 20.42
C LEU D 251 46.32 -26.09 20.99
N TYR D 252 45.81 -24.89 21.24
CA TYR D 252 46.58 -23.76 21.75
C TYR D 252 46.10 -23.30 23.12
N ARG D 253 47.08 -22.89 23.94
CA ARG D 253 46.91 -22.31 25.26
C ARG D 253 47.51 -20.91 25.19
N ILE D 254 46.66 -19.89 25.33
CA ILE D 254 47.04 -18.49 25.21
C ILE D 254 46.73 -17.76 26.52
N ASP D 255 47.69 -16.99 27.03
CA ASP D 255 47.45 -16.25 28.25
C ASP D 255 46.49 -15.09 28.00
N ALA D 256 45.41 -15.02 28.78
CA ALA D 256 44.43 -13.95 28.57
C ALA D 256 45.00 -12.57 28.92
N GLU D 257 45.77 -12.48 30.01
CA GLU D 257 46.33 -11.21 30.44
C GLU D 257 47.31 -10.63 29.42
N THR D 258 48.24 -11.44 28.92
CA THR D 258 49.22 -10.93 27.98
C THR D 258 48.85 -11.20 26.53
N PHE D 259 47.83 -12.01 26.27
CA PHE D 259 47.37 -12.34 24.92
C PHE D 259 48.51 -12.91 24.09
N THR D 260 49.27 -13.83 24.69
CA THR D 260 50.39 -14.46 24.01
C THR D 260 50.23 -15.97 24.08
N VAL D 261 50.62 -16.65 23.01
CA VAL D 261 50.53 -18.11 22.99
C VAL D 261 51.58 -18.68 23.93
N GLU D 262 51.15 -19.53 24.85
CA GLU D 262 52.06 -20.17 25.80
C GLU D 262 52.30 -21.64 25.52
N LYS D 263 51.30 -22.34 24.99
CA LYS D 263 51.46 -23.76 24.71
C LYS D 263 50.80 -24.12 23.39
N GLN D 264 51.41 -25.06 22.68
CA GLN D 264 50.90 -25.55 21.41
C GLN D 264 51.12 -27.06 21.35
N PHE D 265 50.02 -27.78 21.27
CA PHE D 265 50.03 -29.24 21.18
C PHE D 265 49.52 -29.58 19.79
N LYS D 266 50.43 -30.01 18.94
CA LYS D 266 50.11 -30.35 17.56
C LYS D 266 49.68 -31.81 17.48
N PHE D 267 48.72 -32.09 16.60
CA PHE D 267 48.26 -33.45 16.46
C PHE D 267 48.81 -33.94 15.13
N LYS D 268 48.22 -35.00 14.60
CA LYS D 268 48.69 -35.55 13.35
C LYS D 268 47.87 -35.00 12.19
N LEU D 269 48.53 -34.78 11.06
CA LEU D 269 47.88 -34.28 9.85
C LEU D 269 46.84 -35.31 9.41
N GLY D 270 45.64 -34.84 9.06
CA GLY D 270 44.58 -35.74 8.67
C GLY D 270 43.45 -35.81 9.69
N ASP D 271 43.71 -35.41 10.92
CA ASP D 271 42.71 -35.41 11.98
C ASP D 271 41.67 -34.32 11.74
N TRP D 272 40.45 -34.58 12.20
CA TRP D 272 39.33 -33.66 12.08
C TRP D 272 38.68 -33.48 13.45
N PRO D 273 39.39 -32.88 14.39
CA PRO D 273 38.83 -32.68 15.73
C PRO D 273 37.66 -31.71 15.72
N SER D 274 36.93 -31.70 16.83
CA SER D 274 35.77 -30.84 16.99
C SER D 274 36.16 -29.68 17.89
N GLU D 275 35.19 -28.81 18.17
CA GLU D 275 35.47 -27.70 19.06
C GLU D 275 35.75 -28.20 20.47
N VAL D 276 36.83 -27.67 21.06
CA VAL D 276 37.22 -27.96 22.43
C VAL D 276 36.20 -27.42 23.42
N GLN D 277 35.92 -28.20 24.46
CA GLN D 277 34.96 -27.84 25.49
C GLN D 277 35.46 -28.27 26.86
N LEU D 278 35.04 -27.52 27.88
CA LEU D 278 35.41 -27.75 29.27
C LEU D 278 34.18 -28.04 30.13
N ASN D 279 34.45 -28.69 31.25
CA ASN D 279 33.48 -29.08 32.26
C ASN D 279 33.21 -27.94 33.24
N GLY D 280 32.32 -28.21 34.20
CA GLY D 280 31.94 -27.23 35.19
C GLY D 280 33.09 -26.60 35.95
N THR D 281 34.03 -27.43 36.43
CA THR D 281 35.14 -26.86 37.20
C THR D 281 36.23 -26.25 36.32
N ARG D 282 36.08 -26.32 35.00
CA ARG D 282 37.02 -25.74 34.03
C ARG D 282 38.46 -26.21 34.22
N ASP D 283 38.68 -27.48 34.56
CA ASP D 283 40.06 -27.92 34.69
C ASP D 283 40.38 -29.17 33.89
N THR D 284 39.41 -29.71 33.16
CA THR D 284 39.62 -30.87 32.31
C THR D 284 38.98 -30.57 30.97
N LEU D 285 39.78 -30.50 29.91
CA LEU D 285 39.25 -30.20 28.59
C LEU D 285 39.04 -31.50 27.84
N TYR D 286 37.93 -31.56 27.12
CA TYR D 286 37.57 -32.73 26.33
C TYR D 286 37.36 -32.31 24.89
N TRP D 287 37.54 -33.27 24.00
CA TRP D 287 37.28 -33.02 22.60
C TRP D 287 37.19 -34.37 21.89
N ILE D 288 36.77 -34.33 20.64
CA ILE D 288 36.67 -35.54 19.84
C ILE D 288 37.71 -35.40 18.73
N ASN D 289 38.48 -36.45 18.49
CA ASN D 289 39.44 -36.44 17.40
C ASN D 289 39.14 -37.61 16.48
N ASN D 290 39.27 -38.82 17.00
CA ASN D 290 39.05 -40.09 16.32
C ASN D 290 38.49 -40.96 17.46
N ASP D 291 38.67 -40.42 18.66
CA ASP D 291 38.24 -40.92 19.95
C ASP D 291 37.85 -39.71 20.77
N ILE D 292 37.34 -39.92 21.97
CA ILE D 292 37.03 -38.82 22.87
C ILE D 292 38.20 -38.70 23.82
N TRP D 293 38.86 -37.55 23.78
CA TRP D 293 40.01 -37.28 24.62
C TRP D 293 39.62 -36.34 25.75
N ARG D 294 40.47 -36.37 26.78
CA ARG D 294 40.36 -35.56 27.99
C ARG D 294 41.75 -35.32 28.54
N MET D 295 41.96 -34.11 29.04
CA MET D 295 43.30 -33.69 29.44
C MET D 295 43.20 -32.57 30.46
N PRO D 296 43.97 -32.64 31.56
CA PRO D 296 44.10 -31.47 32.43
C PRO D 296 44.72 -30.30 31.68
N VAL D 297 44.23 -29.10 31.95
CA VAL D 297 44.72 -27.89 31.29
C VAL D 297 46.15 -27.55 31.65
N GLU D 298 46.71 -28.14 32.71
CA GLU D 298 48.08 -27.86 33.10
C GLU D 298 49.09 -28.86 32.54
N ALA D 299 48.63 -29.89 31.84
CA ALA D 299 49.53 -30.89 31.29
C ALA D 299 50.44 -30.29 30.22
N ASP D 300 51.62 -30.90 30.08
CA ASP D 300 52.61 -30.49 29.10
C ASP D 300 52.61 -31.37 27.85
N ARG D 301 51.68 -32.31 27.75
CA ARG D 301 51.58 -33.17 26.58
C ARG D 301 50.19 -33.81 26.57
N VAL D 302 49.79 -34.28 25.40
CA VAL D 302 48.47 -34.92 25.26
C VAL D 302 48.58 -36.35 25.77
N PRO D 303 47.66 -36.79 26.64
CA PRO D 303 47.72 -38.16 27.18
C PRO D 303 47.78 -39.24 26.10
N VAL D 304 48.43 -40.35 26.46
CA VAL D 304 48.55 -41.49 25.57
C VAL D 304 47.25 -42.30 25.51
N ARG D 305 46.48 -42.28 26.60
CA ARG D 305 45.23 -43.03 26.60
C ARG D 305 44.02 -42.11 26.45
N PRO D 306 43.02 -42.55 25.71
CA PRO D 306 41.82 -41.74 25.53
C PRO D 306 40.82 -42.02 26.66
N PHE D 307 39.77 -41.22 26.68
CA PHE D 307 38.71 -41.41 27.66
C PHE D 307 37.79 -42.55 27.24
N LEU D 308 37.43 -42.58 25.96
CA LEU D 308 36.56 -43.57 25.35
C LEU D 308 37.16 -44.11 24.06
N GLU D 309 37.44 -45.42 24.04
CA GLU D 309 37.99 -46.04 22.86
C GLU D 309 36.98 -45.92 21.74
N PHE D 310 37.45 -45.86 20.50
CA PHE D 310 36.52 -45.79 19.39
C PHE D 310 35.65 -47.04 19.41
N ARG D 311 34.37 -46.87 19.09
CA ARG D 311 33.41 -47.98 19.09
C ARG D 311 32.52 -47.99 17.85
N ASP D 312 33.08 -47.63 16.69
CA ASP D 312 32.32 -47.61 15.43
C ASP D 312 31.13 -46.66 15.46
N THR D 313 31.21 -45.58 16.23
CA THR D 313 30.15 -44.58 16.28
C THR D 313 30.71 -43.26 15.80
N LYS D 314 29.96 -42.61 14.89
CA LYS D 314 30.35 -41.35 14.26
C LYS D 314 30.25 -40.21 15.27
N TYR D 315 31.27 -40.09 16.10
CA TYR D 315 31.29 -39.02 17.08
C TYR D 315 31.26 -37.68 16.36
N TYR D 316 30.26 -36.85 16.68
CA TYR D 316 30.05 -35.55 16.04
C TYR D 316 29.94 -34.41 17.03
N GLY D 317 29.24 -34.64 18.15
CA GLY D 317 29.02 -33.66 19.18
C GLY D 317 29.57 -34.16 20.49
N LEU D 318 29.82 -33.25 21.42
CA LEU D 318 30.38 -33.65 22.70
C LEU D 318 30.00 -32.58 23.70
N THR D 319 29.83 -33.00 24.94
CA THR D 319 29.53 -32.08 26.03
C THR D 319 29.77 -32.81 27.35
N VAL D 320 29.98 -32.03 28.40
CA VAL D 320 30.22 -32.56 29.74
C VAL D 320 29.24 -31.88 30.68
N ASN D 321 28.57 -32.67 31.50
CA ASN D 321 27.64 -32.12 32.47
C ASN D 321 28.44 -31.31 33.49
N PRO D 322 28.17 -30.02 33.64
CA PRO D 322 28.94 -29.21 34.59
C PRO D 322 28.75 -29.58 36.06
N ASN D 323 27.74 -30.38 36.41
CA ASN D 323 27.54 -30.72 37.81
C ASN D 323 28.06 -32.09 38.22
N ASN D 324 27.87 -33.14 37.42
CA ASN D 324 28.34 -34.46 37.82
C ASN D 324 29.43 -35.00 36.91
N GLY D 325 29.80 -34.26 35.86
CA GLY D 325 30.85 -34.70 34.97
C GLY D 325 30.47 -35.75 33.95
N GLU D 326 29.22 -36.18 33.91
CA GLU D 326 28.82 -37.19 32.93
C GLU D 326 29.04 -36.65 31.52
N VAL D 327 29.55 -37.52 30.65
CA VAL D 327 29.88 -37.13 29.28
C VAL D 327 28.83 -37.65 28.33
N TYR D 328 28.29 -36.76 27.50
CA TYR D 328 27.30 -37.10 26.50
C TYR D 328 27.98 -36.96 25.16
N VAL D 329 27.90 -38.01 24.35
CA VAL D 329 28.51 -37.99 23.02
C VAL D 329 27.41 -38.16 22.00
N ALA D 330 27.29 -37.21 21.08
CA ALA D 330 26.30 -37.25 20.02
C ALA D 330 26.84 -37.81 18.71
N ASP D 331 26.30 -38.94 18.27
CA ASP D 331 26.72 -39.57 17.03
C ASP D 331 25.63 -39.27 16.00
N ALA D 332 26.00 -38.55 14.93
CA ALA D 332 25.04 -38.19 13.89
C ALA D 332 24.68 -39.34 12.97
N ILE D 333 25.36 -40.48 13.05
CA ILE D 333 25.09 -41.66 12.23
C ILE D 333 25.36 -41.33 10.75
N ASP D 334 24.35 -41.37 9.89
CA ASP D 334 24.63 -41.06 8.50
C ASP D 334 24.23 -39.65 8.09
N TYR D 335 23.94 -38.78 9.05
CA TYR D 335 23.57 -37.39 8.79
C TYR D 335 22.27 -37.27 7.99
N GLN D 336 21.55 -38.38 7.81
CA GLN D 336 20.32 -38.38 7.03
C GLN D 336 19.09 -38.82 7.81
N GLN D 337 19.25 -39.28 9.05
CA GLN D 337 18.14 -39.73 9.89
C GLN D 337 18.46 -39.27 11.31
N GLN D 338 17.52 -39.49 12.23
CA GLN D 338 17.75 -39.06 13.59
C GLN D 338 18.97 -39.71 14.24
N GLY D 339 19.77 -38.84 14.88
CA GLY D 339 21.00 -39.15 15.59
C GLY D 339 20.74 -39.70 16.97
N ILE D 340 21.80 -40.22 17.62
CA ILE D 340 21.59 -40.75 18.96
C ILE D 340 22.71 -40.22 19.84
N VAL D 341 22.38 -40.01 21.10
CA VAL D 341 23.31 -39.51 22.10
C VAL D 341 23.51 -40.57 23.16
N TYR D 342 24.76 -40.83 23.48
CA TYR D 342 25.17 -41.81 24.48
C TYR D 342 25.56 -41.03 25.72
N ARG D 343 25.08 -41.48 26.86
CA ARG D 343 25.33 -40.87 28.16
C ARG D 343 26.18 -41.85 28.94
N TYR D 344 27.40 -41.43 29.24
CA TYR D 344 28.40 -42.21 29.93
C TYR D 344 28.72 -41.51 31.25
N SER D 345 29.09 -42.32 32.23
CA SER D 345 29.47 -41.80 33.54
C SER D 345 30.89 -41.25 33.46
N PRO D 346 31.32 -40.49 34.48
CA PRO D 346 32.69 -39.96 34.44
C PRO D 346 33.71 -41.08 34.34
N GLN D 347 33.35 -42.27 34.82
CA GLN D 347 34.24 -43.42 34.77
C GLN D 347 34.15 -44.18 33.45
N GLY D 348 33.25 -43.78 32.57
CA GLY D 348 33.10 -44.46 31.30
C GLY D 348 32.10 -45.59 31.28
N LYS D 349 31.15 -45.57 32.20
CA LYS D 349 30.12 -46.61 32.25
C LYS D 349 28.91 -46.13 31.46
N LEU D 350 28.39 -47.00 30.61
CA LEU D 350 27.22 -46.60 29.83
C LEU D 350 26.06 -46.43 30.80
N ILE D 351 25.53 -45.22 30.84
CA ILE D 351 24.41 -44.91 31.72
C ILE D 351 23.09 -44.96 30.98
N ASP D 352 23.07 -44.42 29.76
CA ASP D 352 21.83 -44.42 29.00
C ASP D 352 22.16 -44.03 27.56
N GLU D 353 21.18 -44.21 26.68
CA GLU D 353 21.33 -43.84 25.29
C GLU D 353 19.96 -43.45 24.80
N PHE D 354 19.90 -42.45 23.91
CA PHE D 354 18.59 -42.00 23.45
C PHE D 354 18.63 -41.32 22.09
N TYR D 355 17.59 -41.55 21.29
CA TYR D 355 17.49 -40.92 19.97
C TYR D 355 17.01 -39.49 20.13
N VAL D 356 17.64 -38.58 19.39
CA VAL D 356 17.33 -37.16 19.42
C VAL D 356 16.84 -36.73 18.05
N GLY D 357 17.39 -35.65 17.50
CA GLY D 357 17.04 -35.16 16.20
C GLY D 357 18.12 -35.44 15.17
N ILE D 358 18.06 -34.71 14.07
CA ILE D 358 19.03 -34.88 12.99
C ILE D 358 20.28 -34.05 13.21
N ILE D 359 21.43 -34.72 13.16
CA ILE D 359 22.76 -34.12 13.29
C ILE D 359 22.93 -33.24 14.53
N PRO D 360 22.86 -33.77 15.75
CA PRO D 360 23.07 -32.89 16.90
C PRO D 360 24.52 -32.42 16.90
N GLY D 361 24.70 -31.11 17.03
CA GLY D 361 26.04 -30.57 16.98
C GLY D 361 26.27 -29.61 18.12
N ALA D 362 25.22 -29.30 18.86
CA ALA D 362 25.37 -28.40 20.00
C ALA D 362 24.43 -28.83 21.11
N PHE D 363 24.87 -28.53 22.33
CA PHE D 363 24.17 -28.82 23.56
C PHE D 363 24.00 -27.56 24.37
N CYS D 364 23.07 -27.60 25.31
CA CYS D 364 22.89 -26.46 26.20
C CYS D 364 22.33 -26.97 27.52
N TRP D 365 23.09 -26.77 28.59
CA TRP D 365 22.66 -27.23 29.91
C TRP D 365 21.71 -26.27 30.58
N LYS D 366 20.66 -26.82 31.18
CA LYS D 366 19.68 -26.05 31.93
C LYS D 366 19.80 -26.32 33.42
N CYS E 32 47.42 16.39 -39.58
CA CYS E 32 47.69 17.82 -39.61
C CYS E 32 46.98 18.57 -38.48
N MET E 33 47.08 18.02 -37.28
CA MET E 33 46.70 18.72 -36.05
C MET E 33 47.53 18.10 -34.94
N LYS E 34 47.65 18.81 -33.82
CA LYS E 34 48.61 18.38 -32.80
C LYS E 34 48.09 18.70 -31.40
N TRP E 35 48.72 18.06 -30.43
CA TRP E 35 48.58 18.38 -29.02
C TRP E 35 49.85 19.10 -28.56
N ASP E 36 49.72 19.93 -27.54
CA ASP E 36 50.82 20.76 -27.06
C ASP E 36 51.13 20.42 -25.61
N TYR E 37 52.42 20.23 -25.31
CA TYR E 37 52.87 20.12 -23.93
C TYR E 37 54.13 20.96 -23.77
N GLY E 38 54.36 21.40 -22.53
CA GLY E 38 55.56 22.15 -22.23
C GLY E 38 55.29 23.54 -21.65
N GLU E 39 56.02 24.54 -22.17
CA GLU E 39 55.95 25.90 -21.64
C GLU E 39 56.23 25.92 -20.14
N MET E 40 57.38 25.35 -19.78
CA MET E 40 57.81 25.23 -18.39
C MET E 40 58.43 26.56 -17.96
N GLU E 41 57.56 27.50 -17.59
CA GLU E 41 58.01 28.80 -17.13
C GLU E 41 58.42 28.74 -15.66
N ASP E 42 59.24 29.71 -15.26
CA ASP E 42 59.77 29.76 -13.90
C ASP E 42 59.96 31.22 -13.50
N PHE E 43 59.50 31.57 -12.30
CA PHE E 43 59.58 32.95 -11.84
C PHE E 43 59.44 33.01 -10.33
N SER E 44 60.15 33.95 -9.73
CA SER E 44 60.07 34.24 -8.30
C SER E 44 59.25 35.51 -8.08
N VAL E 45 58.22 35.41 -7.24
CA VAL E 45 57.21 36.46 -7.13
C VAL E 45 57.28 37.08 -5.74
N SER E 46 56.47 38.10 -5.49
CA SER E 46 56.58 38.92 -4.29
C SER E 46 56.22 38.12 -3.04
N ALA E 47 56.37 38.78 -1.87
CA ALA E 47 56.12 38.17 -0.57
C ALA E 47 54.66 38.31 -0.16
N SER E 48 54.09 39.51 -0.29
CA SER E 48 52.70 39.72 0.06
C SER E 48 51.95 39.61 -1.27
N GLY E 49 51.00 38.69 -1.32
CA GLY E 49 50.23 38.45 -2.53
C GLY E 49 48.92 37.79 -2.19
N LEU E 50 48.12 37.56 -3.22
CA LEU E 50 46.81 36.94 -3.03
C LEU E 50 46.63 35.85 -4.07
N PHE E 51 46.34 34.64 -3.61
CA PHE E 51 46.08 33.53 -4.50
C PHE E 51 44.59 33.45 -4.70
N ILE E 52 44.19 33.06 -5.90
CA ILE E 52 42.78 32.93 -6.25
C ILE E 52 42.61 31.59 -6.95
N THR E 53 41.82 30.71 -6.35
CA THR E 53 41.58 29.43 -6.99
C THR E 53 40.42 29.59 -7.95
N ASN E 54 40.48 28.84 -9.06
CA ASN E 54 39.43 28.89 -10.06
C ASN E 54 38.96 27.46 -10.22
N GLU E 55 37.70 27.23 -9.83
CA GLU E 55 37.08 25.91 -9.87
C GLU E 55 37.07 25.32 -11.26
N GLY E 56 36.84 26.13 -12.28
CA GLY E 56 36.74 25.68 -13.64
C GLY E 56 35.42 24.96 -13.89
N ASN E 57 35.39 24.18 -14.97
CA ASN E 57 34.20 23.42 -15.36
C ASN E 57 34.36 21.93 -15.14
N PHE E 58 33.30 21.28 -14.66
CA PHE E 58 33.31 19.83 -14.40
C PHE E 58 33.65 19.05 -15.67
N GLN E 59 34.65 18.17 -15.56
CA GLN E 59 35.08 17.30 -16.65
C GLN E 59 35.74 18.07 -17.78
N TYR E 60 36.14 19.30 -17.53
CA TYR E 60 36.79 20.13 -18.52
C TYR E 60 38.26 20.33 -18.20
N SER E 61 38.69 19.89 -17.01
CA SER E 61 40.07 20.02 -16.53
C SER E 61 40.64 21.39 -16.87
N ASN E 62 39.87 22.42 -16.53
CA ASN E 62 40.29 23.79 -16.79
C ASN E 62 40.37 24.61 -15.51
N ALA E 63 40.56 23.94 -14.37
CA ALA E 63 40.71 24.66 -13.12
C ALA E 63 42.05 25.38 -13.18
N THR E 64 42.14 26.55 -12.55
CA THR E 64 43.41 27.25 -12.62
C THR E 64 43.69 28.00 -11.33
N LEU E 65 44.93 28.47 -11.22
CA LEU E 65 45.39 29.22 -10.07
C LEU E 65 45.82 30.59 -10.57
N SER E 66 45.41 31.65 -9.88
CA SER E 66 45.79 32.99 -10.25
C SER E 66 46.54 33.62 -9.09
N TYR E 67 47.39 34.60 -9.40
CA TYR E 67 48.15 35.28 -8.35
C TYR E 67 48.12 36.77 -8.63
N TYR E 68 47.63 37.54 -7.66
CA TYR E 68 47.51 38.98 -7.79
C TYR E 68 48.46 39.64 -6.80
N ASP E 69 49.13 40.71 -7.25
CA ASP E 69 50.06 41.45 -6.40
C ASP E 69 49.44 42.81 -6.06
N PRO E 70 48.96 43.00 -4.83
CA PRO E 70 48.34 44.29 -4.47
C PRO E 70 49.25 45.51 -4.58
N ALA E 71 50.58 45.36 -4.45
CA ALA E 71 51.44 46.53 -4.53
C ALA E 71 51.61 47.05 -5.95
N THR E 72 51.60 46.15 -6.95
CA THR E 72 51.76 46.54 -8.34
C THR E 72 50.47 46.48 -9.13
N CYS E 73 49.43 45.83 -8.59
CA CYS E 73 48.14 45.67 -9.23
C CYS E 73 48.23 44.81 -10.50
N GLU E 74 49.15 43.87 -10.53
CA GLU E 74 49.32 42.99 -11.67
C GLU E 74 48.93 41.57 -11.27
N VAL E 75 48.16 40.90 -12.12
CA VAL E 75 47.72 39.54 -11.88
C VAL E 75 48.24 38.62 -12.98
N GLU E 76 48.57 37.39 -12.60
CA GLU E 76 49.03 36.36 -13.53
C GLU E 76 48.05 35.20 -13.44
N ASN E 77 47.63 34.70 -14.61
CA ASN E 77 46.67 33.62 -14.69
C ASN E 77 47.34 32.33 -15.17
N GLU E 78 46.72 31.20 -14.81
CA GLU E 78 47.22 29.88 -15.18
C GLU E 78 48.67 29.72 -14.74
N VAL E 79 49.00 30.20 -13.55
CA VAL E 79 50.37 30.14 -13.06
C VAL E 79 50.79 28.69 -12.78
N PHE E 80 49.85 27.83 -12.41
CA PHE E 80 50.21 26.45 -12.15
C PHE E 80 50.65 25.73 -13.42
N TYR E 81 49.84 25.82 -14.48
CA TYR E 81 50.22 25.15 -15.72
C TYR E 81 51.52 25.73 -16.28
N ARG E 82 51.66 27.07 -16.25
CA ARG E 82 52.87 27.69 -16.78
C ARG E 82 54.11 27.31 -15.96
N ALA E 83 53.96 27.04 -14.67
CA ALA E 83 55.13 26.71 -13.86
C ALA E 83 55.43 25.21 -13.81
N ASN E 84 54.42 24.36 -13.99
CA ASN E 84 54.57 22.92 -13.92
C ASN E 84 54.48 22.20 -15.25
N GLY E 85 53.78 22.76 -16.23
CA GLY E 85 53.68 22.11 -17.52
C GLY E 85 52.49 21.19 -17.66
N PHE E 86 51.69 21.02 -16.60
CA PHE E 86 50.50 20.19 -16.69
C PHE E 86 49.38 20.93 -15.97
N LYS E 87 48.16 20.59 -16.35
CA LYS E 87 46.96 21.23 -15.84
C LYS E 87 46.79 21.00 -14.34
N LEU E 88 46.21 22.02 -13.69
CA LEU E 88 45.95 22.00 -12.26
C LEU E 88 44.98 20.89 -11.89
N GLY E 89 44.02 20.58 -12.75
CA GLY E 89 43.09 19.54 -12.41
C GLY E 89 41.67 19.93 -12.77
N ASP E 90 40.68 19.56 -11.98
CA ASP E 90 39.32 19.89 -12.43
C ASP E 90 38.55 20.82 -11.51
N VAL E 91 38.50 20.58 -10.21
CA VAL E 91 37.73 21.50 -9.37
C VAL E 91 38.52 22.00 -8.18
N ALA E 92 39.38 22.99 -8.37
CA ALA E 92 40.07 23.51 -7.21
C ALA E 92 39.02 24.19 -6.34
N GLN E 93 39.02 23.83 -5.05
CA GLN E 93 38.02 24.31 -4.12
C GLN E 93 38.54 25.36 -3.14
N SER E 94 39.72 25.15 -2.58
CA SER E 94 40.28 26.06 -1.60
C SER E 94 41.78 25.87 -1.53
N MET E 95 42.41 26.64 -0.64
CA MET E 95 43.85 26.63 -0.51
C MET E 95 44.21 27.11 0.88
N VAL E 96 45.22 26.48 1.49
CA VAL E 96 45.75 26.93 2.77
C VAL E 96 47.27 27.00 2.65
N ILE E 97 47.87 27.94 3.36
CA ILE E 97 49.31 28.16 3.41
C ILE E 97 49.79 27.97 4.84
N ARG E 98 50.84 27.17 5.03
CA ARG E 98 51.38 26.91 6.36
C ARG E 98 52.78 27.48 6.59
N ASP E 99 53.79 27.00 5.87
CA ASP E 99 55.16 27.48 6.00
C ASP E 99 55.76 27.68 4.60
N GLY E 100 55.31 28.72 3.91
CA GLY E 100 55.87 28.93 2.58
C GLY E 100 55.42 27.92 1.55
N ILE E 101 54.48 27.05 1.90
CA ILE E 101 53.96 26.04 0.99
C ILE E 101 52.45 26.20 0.96
N GLY E 102 51.90 26.24 -0.26
CA GLY E 102 50.46 26.39 -0.46
C GLY E 102 49.88 25.05 -0.86
N TRP E 103 48.79 24.68 -0.20
CA TRP E 103 48.11 23.42 -0.46
C TRP E 103 46.79 23.73 -1.17
N ILE E 104 46.67 23.26 -2.40
CA ILE E 104 45.50 23.48 -3.26
C ILE E 104 44.72 22.19 -3.32
N VAL E 105 43.46 22.26 -2.90
CA VAL E 105 42.55 21.12 -2.88
C VAL E 105 41.84 21.07 -4.23
N VAL E 106 41.93 19.94 -4.94
CA VAL E 106 41.27 19.82 -6.23
C VAL E 106 40.15 18.79 -6.11
N ASN E 107 38.94 19.28 -5.83
CA ASN E 107 37.75 18.45 -5.59
C ASN E 107 37.52 17.28 -6.54
N ASN E 108 37.46 17.52 -7.86
CA ASN E 108 37.17 16.43 -8.79
C ASN E 108 38.41 15.81 -9.41
N SER E 109 39.57 15.96 -8.79
CA SER E 109 40.77 15.34 -9.32
C SER E 109 41.33 14.38 -8.29
N HIS E 110 40.65 14.26 -7.16
CA HIS E 110 41.01 13.34 -6.10
C HIS E 110 42.46 13.53 -5.65
N VAL E 111 42.88 14.79 -5.57
CA VAL E 111 44.25 15.10 -5.20
C VAL E 111 44.34 16.49 -4.57
N ILE E 112 45.41 16.68 -3.83
CA ILE E 112 45.76 17.95 -3.22
C ILE E 112 47.21 18.19 -3.58
N PHE E 113 47.49 19.34 -4.18
CA PHE E 113 48.83 19.69 -4.59
C PHE E 113 49.48 20.64 -3.60
N ALA E 114 50.75 20.37 -3.28
CA ALA E 114 51.54 21.21 -2.40
C ALA E 114 52.56 21.87 -3.32
N ILE E 115 52.54 23.21 -3.36
CA ILE E 115 53.44 23.98 -4.21
C ILE E 115 54.15 25.05 -3.41
N ASP E 116 55.30 25.48 -3.93
CA ASP E 116 56.07 26.55 -3.33
C ASP E 116 55.38 27.88 -3.61
N ILE E 117 55.01 28.62 -2.57
CA ILE E 117 54.29 29.88 -2.75
C ILE E 117 55.08 30.93 -3.51
N ASN E 118 56.36 30.70 -3.82
CA ASN E 118 57.14 31.69 -4.55
C ASN E 118 57.33 31.33 -6.02
N THR E 119 57.68 30.09 -6.32
CA THR E 119 57.89 29.66 -7.70
C THR E 119 56.68 28.98 -8.32
N PHE E 120 55.68 28.59 -7.53
CA PHE E 120 54.47 27.90 -7.96
C PHE E 120 54.76 26.50 -8.45
N LYS E 121 56.01 26.05 -8.38
CA LYS E 121 56.38 24.72 -8.84
C LYS E 121 55.90 23.71 -7.80
N GLU E 122 55.40 22.58 -8.28
CA GLU E 122 54.89 21.55 -7.40
C GLU E 122 56.00 20.95 -6.53
N VAL E 123 55.71 20.82 -5.24
CA VAL E 123 56.64 20.22 -4.30
C VAL E 123 56.12 18.88 -3.79
N GLY E 124 54.84 18.58 -4.00
CA GLY E 124 54.29 17.32 -3.55
C GLY E 124 52.81 17.21 -3.88
N ARG E 125 52.27 16.03 -3.62
CA ARG E 125 50.85 15.80 -3.88
C ARG E 125 50.36 14.59 -3.10
N ILE E 126 49.06 14.59 -2.82
CA ILE E 126 48.40 13.48 -2.12
C ILE E 126 47.17 13.10 -2.93
N THR E 127 47.08 11.84 -3.36
CA THR E 127 45.95 11.37 -4.14
C THR E 127 45.12 10.37 -3.33
N GLY E 128 44.01 9.92 -3.91
CA GLY E 128 43.15 8.96 -3.26
C GLY E 128 41.91 9.52 -2.61
N PHE E 129 41.74 10.84 -2.60
CA PHE E 129 40.58 11.47 -1.98
C PHE E 129 39.30 11.31 -2.78
N THR E 130 38.20 11.06 -2.06
CA THR E 130 36.88 10.90 -2.67
C THR E 130 36.47 12.16 -3.41
N SER E 131 36.54 13.32 -2.73
CA SER E 131 36.21 14.62 -3.26
C SER E 131 36.62 15.65 -2.20
N PRO E 132 37.91 15.93 -2.11
CA PRO E 132 38.42 16.87 -1.11
C PRO E 132 37.79 18.26 -1.19
N ARG E 133 37.58 18.87 -0.02
CA ARG E 133 36.96 20.18 0.10
C ARG E 133 37.93 21.20 0.71
N TYR E 134 38.30 21.03 1.98
CA TYR E 134 39.22 21.95 2.65
C TYR E 134 40.24 21.15 3.43
N ILE E 135 41.35 21.79 3.76
CA ILE E 135 42.43 21.18 4.53
C ILE E 135 42.74 22.04 5.75
N HIS E 136 42.91 21.40 6.90
CA HIS E 136 43.22 22.08 8.15
C HIS E 136 44.42 21.40 8.79
N PHE E 137 45.47 22.16 9.05
CA PHE E 137 46.69 21.61 9.64
C PHE E 137 46.60 21.62 11.16
N LEU E 138 46.97 20.51 11.79
CA LEU E 138 46.99 20.36 13.24
C LEU E 138 48.40 20.44 13.79
N SER E 139 49.38 20.07 12.99
CA SER E 139 50.80 20.08 13.34
C SER E 139 51.57 19.88 12.04
N ASP E 140 52.90 19.88 12.15
CA ASP E 140 53.72 19.68 10.96
C ASP E 140 53.59 18.27 10.39
N GLU E 141 53.08 17.33 11.17
CA GLU E 141 52.93 15.94 10.76
C GLU E 141 51.48 15.43 10.73
N LYS E 142 50.48 16.29 10.97
CA LYS E 142 49.10 15.83 10.99
C LYS E 142 48.13 16.87 10.47
N ALA E 143 47.27 16.48 9.53
CA ALA E 143 46.29 17.42 8.99
C ALA E 143 45.03 16.68 8.56
N TYR E 144 43.90 17.39 8.59
CA TYR E 144 42.60 16.87 8.20
C TYR E 144 42.20 17.40 6.83
N VAL E 145 41.47 16.56 6.09
CA VAL E 145 40.97 16.88 4.75
C VAL E 145 39.51 16.47 4.74
N THR E 146 38.61 17.45 4.70
CA THR E 146 37.19 17.17 4.66
C THR E 146 36.77 16.67 3.29
N GLN E 147 35.58 16.07 3.21
CA GLN E 147 35.10 15.50 1.97
C GLN E 147 33.59 15.64 1.86
N ILE E 148 33.13 15.57 0.62
CA ILE E 148 31.70 15.51 0.30
C ILE E 148 31.52 14.15 -0.36
N TRP E 149 30.34 13.56 -0.19
CA TRP E 149 30.05 12.23 -0.74
C TRP E 149 30.87 11.16 -0.02
N ASP E 150 31.12 11.40 1.26
CA ASP E 150 31.88 10.51 2.12
C ASP E 150 31.53 10.84 3.57
N TYR E 151 31.51 9.82 4.42
CA TYR E 151 31.20 10.03 5.82
C TYR E 151 32.46 10.07 6.66
N ARG E 152 33.62 10.02 6.01
CA ARG E 152 34.92 10.03 6.68
C ARG E 152 35.68 11.31 6.33
N ILE E 153 36.48 11.76 7.28
CA ILE E 153 37.37 12.90 7.11
C ILE E 153 38.76 12.30 7.00
N PHE E 154 39.42 12.52 5.87
CA PHE E 154 40.74 11.93 5.67
C PHE E 154 41.81 12.59 6.52
N ILE E 155 42.62 11.79 7.20
CA ILE E 155 43.72 12.29 8.00
C ILE E 155 44.97 11.98 7.19
N ILE E 156 45.85 12.96 7.06
CA ILE E 156 47.07 12.82 6.30
C ILE E 156 48.23 13.35 7.12
N ASN E 157 49.44 13.08 6.60
CA ASN E 157 50.68 13.55 7.20
C ASN E 157 51.37 14.40 6.15
N PRO E 158 51.23 15.73 6.23
CA PRO E 158 51.86 16.62 5.26
C PRO E 158 53.35 16.35 5.05
N LYS E 159 54.03 15.92 6.10
CA LYS E 159 55.47 15.67 6.02
C LYS E 159 55.79 14.44 5.18
N THR E 160 54.95 13.40 5.19
CA THR E 160 55.20 12.21 4.41
C THR E 160 54.41 12.15 3.10
N TYR E 161 53.51 13.10 2.87
CA TYR E 161 52.68 13.17 1.66
C TYR E 161 51.88 11.88 1.45
N GLU E 162 51.22 11.42 2.51
CA GLU E 162 50.41 10.21 2.41
C GLU E 162 49.22 10.30 3.36
N ILE E 163 48.19 9.52 3.07
CA ILE E 163 46.99 9.48 3.90
C ILE E 163 47.24 8.51 5.05
N THR E 164 47.00 8.97 6.29
CA THR E 164 47.26 8.15 7.46
C THR E 164 46.03 7.60 8.16
N GLY E 165 44.83 8.13 7.91
CA GLY E 165 43.68 7.60 8.61
C GLY E 165 42.38 8.22 8.16
N TYR E 166 41.33 7.91 8.91
CA TYR E 166 39.98 8.38 8.63
C TYR E 166 39.28 8.74 9.93
N ILE E 167 38.33 9.67 9.82
CA ILE E 167 37.51 10.13 10.93
C ILE E 167 36.09 9.74 10.56
N GLU E 168 35.52 8.77 11.26
CA GLU E 168 34.17 8.32 10.96
C GLU E 168 33.14 9.26 11.58
N CYS E 169 32.25 9.84 10.74
CA CYS E 169 31.21 10.74 11.21
C CYS E 169 29.93 10.00 11.58
N PRO E 170 29.32 10.29 12.73
CA PRO E 170 28.08 9.60 13.10
C PRO E 170 26.90 10.06 12.26
N ASP E 171 25.94 9.14 12.05
CA ASP E 171 24.73 9.43 11.30
C ASP E 171 25.03 9.95 9.90
N MET E 172 25.92 9.26 9.20
CA MET E 172 26.32 9.68 7.86
C MET E 172 26.76 8.49 7.04
N ASP E 173 26.27 8.40 5.81
CA ASP E 173 26.68 7.40 4.84
C ASP E 173 27.30 8.10 3.64
N MET E 174 27.91 7.31 2.76
CA MET E 174 28.61 7.87 1.61
C MET E 174 27.67 8.58 0.66
N GLU E 175 26.44 8.08 0.52
CA GLU E 175 25.46 8.65 -0.39
C GLU E 175 25.24 10.14 -0.18
N SER E 176 25.23 10.59 1.08
CA SER E 176 25.00 12.01 1.33
C SER E 176 25.97 12.61 2.35
N GLY E 177 27.10 11.96 2.60
CA GLY E 177 28.04 12.52 3.55
C GLY E 177 28.60 13.85 3.05
N SER E 178 29.03 14.68 4.00
CA SER E 178 29.59 15.99 3.63
C SER E 178 30.22 16.74 4.78
N THR E 179 31.50 17.09 4.61
CA THR E 179 32.23 17.90 5.57
C THR E 179 32.86 19.05 4.77
N GLU E 180 32.86 20.26 5.34
CA GLU E 180 33.33 21.41 4.58
C GLU E 180 34.47 22.10 5.30
N GLN E 181 34.21 23.19 6.02
CA GLN E 181 35.24 23.95 6.71
C GLN E 181 35.54 23.41 8.10
N MET E 182 36.68 23.84 8.65
CA MET E 182 37.14 23.43 9.97
C MET E 182 37.74 24.61 10.70
N VAL E 183 37.55 24.64 12.02
CA VAL E 183 38.17 25.65 12.88
C VAL E 183 38.68 24.95 14.13
N GLN E 184 39.81 25.39 14.67
CA GLN E 184 40.36 24.76 15.86
C GLN E 184 40.08 25.62 17.09
N TYR E 185 39.75 24.94 18.20
CA TYR E 185 39.46 25.55 19.50
C TYR E 185 40.19 24.70 20.55
N GLY E 186 41.40 25.12 20.89
CA GLY E 186 42.19 24.36 21.86
C GLY E 186 42.51 22.99 21.29
N LYS E 187 42.23 21.95 22.07
CA LYS E 187 42.49 20.60 21.61
C LYS E 187 41.37 20.05 20.75
N TYR E 188 40.31 20.83 20.54
CA TYR E 188 39.15 20.41 19.74
C TYR E 188 39.18 21.07 18.37
N VAL E 189 38.50 20.43 17.43
CA VAL E 189 38.32 20.97 16.08
C VAL E 189 36.84 20.85 15.74
N TYR E 190 36.24 21.95 15.32
CA TYR E 190 34.84 21.96 14.94
C TYR E 190 34.77 21.95 13.43
N VAL E 191 33.80 21.21 12.88
CA VAL E 191 33.65 21.11 11.43
C VAL E 191 32.17 21.12 11.06
N ASN E 192 31.80 21.87 10.03
CA ASN E 192 30.42 21.92 9.59
C ASN E 192 30.13 20.87 8.52
N CYS E 193 28.94 20.27 8.57
CA CYS E 193 28.49 19.26 7.60
C CYS E 193 27.44 19.93 6.73
N TRP E 194 27.80 20.19 5.46
CA TRP E 194 26.92 20.92 4.53
C TRP E 194 25.87 20.14 3.74
N SER E 195 26.30 19.40 2.71
CA SER E 195 25.37 18.69 1.83
C SER E 195 24.45 17.67 2.50
N TYR E 196 23.16 17.98 2.55
CA TYR E 196 22.14 17.10 3.14
C TYR E 196 22.45 16.75 4.59
N GLN E 197 23.00 17.73 5.31
CA GLN E 197 23.32 17.58 6.72
C GLN E 197 22.88 18.85 7.43
N ASN E 198 22.91 18.80 8.75
CA ASN E 198 22.48 19.94 9.56
C ASN E 198 23.23 19.99 10.88
N ARG E 199 24.53 19.71 10.86
CA ARG E 199 25.22 19.74 12.15
C ARG E 199 26.68 20.16 12.07
N ILE E 200 27.19 20.46 13.26
CA ILE E 200 28.57 20.83 13.51
C ILE E 200 29.15 19.70 14.34
N LEU E 201 30.35 19.24 14.00
CA LEU E 201 30.97 18.19 14.79
C LEU E 201 32.12 18.74 15.61
N LYS E 202 32.36 18.11 16.77
CA LYS E 202 33.44 18.44 17.66
C LYS E 202 34.33 17.21 17.68
N ILE E 203 35.58 17.39 17.27
CA ILE E 203 36.58 16.33 17.15
C ILE E 203 37.72 16.57 18.13
N ASP E 204 38.14 15.50 18.80
CA ASP E 204 39.26 15.55 19.74
C ASP E 204 40.55 15.17 18.99
N THR E 205 41.42 16.16 18.79
CA THR E 205 42.67 15.94 18.07
C THR E 205 43.62 15.01 18.81
N GLU E 206 43.41 14.80 20.11
CA GLU E 206 44.28 13.89 20.86
C GLU E 206 43.93 12.43 20.58
N THR E 207 42.71 12.16 20.10
CA THR E 207 42.26 10.83 19.78
C THR E 207 41.83 10.68 18.34
N ASP E 208 41.69 11.78 17.60
CA ASP E 208 41.27 11.77 16.20
C ASP E 208 39.89 11.12 16.04
N LYS E 209 38.99 11.39 16.97
CA LYS E 209 37.63 10.87 16.94
C LYS E 209 36.64 11.98 17.24
N VAL E 210 35.43 11.84 16.70
CA VAL E 210 34.37 12.81 16.93
C VAL E 210 33.84 12.59 18.35
N VAL E 211 33.80 13.67 19.13
CA VAL E 211 33.34 13.59 20.52
C VAL E 211 32.05 14.34 20.77
N ASP E 212 31.55 15.13 19.82
CA ASP E 212 30.30 15.84 20.09
C ASP E 212 29.71 16.37 18.80
N GLU E 213 28.43 16.74 18.87
CA GLU E 213 27.76 17.29 17.70
C GLU E 213 26.71 18.30 18.14
N LEU E 214 26.31 19.13 17.18
CA LEU E 214 25.31 20.19 17.38
C LEU E 214 24.44 20.33 16.15
N THR E 215 23.13 20.23 16.31
CA THR E 215 22.21 20.36 15.19
C THR E 215 21.74 21.81 15.09
N ILE E 216 21.87 22.39 13.90
CA ILE E 216 21.49 23.78 13.64
C ILE E 216 20.66 23.80 12.37
N GLY E 217 20.62 24.95 11.68
CA GLY E 217 19.87 25.04 10.45
C GLY E 217 20.33 24.03 9.43
N ILE E 218 19.48 23.79 8.43
CA ILE E 218 19.83 22.80 7.42
C ILE E 218 20.94 23.32 6.52
N GLN E 219 21.90 22.44 6.25
CA GLN E 219 23.04 22.65 5.36
C GLN E 219 23.91 23.84 5.73
N PRO E 220 24.64 23.80 6.86
CA PRO E 220 25.51 24.94 7.17
C PRO E 220 26.65 24.95 6.15
N THR E 221 26.96 26.13 5.63
CA THR E 221 27.95 26.23 4.57
C THR E 221 29.37 26.52 5.04
N SER E 222 29.54 27.26 6.13
CA SER E 222 30.88 27.62 6.55
C SER E 222 30.92 27.77 8.07
N LEU E 223 32.13 28.00 8.58
CA LEU E 223 32.35 28.13 10.01
C LEU E 223 33.61 28.96 10.18
N VAL E 224 33.51 29.98 11.03
CA VAL E 224 34.61 30.88 11.34
C VAL E 224 34.58 31.19 12.83
N MET E 225 35.72 31.64 13.34
CA MET E 225 35.87 31.95 14.76
C MET E 225 36.33 33.40 14.92
N ASP E 226 35.69 34.13 15.82
CA ASP E 226 36.02 35.52 16.05
C ASP E 226 36.93 35.68 17.28
N LYS E 227 37.31 36.93 17.54
CA LYS E 227 38.22 37.27 18.62
C LYS E 227 37.61 37.07 20.01
N TYR E 228 36.31 36.78 20.10
CA TYR E 228 35.64 36.55 21.38
C TYR E 228 35.38 35.08 21.66
N ASN E 229 36.01 34.17 20.90
CA ASN E 229 35.81 32.73 21.06
C ASN E 229 34.36 32.35 20.78
N LYS E 230 33.79 33.00 19.76
CA LYS E 230 32.44 32.74 19.30
C LYS E 230 32.57 32.19 17.89
N MET E 231 31.62 31.37 17.47
CA MET E 231 31.67 30.75 16.15
C MET E 231 30.49 31.24 15.33
N TRP E 232 30.77 31.82 14.17
CA TRP E 232 29.72 32.19 13.23
C TRP E 232 29.66 31.18 12.11
N THR E 233 28.44 30.81 11.73
CA THR E 233 28.20 29.87 10.66
C THR E 233 26.93 30.28 9.93
N ILE E 234 26.86 30.05 8.63
CA ILE E 234 25.64 30.42 7.94
C ILE E 234 25.13 29.24 7.12
N THR E 235 23.83 28.96 7.28
CA THR E 235 23.17 27.89 6.57
C THR E 235 22.54 28.50 5.32
N ASP E 236 22.27 27.63 4.34
CA ASP E 236 21.65 28.02 3.07
C ASP E 236 20.18 27.68 2.95
N GLY E 237 19.59 27.06 3.97
CA GLY E 237 18.18 26.73 3.88
C GLY E 237 17.75 25.70 2.86
N GLY E 238 18.66 24.86 2.36
CA GLY E 238 18.24 23.87 1.38
C GLY E 238 17.76 24.46 0.06
N TYR E 239 16.75 23.83 -0.51
CA TYR E 239 16.20 24.25 -1.79
C TYR E 239 14.74 23.82 -1.89
N GLU E 240 14.01 24.51 -2.77
CA GLU E 240 12.58 24.25 -2.96
C GLU E 240 12.31 22.86 -3.50
N GLY E 241 11.39 22.16 -2.83
CA GLY E 241 11.01 20.81 -3.23
C GLY E 241 11.90 19.72 -2.68
N SER E 242 12.81 20.06 -1.78
CA SER E 242 13.75 19.09 -1.22
C SER E 242 13.11 18.13 -0.23
N PRO E 243 13.43 16.83 -0.34
CA PRO E 243 12.89 15.83 0.57
C PRO E 243 13.47 15.98 1.98
N TYR E 244 14.55 16.74 2.11
CA TYR E 244 15.26 17.01 3.35
C TYR E 244 14.71 18.26 4.00
N GLY E 245 14.55 19.33 3.23
CA GLY E 245 14.01 20.56 3.77
C GLY E 245 14.20 21.79 2.92
N TYR E 246 13.42 22.82 3.22
CA TYR E 246 13.47 24.10 2.52
C TYR E 246 13.14 25.14 3.56
N GLU E 247 14.09 26.03 3.86
CA GLU E 247 13.85 27.03 4.87
C GLU E 247 14.68 28.27 4.59
N ALA E 248 14.37 29.31 5.35
CA ALA E 248 15.08 30.57 5.27
C ALA E 248 16.49 30.35 5.79
N PRO E 249 17.53 30.70 5.04
CA PRO E 249 18.88 30.46 5.54
C PRO E 249 19.17 31.34 6.75
N SER E 250 20.21 30.97 7.51
CA SER E 250 20.44 31.79 8.71
C SER E 250 21.89 31.91 9.13
N LEU E 251 22.19 32.97 9.88
CA LEU E 251 23.50 33.20 10.45
C LEU E 251 23.44 32.88 11.95
N TYR E 252 24.36 32.04 12.42
CA TYR E 252 24.39 31.61 13.81
C TYR E 252 25.67 32.01 14.53
N ARG E 253 25.52 32.36 15.81
CA ARG E 253 26.60 32.69 16.74
C ARG E 253 26.49 31.65 17.84
N ILE E 254 27.51 30.80 17.94
CA ILE E 254 27.55 29.68 18.89
C ILE E 254 28.76 29.83 19.80
N ASP E 255 28.54 29.67 21.11
CA ASP E 255 29.65 29.77 22.05
C ASP E 255 30.55 28.55 21.90
N ALA E 256 31.85 28.78 21.70
CA ALA E 256 32.79 27.68 21.54
C ALA E 256 32.99 26.88 22.83
N GLU E 257 33.05 27.57 23.97
CA GLU E 257 33.28 26.91 25.25
C GLU E 257 32.13 25.98 25.63
N THR E 258 30.89 26.45 25.53
CA THR E 258 29.75 25.62 25.91
C THR E 258 29.09 24.90 24.74
N PHE E 259 29.47 25.22 23.51
CA PHE E 259 28.91 24.59 22.31
C PHE E 259 27.38 24.75 22.29
N THR E 260 26.92 25.96 22.61
CA THR E 260 25.50 26.27 22.64
C THR E 260 25.22 27.47 21.74
N VAL E 261 24.07 27.45 21.07
CA VAL E 261 23.68 28.56 20.20
C VAL E 261 23.32 29.77 21.05
N GLU E 262 23.95 30.91 20.76
CA GLU E 262 23.66 32.14 21.48
C GLU E 262 22.89 33.18 20.68
N LYS E 263 23.12 33.24 19.37
CA LYS E 263 22.43 34.21 18.52
C LYS E 263 22.06 33.59 17.18
N GLN E 264 20.91 34.02 16.66
CA GLN E 264 20.43 33.57 15.36
C GLN E 264 19.82 34.75 14.63
N PHE E 265 20.41 35.10 13.49
CA PHE E 265 19.97 36.18 12.62
C PHE E 265 19.46 35.57 11.31
N LYS E 266 18.14 35.58 11.16
CA LYS E 266 17.45 35.01 10.00
C LYS E 266 17.29 36.01 8.86
N PHE E 267 17.38 35.50 7.61
CA PHE E 267 17.23 36.33 6.43
C PHE E 267 15.89 36.01 5.78
N LYS E 268 15.74 36.35 4.50
CA LYS E 268 14.49 36.13 3.78
C LYS E 268 14.54 34.82 3.00
N LEU E 269 13.40 34.13 2.93
CA LEU E 269 13.32 32.91 2.16
C LEU E 269 13.59 33.27 0.70
N GLY E 270 14.43 32.50 0.01
CA GLY E 270 14.75 32.81 -1.36
C GLY E 270 16.15 33.32 -1.57
N ASP E 271 16.77 33.85 -0.52
CA ASP E 271 18.13 34.37 -0.58
C ASP E 271 19.12 33.23 -0.74
N TRP E 272 20.24 33.54 -1.40
CA TRP E 272 21.32 32.57 -1.62
C TRP E 272 22.66 33.18 -1.23
N PRO E 273 22.86 33.44 0.06
CA PRO E 273 24.13 34.03 0.52
C PRO E 273 25.30 33.07 0.37
N SER E 274 26.51 33.63 0.51
CA SER E 274 27.75 32.89 0.39
C SER E 274 28.31 32.62 1.78
N GLU E 275 29.48 31.97 1.81
CA GLU E 275 30.12 31.69 3.08
C GLU E 275 30.57 32.96 3.79
N VAL E 276 30.29 33.02 5.10
CA VAL E 276 30.71 34.11 5.97
C VAL E 276 32.23 34.13 6.11
N GLN E 277 32.80 35.34 6.11
CA GLN E 277 34.24 35.53 6.21
C GLN E 277 34.53 36.74 7.09
N LEU E 278 35.69 36.69 7.77
CA LEU E 278 36.15 37.74 8.66
C LEU E 278 37.47 38.34 8.19
N ASN E 279 37.69 39.56 8.67
CA ASN E 279 38.88 40.35 8.40
C ASN E 279 40.00 39.99 9.38
N GLY E 280 41.13 40.66 9.22
CA GLY E 280 42.30 40.40 10.05
C GLY E 280 42.05 40.48 11.54
N THR E 281 41.35 41.52 11.99
CA THR E 281 41.12 41.64 13.42
C THR E 281 39.99 40.76 13.93
N ARG E 282 39.33 40.02 13.04
CA ARG E 282 38.25 39.09 13.39
C ARG E 282 37.12 39.72 14.19
N ASP E 283 36.74 40.96 13.89
CA ASP E 283 35.63 41.55 14.64
C ASP E 283 34.56 42.09 13.70
N THR E 284 34.75 41.97 12.40
CA THR E 284 33.78 42.39 11.40
C THR E 284 33.63 41.27 10.39
N LEU E 285 32.46 40.68 10.32
CA LEU E 285 32.19 39.58 9.41
C LEU E 285 31.53 40.14 8.16
N TYR E 286 31.94 39.61 7.01
CA TYR E 286 31.38 40.03 5.74
C TYR E 286 30.82 38.84 5.01
N TRP E 287 29.84 39.11 4.15
CA TRP E 287 29.29 38.06 3.32
C TRP E 287 28.49 38.71 2.20
N ILE E 288 28.06 37.88 1.25
CA ILE E 288 27.26 38.34 0.13
C ILE E 288 25.88 37.71 0.27
N ASN E 289 24.83 38.49 0.08
CA ASN E 289 23.47 37.95 0.11
C ASN E 289 22.80 38.28 -1.22
N ASN E 290 22.65 39.58 -1.47
CA ASN E 290 22.07 40.26 -2.62
C ASN E 290 22.87 41.50 -2.87
N ASP E 291 23.67 41.86 -1.87
CA ASP E 291 24.61 42.95 -1.74
C ASP E 291 25.73 42.39 -0.87
N ILE E 292 26.79 43.14 -0.67
CA ILE E 292 27.84 42.69 0.24
C ILE E 292 27.59 43.38 1.57
N TRP E 293 27.38 42.56 2.59
CA TRP E 293 27.10 43.02 3.94
C TRP E 293 28.34 42.86 4.80
N ARG E 294 28.32 43.61 5.90
CA ARG E 294 29.35 43.67 6.91
C ARG E 294 28.71 44.00 8.25
N MET E 295 29.24 43.38 9.29
CA MET E 295 28.61 43.49 10.59
C MET E 295 29.66 43.21 11.65
N PRO E 296 29.75 44.02 12.71
CA PRO E 296 30.55 43.60 13.85
C PRO E 296 29.96 42.34 14.45
N VAL E 297 30.85 41.44 14.90
CA VAL E 297 30.41 40.17 15.46
C VAL E 297 29.67 40.36 16.79
N GLU E 298 29.75 41.54 17.39
CA GLU E 298 29.09 41.81 18.65
C GLU E 298 27.72 42.46 18.47
N ALA E 299 27.32 42.77 17.24
CA ALA E 299 26.05 43.41 17.00
C ALA E 299 24.89 42.48 17.37
N ASP E 300 23.76 43.09 17.73
CA ASP E 300 22.55 42.38 18.09
C ASP E 300 21.54 42.32 16.96
N ARG E 301 21.91 42.82 15.79
CA ARG E 301 21.07 42.83 14.60
C ARG E 301 21.96 43.07 13.39
N VAL E 302 21.46 42.69 12.23
CA VAL E 302 22.21 42.91 11.00
C VAL E 302 22.04 44.37 10.59
N PRO E 303 23.13 45.08 10.27
CA PRO E 303 23.00 46.49 9.90
C PRO E 303 22.02 46.75 8.77
N VAL E 304 21.43 47.94 8.81
CA VAL E 304 20.47 48.37 7.80
C VAL E 304 21.21 48.77 6.51
N ARG E 305 22.45 49.23 6.64
CA ARG E 305 23.13 49.58 5.41
C ARG E 305 24.14 48.53 5.03
N PRO E 306 24.26 48.24 3.74
CA PRO E 306 25.24 47.26 3.28
C PRO E 306 26.56 47.98 3.05
N PHE E 307 27.58 47.18 2.78
CA PHE E 307 28.88 47.75 2.48
C PHE E 307 28.91 48.25 1.04
N LEU E 308 28.36 47.44 0.13
CA LEU E 308 28.28 47.72 -1.30
C LEU E 308 26.88 47.48 -1.84
N GLU E 309 26.27 48.54 -2.35
CA GLU E 309 24.92 48.44 -2.91
C GLU E 309 24.98 47.51 -4.11
N PHE E 310 23.88 46.81 -4.38
CA PHE E 310 23.91 45.94 -5.55
C PHE E 310 24.16 46.81 -6.78
N ARG E 311 24.96 46.31 -7.71
CA ARG E 311 25.29 47.05 -8.92
C ARG E 311 25.22 46.19 -10.18
N ASP E 312 24.25 45.27 -10.24
CA ASP E 312 24.09 44.39 -11.40
C ASP E 312 25.32 43.51 -11.64
N THR E 313 26.03 43.16 -10.57
CA THR E 313 27.20 42.28 -10.66
C THR E 313 26.91 41.02 -9.85
N LYS E 314 27.19 39.87 -10.47
CA LYS E 314 26.96 38.56 -9.88
C LYS E 314 27.98 38.29 -8.78
N TYR E 315 27.72 38.85 -7.61
CA TYR E 315 28.61 38.63 -6.49
C TYR E 315 28.67 37.14 -6.19
N TYR E 316 29.88 36.55 -6.21
CA TYR E 316 30.04 35.12 -6.00
C TYR E 316 31.07 34.77 -4.92
N GLY E 317 32.19 35.49 -4.89
CA GLY E 317 33.26 35.26 -3.94
C GLY E 317 33.57 36.47 -3.09
N LEU E 318 34.22 36.24 -1.95
CA LEU E 318 34.51 37.35 -1.06
C LEU E 318 35.71 36.98 -0.19
N THR E 319 36.48 38.00 0.17
CA THR E 319 37.60 37.83 1.08
C THR E 319 37.99 39.22 1.57
N VAL E 320 38.67 39.27 2.70
CA VAL E 320 39.11 40.52 3.28
C VAL E 320 40.59 40.43 3.58
N ASN E 321 41.35 41.44 3.17
CA ASN E 321 42.77 41.44 3.44
C ASN E 321 42.97 41.54 4.96
N PRO E 322 43.63 40.56 5.58
CA PRO E 322 43.82 40.61 7.04
C PRO E 322 44.71 41.74 7.53
N ASN E 323 45.46 42.42 6.68
CA ASN E 323 46.33 43.48 7.15
C ASN E 323 45.79 44.90 6.97
N ASN E 324 45.18 45.24 5.84
CA ASN E 324 44.69 46.60 5.65
C ASN E 324 43.16 46.68 5.54
N GLY E 325 42.47 45.55 5.60
CA GLY E 325 41.02 45.55 5.53
C GLY E 325 40.40 45.71 4.16
N GLU E 326 41.20 45.79 3.10
CA GLU E 326 40.64 45.93 1.77
C GLU E 326 39.79 44.70 1.44
N VAL E 327 38.64 44.95 0.80
CA VAL E 327 37.68 43.91 0.47
C VAL E 327 37.72 43.57 -1.02
N TYR E 328 37.86 42.29 -1.33
CA TYR E 328 37.89 41.82 -2.71
C TYR E 328 36.61 41.03 -2.97
N VAL E 329 35.89 41.40 -4.02
CA VAL E 329 34.64 40.72 -4.37
C VAL E 329 34.82 40.10 -5.75
N ALA E 330 34.63 38.78 -5.85
CA ALA E 330 34.75 38.06 -7.11
C ALA E 330 33.39 37.86 -7.78
N ASP E 331 33.20 38.44 -8.97
CA ASP E 331 31.94 38.30 -9.68
C ASP E 331 32.22 37.29 -10.80
N ALA E 332 31.51 36.15 -10.75
CA ALA E 332 31.66 35.08 -11.72
C ALA E 332 31.03 35.36 -13.08
N ILE E 333 30.26 36.45 -13.21
CA ILE E 333 29.62 36.81 -14.48
C ILE E 333 28.62 35.73 -14.86
N ASP E 334 28.81 35.06 -16.01
CA ASP E 334 27.87 34.01 -16.39
C ASP E 334 28.40 32.61 -16.14
N TYR E 335 29.47 32.48 -15.35
CA TYR E 335 30.05 31.18 -15.02
C TYR E 335 30.59 30.44 -16.25
N GLN E 336 30.70 31.10 -17.40
CA GLN E 336 31.17 30.44 -18.61
C GLN E 336 32.43 31.02 -19.23
N GLN E 337 32.96 32.13 -18.71
CA GLN E 337 34.16 32.74 -19.25
C GLN E 337 34.95 33.22 -18.05
N GLN E 338 36.15 33.75 -18.27
CA GLN E 338 36.94 34.21 -17.13
C GLN E 338 36.23 35.32 -16.34
N GLY E 339 36.24 35.12 -15.01
CA GLY E 339 35.65 35.97 -14.00
C GLY E 339 36.50 37.15 -13.65
N ILE E 340 35.93 38.10 -12.90
CA ILE E 340 36.73 39.28 -12.55
C ILE E 340 36.57 39.54 -11.07
N VAL E 341 37.63 40.07 -10.47
CA VAL E 341 37.69 40.40 -9.06
C VAL E 341 37.86 41.91 -8.93
N TYR E 342 37.04 42.50 -8.07
CA TYR E 342 37.05 43.92 -7.80
C TYR E 342 37.72 44.10 -6.45
N ARG E 343 38.64 45.05 -6.38
CA ARG E 343 39.40 45.36 -5.17
C ARG E 343 38.97 46.73 -4.71
N TYR E 344 38.36 46.78 -3.52
CA TYR E 344 37.83 47.97 -2.91
C TYR E 344 38.58 48.22 -1.61
N SER E 345 38.68 49.50 -1.26
CA SER E 345 39.33 49.89 -0.02
C SER E 345 38.38 49.66 1.13
N PRO E 346 38.86 49.70 2.38
CA PRO E 346 37.95 49.51 3.52
C PRO E 346 36.83 50.54 3.53
N GLN E 347 37.08 51.70 2.94
CA GLN E 347 36.12 52.80 2.86
C GLN E 347 35.15 52.63 1.69
N GLY E 348 35.32 51.61 0.85
CA GLY E 348 34.43 51.39 -0.27
C GLY E 348 34.86 52.08 -1.55
N LYS E 349 36.15 52.40 -1.69
CA LYS E 349 36.68 53.05 -2.88
C LYS E 349 37.20 52.01 -3.87
N LEU E 350 36.82 52.16 -5.15
CA LEU E 350 37.31 51.21 -6.13
C LEU E 350 38.80 51.41 -6.24
N ILE E 351 39.56 50.37 -5.93
CA ILE E 351 41.01 50.45 -5.99
C ILE E 351 41.55 49.86 -7.28
N ASP E 352 41.00 48.72 -7.70
CA ASP E 352 41.50 48.08 -8.91
C ASP E 352 40.52 46.98 -9.29
N GLU E 353 40.69 46.45 -10.50
CA GLU E 353 39.84 45.36 -10.97
C GLU E 353 40.69 44.51 -11.90
N PHE E 354 40.48 43.20 -11.87
CA PHE E 354 41.30 42.34 -12.70
C PHE E 354 40.65 41.01 -13.06
N TYR E 355 40.89 40.55 -14.29
CA TYR E 355 40.37 39.27 -14.74
C TYR E 355 41.24 38.15 -14.20
N VAL E 356 40.60 37.09 -13.72
CA VAL E 356 41.28 35.93 -13.15
C VAL E 356 40.95 34.72 -14.00
N GLY E 357 40.53 33.62 -13.37
CA GLY E 357 40.16 32.43 -14.08
C GLY E 357 38.66 32.23 -14.09
N ILE E 358 38.23 31.02 -14.37
CA ILE E 358 36.82 30.71 -14.42
C ILE E 358 36.27 30.35 -13.05
N ILE E 359 35.20 31.02 -12.65
CA ILE E 359 34.51 30.80 -11.39
C ILE E 359 35.41 30.84 -10.15
N PRO E 360 36.02 31.97 -9.81
CA PRO E 360 36.85 32.00 -8.59
C PRO E 360 35.95 31.83 -7.38
N GLY E 361 36.33 30.91 -6.49
CA GLY E 361 35.50 30.64 -5.33
C GLY E 361 36.24 30.61 -4.02
N ALA E 362 37.58 30.68 -4.07
CA ALA E 362 38.33 30.69 -2.83
C ALA E 362 39.55 31.56 -3.02
N PHE E 363 40.00 32.13 -1.90
CA PHE E 363 41.14 33.01 -1.84
C PHE E 363 42.12 32.49 -0.82
N CYS E 364 43.37 32.96 -0.92
CA CYS E 364 44.36 32.57 0.07
C CYS E 364 45.39 33.67 0.17
N TRP E 365 45.50 34.29 1.34
CA TRP E 365 46.44 35.37 1.54
C TRP E 365 47.84 34.86 1.82
N LYS E 366 48.82 35.51 1.19
CA LYS E 366 50.23 35.21 1.35
C LYS E 366 50.96 36.34 2.07
N CYS F 32 -40.93 27.17 48.63
CA CYS F 32 -41.45 28.46 48.19
C CYS F 32 -42.35 28.36 46.95
N MET F 33 -43.31 27.42 46.98
CA MET F 33 -44.39 27.37 46.00
C MET F 33 -45.57 26.66 46.65
N LYS F 34 -46.75 26.83 46.06
CA LYS F 34 -47.98 26.37 46.72
C LYS F 34 -49.00 25.89 45.69
N TRP F 35 -49.97 25.14 46.19
CA TRP F 35 -51.17 24.74 45.48
C TRP F 35 -52.37 25.52 46.03
N ASP F 36 -53.39 25.69 45.21
CA ASP F 36 -54.57 26.49 45.56
C ASP F 36 -55.82 25.63 45.49
N TYR F 37 -56.65 25.70 46.55
CA TYR F 37 -57.99 25.13 46.53
C TYR F 37 -58.96 26.12 47.15
N GLY F 38 -60.22 26.01 46.75
CA GLY F 38 -61.28 26.85 47.28
C GLY F 38 -61.96 27.64 46.18
N GLU F 39 -62.18 28.93 46.42
CA GLU F 39 -62.90 29.80 45.49
C GLU F 39 -64.25 29.19 45.13
N MET F 40 -65.03 28.88 46.17
CA MET F 40 -66.32 28.23 46.03
C MET F 40 -67.35 29.29 45.66
N GLU F 41 -67.43 29.58 44.36
CA GLU F 41 -68.38 30.59 43.92
C GLU F 41 -69.78 29.99 43.89
N ASP F 42 -70.77 30.87 44.00
CA ASP F 42 -72.16 30.46 44.10
C ASP F 42 -73.03 31.52 43.45
N PHE F 43 -73.99 31.07 42.64
CA PHE F 43 -74.81 32.03 41.91
C PHE F 43 -76.09 31.34 41.44
N SER F 44 -77.17 32.11 41.41
CA SER F 44 -78.45 31.66 40.88
C SER F 44 -78.59 32.27 39.49
N VAL F 45 -78.82 31.42 38.50
CA VAL F 45 -78.67 31.86 37.12
C VAL F 45 -80.03 31.86 36.44
N SER F 46 -80.08 32.33 35.20
CA SER F 46 -81.33 32.57 34.50
C SER F 46 -82.04 31.27 34.16
N ALA F 47 -83.23 31.40 33.58
CA ALA F 47 -84.05 30.25 33.23
C ALA F 47 -83.69 29.73 31.84
N SER F 48 -83.55 30.60 30.86
CA SER F 48 -83.19 30.17 29.51
C SER F 48 -81.69 30.39 29.38
N GLY F 49 -80.98 29.31 29.07
CA GLY F 49 -79.54 29.38 28.94
C GLY F 49 -79.02 28.25 28.09
N LEU F 50 -77.71 28.26 27.86
CA LEU F 50 -77.07 27.24 27.04
C LEU F 50 -75.80 26.75 27.70
N PHE F 51 -75.69 25.44 27.88
CA PHE F 51 -74.49 24.84 28.45
C PHE F 51 -73.59 24.44 27.30
N ILE F 52 -72.28 24.55 27.53
CA ILE F 52 -71.27 24.19 26.55
C ILE F 52 -70.22 23.35 27.23
N THR F 53 -70.07 22.10 26.79
CA THR F 53 -69.05 21.24 27.37
C THR F 53 -67.73 21.48 26.64
N ASN F 54 -66.63 21.38 27.38
CA ASN F 54 -65.31 21.57 26.80
C ASN F 54 -64.51 20.32 27.12
N GLU F 55 -64.16 19.58 26.05
CA GLU F 55 -63.43 18.33 26.17
C GLU F 55 -62.08 18.51 26.85
N GLY F 56 -61.37 19.60 26.57
CA GLY F 56 -60.05 19.80 27.12
C GLY F 56 -59.04 18.89 26.42
N ASN F 57 -57.90 18.69 27.09
CA ASN F 57 -56.83 17.84 26.58
C ASN F 57 -56.71 16.55 27.37
N PHE F 58 -56.45 15.44 26.67
CA PHE F 58 -56.31 14.13 27.30
C PHE F 58 -55.21 14.15 28.36
N GLN F 59 -55.54 13.68 29.57
CA GLN F 59 -54.62 13.59 30.70
C GLN F 59 -54.17 14.96 31.20
N TYR F 60 -54.91 16.01 30.84
CA TYR F 60 -54.61 17.36 31.25
C TYR F 60 -55.62 17.85 32.27
N SER F 61 -56.70 17.09 32.47
CA SER F 61 -57.78 17.40 33.40
C SER F 61 -58.16 18.87 33.33
N ASN F 62 -58.39 19.35 32.11
CA ASN F 62 -58.76 20.74 31.92
C ASN F 62 -60.10 20.86 31.21
N ALA F 63 -60.94 19.83 31.32
CA ALA F 63 -62.26 19.90 30.73
C ALA F 63 -63.05 20.93 31.53
N THR F 64 -63.95 21.65 30.87
CA THR F 64 -64.70 22.64 31.63
C THR F 64 -66.13 22.76 31.12
N LEU F 65 -66.94 23.47 31.91
CA LEU F 65 -68.34 23.71 31.57
C LEU F 65 -68.54 25.21 31.47
N SER F 66 -69.23 25.64 30.42
CA SER F 66 -69.53 27.04 30.22
C SER F 66 -71.04 27.21 30.19
N TYR F 67 -71.48 28.41 30.53
CA TYR F 67 -72.90 28.73 30.51
C TYR F 67 -73.07 30.09 29.88
N TYR F 68 -73.86 30.15 28.81
CA TYR F 68 -74.10 31.38 28.08
C TYR F 68 -75.56 31.76 28.24
N ASP F 69 -75.80 33.07 28.42
CA ASP F 69 -77.16 33.55 28.56
C ASP F 69 -77.54 34.30 27.29
N PRO F 70 -78.38 33.72 26.43
CA PRO F 70 -78.76 34.42 25.19
C PRO F 70 -79.47 35.75 25.42
N ALA F 71 -80.15 35.92 26.54
CA ALA F 71 -80.85 37.19 26.77
C ALA F 71 -79.91 38.33 27.12
N THR F 72 -78.80 38.03 27.82
CA THR F 72 -77.84 39.07 28.19
C THR F 72 -76.56 39.05 27.38
N CYS F 73 -76.31 37.97 26.64
CA CYS F 73 -75.10 37.81 25.83
C CYS F 73 -73.84 37.76 26.69
N GLU F 74 -73.97 37.24 27.92
CA GLU F 74 -72.86 37.12 28.85
C GLU F 74 -72.58 35.63 29.04
N VAL F 75 -71.30 35.27 29.01
CA VAL F 75 -70.89 33.88 29.19
C VAL F 75 -70.02 33.75 30.43
N GLU F 76 -70.17 32.62 31.13
CA GLU F 76 -69.38 32.30 32.31
C GLU F 76 -68.66 30.99 32.01
N ASN F 77 -67.36 30.95 32.28
CA ASN F 77 -66.57 29.75 32.01
C ASN F 77 -66.15 29.07 33.31
N GLU F 78 -65.89 27.77 33.21
CA GLU F 78 -65.48 26.97 34.36
C GLU F 78 -66.49 27.09 35.50
N VAL F 79 -67.77 27.06 35.16
CA VAL F 79 -68.80 27.23 36.17
C VAL F 79 -68.80 26.05 37.12
N PHE F 80 -68.41 24.87 36.64
CA PHE F 80 -68.38 23.70 37.52
C PHE F 80 -67.29 23.88 38.58
N TYR F 81 -66.06 24.22 38.17
CA TYR F 81 -65.01 24.41 39.17
C TYR F 81 -65.31 25.57 40.10
N ARG F 82 -65.81 26.69 39.57
CA ARG F 82 -66.10 27.83 40.44
C ARG F 82 -67.23 27.53 41.42
N ALA F 83 -68.16 26.66 41.05
CA ALA F 83 -69.27 26.35 41.94
C ALA F 83 -68.99 25.19 42.89
N ASN F 84 -68.12 24.28 42.50
CA ASN F 84 -67.82 23.08 43.29
C ASN F 84 -66.46 23.10 43.96
N GLY F 85 -65.48 23.83 43.41
CA GLY F 85 -64.17 23.87 44.03
C GLY F 85 -63.21 22.82 43.53
N PHE F 86 -63.65 21.92 42.64
CA PHE F 86 -62.78 20.91 42.08
C PHE F 86 -63.03 20.81 40.58
N LYS F 87 -62.01 20.33 39.88
CA LYS F 87 -62.00 20.22 38.42
C LYS F 87 -63.06 19.25 37.88
N LEU F 88 -63.55 19.61 36.69
CA LEU F 88 -64.57 18.84 35.96
C LEU F 88 -64.08 17.46 35.58
N GLY F 89 -62.81 17.31 35.22
CA GLY F 89 -62.33 16.00 34.82
C GLY F 89 -61.47 16.03 33.59
N ASP F 90 -61.55 15.04 32.69
CA ASP F 90 -60.64 15.06 31.55
C ASP F 90 -61.31 15.15 30.19
N VAL F 91 -62.28 14.31 29.86
CA VAL F 91 -62.88 14.43 28.54
C VAL F 91 -64.40 14.49 28.62
N ALA F 92 -64.96 15.65 28.95
CA ALA F 92 -66.41 15.74 28.94
C ALA F 92 -66.88 15.60 27.50
N GLN F 93 -67.86 14.71 27.29
CA GLN F 93 -68.31 14.45 25.93
C GLN F 93 -69.67 15.05 25.58
N SER F 94 -70.65 14.95 26.46
CA SER F 94 -71.98 15.46 26.16
C SER F 94 -72.75 15.66 27.46
N MET F 95 -73.99 16.14 27.32
CA MET F 95 -74.81 16.46 28.47
C MET F 95 -76.28 16.42 28.06
N VAL F 96 -77.13 15.89 28.94
CA VAL F 96 -78.58 15.89 28.80
C VAL F 96 -79.17 16.36 30.13
N ILE F 97 -80.32 17.01 30.06
CA ILE F 97 -81.01 17.51 31.24
C ILE F 97 -82.39 16.85 31.31
N ARG F 98 -82.73 16.31 32.49
CA ARG F 98 -84.02 15.63 32.68
C ARG F 98 -85.09 16.37 33.46
N ASP F 99 -84.86 16.61 34.75
CA ASP F 99 -85.79 17.31 35.63
C ASP F 99 -85.03 18.34 36.46
N GLY F 100 -84.60 19.42 35.82
CA GLY F 100 -83.88 20.42 36.58
C GLY F 100 -82.50 19.98 37.02
N ILE F 101 -82.06 18.82 36.55
CA ILE F 101 -80.76 18.26 36.88
C ILE F 101 -80.04 17.97 35.56
N GLY F 102 -78.80 18.41 35.47
CA GLY F 102 -77.98 18.22 34.29
C GLY F 102 -76.98 17.11 34.53
N TRP F 103 -76.89 16.20 33.58
CA TRP F 103 -75.99 15.05 33.66
C TRP F 103 -74.86 15.25 32.66
N ILE F 104 -73.64 15.37 33.17
CA ILE F 104 -72.43 15.61 32.39
C ILE F 104 -71.63 14.31 32.34
N VAL F 105 -71.40 13.83 31.14
CA VAL F 105 -70.65 12.60 30.88
C VAL F 105 -69.18 12.95 30.73
N VAL F 106 -68.31 12.34 31.56
CA VAL F 106 -66.89 12.64 31.43
C VAL F 106 -66.17 11.39 30.92
N ASN F 107 -65.99 11.32 29.61
CA ASN F 107 -65.40 10.16 28.93
C ASN F 107 -64.15 9.59 29.59
N ASN F 108 -63.11 10.40 29.83
CA ASN F 108 -61.88 9.88 30.39
C ASN F 108 -61.76 10.02 31.91
N SER F 109 -62.88 10.20 32.61
CA SER F 109 -62.82 10.28 34.06
C SER F 109 -63.67 9.19 34.68
N HIS F 110 -64.26 8.34 33.85
CA HIS F 110 -65.05 7.19 34.29
C HIS F 110 -66.14 7.61 35.28
N VAL F 111 -66.78 8.74 35.00
CA VAL F 111 -67.81 9.25 35.91
C VAL F 111 -68.79 10.13 35.15
N ILE F 112 -69.98 10.27 35.73
CA ILE F 112 -71.03 11.14 35.23
C ILE F 112 -71.47 11.97 36.43
N PHE F 113 -71.45 13.29 36.26
CA PHE F 113 -71.84 14.21 37.32
C PHE F 113 -73.25 14.74 37.12
N ALA F 114 -74.01 14.79 38.21
CA ALA F 114 -75.36 15.33 38.21
C ALA F 114 -75.25 16.63 38.98
N ILE F 115 -75.59 17.75 38.33
CA ILE F 115 -75.53 19.07 38.92
C ILE F 115 -76.85 19.82 38.74
N ASP F 116 -77.05 20.80 39.61
CA ASP F 116 -78.24 21.65 39.57
C ASP F 116 -78.09 22.65 38.42
N ILE F 117 -79.05 22.64 37.49
CA ILE F 117 -78.98 23.52 36.33
C ILE F 117 -79.00 25.01 36.67
N ASN F 118 -79.24 25.38 37.93
CA ASN F 118 -79.27 26.80 38.28
C ASN F 118 -78.00 27.23 39.04
N THR F 119 -77.57 26.45 40.03
CA THR F 119 -76.38 26.79 40.80
C THR F 119 -75.11 26.11 40.30
N PHE F 120 -75.22 25.08 39.45
CA PHE F 120 -74.14 24.29 38.88
C PHE F 120 -73.44 23.42 39.93
N LYS F 121 -73.90 23.42 41.18
CA LYS F 121 -73.28 22.62 42.23
C LYS F 121 -73.63 21.16 42.03
N GLU F 122 -72.65 20.29 42.30
CA GLU F 122 -72.86 18.85 42.13
C GLU F 122 -73.89 18.32 43.12
N VAL F 123 -74.81 17.51 42.59
CA VAL F 123 -75.83 16.87 43.40
C VAL F 123 -75.62 15.37 43.46
N GLY F 124 -74.77 14.82 42.61
CA GLY F 124 -74.52 13.38 42.65
C GLY F 124 -73.54 12.96 41.58
N ARG F 125 -73.17 11.69 41.62
CA ARG F 125 -72.23 11.19 40.63
C ARG F 125 -72.30 9.67 40.55
N ILE F 126 -71.93 9.15 39.38
CA ILE F 126 -71.88 7.72 39.12
C ILE F 126 -70.52 7.40 38.51
N THR F 127 -69.78 6.51 39.15
CA THR F 127 -68.46 6.13 38.66
C THR F 127 -68.48 4.69 38.15
N GLY F 128 -67.37 4.24 37.60
CA GLY F 128 -67.28 2.87 37.11
C GLY F 128 -67.41 2.71 35.62
N PHE F 129 -67.67 3.78 34.87
CA PHE F 129 -67.81 3.67 33.42
C PHE F 129 -66.47 3.46 32.72
N THR F 130 -66.48 2.57 31.72
CA THR F 130 -65.28 2.28 30.94
C THR F 130 -64.75 3.52 30.24
N SER F 131 -65.63 4.22 29.52
CA SER F 131 -65.36 5.43 28.77
C SER F 131 -66.73 5.92 28.29
N PRO F 132 -67.50 6.51 29.19
CA PRO F 132 -68.85 6.98 28.85
C PRO F 132 -68.88 7.95 27.67
N ARG F 133 -69.94 7.82 26.85
CA ARG F 133 -70.12 8.65 25.67
C ARG F 133 -71.37 9.51 25.76
N TYR F 134 -72.56 8.91 25.76
CA TYR F 134 -73.81 9.66 25.84
C TYR F 134 -74.74 8.98 26.83
N ILE F 135 -75.74 9.71 27.32
CA ILE F 135 -76.72 9.19 28.27
C ILE F 135 -78.13 9.44 27.74
N HIS F 136 -78.98 8.42 27.84
CA HIS F 136 -80.37 8.49 27.41
C HIS F 136 -81.27 7.99 28.54
N PHE F 137 -82.21 8.84 28.97
CA PHE F 137 -83.12 8.48 30.06
C PHE F 137 -84.36 7.76 29.54
N LEU F 138 -84.74 6.66 30.21
CA LEU F 138 -85.92 5.90 29.89
C LEU F 138 -87.07 6.15 30.86
N SER F 139 -86.74 6.50 32.10
CA SER F 139 -87.71 6.78 33.15
C SER F 139 -86.96 7.44 34.30
N ASP F 140 -87.71 7.78 35.36
CA ASP F 140 -87.10 8.39 36.53
C ASP F 140 -86.16 7.44 37.26
N GLU F 141 -86.28 6.13 37.00
CA GLU F 141 -85.48 5.10 37.64
C GLU F 141 -84.59 4.30 36.68
N LYS F 142 -84.54 4.64 35.39
CA LYS F 142 -83.74 3.85 34.45
C LYS F 142 -83.13 4.66 33.33
N ALA F 143 -81.82 4.51 33.11
CA ALA F 143 -81.18 5.25 32.02
C ALA F 143 -80.01 4.45 31.46
N TYR F 144 -79.71 4.66 30.18
CA TYR F 144 -78.62 4.01 29.47
C TYR F 144 -77.44 4.98 29.28
N VAL F 145 -76.24 4.41 29.29
CA VAL F 145 -74.99 5.15 29.09
C VAL F 145 -74.15 4.34 28.10
N THR F 146 -74.00 4.85 26.88
CA THR F 146 -73.20 4.16 25.88
C THR F 146 -71.72 4.29 26.20
N GLN F 147 -70.90 3.44 25.56
CA GLN F 147 -69.48 3.44 25.84
C GLN F 147 -68.69 3.11 24.57
N ILE F 148 -67.42 3.49 24.59
CA ILE F 148 -66.46 3.16 23.55
C ILE F 148 -65.43 2.28 24.23
N TRP F 149 -64.83 1.36 23.47
CA TRP F 149 -63.87 0.39 24.00
C TRP F 149 -64.57 -0.59 24.93
N ASP F 150 -65.82 -0.88 24.59
CA ASP F 150 -66.67 -1.80 25.32
C ASP F 150 -67.80 -2.25 24.41
N TYR F 151 -68.21 -3.50 24.60
CA TYR F 151 -69.29 -4.08 23.82
C TYR F 151 -70.60 -4.04 24.59
N ARG F 152 -70.59 -3.42 25.77
CA ARG F 152 -71.75 -3.32 26.63
C ARG F 152 -72.19 -1.86 26.77
N ILE F 153 -73.50 -1.68 26.94
CA ILE F 153 -74.10 -0.37 27.19
C ILE F 153 -74.47 -0.41 28.66
N PHE F 154 -73.90 0.49 29.45
CA PHE F 154 -74.15 0.50 30.88
C PHE F 154 -75.55 0.97 31.23
N ILE F 155 -76.25 0.22 32.07
CA ILE F 155 -77.58 0.60 32.52
C ILE F 155 -77.40 1.09 33.95
N ILE F 156 -78.01 2.23 34.26
CA ILE F 156 -77.91 2.84 35.58
C ILE F 156 -79.30 3.23 36.04
N ASN F 157 -79.36 3.62 37.32
CA ASN F 157 -80.59 4.08 37.96
C ASN F 157 -80.31 5.50 38.42
N PRO F 158 -80.71 6.51 37.65
CA PRO F 158 -80.48 7.90 38.04
C PRO F 158 -80.94 8.25 39.44
N LYS F 159 -82.03 7.62 39.90
CA LYS F 159 -82.56 7.94 41.21
C LYS F 159 -81.67 7.43 42.35
N THR F 160 -80.98 6.29 42.16
CA THR F 160 -80.12 5.78 43.22
C THR F 160 -78.64 6.07 43.00
N TYR F 161 -78.26 6.65 41.85
CA TYR F 161 -76.89 7.01 41.52
C TYR F 161 -75.91 5.83 41.63
N GLU F 162 -76.27 4.71 41.02
CA GLU F 162 -75.41 3.53 41.02
C GLU F 162 -75.62 2.77 39.71
N ILE F 163 -74.64 1.93 39.35
CA ILE F 163 -74.74 1.15 38.13
C ILE F 163 -75.56 -0.11 38.39
N THR F 164 -76.60 -0.32 37.58
CA THR F 164 -77.50 -1.47 37.75
C THR F 164 -77.38 -2.61 36.75
N GLY F 165 -76.76 -2.41 35.59
CA GLY F 165 -76.71 -3.53 34.66
C GLY F 165 -75.91 -3.25 33.40
N TYR F 166 -76.02 -4.17 32.45
CA TYR F 166 -75.31 -4.11 31.18
C TYR F 166 -76.18 -4.57 30.03
N ILE F 167 -75.89 -4.04 28.85
CA ILE F 167 -76.55 -4.37 27.59
C ILE F 167 -75.47 -4.98 26.71
N GLU F 168 -75.55 -6.28 26.46
CA GLU F 168 -74.52 -6.93 25.64
C GLU F 168 -74.80 -6.67 24.16
N CYS F 169 -73.82 -6.08 23.47
CA CYS F 169 -74.02 -5.84 22.03
C CYS F 169 -73.55 -7.06 21.24
N PRO F 170 -74.32 -7.55 20.28
CA PRO F 170 -73.86 -8.71 19.52
C PRO F 170 -72.72 -8.40 18.56
N ASP F 171 -71.86 -9.40 18.35
CA ASP F 171 -70.73 -9.30 17.43
C ASP F 171 -69.83 -8.12 17.76
N MET F 172 -69.42 -8.03 19.03
CA MET F 172 -68.59 -6.92 19.48
C MET F 172 -67.70 -7.36 20.64
N ASP F 173 -66.43 -6.96 20.58
CA ASP F 173 -65.48 -7.20 21.65
C ASP F 173 -65.00 -5.88 22.23
N MET F 174 -64.30 -5.97 23.36
CA MET F 174 -63.83 -4.77 24.05
C MET F 174 -62.77 -4.03 23.23
N GLU F 175 -61.92 -4.79 22.53
CA GLU F 175 -60.83 -4.21 21.76
C GLU F 175 -61.33 -3.15 20.78
N SER F 176 -62.50 -3.38 20.16
CA SER F 176 -63.03 -2.42 19.20
C SER F 176 -64.52 -2.14 19.40
N GLY F 177 -65.06 -2.44 20.58
CA GLY F 177 -66.47 -2.19 20.81
C GLY F 177 -66.77 -0.70 20.77
N SER F 178 -68.01 -0.36 20.45
CA SER F 178 -68.39 1.04 20.38
C SER F 178 -69.88 1.30 20.22
N THR F 179 -70.45 2.06 21.14
CA THR F 179 -71.84 2.49 21.09
C THR F 179 -71.79 4.00 21.26
N GLU F 180 -72.63 4.72 20.51
CA GLU F 180 -72.55 6.17 20.54
C GLU F 180 -73.88 6.79 20.94
N GLN F 181 -74.69 7.24 20.00
CA GLN F 181 -75.96 7.89 20.32
C GLN F 181 -77.11 6.90 20.48
N MET F 182 -78.19 7.38 21.09
CA MET F 182 -79.38 6.58 21.33
C MET F 182 -80.61 7.44 21.07
N VAL F 183 -81.64 6.81 20.50
CA VAL F 183 -82.93 7.46 20.26
C VAL F 183 -84.04 6.46 20.58
N GLN F 184 -85.14 6.95 21.13
CA GLN F 184 -86.24 6.05 21.46
C GLN F 184 -87.35 6.15 20.40
N TYR F 185 -87.94 5.00 20.08
CA TYR F 185 -89.02 4.85 19.10
C TYR F 185 -90.02 3.88 19.75
N GLY F 186 -91.01 4.45 20.43
CA GLY F 186 -91.99 3.62 21.12
C GLY F 186 -91.29 2.84 22.22
N LYS F 187 -91.52 1.53 22.24
CA LYS F 187 -90.88 0.70 23.26
C LYS F 187 -89.46 0.29 22.88
N TYR F 188 -88.99 0.70 21.70
CA TYR F 188 -87.66 0.36 21.22
C TYR F 188 -86.71 1.54 21.38
N VAL F 189 -85.42 1.24 21.42
CA VAL F 189 -84.35 2.24 21.44
C VAL F 189 -83.33 1.83 20.40
N TYR F 190 -82.99 2.75 19.51
CA TYR F 190 -82.00 2.50 18.47
C TYR F 190 -80.70 3.16 18.88
N VAL F 191 -79.57 2.52 18.58
CA VAL F 191 -78.26 3.03 18.95
C VAL F 191 -77.28 2.76 17.82
N ASN F 192 -76.45 3.75 17.50
CA ASN F 192 -75.46 3.57 16.44
C ASN F 192 -74.13 3.08 17.01
N CYS F 193 -73.46 2.19 16.28
CA CYS F 193 -72.17 1.64 16.69
C CYS F 193 -71.14 2.30 15.78
N TRP F 194 -70.35 3.20 16.36
CA TRP F 194 -69.38 3.99 15.60
C TRP F 194 -67.98 3.42 15.36
N SER F 195 -67.11 3.42 16.37
CA SER F 195 -65.72 2.98 16.22
C SER F 195 -65.53 1.54 15.75
N TYR F 196 -65.04 1.37 14.51
CA TYR F 196 -64.77 0.05 13.94
C TYR F 196 -66.02 -0.83 13.90
N GLN F 197 -67.16 -0.21 13.64
CA GLN F 197 -68.43 -0.92 13.55
C GLN F 197 -69.17 -0.36 12.34
N ASN F 198 -70.26 -1.03 11.98
CA ASN F 198 -71.04 -0.62 10.82
C ASN F 198 -72.49 -0.97 11.00
N ARG F 199 -73.04 -0.78 12.21
CA ARG F 199 -74.43 -1.15 12.38
C ARG F 199 -75.16 -0.29 13.40
N ILE F 200 -76.48 -0.42 13.35
CA ILE F 200 -77.44 0.22 14.24
C ILE F 200 -78.08 -0.92 15.01
N LEU F 201 -78.25 -0.76 16.32
CA LEU F 201 -78.91 -1.80 17.09
C LEU F 201 -80.29 -1.32 17.51
N LYS F 202 -81.18 -2.30 17.64
CA LYS F 202 -82.56 -2.10 18.08
C LYS F 202 -82.64 -2.86 19.40
N ILE F 203 -82.97 -2.14 20.46
CA ILE F 203 -83.04 -2.64 21.82
C ILE F 203 -84.48 -2.57 22.31
N ASP F 204 -84.93 -3.63 22.96
CA ASP F 204 -86.28 -3.67 23.53
C ASP F 204 -86.15 -3.22 24.98
N THR F 205 -86.70 -2.04 25.27
CA THR F 205 -86.61 -1.46 26.61
C THR F 205 -87.39 -2.26 27.66
N GLU F 206 -88.31 -3.13 27.24
CA GLU F 206 -89.06 -3.91 28.21
C GLU F 206 -88.24 -5.08 28.75
N THR F 207 -87.19 -5.49 28.03
CA THR F 207 -86.33 -6.59 28.44
C THR F 207 -84.87 -6.19 28.57
N ASP F 208 -84.49 -4.99 28.13
CA ASP F 208 -83.10 -4.50 28.19
C ASP F 208 -82.12 -5.40 27.43
N LYS F 209 -82.55 -5.90 26.28
CA LYS F 209 -81.70 -6.74 25.43
C LYS F 209 -81.81 -6.28 23.99
N VAL F 210 -80.76 -6.51 23.22
CA VAL F 210 -80.75 -6.14 21.81
C VAL F 210 -81.58 -7.15 21.04
N VAL F 211 -82.54 -6.65 20.26
CA VAL F 211 -83.45 -7.51 19.50
C VAL F 211 -83.30 -7.38 17.99
N ASP F 212 -82.52 -6.42 17.49
CA ASP F 212 -82.40 -6.33 16.04
C ASP F 212 -81.21 -5.46 15.66
N GLU F 213 -80.79 -5.56 14.40
CA GLU F 213 -79.68 -4.75 13.92
C GLU F 213 -79.86 -4.41 12.45
N LEU F 214 -79.11 -3.41 12.01
CA LEU F 214 -79.13 -2.92 10.63
C LEU F 214 -77.72 -2.53 10.24
N THR F 215 -77.21 -3.11 9.15
CA THR F 215 -75.88 -2.80 8.68
C THR F 215 -75.97 -1.69 7.65
N ILE F 216 -75.18 -0.64 7.84
CA ILE F 216 -75.16 0.53 6.97
C ILE F 216 -73.72 0.86 6.63
N GLY F 217 -73.45 2.11 6.27
CA GLY F 217 -72.09 2.50 5.95
C GLY F 217 -71.16 2.24 7.12
N ILE F 218 -69.86 2.21 6.82
CA ILE F 218 -68.90 1.93 7.89
C ILE F 218 -68.80 3.11 8.84
N GLN F 219 -68.77 2.81 10.13
CA GLN F 219 -68.61 3.74 11.23
C GLN F 219 -69.63 4.86 11.27
N PRO F 220 -70.91 4.58 11.57
CA PRO F 220 -71.90 5.66 11.66
C PRO F 220 -71.58 6.51 12.88
N THR F 221 -71.64 7.82 12.71
CA THR F 221 -71.25 8.74 13.77
C THR F 221 -72.39 9.20 14.67
N SER F 222 -73.60 9.31 14.13
CA SER F 222 -74.70 9.82 14.93
C SER F 222 -76.00 9.19 14.47
N LEU F 223 -77.07 9.51 15.19
CA LEU F 223 -78.39 8.97 14.91
C LEU F 223 -79.38 9.98 15.48
N VAL F 224 -80.35 10.37 14.66
CA VAL F 224 -81.39 11.31 15.05
C VAL F 224 -82.73 10.86 14.49
N MET F 225 -83.79 11.38 15.08
CA MET F 225 -85.16 11.08 14.68
C MET F 225 -85.87 12.37 14.34
N ASP F 226 -86.56 12.40 13.20
CA ASP F 226 -87.27 13.59 12.77
C ASP F 226 -88.76 13.49 13.13
N LYS F 227 -89.50 14.56 12.82
CA LYS F 227 -90.92 14.65 13.14
C LYS F 227 -91.79 13.69 12.34
N TYR F 228 -91.24 13.01 11.34
CA TYR F 228 -91.99 12.05 10.53
C TYR F 228 -91.70 10.59 10.87
N ASN F 229 -91.05 10.34 12.01
CA ASN F 229 -90.68 8.98 12.43
C ASN F 229 -89.72 8.32 11.44
N LYS F 230 -88.79 9.11 10.94
CA LYS F 230 -87.73 8.67 10.05
C LYS F 230 -86.43 8.86 10.81
N MET F 231 -85.41 8.05 10.51
CA MET F 231 -84.14 8.16 11.23
C MET F 231 -83.04 8.55 10.26
N TRP F 232 -82.38 9.67 10.55
CA TRP F 232 -81.22 10.07 9.77
C TRP F 232 -79.96 9.78 10.56
N THR F 233 -78.96 9.26 9.88
CA THR F 233 -77.67 8.94 10.46
C THR F 233 -76.59 9.18 9.43
N ILE F 234 -75.40 9.59 9.84
CA ILE F 234 -74.36 9.81 8.84
C ILE F 234 -73.08 9.07 9.23
N THR F 235 -72.54 8.34 8.27
CA THR F 235 -71.32 7.57 8.44
C THR F 235 -70.15 8.43 7.96
N ASP F 236 -68.95 8.07 8.43
CA ASP F 236 -67.70 8.76 8.11
C ASP F 236 -66.81 8.05 7.10
N GLY F 237 -67.20 6.87 6.61
CA GLY F 237 -66.35 6.22 5.63
C GLY F 237 -64.99 5.72 6.09
N GLY F 238 -64.77 5.54 7.40
CA GLY F 238 -63.46 5.06 7.83
C GLY F 238 -62.32 6.01 7.57
N TYR F 239 -61.16 5.45 7.24
CA TYR F 239 -59.95 6.22 6.99
C TYR F 239 -59.03 5.46 6.04
N GLU F 240 -58.14 6.21 5.39
CA GLU F 240 -57.22 5.63 4.42
C GLU F 240 -56.25 4.64 5.05
N GLY F 241 -56.15 3.47 4.44
CA GLY F 241 -55.28 2.42 4.91
C GLY F 241 -55.90 1.55 5.99
N SER F 242 -57.19 1.70 6.24
CA SER F 242 -57.84 0.92 7.28
C SER F 242 -58.07 -0.54 6.90
N PRO F 243 -57.77 -1.47 7.80
CA PRO F 243 -58.00 -2.90 7.53
C PRO F 243 -59.48 -3.24 7.48
N TYR F 244 -60.33 -2.34 7.99
CA TYR F 244 -61.78 -2.47 8.07
C TYR F 244 -62.44 -1.90 6.82
N GLY F 245 -62.06 -0.69 6.41
CA GLY F 245 -62.63 -0.09 5.23
C GLY F 245 -62.36 1.40 5.07
N TYR F 246 -62.57 1.90 3.84
CA TYR F 246 -62.37 3.31 3.53
C TYR F 246 -63.35 3.69 2.44
N GLU F 247 -64.28 4.60 2.74
CA GLU F 247 -65.26 4.97 1.73
C GLU F 247 -65.74 6.40 1.93
N ALA F 248 -66.47 6.87 0.94
CA ALA F 248 -67.07 8.20 0.96
C ALA F 248 -68.16 8.21 2.03
N PRO F 249 -68.15 9.15 2.96
CA PRO F 249 -69.17 9.12 4.01
C PRO F 249 -70.54 9.42 3.43
N SER F 250 -71.58 9.05 4.19
CA SER F 250 -72.92 9.26 3.65
C SER F 250 -73.98 9.56 4.70
N LEU F 251 -75.06 10.20 4.25
CA LEU F 251 -76.22 10.50 5.09
C LEU F 251 -77.33 9.52 4.71
N TYR F 252 -77.92 8.85 5.69
CA TYR F 252 -78.95 7.85 5.50
C TYR F 252 -80.29 8.21 6.15
N ARG F 253 -81.37 7.83 5.46
CA ARG F 253 -82.75 7.96 5.89
C ARG F 253 -83.31 6.55 5.95
N ILE F 254 -83.64 6.09 7.17
CA ILE F 254 -84.12 4.74 7.42
C ILE F 254 -85.51 4.79 8.04
N ASP F 255 -86.42 3.98 7.51
CA ASP F 255 -87.78 3.92 8.04
C ASP F 255 -87.75 3.20 9.39
N ALA F 256 -88.32 3.84 10.42
CA ALA F 256 -88.31 3.25 11.75
C ALA F 256 -89.20 2.02 11.87
N GLU F 257 -90.39 2.03 11.25
CA GLU F 257 -91.32 0.91 11.38
C GLU F 257 -90.78 -0.37 10.73
N THR F 258 -90.24 -0.28 9.53
CA THR F 258 -89.74 -1.47 8.87
C THR F 258 -88.25 -1.67 9.06
N PHE F 259 -87.57 -0.68 9.63
CA PHE F 259 -86.12 -0.74 9.87
C PHE F 259 -85.40 -1.02 8.57
N THR F 260 -85.80 -0.32 7.51
CA THR F 260 -85.20 -0.48 6.19
C THR F 260 -84.72 0.87 5.68
N VAL F 261 -83.58 0.86 4.97
CA VAL F 261 -83.03 2.08 4.41
C VAL F 261 -83.90 2.55 3.25
N GLU F 262 -84.32 3.80 3.30
CA GLU F 262 -85.13 4.38 2.23
C GLU F 262 -84.39 5.38 1.37
N LYS F 263 -83.46 6.16 1.95
CA LYS F 263 -82.74 7.15 1.18
C LYS F 263 -81.27 7.19 1.59
N GLN F 264 -80.41 7.47 0.60
CA GLN F 264 -78.97 7.58 0.83
C GLN F 264 -78.41 8.71 -0.01
N PHE F 265 -77.85 9.72 0.66
CA PHE F 265 -77.23 10.87 0.02
C PHE F 265 -75.74 10.81 0.31
N LYS F 266 -74.97 10.45 -0.71
CA LYS F 266 -73.53 10.31 -0.63
C LYS F 266 -72.85 11.65 -0.91
N PHE F 267 -71.74 11.90 -0.21
CA PHE F 267 -71.01 13.13 -0.39
C PHE F 267 -69.73 12.77 -1.14
N LYS F 268 -68.73 13.65 -1.07
CA LYS F 268 -67.49 13.39 -1.79
C LYS F 268 -66.47 12.72 -0.87
N LEU F 269 -65.70 11.81 -1.45
CA LEU F 269 -64.64 11.12 -0.71
C LEU F 269 -63.62 12.17 -0.27
N GLY F 270 -63.18 12.12 0.99
CA GLY F 270 -62.25 13.10 1.48
C GLY F 270 -62.87 14.05 2.49
N ASP F 271 -64.19 14.17 2.47
CA ASP F 271 -64.94 15.03 3.38
C ASP F 271 -64.92 14.44 4.79
N TRP F 272 -64.99 15.33 5.78
CA TRP F 272 -65.00 14.95 7.20
C TRP F 272 -66.15 15.62 7.91
N PRO F 273 -67.39 15.26 7.58
CA PRO F 273 -68.55 15.87 8.24
C PRO F 273 -68.67 15.49 9.71
N SER F 274 -69.53 16.23 10.41
CA SER F 274 -69.78 16.05 11.83
C SER F 274 -71.12 15.35 12.04
N GLU F 275 -71.49 15.15 13.30
CA GLU F 275 -72.78 14.54 13.59
C GLU F 275 -73.95 15.42 13.18
N VAL F 276 -74.93 14.79 12.53
CA VAL F 276 -76.18 15.40 12.09
C VAL F 276 -77.05 15.84 13.27
N GLN F 277 -77.68 17.01 13.13
CA GLN F 277 -78.53 17.60 14.16
C GLN F 277 -79.74 18.27 13.52
N LEU F 278 -80.86 18.28 14.25
CA LEU F 278 -82.12 18.88 13.83
C LEU F 278 -82.56 20.01 14.75
N ASN F 279 -83.39 20.89 14.19
CA ASN F 279 -83.96 22.03 14.91
C ASN F 279 -85.22 21.62 15.68
N GLY F 280 -85.80 22.60 16.38
CA GLY F 280 -86.98 22.36 17.19
C GLY F 280 -88.15 21.70 16.49
N THR F 281 -88.50 22.17 15.29
CA THR F 281 -89.64 21.56 14.59
C THR F 281 -89.29 20.25 13.90
N ARG F 282 -88.03 19.83 13.98
CA ARG F 282 -87.55 18.58 13.40
C ARG F 282 -87.86 18.46 11.91
N ASP F 283 -87.73 19.58 11.17
CA ASP F 283 -87.96 19.50 9.74
C ASP F 283 -86.81 20.07 8.95
N THR F 284 -85.76 20.55 9.61
CA THR F 284 -84.57 21.05 8.95
C THR F 284 -83.35 20.46 9.63
N LEU F 285 -82.58 19.66 8.92
CA LEU F 285 -81.40 19.03 9.49
C LEU F 285 -80.19 19.86 9.08
N TYR F 286 -79.26 20.05 10.02
CA TYR F 286 -78.05 20.80 9.73
C TYR F 286 -76.82 19.96 10.06
N TRP F 287 -75.72 20.28 9.39
CA TRP F 287 -74.47 19.60 9.71
C TRP F 287 -73.35 20.41 9.10
N ILE F 288 -72.12 20.04 9.44
CA ILE F 288 -70.94 20.71 8.90
C ILE F 288 -70.18 19.68 8.06
N ASN F 289 -69.76 20.07 6.86
CA ASN F 289 -68.96 19.18 6.02
C ASN F 289 -67.64 19.86 5.71
N ASN F 290 -67.71 21.01 5.04
CA ASN F 290 -66.65 21.88 4.59
C ASN F 290 -67.11 23.31 4.73
N ASP F 291 -68.42 23.45 4.92
CA ASP F 291 -69.26 24.62 5.14
C ASP F 291 -70.37 24.09 6.04
N ILE F 292 -71.26 24.95 6.51
CA ILE F 292 -72.40 24.48 7.29
C ILE F 292 -73.59 24.38 6.35
N TRP F 293 -74.12 23.16 6.22
CA TRP F 293 -75.24 22.86 5.36
C TRP F 293 -76.52 22.68 6.18
N ARG F 294 -77.63 22.82 5.48
CA ARG F 294 -78.97 22.68 6.00
C ARG F 294 -79.91 22.19 4.91
N MET F 295 -80.85 21.33 5.30
CA MET F 295 -81.69 20.62 4.35
C MET F 295 -83.01 20.18 4.97
N PRO F 296 -84.14 20.39 4.31
CA PRO F 296 -85.38 19.74 4.76
C PRO F 296 -85.26 18.22 4.69
N VAL F 297 -85.85 17.55 5.67
CA VAL F 297 -85.78 16.09 5.75
C VAL F 297 -86.52 15.38 4.63
N GLU F 298 -87.36 16.07 3.88
CA GLU F 298 -88.10 15.45 2.79
C GLU F 298 -87.43 15.59 1.43
N ALA F 299 -86.31 16.30 1.35
CA ALA F 299 -85.64 16.49 0.07
C ALA F 299 -85.10 15.19 -0.50
N ASP F 300 -85.01 15.15 -1.83
CA ASP F 300 -84.50 14.01 -2.59
C ASP F 300 -83.06 14.21 -3.04
N ARG F 301 -82.42 15.31 -2.63
CA ARG F 301 -81.04 15.61 -2.96
C ARG F 301 -80.54 16.66 -1.98
N VAL F 302 -79.22 16.76 -1.86
CA VAL F 302 -78.63 17.75 -0.96
C VAL F 302 -78.65 19.11 -1.66
N PRO F 303 -79.12 20.16 -0.99
CA PRO F 303 -79.18 21.48 -1.61
C PRO F 303 -77.87 21.98 -2.20
N VAL F 304 -78.01 22.81 -3.24
CA VAL F 304 -76.90 23.42 -3.95
C VAL F 304 -76.30 24.57 -3.16
N ARG F 305 -77.10 25.23 -2.32
CA ARG F 305 -76.56 26.34 -1.55
C ARG F 305 -76.32 25.95 -0.10
N PRO F 306 -75.24 26.43 0.50
CA PRO F 306 -74.97 26.13 1.90
C PRO F 306 -75.66 27.18 2.76
N PHE F 307 -75.65 26.93 4.07
CA PHE F 307 -76.23 27.89 5.00
C PHE F 307 -75.26 29.04 5.28
N LEU F 308 -73.99 28.71 5.51
CA LEU F 308 -72.91 29.65 5.81
C LEU F 308 -71.66 29.35 4.99
N GLU F 309 -71.25 30.32 4.17
CA GLU F 309 -70.06 30.14 3.35
C GLU F 309 -68.86 30.00 4.26
N PHE F 310 -67.85 29.25 3.81
CA PHE F 310 -66.64 29.10 4.61
C PHE F 310 -66.01 30.47 4.82
N ARG F 311 -65.47 30.69 6.02
CA ARG F 311 -64.84 31.97 6.37
C ARG F 311 -63.51 31.79 7.08
N ASP F 312 -62.71 30.80 6.68
CA ASP F 312 -61.40 30.54 7.28
C ASP F 312 -61.51 30.20 8.76
N THR F 313 -62.63 29.60 9.18
CA THR F 313 -62.84 29.18 10.55
C THR F 313 -63.01 27.67 10.64
N LYS F 314 -62.30 27.06 11.58
CA LYS F 314 -62.28 25.61 11.82
C LYS F 314 -63.59 25.20 12.50
N TYR F 315 -64.62 25.04 11.70
CA TYR F 315 -65.91 24.60 12.22
C TYR F 315 -65.79 23.24 12.89
N TYR F 316 -66.18 23.15 14.17
CA TYR F 316 -66.07 21.92 14.94
C TYR F 316 -67.35 21.48 15.61
N GLY F 317 -68.11 22.41 16.18
CA GLY F 317 -69.36 22.12 16.86
C GLY F 317 -70.52 22.84 16.24
N LEU F 318 -71.74 22.35 16.47
CA LEU F 318 -72.90 23.00 15.87
C LEU F 318 -74.13 22.65 16.70
N THR F 319 -75.08 23.59 16.74
CA THR F 319 -76.35 23.36 17.43
C THR F 319 -77.34 24.42 16.98
N VAL F 320 -78.63 24.10 17.16
CA VAL F 320 -79.72 25.00 16.80
C VAL F 320 -80.67 25.16 17.99
N ASN F 321 -81.00 26.40 18.30
CA ASN F 321 -81.93 26.71 19.39
C ASN F 321 -83.32 26.17 19.05
N PRO F 322 -83.89 25.29 19.87
CA PRO F 322 -85.22 24.73 19.58
C PRO F 322 -86.36 25.72 19.61
N ASN F 323 -86.20 26.94 20.13
CA ASN F 323 -87.32 27.87 20.16
C ASN F 323 -87.31 28.92 19.05
N ASN F 324 -86.17 29.54 18.73
CA ASN F 324 -86.16 30.57 17.71
C ASN F 324 -85.33 30.20 16.48
N GLY F 325 -84.70 29.02 16.45
CA GLY F 325 -83.93 28.61 15.28
C GLY F 325 -82.55 29.21 15.14
N GLU F 326 -82.08 30.00 16.10
CA GLU F 326 -80.74 30.58 16.01
C GLU F 326 -79.69 29.48 15.98
N VAL F 327 -78.67 29.67 15.13
CA VAL F 327 -77.61 28.68 14.92
C VAL F 327 -76.31 29.11 15.60
N TYR F 328 -75.74 28.21 16.40
CA TYR F 328 -74.48 28.46 17.10
C TYR F 328 -73.41 27.58 16.48
N VAL F 329 -72.28 28.18 16.08
CA VAL F 329 -71.16 27.44 15.48
C VAL F 329 -69.92 27.58 16.35
N ALA F 330 -69.36 26.46 16.80
CA ALA F 330 -68.16 26.43 17.63
C ALA F 330 -66.88 26.19 16.82
N ASP F 331 -65.97 27.14 16.81
CA ASP F 331 -64.70 26.99 16.07
C ASP F 331 -63.63 26.70 17.13
N ALA F 332 -63.02 25.53 17.04
CA ALA F 332 -61.98 25.10 17.99
C ALA F 332 -60.63 25.77 17.81
N ILE F 333 -60.43 26.53 16.73
CA ILE F 333 -59.16 27.22 16.47
C ILE F 333 -58.04 26.20 16.29
N ASP F 334 -57.01 26.23 17.14
CA ASP F 334 -55.92 25.25 16.97
C ASP F 334 -55.97 24.10 17.96
N TYR F 335 -57.09 23.90 18.65
CA TYR F 335 -57.27 22.82 19.61
C TYR F 335 -56.33 22.89 20.80
N GLN F 336 -55.59 24.00 20.97
CA GLN F 336 -54.65 24.12 22.08
C GLN F 336 -54.94 25.28 23.00
N GLN F 337 -55.93 26.11 22.68
CA GLN F 337 -56.30 27.25 23.50
C GLN F 337 -57.82 27.34 23.51
N GLN F 338 -58.37 28.27 24.28
CA GLN F 338 -59.81 28.40 24.35
C GLN F 338 -60.46 28.71 22.99
N GLY F 339 -61.52 27.95 22.70
CA GLY F 339 -62.30 28.04 21.48
C GLY F 339 -63.32 29.17 21.54
N ILE F 340 -63.95 29.48 20.41
CA ILE F 340 -64.93 30.56 20.43
C ILE F 340 -66.17 30.08 19.68
N VAL F 341 -67.32 30.56 20.12
CA VAL F 341 -68.62 30.22 19.55
C VAL F 341 -69.26 31.47 18.97
N TYR F 342 -69.75 31.33 17.74
CA TYR F 342 -70.41 32.39 17.01
C TYR F 342 -71.90 32.10 17.03
N ARG F 343 -72.69 33.13 17.31
CA ARG F 343 -74.15 33.05 17.39
C ARG F 343 -74.72 33.85 16.24
N TYR F 344 -75.42 33.15 15.34
CA TYR F 344 -76.02 33.70 14.14
C TYR F 344 -77.53 33.52 14.24
N SER F 345 -78.24 34.45 13.63
CA SER F 345 -79.70 34.41 13.59
C SER F 345 -80.15 33.42 12.53
N PRO F 346 -81.44 33.05 12.52
CA PRO F 346 -81.89 32.11 11.49
C PRO F 346 -81.64 32.64 10.08
N GLN F 347 -81.60 33.97 9.94
CA GLN F 347 -81.35 34.61 8.65
C GLN F 347 -79.85 34.70 8.35
N GLY F 348 -79.02 34.33 9.31
CA GLY F 348 -77.59 34.39 9.09
C GLY F 348 -76.92 35.70 9.48
N LYS F 349 -77.52 36.47 10.39
CA LYS F 349 -76.93 37.74 10.81
C LYS F 349 -76.07 37.46 12.03
N LEU F 350 -74.86 37.99 12.03
CA LEU F 350 -73.99 37.74 13.18
C LEU F 350 -74.61 38.46 14.36
N ILE F 351 -74.97 37.71 15.40
CA ILE F 351 -75.59 38.26 16.58
C ILE F 351 -74.58 38.46 17.71
N ASP F 352 -73.70 37.49 17.92
CA ASP F 352 -72.75 37.63 19.01
C ASP F 352 -71.66 36.57 18.88
N GLU F 353 -70.60 36.73 19.67
CA GLU F 353 -69.50 35.78 19.69
C GLU F 353 -68.94 35.77 21.10
N PHE F 354 -68.50 34.58 21.54
CA PHE F 354 -67.99 34.50 22.90
C PHE F 354 -67.01 33.35 23.09
N TYR F 355 -65.98 33.60 23.90
CA TYR F 355 -64.98 32.58 24.19
C TYR F 355 -65.51 31.62 25.24
N VAL F 356 -65.29 30.33 25.03
CA VAL F 356 -65.74 29.29 25.94
C VAL F 356 -64.49 28.59 26.45
N GLY F 357 -64.46 27.25 26.40
CA GLY F 357 -63.32 26.50 26.83
C GLY F 357 -62.55 25.90 25.66
N ILE F 358 -61.74 24.91 25.96
CA ILE F 358 -60.93 24.23 24.97
C ILE F 358 -61.69 23.09 24.31
N ILE F 359 -61.71 23.09 22.98
CA ILE F 359 -62.36 22.08 22.13
C ILE F 359 -63.82 21.81 22.49
N PRO F 360 -64.73 22.77 22.33
CA PRO F 360 -66.14 22.51 22.63
C PRO F 360 -66.69 21.52 21.62
N GLY F 361 -67.36 20.48 22.10
CA GLY F 361 -67.87 19.47 21.19
C GLY F 361 -69.32 19.11 21.43
N ALA F 362 -69.90 19.61 22.52
CA ALA F 362 -71.29 19.31 22.79
C ALA F 362 -71.94 20.51 23.44
N PHE F 363 -73.25 20.63 23.21
CA PHE F 363 -74.09 21.69 23.73
C PHE F 363 -75.25 21.07 24.47
N CYS F 364 -75.89 21.86 25.34
CA CYS F 364 -77.08 21.37 26.03
C CYS F 364 -77.97 22.55 26.38
N TRP F 365 -79.19 22.54 25.83
CA TRP F 365 -80.15 23.61 26.08
C TRP F 365 -80.90 23.44 27.39
N LYS F 366 -81.05 24.56 28.10
CA LYS F 366 -81.78 24.65 29.35
C LYS F 366 -83.07 25.44 29.17
#